data_5W6P
#
_entry.id   5W6P
#
_cell.length_a   138.519
_cell.length_b   303.227
_cell.length_c   113.207
_cell.angle_alpha   90.00
_cell.angle_beta   90.38
_cell.angle_gamma   90.00
#
_symmetry.space_group_name_H-M   'C 1 2 1'
#
loop_
_entity.id
_entity.type
_entity.pdbx_description
1 polymer 'tailspike protein 2'
2 non-polymer 'ZINC ION'
3 non-polymer 'POTASSIUM ION'
4 non-polymer 1,2-ETHANEDIOL
5 water water
#
_entity_poly.entity_id   1
_entity_poly.type   'polypeptide(L)'
_entity_poly.pdbx_seq_one_letter_code
;GSGSDSFINVINTLGRNDGAKYIGECHSVADLRNTEPTMDGQRIILKQHTAGTLLGGGVFRALIDGTGKTDNNGTVIKTV
GGAAWLRVNADRVNPFMFGALGGSNDDTIPVQSCVDSGKATQLTDAHYVSNIQLKYNTSSIYGSGLHYSRLHQLPSATGN
CITIKDTCSLIVLDAFGVYGTGAQQGTSFTAGTTGIYVETPSGLSADYPFHTTADPRRDLCISKVHIAGFDEYGLNIDSG
NFSVTTDSLLVNHINQVGVRCATTDWTWTNIQVNTCGKQCLVLDGCGNGRIIGGKFIWANWQPYGTVGQFPGITINNSQN
MVINGIEVQDCGGNGIEISESYSISMNGLNTNRNGINANNTFYNIVFNKSDAVINGFVGLNYAANSGSGANSSAGNFQFL
SNDCSVTINGVVETGYMGINFIGDNNIINPTNSDLSINGLVNYSKTGLQTMNETPTFDGVSTTPVYVSVPSSVGQVNGLR
LSQANKDKLLYSRTAGPEGITMAAVIVPTISGAEVFNFMAIGSGFSDTSNSLHLQLVIDASGKQTIALLLGGDGTTQILS
GDLPNDLKLQSGVPYHIAIGAKPGYFWWSILNIQTGKRIRRSFRGAYLAVPFNSIFGLTSSLTFFSDSNAGGDACSGVGA
KVYVGMFSSENDYVASRYYNLINPVDPTKLISYRILDSSI
;
_entity_poly.pdbx_strand_id   A,B,C,D,E,F
#
loop_
_chem_comp.id
_chem_comp.type
_chem_comp.name
_chem_comp.formula
EDO non-polymer 1,2-ETHANEDIOL 'C2 H6 O2'
K non-polymer 'POTASSIUM ION' 'K 1'
ZN non-polymer 'ZINC ION' 'Zn 2'
#
# COMPACT_ATOMS: atom_id res chain seq x y z
N ASP A 5 -6.19 16.64 -58.20
CA ASP A 5 -7.43 15.91 -58.46
C ASP A 5 -7.60 14.75 -57.48
N SER A 6 -6.53 14.00 -57.24
CA SER A 6 -6.63 12.91 -56.26
C SER A 6 -6.87 13.49 -54.88
N PHE A 7 -6.35 14.70 -54.64
CA PHE A 7 -6.68 15.45 -53.43
C PHE A 7 -8.17 15.61 -53.29
N ILE A 8 -8.85 16.03 -54.36
CA ILE A 8 -10.27 16.35 -54.26
C ILE A 8 -11.11 15.10 -54.03
N ASN A 9 -10.72 13.95 -54.61
CA ASN A 9 -11.48 12.73 -54.33
C ASN A 9 -11.29 12.25 -52.90
N VAL A 10 -10.08 12.38 -52.36
CA VAL A 10 -9.87 12.01 -50.96
C VAL A 10 -10.72 12.90 -50.07
N ILE A 11 -10.66 14.21 -50.28
CA ILE A 11 -11.39 15.15 -49.43
C ILE A 11 -12.89 14.89 -49.52
N ASN A 12 -13.39 14.66 -50.74
CA ASN A 12 -14.81 14.39 -50.93
C ASN A 12 -15.22 13.08 -50.29
N THR A 13 -14.34 12.07 -50.32
CA THR A 13 -14.67 10.77 -49.75
C THR A 13 -14.83 10.85 -48.24
N LEU A 14 -13.88 11.50 -47.55
CA LEU A 14 -14.03 11.68 -46.11
C LEU A 14 -15.21 12.57 -45.76
N GLY A 15 -15.65 13.43 -46.66
CA GLY A 15 -16.74 14.34 -46.33
C GLY A 15 -18.14 13.76 -46.40
N ARG A 16 -18.32 12.52 -46.86
CA ARG A 16 -19.64 11.91 -46.84
C ARG A 16 -20.11 11.63 -45.42
N ASN A 17 -21.41 11.36 -45.28
CA ASN A 17 -22.00 11.19 -43.96
C ASN A 17 -21.29 10.09 -43.16
N ASP A 18 -20.89 9.01 -43.84
CA ASP A 18 -20.24 7.89 -43.17
C ASP A 18 -18.72 7.97 -43.23
N GLY A 19 -18.18 9.16 -43.49
CA GLY A 19 -16.74 9.31 -43.68
C GLY A 19 -15.90 8.85 -42.51
N ALA A 20 -16.46 8.81 -41.30
CA ALA A 20 -15.68 8.37 -40.14
C ALA A 20 -15.12 6.96 -40.34
N LYS A 21 -15.75 6.14 -41.18
CA LYS A 21 -15.31 4.77 -41.38
C LYS A 21 -13.95 4.67 -42.05
N TYR A 22 -13.44 5.75 -42.66
CA TYR A 22 -12.13 5.68 -43.30
C TYR A 22 -10.98 5.92 -42.35
N ILE A 23 -11.24 6.39 -41.13
CA ILE A 23 -10.19 6.58 -40.14
C ILE A 23 -10.04 5.27 -39.37
N GLY A 24 -8.88 4.66 -39.49
CA GLY A 24 -8.66 3.36 -38.89
C GLY A 24 -8.69 3.39 -37.37
N GLU A 25 -8.64 2.19 -36.80
CA GLU A 25 -8.74 2.02 -35.37
C GLU A 25 -8.12 0.69 -34.98
N CYS A 26 -7.72 0.61 -33.70
CA CYS A 26 -7.27 -0.66 -33.15
C CYS A 26 -8.46 -1.55 -32.85
N HIS A 27 -8.36 -2.82 -33.22
CA HIS A 27 -9.47 -3.75 -33.02
C HIS A 27 -9.41 -4.47 -31.68
N SER A 28 -8.38 -4.21 -30.85
CA SER A 28 -8.22 -4.85 -29.55
C SER A 28 -7.09 -4.16 -28.81
N VAL A 29 -7.06 -4.35 -27.48
CA VAL A 29 -5.91 -3.81 -26.74
C VAL A 29 -4.64 -4.52 -27.14
N ALA A 30 -4.74 -5.76 -27.63
CA ALA A 30 -3.57 -6.46 -28.14
C ALA A 30 -2.98 -5.74 -29.35
N ASP A 31 -3.84 -5.27 -30.25
CA ASP A 31 -3.35 -4.44 -31.36
C ASP A 31 -2.70 -3.17 -30.82
N LEU A 32 -3.33 -2.56 -29.82
CA LEU A 32 -2.80 -1.32 -29.25
C LEU A 32 -1.37 -1.51 -28.76
N ARG A 33 -1.08 -2.66 -28.15
CA ARG A 33 0.27 -2.93 -27.69
C ARG A 33 1.25 -3.08 -28.85
N ASN A 34 0.75 -3.34 -30.06
CA ASN A 34 1.58 -3.48 -31.25
C ASN A 34 1.56 -2.25 -32.14
N THR A 35 0.97 -1.16 -31.68
CA THR A 35 0.95 0.11 -32.41
C THR A 35 1.87 1.08 -31.69
N GLU A 36 3.00 1.41 -32.34
CA GLU A 36 3.92 2.39 -31.75
C GLU A 36 3.55 3.79 -32.22
N PRO A 37 3.35 4.73 -31.31
CA PRO A 37 3.11 6.11 -31.73
C PRO A 37 4.36 6.71 -32.34
N THR A 38 4.16 7.61 -33.30
CA THR A 38 5.26 8.32 -33.95
C THR A 38 5.31 9.79 -33.55
N MET A 39 4.51 10.18 -32.55
CA MET A 39 4.42 11.55 -32.11
C MET A 39 3.87 11.54 -30.70
N ASP A 40 4.34 12.47 -29.87
CA ASP A 40 3.96 12.48 -28.47
C ASP A 40 2.52 12.97 -28.34
N GLY A 41 1.77 12.37 -27.42
CA GLY A 41 0.37 12.72 -27.32
C GLY A 41 -0.50 12.27 -28.49
N GLN A 42 -0.01 11.34 -29.30
CA GLN A 42 -0.77 10.87 -30.46
C GLN A 42 -2.13 10.32 -30.04
N ARG A 43 -3.16 10.73 -30.78
CA ARG A 43 -4.51 10.23 -30.54
C ARG A 43 -4.72 8.94 -31.34
N ILE A 44 -5.37 7.97 -30.71
CA ILE A 44 -5.72 6.73 -31.40
C ILE A 44 -7.09 6.28 -30.93
N ILE A 45 -7.83 5.66 -31.84
CA ILE A 45 -9.16 5.14 -31.55
C ILE A 45 -9.05 3.64 -31.30
N LEU A 46 -9.63 3.19 -30.20
CA LEU A 46 -9.74 1.77 -29.89
C LEU A 46 -11.17 1.32 -30.12
N LYS A 47 -11.35 0.37 -31.02
CA LYS A 47 -12.70 -0.09 -31.36
C LYS A 47 -13.36 -0.84 -30.21
N GLN A 48 -12.58 -1.65 -29.50
CA GLN A 48 -13.09 -2.51 -28.45
C GLN A 48 -11.89 -3.02 -27.66
N HIS A 49 -12.15 -3.49 -26.44
CA HIS A 49 -11.08 -4.06 -25.64
C HIS A 49 -10.65 -5.40 -26.19
N THR A 50 -11.60 -6.30 -26.38
CA THR A 50 -11.34 -7.67 -26.82
C THR A 50 -11.98 -7.89 -28.17
N ALA A 51 -11.26 -8.56 -29.07
CA ALA A 51 -11.74 -8.76 -30.43
C ALA A 51 -13.15 -9.35 -30.42
N GLY A 52 -14.04 -8.72 -31.19
CA GLY A 52 -15.35 -9.27 -31.44
C GLY A 52 -16.42 -9.01 -30.40
N THR A 53 -16.23 -8.04 -29.51
CA THR A 53 -17.21 -7.76 -28.47
C THR A 53 -17.90 -6.41 -28.66
N LEU A 54 -17.21 -5.46 -29.27
CA LEU A 54 -17.70 -4.11 -29.43
C LEU A 54 -17.93 -3.43 -28.08
N LEU A 55 -17.25 -3.91 -27.04
CA LEU A 55 -17.31 -3.34 -25.69
C LEU A 55 -15.93 -2.85 -25.26
N GLY A 56 -15.93 -1.78 -24.45
CA GLY A 56 -14.71 -1.31 -23.84
C GLY A 56 -13.82 -0.45 -24.72
N GLY A 57 -14.27 -0.09 -25.92
CA GLY A 57 -13.51 0.80 -26.76
C GLY A 57 -13.41 2.21 -26.18
N GLY A 58 -12.70 3.06 -26.90
CA GLY A 58 -12.52 4.43 -26.46
C GLY A 58 -11.39 5.09 -27.23
N VAL A 59 -10.97 6.23 -26.72
CA VAL A 59 -9.88 7.01 -27.29
C VAL A 59 -8.71 6.99 -26.33
N PHE A 60 -7.50 6.82 -26.86
CA PHE A 60 -6.27 6.84 -26.08
C PHE A 60 -5.33 7.87 -26.67
N ARG A 61 -4.44 8.38 -25.81
CA ARG A 61 -3.38 9.28 -26.22
C ARG A 61 -2.06 8.74 -25.72
N ALA A 62 -1.01 8.97 -26.49
CA ALA A 62 0.26 8.30 -26.25
C ALA A 62 1.17 9.15 -25.38
N LEU A 63 1.90 8.47 -24.50
CA LEU A 63 3.10 8.99 -23.88
C LEU A 63 4.26 8.21 -24.45
N ILE A 64 5.13 8.89 -25.20
CA ILE A 64 6.27 8.19 -25.76
C ILE A 64 7.10 7.58 -24.64
N ASP A 65 7.32 8.33 -23.56
CA ASP A 65 8.04 7.81 -22.40
C ASP A 65 7.05 7.26 -21.40
N GLY A 66 6.88 5.94 -21.41
CA GLY A 66 5.99 5.23 -20.52
C GLY A 66 6.66 4.64 -19.30
N THR A 67 7.95 4.87 -19.11
CA THR A 67 8.60 4.39 -17.88
C THR A 67 7.87 4.95 -16.68
N GLY A 68 7.65 4.12 -15.67
CA GLY A 68 6.85 4.50 -14.53
C GLY A 68 5.38 4.22 -14.68
N LYS A 69 4.92 3.88 -15.88
CA LYS A 69 3.57 3.42 -16.12
C LYS A 69 3.57 1.91 -16.24
N THR A 70 2.52 1.27 -15.74
CA THR A 70 2.37 -0.17 -15.75
C THR A 70 1.14 -0.53 -16.58
N ASP A 71 1.27 -1.52 -17.45
CA ASP A 71 0.11 -1.99 -18.20
C ASP A 71 -0.90 -2.59 -17.23
N ASN A 72 -2.14 -2.09 -17.29
CA ASN A 72 -3.19 -2.59 -16.41
C ASN A 72 -4.35 -3.20 -17.18
N ASN A 73 -4.23 -3.32 -18.51
CA ASN A 73 -5.19 -4.00 -19.37
C ASN A 73 -6.51 -3.23 -19.50
N GLY A 74 -6.52 -1.93 -19.25
CA GLY A 74 -7.76 -1.17 -19.38
C GLY A 74 -7.61 0.31 -19.67
N THR A 75 -6.81 1.02 -18.88
CA THR A 75 -6.62 2.46 -19.10
C THR A 75 -5.16 2.85 -19.32
N VAL A 76 -4.22 1.94 -19.06
CA VAL A 76 -2.82 2.13 -19.37
C VAL A 76 -2.39 0.90 -20.14
N ILE A 77 -2.07 1.08 -21.42
CA ILE A 77 -1.66 -0.01 -22.30
C ILE A 77 -0.26 0.31 -22.80
N LYS A 78 0.68 -0.60 -22.54
CA LYS A 78 2.10 -0.38 -22.81
C LYS A 78 2.50 -1.05 -24.12
N THR A 79 3.32 -0.36 -24.92
CA THR A 79 3.81 -0.92 -26.17
C THR A 79 5.11 -1.68 -25.96
N VAL A 80 5.47 -2.48 -26.97
CA VAL A 80 6.75 -3.18 -26.97
C VAL A 80 7.91 -2.20 -26.86
N GLY A 81 7.78 -1.03 -27.50
CA GLY A 81 8.77 0.02 -27.43
C GLY A 81 8.77 0.86 -26.17
N GLY A 82 7.89 0.55 -25.21
CA GLY A 82 7.88 1.25 -23.94
C GLY A 82 6.99 2.47 -23.88
N ALA A 83 6.27 2.77 -24.95
CA ALA A 83 5.30 3.87 -24.89
C ALA A 83 4.09 3.42 -24.08
N ALA A 84 3.30 4.39 -23.63
CA ALA A 84 2.10 4.10 -22.86
C ALA A 84 0.92 4.77 -23.51
N TRP A 85 -0.10 3.99 -23.85
CA TRP A 85 -1.37 4.51 -24.33
C TRP A 85 -2.29 4.70 -23.13
N LEU A 86 -2.76 5.93 -22.93
CA LEU A 86 -3.58 6.29 -21.78
C LEU A 86 -5.00 6.56 -22.24
N ARG A 87 -5.97 5.83 -21.67
CA ARG A 87 -7.35 6.01 -22.06
C ARG A 87 -7.84 7.40 -21.71
N VAL A 88 -8.48 8.06 -22.67
CA VAL A 88 -9.10 9.35 -22.40
C VAL A 88 -10.32 9.10 -21.54
N ASN A 89 -10.20 9.41 -20.25
CA ASN A 89 -11.22 9.10 -19.26
C ASN A 89 -10.92 9.88 -17.98
N ALA A 90 -11.60 11.01 -17.77
CA ALA A 90 -11.26 11.84 -16.61
C ALA A 90 -11.75 11.21 -15.31
N ASP A 91 -12.93 10.58 -15.32
CA ASP A 91 -13.54 10.20 -14.05
C ASP A 91 -13.49 8.69 -13.80
N ARG A 92 -14.66 8.06 -13.65
CA ARG A 92 -14.68 6.69 -13.12
C ARG A 92 -14.40 5.67 -14.21
N VAL A 93 -13.91 4.51 -13.79
CA VAL A 93 -13.69 3.39 -14.67
C VAL A 93 -14.89 2.45 -14.56
N ASN A 94 -15.10 1.65 -15.59
CA ASN A 94 -16.10 0.60 -15.50
C ASN A 94 -15.50 -0.70 -16.04
N PRO A 95 -16.09 -1.84 -15.65
CA PRO A 95 -15.46 -3.14 -15.98
C PRO A 95 -15.28 -3.41 -17.46
N PHE A 96 -16.12 -2.86 -18.34
CA PHE A 96 -15.93 -3.12 -19.76
C PHE A 96 -14.61 -2.56 -20.27
N MET A 97 -14.12 -1.48 -19.65
CA MET A 97 -12.82 -0.96 -20.06
C MET A 97 -11.70 -1.96 -19.85
N PHE A 98 -11.89 -2.93 -18.95
CA PHE A 98 -10.86 -3.91 -18.64
C PHE A 98 -11.19 -5.29 -19.21
N GLY A 99 -12.14 -5.38 -20.13
CA GLY A 99 -12.44 -6.63 -20.79
C GLY A 99 -13.65 -7.38 -20.29
N ALA A 100 -14.43 -6.80 -19.38
CA ALA A 100 -15.66 -7.46 -18.95
C ALA A 100 -16.59 -7.68 -20.13
N LEU A 101 -17.33 -8.79 -20.10
CA LEU A 101 -18.27 -9.09 -21.17
C LEU A 101 -19.72 -9.07 -20.73
N GLY A 102 -19.99 -9.10 -19.43
CA GLY A 102 -21.36 -9.16 -18.98
C GLY A 102 -21.98 -10.51 -19.30
N GLY A 103 -23.32 -10.54 -19.26
CA GLY A 103 -24.01 -11.80 -19.49
C GLY A 103 -23.57 -12.81 -18.47
N SER A 104 -23.20 -13.99 -18.94
CA SER A 104 -22.79 -15.09 -18.06
C SER A 104 -21.27 -15.17 -17.88
N ASN A 105 -20.52 -14.19 -18.39
CA ASN A 105 -19.07 -14.26 -18.29
C ASN A 105 -18.61 -13.99 -16.86
N ASP A 106 -17.54 -14.67 -16.46
CA ASP A 106 -16.86 -14.40 -15.19
C ASP A 106 -16.03 -13.13 -15.38
N ASP A 107 -16.51 -12.03 -14.84
CA ASP A 107 -15.86 -10.73 -14.95
C ASP A 107 -15.04 -10.38 -13.71
N THR A 108 -14.62 -11.39 -12.94
CA THR A 108 -13.88 -11.13 -11.70
C THR A 108 -12.68 -10.23 -11.94
N ILE A 109 -11.81 -10.59 -12.89
CA ILE A 109 -10.55 -9.87 -13.06
C ILE A 109 -10.83 -8.45 -13.55
N PRO A 110 -11.68 -8.24 -14.55
CA PRO A 110 -12.03 -6.85 -14.92
C PRO A 110 -12.52 -6.01 -13.76
N VAL A 111 -13.38 -6.57 -12.90
CA VAL A 111 -13.90 -5.81 -11.77
C VAL A 111 -12.78 -5.55 -10.76
N GLN A 112 -11.99 -6.57 -10.44
CA GLN A 112 -10.86 -6.35 -9.53
C GLN A 112 -9.94 -5.27 -10.05
N SER A 113 -9.70 -5.25 -11.37
CA SER A 113 -8.85 -4.23 -11.97
C SER A 113 -9.44 -2.84 -11.76
N CYS A 114 -10.76 -2.73 -11.84
CA CYS A 114 -11.42 -1.44 -11.63
C CYS A 114 -11.15 -0.90 -10.23
N VAL A 115 -11.43 -1.70 -9.20
CA VAL A 115 -11.28 -1.21 -7.83
C VAL A 115 -9.83 -1.05 -7.41
N ASP A 116 -8.89 -1.63 -8.15
CA ASP A 116 -7.47 -1.42 -7.94
C ASP A 116 -6.89 -0.31 -8.80
N SER A 117 -7.70 0.34 -9.63
CA SER A 117 -7.16 1.17 -10.71
C SER A 117 -6.58 2.48 -10.22
N GLY A 118 -7.00 2.96 -9.05
CA GLY A 118 -6.69 4.29 -8.60
C GLY A 118 -7.84 5.27 -8.77
N LYS A 119 -8.96 4.83 -9.33
CA LYS A 119 -10.14 5.67 -9.41
C LYS A 119 -11.38 4.86 -9.02
N ALA A 120 -12.46 5.59 -8.75
CA ALA A 120 -13.74 4.96 -8.43
C ALA A 120 -14.27 4.16 -9.62
N THR A 121 -15.10 3.16 -9.29
CA THR A 121 -15.68 2.26 -10.26
C THR A 121 -17.17 2.57 -10.43
N GLN A 122 -17.62 2.63 -11.69
CA GLN A 122 -19.02 2.72 -12.04
C GLN A 122 -19.48 1.38 -12.58
N LEU A 123 -20.50 0.79 -11.94
CA LEU A 123 -21.15 -0.40 -12.47
C LEU A 123 -22.29 0.06 -13.38
N THR A 124 -22.19 -0.31 -14.65
CA THR A 124 -23.20 0.06 -15.65
C THR A 124 -24.12 -1.11 -15.98
N ASP A 125 -23.95 -2.23 -15.31
CA ASP A 125 -24.52 -3.50 -15.75
C ASP A 125 -24.42 -4.47 -14.59
N ALA A 126 -24.88 -5.70 -14.81
CA ALA A 126 -24.67 -6.80 -13.88
C ALA A 126 -23.40 -7.56 -14.28
N HIS A 127 -22.54 -7.87 -13.31
CA HIS A 127 -21.29 -8.59 -13.57
C HIS A 127 -21.13 -9.74 -12.61
N TYR A 128 -20.93 -10.94 -13.14
CA TYR A 128 -20.56 -12.09 -12.33
C TYR A 128 -19.12 -11.96 -11.84
N VAL A 129 -18.92 -12.29 -10.57
CA VAL A 129 -17.58 -12.34 -9.97
C VAL A 129 -17.52 -13.53 -9.01
N SER A 130 -16.31 -13.92 -8.66
CA SER A 130 -16.12 -14.92 -7.60
C SER A 130 -15.89 -14.21 -6.28
N ASN A 131 -14.78 -13.49 -6.16
CA ASN A 131 -14.46 -12.75 -4.95
C ASN A 131 -13.71 -11.48 -5.33
N ILE A 132 -14.09 -10.37 -4.70
CA ILE A 132 -13.52 -9.05 -4.95
C ILE A 132 -12.96 -8.50 -3.64
N GLN A 133 -11.86 -7.77 -3.72
CA GLN A 133 -11.28 -7.10 -2.56
C GLN A 133 -11.16 -5.61 -2.81
N LEU A 134 -11.64 -4.82 -1.85
CA LEU A 134 -11.51 -3.37 -1.87
C LEU A 134 -10.34 -3.00 -0.97
N LYS A 135 -9.30 -2.41 -1.55
CA LYS A 135 -8.05 -2.23 -0.83
C LYS A 135 -7.64 -0.78 -0.59
N TYR A 136 -8.15 0.18 -1.35
CA TYR A 136 -7.58 1.51 -1.39
C TYR A 136 -8.65 2.55 -1.11
N ASN A 137 -8.20 3.76 -0.77
CA ASN A 137 -9.14 4.84 -0.57
C ASN A 137 -9.75 5.32 -1.88
N THR A 138 -9.32 4.78 -3.02
CA THR A 138 -9.95 5.01 -4.31
C THR A 138 -10.93 3.92 -4.70
N SER A 139 -11.06 2.87 -3.89
CA SER A 139 -11.85 1.70 -4.28
C SER A 139 -13.35 1.89 -4.11
N SER A 140 -13.87 3.09 -4.39
CA SER A 140 -15.31 3.30 -4.36
C SER A 140 -16.00 2.57 -5.51
N ILE A 141 -17.29 2.29 -5.31
CA ILE A 141 -18.14 1.67 -6.32
C ILE A 141 -19.47 2.40 -6.34
N TYR A 142 -19.91 2.81 -7.54
CA TYR A 142 -21.18 3.47 -7.73
C TYR A 142 -21.98 2.72 -8.78
N GLY A 143 -23.29 2.58 -8.53
CA GLY A 143 -24.17 2.07 -9.56
C GLY A 143 -25.22 3.10 -9.92
N SER A 144 -26.37 2.63 -10.41
CA SER A 144 -27.47 3.51 -10.75
C SER A 144 -28.80 2.93 -10.31
N GLY A 145 -28.79 2.03 -9.34
CA GLY A 145 -30.00 1.36 -8.89
C GLY A 145 -29.67 0.17 -8.00
N LEU A 146 -30.65 -0.29 -7.23
CA LEU A 146 -30.41 -1.40 -6.30
C LEU A 146 -30.45 -2.77 -6.97
N HIS A 147 -30.66 -2.86 -8.27
CA HIS A 147 -30.83 -4.17 -8.89
C HIS A 147 -30.01 -4.34 -10.17
N TYR A 148 -30.25 -3.48 -11.17
CA TYR A 148 -29.71 -3.77 -12.49
C TYR A 148 -28.21 -3.51 -12.59
N SER A 149 -27.68 -2.56 -11.82
CA SER A 149 -26.23 -2.39 -11.71
C SER A 149 -25.79 -3.15 -10.47
N ARG A 150 -25.02 -4.21 -10.65
CA ARG A 150 -24.77 -5.10 -9.51
C ARG A 150 -23.56 -5.98 -9.80
N LEU A 151 -23.00 -6.49 -8.72
CA LEU A 151 -22.11 -7.65 -8.76
C LEU A 151 -22.93 -8.88 -8.39
N HIS A 152 -22.61 -10.01 -9.03
CA HIS A 152 -23.35 -11.25 -8.82
C HIS A 152 -22.35 -12.38 -8.66
N GLN A 153 -22.37 -13.02 -7.49
CA GLN A 153 -21.40 -14.09 -7.20
C GLN A 153 -21.74 -15.35 -7.99
N LEU A 154 -20.74 -15.92 -8.67
CA LEU A 154 -20.94 -17.12 -9.46
C LEU A 154 -21.38 -18.28 -8.58
N PRO A 155 -22.22 -19.16 -9.10
CA PRO A 155 -22.70 -20.30 -8.28
C PRO A 155 -21.57 -21.18 -7.75
N SER A 156 -20.44 -21.25 -8.46
CA SER A 156 -19.32 -22.09 -8.05
C SER A 156 -18.38 -21.42 -7.05
N ALA A 157 -18.58 -20.14 -6.75
CA ALA A 157 -17.70 -19.44 -5.82
C ALA A 157 -18.19 -19.59 -4.40
N THR A 158 -17.26 -19.60 -3.46
CA THR A 158 -17.61 -19.55 -2.05
C THR A 158 -16.93 -18.36 -1.39
N GLY A 159 -17.20 -18.17 -0.11
CA GLY A 159 -16.58 -17.07 0.62
C GLY A 159 -17.27 -15.74 0.36
N ASN A 160 -16.50 -14.68 0.58
CA ASN A 160 -17.01 -13.31 0.53
C ASN A 160 -17.05 -12.80 -0.91
N CYS A 161 -18.23 -12.37 -1.35
CA CYS A 161 -18.33 -11.71 -2.65
C CYS A 161 -17.47 -10.45 -2.67
N ILE A 162 -17.65 -9.60 -1.67
CA ILE A 162 -16.82 -8.41 -1.49
C ILE A 162 -16.18 -8.47 -0.10
N THR A 163 -14.87 -8.23 -0.04
CA THR A 163 -14.14 -8.07 1.21
C THR A 163 -13.58 -6.66 1.25
N ILE A 164 -13.88 -5.93 2.32
CA ILE A 164 -13.28 -4.62 2.54
C ILE A 164 -12.04 -4.83 3.41
N LYS A 165 -10.87 -4.63 2.80
CA LYS A 165 -9.60 -4.87 3.47
C LYS A 165 -9.30 -3.74 4.45
N ASP A 166 -8.46 -4.04 5.44
CA ASP A 166 -8.21 -3.05 6.48
C ASP A 166 -7.25 -1.96 6.05
N THR A 167 -6.81 -1.97 4.79
CA THR A 167 -6.10 -0.82 4.23
C THR A 167 -7.05 0.16 3.56
N CYS A 168 -8.33 -0.17 3.45
CA CYS A 168 -9.29 0.58 2.65
C CYS A 168 -10.15 1.46 3.56
N SER A 169 -10.06 2.78 3.36
CA SER A 169 -10.86 3.71 4.14
C SER A 169 -11.41 4.81 3.23
N LEU A 170 -12.47 5.46 3.71
CA LEU A 170 -12.95 6.71 3.13
C LEU A 170 -13.54 6.53 1.73
N ILE A 171 -14.04 5.34 1.41
CA ILE A 171 -14.69 5.09 0.13
C ILE A 171 -16.21 5.24 0.26
N VAL A 172 -16.89 5.26 -0.87
CA VAL A 172 -18.34 5.22 -0.93
C VAL A 172 -18.73 4.00 -1.74
N LEU A 173 -19.68 3.23 -1.21
CA LEU A 173 -20.38 2.19 -1.96
C LEU A 173 -21.84 2.64 -2.06
N ASP A 174 -22.29 2.95 -3.27
CA ASP A 174 -23.57 3.62 -3.45
C ASP A 174 -24.37 3.04 -4.61
N ALA A 175 -25.62 2.65 -4.31
CA ALA A 175 -26.64 2.39 -5.32
C ALA A 175 -26.23 1.29 -6.29
N PHE A 176 -25.93 0.12 -5.73
CA PHE A 176 -25.77 -1.07 -6.55
C PHE A 176 -26.15 -2.29 -5.72
N GLY A 177 -26.28 -3.43 -6.41
CA GLY A 177 -26.64 -4.68 -5.77
C GLY A 177 -25.46 -5.61 -5.61
N VAL A 178 -25.53 -6.45 -4.59
CA VAL A 178 -24.58 -7.54 -4.38
C VAL A 178 -25.41 -8.79 -4.21
N TYR A 179 -25.43 -9.64 -5.24
CA TYR A 179 -26.33 -10.77 -5.31
C TYR A 179 -25.56 -12.08 -5.22
N GLY A 180 -26.15 -13.05 -4.53
CA GLY A 180 -25.64 -14.41 -4.50
C GLY A 180 -26.57 -15.40 -5.17
N THR A 181 -26.25 -16.68 -4.99
CA THR A 181 -26.99 -17.76 -5.63
C THR A 181 -28.48 -17.71 -5.28
N GLY A 182 -28.82 -17.31 -4.06
CA GLY A 182 -30.21 -17.31 -3.63
C GLY A 182 -30.93 -15.98 -3.71
N ALA A 183 -30.51 -15.10 -4.62
CA ALA A 183 -31.03 -13.73 -4.64
C ALA A 183 -32.53 -13.71 -4.96
N GLN A 184 -32.96 -14.53 -5.90
CA GLN A 184 -34.38 -14.59 -6.22
C GLN A 184 -35.14 -15.34 -5.12
N GLN A 185 -36.32 -14.84 -4.78
CA GLN A 185 -37.06 -15.45 -3.67
C GLN A 185 -37.38 -16.91 -3.98
N GLY A 186 -37.33 -17.73 -2.93
CA GLY A 186 -37.62 -19.15 -3.04
C GLY A 186 -36.51 -19.98 -3.66
N THR A 187 -35.33 -19.44 -3.86
CA THR A 187 -34.24 -20.21 -4.45
C THR A 187 -33.23 -20.64 -3.39
N SER A 188 -32.38 -21.58 -3.78
CA SER A 188 -31.41 -22.17 -2.88
C SER A 188 -30.09 -21.40 -2.93
N PHE A 189 -29.20 -21.73 -2.00
CA PHE A 189 -28.00 -20.95 -1.78
C PHE A 189 -26.77 -21.79 -2.10
N THR A 190 -25.62 -21.11 -2.17
CA THR A 190 -24.33 -21.78 -2.24
C THR A 190 -23.71 -21.74 -0.84
N ALA A 191 -23.32 -22.91 -0.35
CA ALA A 191 -22.83 -23.00 1.01
C ALA A 191 -21.60 -22.13 1.21
N GLY A 192 -21.55 -21.44 2.36
CA GLY A 192 -20.35 -20.74 2.77
C GLY A 192 -20.14 -19.35 2.22
N THR A 193 -21.17 -18.70 1.70
CA THR A 193 -20.99 -17.41 1.06
C THR A 193 -21.42 -16.26 1.96
N THR A 194 -20.79 -15.11 1.76
CA THR A 194 -21.09 -13.87 2.46
C THR A 194 -21.11 -12.76 1.43
N GLY A 195 -22.04 -11.82 1.59
CA GLY A 195 -22.14 -10.72 0.65
C GLY A 195 -20.99 -9.74 0.77
N ILE A 196 -20.93 -9.02 1.88
CA ILE A 196 -19.88 -8.04 2.13
C ILE A 196 -19.25 -8.35 3.49
N TYR A 197 -17.94 -8.53 3.51
CA TYR A 197 -17.21 -8.80 4.75
C TYR A 197 -16.23 -7.67 4.98
N VAL A 198 -16.25 -7.11 6.19
CA VAL A 198 -15.29 -6.11 6.60
C VAL A 198 -14.35 -6.76 7.61
N GLU A 199 -13.11 -7.03 7.19
CA GLU A 199 -12.21 -7.84 7.98
C GLU A 199 -11.71 -7.08 9.21
N THR A 200 -11.23 -7.86 10.18
CA THR A 200 -10.69 -7.29 11.41
C THR A 200 -9.33 -6.65 11.14
N PRO A 201 -9.13 -5.37 11.47
CA PRO A 201 -7.84 -4.74 11.18
C PRO A 201 -6.70 -5.38 11.96
N SER A 202 -5.54 -5.46 11.31
CA SER A 202 -4.36 -6.06 11.89
C SER A 202 -3.36 -5.03 12.44
N GLY A 203 -3.68 -3.75 12.38
CA GLY A 203 -2.75 -2.75 12.89
C GLY A 203 -3.39 -1.39 12.95
N LEU A 204 -2.59 -0.41 13.34
CA LEU A 204 -3.01 0.97 13.50
C LEU A 204 -1.98 1.86 12.82
N SER A 205 -2.43 2.73 11.94
CA SER A 205 -1.53 3.61 11.23
C SER A 205 -1.46 4.97 11.92
N ALA A 206 -0.38 5.72 11.63
CA ALA A 206 -0.19 7.03 12.25
C ALA A 206 -0.27 8.17 11.24
N ASP A 207 -0.62 7.90 9.99
CA ASP A 207 -0.71 8.95 8.98
C ASP A 207 -2.08 8.98 8.30
N TYR A 208 -3.12 8.52 8.99
CA TYR A 208 -4.48 8.71 8.49
C TYR A 208 -4.69 10.19 8.16
N PRO A 209 -5.42 10.52 7.08
CA PRO A 209 -6.14 9.63 6.17
C PRO A 209 -5.30 9.18 4.97
N PHE A 210 -4.00 9.46 4.99
CA PHE A 210 -3.10 9.09 3.91
C PHE A 210 -2.45 7.73 4.12
N HIS A 211 -3.04 6.87 4.95
CA HIS A 211 -2.44 5.60 5.29
C HIS A 211 -2.48 4.62 4.11
N THR A 212 -1.46 3.76 4.05
CA THR A 212 -1.41 2.65 3.11
C THR A 212 -1.31 1.31 3.82
N THR A 213 -1.39 1.28 5.14
CA THR A 213 -1.29 0.07 5.94
C THR A 213 -2.57 -0.14 6.75
N ALA A 214 -2.58 -1.21 7.52
CA ALA A 214 -3.77 -1.58 8.27
C ALA A 214 -4.17 -0.44 9.21
N ASP A 215 -5.48 -0.19 9.30
CA ASP A 215 -5.99 0.83 10.20
C ASP A 215 -7.43 0.48 10.56
N PRO A 216 -7.85 0.77 11.80
CA PRO A 216 -9.23 0.45 12.21
C PRO A 216 -10.27 1.45 11.73
N ARG A 217 -9.85 2.61 11.20
CA ARG A 217 -10.78 3.67 10.79
C ARG A 217 -11.29 3.44 9.37
N ARG A 218 -12.36 2.66 9.22
CA ARG A 218 -12.97 2.47 7.91
C ARG A 218 -13.50 3.80 7.36
N ASP A 219 -14.22 4.55 8.19
CA ASP A 219 -14.74 5.87 7.83
C ASP A 219 -15.32 5.87 6.41
N LEU A 220 -16.20 4.92 6.14
CA LEU A 220 -16.75 4.76 4.80
C LEU A 220 -18.28 4.62 4.86
N CYS A 221 -18.91 4.81 3.69
CA CYS A 221 -20.36 4.87 3.57
C CYS A 221 -20.85 3.78 2.63
N ILE A 222 -21.73 2.92 3.13
CA ILE A 222 -22.47 1.98 2.31
C ILE A 222 -23.88 2.51 2.20
N SER A 223 -24.26 2.97 1.01
CA SER A 223 -25.46 3.77 0.85
C SER A 223 -26.26 3.22 -0.32
N LYS A 224 -27.54 2.91 -0.07
CA LYS A 224 -28.45 2.40 -1.08
C LYS A 224 -27.86 1.18 -1.79
N VAL A 225 -27.30 0.27 -1.00
CA VAL A 225 -26.77 -1.00 -1.48
C VAL A 225 -27.76 -2.11 -1.13
N HIS A 226 -27.98 -3.01 -2.08
CA HIS A 226 -28.94 -4.11 -1.94
C HIS A 226 -28.15 -5.41 -1.92
N ILE A 227 -28.16 -6.13 -0.79
CA ILE A 227 -27.49 -7.41 -0.63
C ILE A 227 -28.55 -8.51 -0.56
N ALA A 228 -28.39 -9.55 -1.37
CA ALA A 228 -29.40 -10.60 -1.43
C ALA A 228 -28.76 -11.91 -1.88
N GLY A 229 -29.17 -13.00 -1.24
CA GLY A 229 -28.93 -14.34 -1.75
C GLY A 229 -27.69 -15.04 -1.24
N PHE A 230 -27.17 -14.66 -0.08
CA PHE A 230 -25.98 -15.29 0.47
C PHE A 230 -26.33 -16.24 1.61
N ASP A 231 -25.41 -17.16 1.87
CA ASP A 231 -25.68 -18.23 2.84
C ASP A 231 -25.47 -17.75 4.28
N GLU A 232 -24.22 -17.45 4.65
CA GLU A 232 -23.90 -17.24 6.05
C GLU A 232 -24.24 -15.81 6.51
N TYR A 233 -23.89 -14.81 5.73
CA TYR A 233 -24.13 -13.42 6.10
C TYR A 233 -24.40 -12.60 4.84
N GLY A 234 -25.32 -11.65 4.95
CA GLY A 234 -25.41 -10.61 3.94
C GLY A 234 -24.27 -9.62 4.10
N LEU A 235 -24.27 -8.93 5.23
CA LEU A 235 -23.21 -8.01 5.63
C LEU A 235 -22.64 -8.50 6.96
N ASN A 236 -21.31 -8.55 7.04
CA ASN A 236 -20.62 -9.03 8.24
C ASN A 236 -19.48 -8.05 8.50
N ILE A 237 -19.67 -7.20 9.50
CA ILE A 237 -18.67 -6.22 9.91
C ILE A 237 -17.96 -6.78 11.13
N ASP A 238 -16.70 -7.20 10.97
CA ASP A 238 -16.00 -7.88 12.05
C ASP A 238 -15.43 -6.87 13.04
N SER A 239 -14.86 -7.40 14.13
CA SER A 239 -14.38 -6.59 15.24
C SER A 239 -13.27 -5.63 14.83
N GLY A 240 -13.19 -4.51 15.52
CA GLY A 240 -12.10 -3.57 15.36
C GLY A 240 -12.29 -2.50 14.31
N ASN A 241 -13.44 -2.46 13.63
CA ASN A 241 -13.70 -1.49 12.57
C ASN A 241 -14.56 -0.35 13.11
N PHE A 242 -14.10 0.88 12.88
CA PHE A 242 -14.81 2.07 13.32
C PHE A 242 -15.43 2.80 12.14
N SER A 243 -16.63 3.34 12.36
CA SER A 243 -17.24 4.30 11.44
C SER A 243 -17.58 3.69 10.09
N VAL A 244 -18.01 2.43 10.08
CA VAL A 244 -18.66 1.88 8.88
C VAL A 244 -20.11 2.37 8.91
N THR A 245 -20.39 3.42 8.15
CA THR A 245 -21.75 3.93 8.04
C THR A 245 -22.55 3.12 7.02
N THR A 246 -23.80 2.81 7.36
CA THR A 246 -24.75 2.31 6.38
C THR A 246 -25.93 3.25 6.36
N ASP A 247 -26.48 3.45 5.16
CA ASP A 247 -27.57 4.38 4.95
C ASP A 247 -28.46 3.80 3.85
N SER A 248 -29.70 3.47 4.19
CA SER A 248 -30.62 2.86 3.23
C SER A 248 -30.08 1.53 2.72
N LEU A 249 -29.45 0.77 3.61
CA LEU A 249 -29.06 -0.60 3.28
C LEU A 249 -30.28 -1.51 3.22
N LEU A 250 -30.31 -2.38 2.21
CA LEU A 250 -31.39 -3.33 2.03
C LEU A 250 -30.79 -4.72 1.93
N VAL A 251 -31.20 -5.62 2.82
CA VAL A 251 -30.72 -7.00 2.80
C VAL A 251 -31.93 -7.92 2.65
N ASN A 252 -31.86 -8.83 1.69
CA ASN A 252 -32.97 -9.73 1.33
C ASN A 252 -32.44 -11.16 1.21
N HIS A 253 -33.29 -12.12 1.59
CA HIS A 253 -33.09 -13.52 1.20
C HIS A 253 -31.68 -14.02 1.57
N ILE A 254 -31.46 -14.13 2.87
CA ILE A 254 -30.21 -14.66 3.42
C ILE A 254 -30.51 -15.96 4.13
N ASN A 255 -29.74 -17.01 3.81
CA ASN A 255 -30.02 -18.32 4.37
C ASN A 255 -29.85 -18.35 5.89
N GLN A 256 -28.91 -17.58 6.42
CA GLN A 256 -28.62 -17.60 7.85
C GLN A 256 -28.79 -16.19 8.39
N VAL A 257 -27.72 -15.43 8.60
CA VAL A 257 -27.78 -14.16 9.32
C VAL A 257 -27.74 -13.00 8.34
N GLY A 258 -28.77 -12.15 8.37
CA GLY A 258 -28.84 -11.00 7.48
C GLY A 258 -27.67 -10.05 7.67
N VAL A 259 -27.50 -9.51 8.87
CA VAL A 259 -26.42 -8.58 9.16
C VAL A 259 -25.80 -8.95 10.49
N ARG A 260 -24.48 -9.08 10.51
CA ARG A 260 -23.74 -9.26 11.75
C ARG A 260 -22.81 -8.07 11.92
N CYS A 261 -22.78 -7.52 13.12
CA CYS A 261 -21.82 -6.50 13.49
C CYS A 261 -21.18 -6.89 14.82
N ALA A 262 -19.86 -6.67 14.93
CA ALA A 262 -19.12 -7.09 16.11
C ALA A 262 -18.10 -6.03 16.51
N THR A 263 -18.45 -4.75 16.36
CA THR A 263 -17.49 -3.68 16.56
C THR A 263 -18.20 -2.50 17.21
N THR A 264 -17.44 -1.43 17.41
CA THR A 264 -17.88 -0.26 18.16
C THR A 264 -17.82 0.98 17.27
N ASP A 265 -18.49 2.04 17.73
CA ASP A 265 -18.33 3.38 17.16
C ASP A 265 -18.79 3.48 15.72
N TRP A 266 -20.10 3.33 15.48
CA TRP A 266 -20.65 3.41 14.14
C TRP A 266 -22.08 3.89 14.23
N THR A 267 -22.62 4.33 13.09
CA THR A 267 -23.99 4.77 12.97
C THR A 267 -24.61 4.20 11.70
N TRP A 268 -25.82 3.65 11.83
CA TRP A 268 -26.64 3.22 10.69
C TRP A 268 -27.96 3.96 10.71
N THR A 269 -28.42 4.34 9.53
CA THR A 269 -29.73 4.94 9.39
C THR A 269 -30.50 4.20 8.31
N ASN A 270 -31.79 3.99 8.56
CA ASN A 270 -32.72 3.36 7.61
C ASN A 270 -32.17 2.07 7.03
N ILE A 271 -32.01 1.08 7.89
CA ILE A 271 -31.63 -0.27 7.48
C ILE A 271 -32.88 -1.13 7.39
N GLN A 272 -32.95 -1.98 6.37
CA GLN A 272 -34.02 -2.96 6.25
C GLN A 272 -33.41 -4.33 5.97
N VAL A 273 -33.76 -5.32 6.79
CA VAL A 273 -33.31 -6.69 6.60
C VAL A 273 -34.55 -7.58 6.55
N ASN A 274 -34.66 -8.40 5.51
CA ASN A 274 -35.91 -9.11 5.23
C ASN A 274 -35.64 -10.55 4.81
N THR A 275 -36.26 -11.48 5.54
CA THR A 275 -36.28 -12.90 5.17
C THR A 275 -34.91 -13.55 5.35
N CYS A 276 -34.63 -14.00 6.57
CA CYS A 276 -33.39 -14.68 6.91
C CYS A 276 -33.72 -16.00 7.60
N GLY A 277 -32.92 -17.04 7.32
CA GLY A 277 -33.15 -18.33 7.96
C GLY A 277 -32.87 -18.29 9.45
N LYS A 278 -31.94 -17.44 9.88
CA LYS A 278 -31.67 -17.22 11.28
C LYS A 278 -31.99 -15.76 11.61
N GLN A 279 -31.09 -15.07 12.32
CA GLN A 279 -31.36 -13.70 12.70
C GLN A 279 -31.37 -12.78 11.49
N CYS A 280 -32.19 -11.74 11.56
CA CYS A 280 -31.99 -10.61 10.66
C CYS A 280 -30.74 -9.83 11.06
N LEU A 281 -30.50 -9.68 12.36
CA LEU A 281 -29.40 -8.85 12.84
C LEU A 281 -28.75 -9.51 14.04
N VAL A 282 -27.42 -9.60 14.03
CA VAL A 282 -26.66 -10.03 15.19
C VAL A 282 -25.72 -8.90 15.59
N LEU A 283 -25.93 -8.36 16.78
CA LEU A 283 -24.96 -7.47 17.42
C LEU A 283 -24.24 -8.30 18.47
N ASP A 284 -22.96 -8.56 18.23
CA ASP A 284 -22.18 -9.47 19.06
C ASP A 284 -20.94 -8.71 19.54
N GLY A 285 -20.94 -8.30 20.81
CA GLY A 285 -19.87 -7.48 21.31
C GLY A 285 -19.83 -6.07 20.75
N CYS A 286 -20.98 -5.51 20.37
CA CYS A 286 -21.02 -4.15 19.87
C CYS A 286 -21.07 -3.16 21.03
N GLY A 287 -20.62 -1.94 20.75
CA GLY A 287 -20.66 -0.91 21.77
C GLY A 287 -20.60 0.47 21.16
N ASN A 288 -21.19 1.44 21.86
CA ASN A 288 -21.10 2.84 21.49
C ASN A 288 -21.46 3.03 20.02
N GLY A 289 -22.61 2.47 19.63
CA GLY A 289 -23.13 2.60 18.29
C GLY A 289 -24.57 3.08 18.31
N ARG A 290 -25.06 3.41 17.11
CA ARG A 290 -26.40 3.94 16.91
C ARG A 290 -27.05 3.26 15.71
N ILE A 291 -28.29 2.81 15.89
CA ILE A 291 -29.15 2.38 14.78
C ILE A 291 -30.37 3.28 14.81
N ILE A 292 -30.60 4.00 13.72
CA ILE A 292 -31.65 5.02 13.65
C ILE A 292 -32.46 4.71 12.40
N GLY A 293 -33.66 4.17 12.59
CA GLY A 293 -34.50 3.74 11.50
C GLY A 293 -34.16 2.32 11.06
N GLY A 294 -35.01 1.36 11.42
CA GLY A 294 -34.72 -0.03 11.12
C GLY A 294 -35.98 -0.87 10.98
N LYS A 295 -35.93 -1.83 10.07
CA LYS A 295 -37.04 -2.74 9.79
C LYS A 295 -36.43 -4.12 9.63
N PHE A 296 -36.76 -5.04 10.53
CA PHE A 296 -36.19 -6.38 10.56
C PHE A 296 -37.34 -7.39 10.56
N ILE A 297 -37.55 -8.07 9.42
CA ILE A 297 -38.78 -8.83 9.23
C ILE A 297 -38.47 -10.20 8.66
N TRP A 298 -39.36 -11.15 9.00
CA TRP A 298 -39.30 -12.51 8.46
C TRP A 298 -37.95 -13.17 8.75
N ALA A 299 -37.43 -12.95 9.95
CA ALA A 299 -36.32 -13.73 10.46
C ALA A 299 -36.77 -15.16 10.78
N ASN A 300 -35.80 -16.05 10.98
CA ASN A 300 -36.09 -17.45 11.29
C ASN A 300 -37.09 -18.02 10.27
N TRP A 301 -36.88 -17.66 8.99
CA TRP A 301 -37.79 -17.97 7.90
C TRP A 301 -37.84 -19.48 7.66
N GLN A 302 -38.98 -20.08 7.98
CA GLN A 302 -39.10 -21.54 7.98
C GLN A 302 -38.67 -22.22 6.68
N PRO A 303 -39.06 -21.74 5.50
CA PRO A 303 -38.66 -22.45 4.26
C PRO A 303 -37.14 -22.53 4.06
N TYR A 304 -36.36 -21.67 4.71
CA TYR A 304 -34.91 -21.81 4.60
C TYR A 304 -34.37 -22.94 5.46
N GLY A 305 -35.22 -23.63 6.22
CA GLY A 305 -34.89 -24.94 6.75
C GLY A 305 -33.89 -24.98 7.88
N THR A 306 -33.62 -23.86 8.53
CA THR A 306 -32.70 -23.88 9.67
C THR A 306 -33.35 -24.58 10.85
N VAL A 307 -32.57 -25.44 11.51
CA VAL A 307 -33.04 -26.17 12.69
C VAL A 307 -32.75 -25.32 13.91
N GLY A 308 -33.79 -25.04 14.70
CA GLY A 308 -33.65 -24.26 15.90
C GLY A 308 -34.30 -22.88 15.78
N GLN A 309 -34.48 -22.26 16.95
CA GLN A 309 -35.05 -20.92 17.05
C GLN A 309 -33.95 -19.87 16.95
N PHE A 310 -34.26 -18.78 16.27
CA PHE A 310 -33.34 -17.66 16.19
C PHE A 310 -34.18 -16.39 16.20
N PRO A 311 -33.83 -15.41 17.00
CA PRO A 311 -34.65 -14.20 17.10
C PRO A 311 -34.46 -13.30 15.88
N GLY A 312 -35.38 -12.34 15.74
CA GLY A 312 -35.17 -11.31 14.74
C GLY A 312 -33.84 -10.59 14.95
N ILE A 313 -33.55 -10.22 16.19
CA ILE A 313 -32.33 -9.52 16.55
C ILE A 313 -31.71 -10.20 17.76
N THR A 314 -30.42 -10.51 17.66
CA THR A 314 -29.60 -10.91 18.80
C THR A 314 -28.77 -9.71 19.23
N ILE A 315 -28.91 -9.31 20.49
CA ILE A 315 -28.01 -8.34 21.10
C ILE A 315 -27.31 -9.07 22.23
N ASN A 316 -26.02 -9.35 22.04
CA ASN A 316 -25.25 -10.13 22.99
C ASN A 316 -23.94 -9.44 23.33
N ASN A 317 -23.62 -9.44 24.62
CA ASN A 317 -22.33 -8.96 25.13
C ASN A 317 -22.01 -7.57 24.59
N SER A 318 -23.03 -6.72 24.49
CA SER A 318 -22.92 -5.38 23.92
C SER A 318 -23.19 -4.34 25.00
N GLN A 319 -22.90 -3.08 24.69
CA GLN A 319 -23.06 -2.03 25.68
C GLN A 319 -23.17 -0.67 25.00
N ASN A 320 -23.87 0.25 25.65
CA ASN A 320 -23.95 1.65 25.21
C ASN A 320 -24.48 1.73 23.78
N MET A 321 -25.57 1.02 23.52
CA MET A 321 -26.21 1.05 22.21
C MET A 321 -27.43 1.95 22.27
N VAL A 322 -27.55 2.86 21.31
CA VAL A 322 -28.77 3.63 21.13
C VAL A 322 -29.41 3.16 19.84
N ILE A 323 -30.61 2.57 19.95
CA ILE A 323 -31.32 1.92 18.85
C ILE A 323 -32.70 2.58 18.80
N ASN A 324 -32.90 3.49 17.85
CA ASN A 324 -34.10 4.32 17.79
C ASN A 324 -34.90 4.05 16.54
N GLY A 325 -36.22 3.97 16.70
CA GLY A 325 -37.12 3.86 15.57
C GLY A 325 -36.93 2.62 14.73
N ILE A 326 -36.86 1.45 15.37
CA ILE A 326 -36.76 0.19 14.64
C ILE A 326 -38.02 -0.62 14.87
N GLU A 327 -38.23 -1.60 13.99
CA GLU A 327 -39.34 -2.53 14.09
C GLU A 327 -38.84 -3.96 13.87
N VAL A 328 -39.40 -4.90 14.63
CA VAL A 328 -39.16 -6.33 14.45
C VAL A 328 -40.52 -7.02 14.33
N GLN A 329 -40.74 -7.70 13.21
CA GLN A 329 -42.08 -8.14 12.86
C GLN A 329 -42.02 -9.39 11.98
N ASP A 330 -43.03 -10.25 12.14
CA ASP A 330 -43.21 -11.43 11.28
C ASP A 330 -42.04 -12.41 11.36
N CYS A 331 -41.30 -12.40 12.45
CA CYS A 331 -40.19 -13.33 12.62
C CYS A 331 -40.69 -14.66 13.18
N GLY A 332 -39.93 -15.72 12.88
CA GLY A 332 -40.37 -17.08 13.20
C GLY A 332 -40.30 -17.42 14.68
N GLY A 333 -39.41 -16.76 15.41
CA GLY A 333 -39.27 -16.99 16.83
C GLY A 333 -39.41 -15.71 17.65
N ASN A 334 -38.55 -15.55 18.64
CA ASN A 334 -38.57 -14.34 19.46
C ASN A 334 -38.24 -13.13 18.62
N GLY A 335 -38.66 -11.97 19.10
CA GLY A 335 -38.37 -10.74 18.37
C GLY A 335 -36.92 -10.31 18.56
N ILE A 336 -36.59 -9.94 19.78
CA ILE A 336 -35.27 -9.44 20.15
C ILE A 336 -34.81 -10.22 21.37
N GLU A 337 -33.60 -10.78 21.32
CA GLU A 337 -32.99 -11.42 22.48
C GLU A 337 -31.81 -10.57 22.91
N ILE A 338 -31.92 -9.99 24.11
CA ILE A 338 -30.86 -9.18 24.70
C ILE A 338 -30.21 -10.01 25.78
N SER A 339 -28.92 -10.32 25.61
CA SER A 339 -28.20 -11.20 26.52
C SER A 339 -26.89 -10.57 26.98
N GLU A 340 -26.63 -10.62 28.29
CA GLU A 340 -25.36 -10.19 28.87
C GLU A 340 -24.91 -8.84 28.32
N SER A 341 -25.83 -7.88 28.29
CA SER A 341 -25.60 -6.59 27.68
C SER A 341 -25.89 -5.47 28.68
N TYR A 342 -25.07 -4.43 28.65
CA TYR A 342 -25.28 -3.24 29.47
C TYR A 342 -25.95 -2.15 28.67
N SER A 343 -26.67 -1.28 29.37
CA SER A 343 -27.05 0.05 28.88
C SER A 343 -27.44 0.03 27.41
N ILE A 344 -28.50 -0.73 27.13
CA ILE A 344 -29.14 -0.72 25.82
C ILE A 344 -30.28 0.30 25.86
N SER A 345 -30.18 1.35 25.05
CA SER A 345 -31.15 2.42 25.03
C SER A 345 -31.95 2.38 23.72
N MET A 346 -33.28 2.35 23.84
CA MET A 346 -34.15 2.19 22.68
C MET A 346 -35.29 3.19 22.80
N ASN A 347 -35.48 4.03 21.78
CA ASN A 347 -36.44 5.13 21.84
C ASN A 347 -37.32 5.12 20.59
N GLY A 348 -38.56 4.67 20.76
CA GLY A 348 -39.42 4.36 19.64
C GLY A 348 -39.10 2.96 19.15
N LEU A 349 -39.86 1.98 19.63
CA LEU A 349 -39.57 0.57 19.34
C LEU A 349 -40.88 -0.15 19.05
N ASN A 350 -40.91 -0.85 17.93
CA ASN A 350 -42.11 -1.56 17.46
C ASN A 350 -41.76 -3.03 17.31
N THR A 351 -42.38 -3.88 18.13
CA THR A 351 -42.29 -5.33 17.96
C THR A 351 -43.70 -5.90 17.92
N ASN A 352 -44.05 -6.58 16.83
CA ASN A 352 -45.38 -7.15 16.75
C ASN A 352 -45.37 -8.38 15.88
N ARG A 353 -46.25 -9.31 16.21
CA ARG A 353 -46.57 -10.47 15.38
C ARG A 353 -45.31 -11.22 14.95
N ASN A 354 -44.51 -11.59 15.94
CA ASN A 354 -43.39 -12.50 15.74
C ASN A 354 -43.82 -13.90 16.18
N GLY A 355 -42.86 -14.76 16.46
CA GLY A 355 -43.20 -16.13 16.86
C GLY A 355 -44.09 -16.86 15.87
N ILE A 356 -43.88 -16.65 14.58
CA ILE A 356 -44.84 -17.18 13.61
C ILE A 356 -44.61 -18.64 13.27
N ASN A 357 -43.54 -19.26 13.77
CA ASN A 357 -43.33 -20.68 13.50
C ASN A 357 -44.09 -21.59 14.47
N ALA A 358 -44.53 -21.06 15.61
CA ALA A 358 -45.32 -21.84 16.56
C ALA A 358 -46.16 -20.88 17.39
N ASN A 359 -47.47 -20.99 17.28
CA ASN A 359 -48.36 -20.02 17.92
C ASN A 359 -48.18 -20.01 19.42
N ASN A 360 -48.30 -18.82 20.01
CA ASN A 360 -48.41 -18.67 21.46
C ASN A 360 -47.21 -19.27 22.19
N THR A 361 -46.01 -19.11 21.60
CA THR A 361 -44.83 -19.79 22.10
C THR A 361 -43.66 -18.83 22.36
N PHE A 362 -43.53 -17.78 21.56
CA PHE A 362 -42.36 -16.91 21.60
C PHE A 362 -42.74 -15.51 22.06
N TYR A 363 -41.74 -14.71 22.37
CA TYR A 363 -41.96 -13.39 22.94
C TYR A 363 -41.18 -12.34 22.16
N ASN A 364 -41.72 -11.12 22.15
CA ASN A 364 -41.14 -10.10 21.27
C ASN A 364 -39.79 -9.59 21.77
N ILE A 365 -39.59 -9.52 23.09
CA ILE A 365 -38.31 -9.14 23.67
C ILE A 365 -37.98 -10.11 24.80
N VAL A 366 -36.83 -10.75 24.73
CA VAL A 366 -36.36 -11.72 25.71
C VAL A 366 -35.11 -11.14 26.37
N PHE A 367 -35.19 -10.91 27.69
CA PHE A 367 -34.09 -10.35 28.46
C PHE A 367 -33.39 -11.46 29.24
N ASN A 368 -32.07 -11.51 29.13
CA ASN A 368 -31.28 -12.46 29.91
C ASN A 368 -30.01 -11.76 30.38
N LYS A 369 -29.90 -11.58 31.70
CA LYS A 369 -28.77 -10.90 32.33
C LYS A 369 -28.38 -9.63 31.57
N SER A 370 -29.35 -8.75 31.40
CA SER A 370 -29.15 -7.53 30.63
C SER A 370 -29.88 -6.36 31.28
N ASP A 371 -29.42 -5.15 30.97
CA ASP A 371 -30.05 -3.91 31.41
C ASP A 371 -30.48 -3.12 30.18
N ALA A 372 -31.64 -2.47 30.27
CA ALA A 372 -32.14 -1.71 29.12
C ALA A 372 -33.11 -0.64 29.59
N VAL A 373 -33.11 0.47 28.87
CA VAL A 373 -34.13 1.51 29.00
C VAL A 373 -34.80 1.66 27.65
N ILE A 374 -36.09 1.37 27.60
CA ILE A 374 -36.86 1.31 26.36
C ILE A 374 -38.00 2.30 26.48
N ASN A 375 -38.04 3.27 25.58
CA ASN A 375 -39.09 4.27 25.58
C ASN A 375 -39.88 4.21 24.27
N GLY A 376 -41.10 4.69 24.32
CA GLY A 376 -41.94 4.73 23.13
C GLY A 376 -42.22 3.39 22.49
N PHE A 377 -42.45 2.36 23.31
CA PHE A 377 -42.74 1.03 22.79
C PHE A 377 -44.16 0.94 22.23
N VAL A 378 -44.30 0.26 21.09
CA VAL A 378 -45.60 -0.08 20.53
C VAL A 378 -45.48 -1.49 19.94
N GLY A 379 -46.63 -2.14 19.75
CA GLY A 379 -46.62 -3.50 19.24
C GLY A 379 -47.98 -4.08 18.91
N LEU A 380 -48.80 -3.34 18.17
CA LEU A 380 -50.11 -3.85 17.77
C LEU A 380 -49.95 -5.15 17.00
N ASN A 381 -50.42 -6.25 17.61
CA ASN A 381 -50.38 -7.57 16.99
C ASN A 381 -51.48 -7.64 15.94
N TYR A 382 -51.12 -7.44 14.68
CA TYR A 382 -52.15 -7.31 13.64
C TYR A 382 -52.87 -8.63 13.37
N ALA A 383 -52.25 -9.75 13.72
CA ALA A 383 -52.94 -11.03 13.60
C ALA A 383 -54.03 -11.17 14.65
N ALA A 384 -53.74 -10.77 15.90
CA ALA A 384 -54.78 -10.82 16.93
C ALA A 384 -55.90 -9.83 16.61
N ASN A 385 -55.56 -8.67 16.07
CA ASN A 385 -56.56 -7.65 15.78
C ASN A 385 -57.46 -8.07 14.62
N SER A 386 -56.90 -8.67 13.58
CA SER A 386 -57.70 -9.10 12.45
C SER A 386 -58.44 -10.41 12.71
N GLY A 387 -58.07 -11.15 13.75
CA GLY A 387 -58.73 -12.43 14.01
C GLY A 387 -58.39 -13.51 13.03
N SER A 388 -57.23 -13.41 12.37
CA SER A 388 -56.84 -14.37 11.34
C SER A 388 -56.53 -15.75 11.89
N GLY A 389 -56.20 -15.86 13.18
CA GLY A 389 -55.75 -17.13 13.72
C GLY A 389 -54.32 -17.51 13.39
N ALA A 390 -53.56 -16.63 12.72
CA ALA A 390 -52.18 -16.94 12.38
C ALA A 390 -51.29 -16.98 13.62
N ASN A 391 -50.25 -17.81 13.56
CA ASN A 391 -49.28 -17.89 14.64
C ASN A 391 -48.73 -16.51 14.98
N SER A 392 -48.62 -16.21 16.28
CA SER A 392 -48.01 -14.95 16.70
C SER A 392 -47.47 -15.11 18.13
N SER A 393 -46.73 -14.08 18.55
CA SER A 393 -46.07 -14.11 19.84
C SER A 393 -47.06 -14.36 20.98
N ALA A 394 -46.62 -15.16 21.96
CA ALA A 394 -47.40 -15.30 23.19
C ALA A 394 -47.56 -13.96 23.91
N GLY A 395 -46.53 -13.13 23.90
CA GLY A 395 -46.61 -11.84 24.56
C GLY A 395 -45.41 -10.97 24.24
N ASN A 396 -45.38 -9.79 24.86
CA ASN A 396 -44.34 -8.82 24.49
C ASN A 396 -43.00 -9.12 25.16
N PHE A 397 -42.99 -9.43 26.45
CA PHE A 397 -41.75 -9.45 27.21
C PHE A 397 -41.58 -10.77 27.96
N GLN A 398 -40.35 -11.26 28.00
CA GLN A 398 -40.00 -12.46 28.76
C GLN A 398 -38.66 -12.24 29.43
N PHE A 399 -38.57 -12.61 30.71
CA PHE A 399 -37.35 -12.45 31.49
C PHE A 399 -36.80 -13.82 31.87
N LEU A 400 -35.60 -14.12 31.38
CA LEU A 400 -34.97 -15.41 31.65
C LEU A 400 -34.17 -15.43 32.94
N SER A 401 -33.89 -14.26 33.52
CA SER A 401 -33.21 -14.17 34.81
C SER A 401 -33.86 -13.07 35.63
N ASN A 402 -33.55 -13.04 36.92
CA ASN A 402 -34.08 -12.00 37.81
C ASN A 402 -33.01 -10.98 38.20
N ASP A 403 -31.89 -10.93 37.48
CA ASP A 403 -30.86 -9.93 37.72
C ASP A 403 -30.83 -8.87 36.62
N CYS A 404 -31.91 -8.74 35.87
CA CYS A 404 -32.00 -7.68 34.87
C CYS A 404 -32.44 -6.38 35.52
N SER A 405 -31.99 -5.27 34.93
CA SER A 405 -32.39 -3.94 35.36
C SER A 405 -32.95 -3.25 34.11
N VAL A 406 -34.28 -3.15 34.05
CA VAL A 406 -34.97 -2.81 32.81
C VAL A 406 -36.10 -1.82 33.11
N THR A 407 -36.20 -0.78 32.28
CA THR A 407 -37.33 0.14 32.27
C THR A 407 -37.98 0.07 30.90
N ILE A 408 -39.31 -0.06 30.88
CA ILE A 408 -40.08 -0.12 29.64
C ILE A 408 -41.25 0.86 29.76
N ASN A 409 -41.41 1.73 28.78
CA ASN A 409 -42.53 2.65 28.73
C ASN A 409 -43.16 2.63 27.36
N GLY A 410 -44.48 2.63 27.32
CA GLY A 410 -45.16 2.75 26.04
C GLY A 410 -46.51 2.06 26.07
N VAL A 411 -46.95 1.62 24.89
CA VAL A 411 -48.26 1.00 24.74
C VAL A 411 -48.06 -0.51 24.80
N VAL A 412 -48.02 -1.05 26.02
CA VAL A 412 -47.73 -2.47 26.24
C VAL A 412 -48.88 -3.34 25.77
N GLU A 413 -50.11 -2.86 25.87
CA GLU A 413 -51.28 -3.53 25.31
C GLU A 413 -52.05 -2.49 24.52
N THR A 414 -52.27 -2.77 23.23
CA THR A 414 -52.69 -1.74 22.29
C THR A 414 -54.09 -1.25 22.57
N GLY A 415 -55.01 -2.15 22.89
CA GLY A 415 -56.38 -1.78 23.18
C GLY A 415 -57.36 -1.83 22.02
N TYR A 416 -57.17 -2.75 21.07
CA TYR A 416 -58.19 -3.02 20.07
C TYR A 416 -59.20 -4.04 20.65
N MET A 417 -60.25 -4.34 19.88
CA MET A 417 -61.42 -4.99 20.47
C MET A 417 -61.10 -6.39 20.99
N GLY A 418 -60.39 -7.19 20.19
CA GLY A 418 -60.15 -8.58 20.55
C GLY A 418 -61.19 -9.52 19.98
N ILE A 419 -61.33 -9.51 18.65
CA ILE A 419 -62.34 -10.33 17.99
C ILE A 419 -62.20 -11.80 18.37
N ASN A 420 -60.97 -12.29 18.57
CA ASN A 420 -60.75 -13.68 18.95
C ASN A 420 -60.41 -13.83 20.43
N PHE A 421 -60.75 -12.84 21.26
CA PHE A 421 -60.55 -12.86 22.70
C PHE A 421 -59.08 -12.77 23.11
N ILE A 422 -58.18 -12.43 22.19
CA ILE A 422 -56.77 -12.31 22.48
C ILE A 422 -56.29 -10.92 22.03
N GLY A 423 -55.03 -10.62 22.36
CA GLY A 423 -54.45 -9.32 22.08
C GLY A 423 -52.94 -9.41 21.91
N ASP A 424 -52.23 -8.41 22.42
CA ASP A 424 -50.78 -8.43 22.32
C ASP A 424 -50.15 -9.34 23.37
N ASN A 425 -50.71 -9.35 24.58
CA ASN A 425 -50.13 -10.08 25.71
C ASN A 425 -51.11 -11.18 26.14
N ASN A 426 -50.89 -12.38 25.61
CA ASN A 426 -51.78 -13.51 25.84
C ASN A 426 -51.22 -14.56 26.79
N ILE A 427 -49.92 -14.52 27.07
CA ILE A 427 -49.32 -15.25 28.19
C ILE A 427 -48.41 -14.25 28.90
N ILE A 428 -48.64 -14.04 30.19
CA ILE A 428 -47.85 -13.09 30.97
C ILE A 428 -47.08 -13.86 32.02
N ASN A 429 -45.76 -13.74 31.97
CA ASN A 429 -44.87 -14.40 32.93
C ASN A 429 -44.26 -13.34 33.81
N PRO A 430 -44.67 -13.22 35.08
CA PRO A 430 -44.10 -12.17 35.94
C PRO A 430 -42.65 -12.46 36.26
N THR A 431 -41.96 -11.41 36.70
CA THR A 431 -40.53 -11.49 36.97
C THR A 431 -40.21 -10.87 38.32
N ASN A 432 -39.14 -11.34 38.95
CA ASN A 432 -38.58 -10.70 40.13
C ASN A 432 -37.41 -9.79 39.79
N SER A 433 -37.14 -9.58 38.50
CA SER A 433 -36.10 -8.66 38.10
C SER A 433 -36.39 -7.26 38.62
N ASP A 434 -35.36 -6.42 38.56
CA ASP A 434 -35.48 -4.99 38.86
C ASP A 434 -36.14 -4.31 37.67
N LEU A 435 -37.47 -4.43 37.61
CA LEU A 435 -38.26 -4.01 36.47
C LEU A 435 -39.13 -2.81 36.82
N SER A 436 -39.21 -1.86 35.92
CA SER A 436 -40.14 -0.74 36.01
C SER A 436 -40.84 -0.60 34.67
N ILE A 437 -42.17 -0.65 34.65
CA ILE A 437 -42.93 -0.57 33.41
C ILE A 437 -43.94 0.57 33.53
N ASN A 438 -43.91 1.48 32.56
CA ASN A 438 -44.90 2.54 32.46
C ASN A 438 -44.93 3.41 33.72
N GLY A 439 -43.82 3.47 34.44
CA GLY A 439 -43.79 4.27 35.65
C GLY A 439 -44.69 3.77 36.75
N LEU A 440 -45.16 2.52 36.66
CA LEU A 440 -46.06 1.96 37.66
C LEU A 440 -45.27 1.47 38.86
N VAL A 441 -45.67 1.89 40.05
CA VAL A 441 -45.07 1.36 41.26
C VAL A 441 -45.48 -0.10 41.38
N ASN A 442 -44.51 -0.96 41.64
CA ASN A 442 -44.78 -2.38 41.88
C ASN A 442 -45.30 -2.51 43.31
N TYR A 443 -46.52 -3.05 43.45
CA TYR A 443 -47.15 -3.09 44.75
C TYR A 443 -46.31 -3.85 45.76
N SER A 444 -45.66 -4.94 45.35
CA SER A 444 -44.85 -5.68 46.30
C SER A 444 -43.60 -4.91 46.76
N LYS A 445 -43.30 -3.76 46.17
CA LYS A 445 -42.10 -3.00 46.50
C LYS A 445 -42.39 -1.64 47.14
N THR A 446 -43.61 -1.35 47.55
CA THR A 446 -43.92 -0.01 48.02
C THR A 446 -44.32 0.00 49.49
N GLY A 447 -43.96 1.10 50.18
CA GLY A 447 -44.46 1.35 51.52
C GLY A 447 -45.45 2.51 51.53
N LEU A 448 -45.97 2.87 50.35
CA LEU A 448 -46.86 4.02 50.26
C LEU A 448 -48.17 3.73 50.99
N GLN A 449 -48.63 4.72 51.75
CA GLN A 449 -49.91 4.63 52.42
C GLN A 449 -51.00 5.18 51.49
N THR A 450 -52.08 4.41 51.34
CA THR A 450 -53.19 4.78 50.48
C THR A 450 -54.49 4.64 51.26
N MET A 451 -55.57 5.14 50.68
CA MET A 451 -56.89 4.74 51.13
C MET A 451 -57.03 3.22 51.04
N ASN A 452 -57.89 2.67 51.88
CA ASN A 452 -58.23 1.27 51.71
C ASN A 452 -59.64 1.09 52.27
N GLU A 453 -60.61 1.41 51.43
CA GLU A 453 -62.00 1.39 51.85
C GLU A 453 -62.41 -0.03 52.21
N THR A 454 -63.23 -0.15 53.25
CA THR A 454 -63.65 -1.44 53.74
C THR A 454 -65.02 -1.76 53.17
N PRO A 455 -65.18 -2.82 52.39
CA PRO A 455 -66.51 -3.20 51.93
C PRO A 455 -67.24 -3.95 53.03
N THR A 456 -68.55 -4.05 52.86
CA THR A 456 -69.36 -4.80 53.81
C THR A 456 -69.80 -6.11 53.18
N PHE A 457 -69.70 -7.18 53.95
CA PHE A 457 -70.12 -8.48 53.47
C PHE A 457 -71.64 -8.57 53.50
N ASP A 458 -72.20 -9.12 52.43
CA ASP A 458 -73.63 -9.37 52.41
C ASP A 458 -73.91 -10.80 51.97
N GLY A 459 -75.03 -11.31 52.43
CA GLY A 459 -75.52 -12.64 52.09
C GLY A 459 -76.79 -12.88 52.85
N VAL A 460 -77.52 -13.92 52.43
CA VAL A 460 -78.76 -14.27 53.14
C VAL A 460 -78.48 -14.41 54.62
N SER A 461 -77.46 -15.20 54.96
CA SER A 461 -76.80 -15.12 56.25
C SER A 461 -75.65 -14.15 56.12
N THR A 462 -75.53 -13.21 57.06
CA THR A 462 -74.57 -12.12 56.96
C THR A 462 -73.25 -12.43 57.65
N THR A 463 -72.98 -13.69 57.97
CA THR A 463 -71.68 -14.10 58.48
C THR A 463 -70.83 -14.65 57.35
N PRO A 464 -69.67 -14.05 57.05
CA PRO A 464 -68.82 -14.57 55.96
C PRO A 464 -68.36 -16.00 56.26
N VAL A 465 -68.23 -16.79 55.20
CA VAL A 465 -67.69 -18.14 55.29
C VAL A 465 -66.43 -18.21 54.43
N TYR A 466 -65.39 -18.86 54.96
CA TYR A 466 -64.09 -18.94 54.30
C TYR A 466 -63.75 -20.39 54.02
N VAL A 467 -63.20 -20.63 52.82
CA VAL A 467 -62.77 -21.95 52.40
C VAL A 467 -61.40 -21.83 51.75
N SER A 468 -60.75 -22.97 51.54
CA SER A 468 -59.38 -22.96 51.07
C SER A 468 -59.28 -22.48 49.62
N VAL A 469 -58.13 -21.91 49.28
CA VAL A 469 -57.82 -21.54 47.91
C VAL A 469 -56.58 -22.32 47.48
N PRO A 470 -56.39 -22.50 46.17
CA PRO A 470 -55.14 -23.10 45.69
C PRO A 470 -53.94 -22.27 46.12
N SER A 471 -52.80 -22.96 46.33
CA SER A 471 -51.64 -22.28 46.89
C SER A 471 -51.12 -21.17 45.99
N SER A 472 -51.46 -21.21 44.70
CA SER A 472 -51.04 -20.15 43.79
C SER A 472 -51.70 -18.81 44.10
N VAL A 473 -52.77 -18.80 44.90
CA VAL A 473 -53.37 -17.52 45.28
C VAL A 473 -52.58 -16.80 46.36
N GLY A 474 -51.61 -17.47 46.98
CA GLY A 474 -50.74 -16.81 47.94
C GLY A 474 -51.38 -16.54 49.27
N GLN A 475 -52.39 -17.31 49.65
CA GLN A 475 -53.04 -17.19 50.96
C GLN A 475 -53.68 -18.54 51.28
N VAL A 476 -54.11 -18.68 52.53
CA VAL A 476 -54.63 -19.97 52.98
C VAL A 476 -56.07 -20.16 52.52
N ASN A 477 -56.93 -19.16 52.76
CA ASN A 477 -58.36 -19.27 52.47
C ASN A 477 -58.82 -18.03 51.71
N GLY A 478 -60.02 -18.13 51.13
CA GLY A 478 -60.69 -17.00 50.54
C GLY A 478 -62.16 -16.97 50.91
N LEU A 479 -62.90 -16.02 50.36
CA LEU A 479 -64.32 -15.87 50.67
C LEU A 479 -65.14 -16.90 49.88
N ARG A 480 -65.93 -17.69 50.61
CA ARG A 480 -66.80 -18.71 49.99
C ARG A 480 -67.92 -18.03 49.21
N LEU A 481 -67.99 -18.30 47.90
CA LEU A 481 -69.01 -17.73 47.04
C LEU A 481 -70.05 -18.79 46.68
N SER A 482 -71.33 -18.49 46.95
CA SER A 482 -72.42 -19.41 46.64
C SER A 482 -73.62 -18.63 46.11
N GLN A 483 -74.40 -19.30 45.26
CA GLN A 483 -75.67 -18.72 44.81
C GLN A 483 -76.72 -18.78 45.92
N ALA A 484 -76.66 -19.80 46.77
CA ALA A 484 -77.69 -19.96 47.80
C ALA A 484 -77.63 -18.83 48.83
N ASN A 485 -76.43 -18.50 49.30
CA ASN A 485 -76.28 -17.41 50.26
C ASN A 485 -76.03 -16.07 49.58
N LYS A 486 -75.76 -16.07 48.27
CA LYS A 486 -75.54 -14.83 47.52
C LYS A 486 -74.45 -13.99 48.18
N ASP A 487 -73.36 -14.65 48.55
CA ASP A 487 -72.25 -13.98 49.21
C ASP A 487 -71.69 -12.90 48.30
N LYS A 488 -71.50 -11.70 48.85
CA LYS A 488 -71.05 -10.58 48.05
C LYS A 488 -70.31 -9.57 48.92
N LEU A 489 -69.58 -8.68 48.25
CA LEU A 489 -68.89 -7.57 48.89
C LEU A 489 -69.42 -6.26 48.31
N LEU A 490 -70.01 -5.44 49.16
CA LEU A 490 -70.62 -4.17 48.78
C LEU A 490 -69.69 -3.02 49.16
N TYR A 491 -69.47 -2.11 48.21
CA TYR A 491 -68.86 -0.82 48.51
C TYR A 491 -69.92 0.27 48.40
N SER A 492 -69.86 1.25 49.29
CA SER A 492 -70.76 2.40 49.16
C SER A 492 -70.29 3.37 48.08
N ARG A 493 -69.01 3.33 47.72
CA ARG A 493 -68.48 4.17 46.66
C ARG A 493 -69.23 3.99 45.35
N THR A 494 -69.53 5.10 44.68
CA THR A 494 -70.17 5.10 43.38
C THR A 494 -69.14 5.46 42.31
N ALA A 495 -69.37 4.97 41.11
CA ALA A 495 -68.48 5.27 39.99
C ALA A 495 -68.69 6.70 39.52
N GLY A 496 -67.57 7.38 39.23
CA GLY A 496 -67.61 8.73 38.73
C GLY A 496 -67.10 8.83 37.31
N PRO A 497 -67.16 10.02 36.72
CA PRO A 497 -66.79 10.16 35.30
C PRO A 497 -65.34 9.87 34.98
N GLU A 498 -64.44 9.89 35.96
CA GLU A 498 -63.07 9.48 35.65
C GLU A 498 -62.98 7.98 35.46
N GLY A 499 -63.97 7.21 35.92
CA GLY A 499 -63.98 5.78 35.75
C GLY A 499 -63.42 5.02 36.95
N ILE A 500 -63.36 3.71 36.79
CA ILE A 500 -63.03 2.81 37.89
C ILE A 500 -62.34 1.57 37.31
N THR A 501 -61.48 0.96 38.11
CA THR A 501 -60.91 -0.35 37.82
C THR A 501 -61.26 -1.30 38.96
N MET A 502 -61.78 -2.48 38.63
CA MET A 502 -62.13 -3.49 39.62
C MET A 502 -61.53 -4.82 39.22
N ALA A 503 -60.97 -5.54 40.20
CA ALA A 503 -60.34 -6.82 39.92
C ALA A 503 -60.41 -7.70 41.16
N ALA A 504 -60.33 -9.01 40.93
CA ALA A 504 -60.32 -9.97 42.02
C ALA A 504 -59.79 -11.31 41.50
N VAL A 505 -59.27 -12.10 42.42
CA VAL A 505 -59.04 -13.52 42.14
C VAL A 505 -60.35 -14.26 42.37
N ILE A 506 -60.81 -14.98 41.37
CA ILE A 506 -62.01 -15.81 41.48
C ILE A 506 -61.65 -17.23 41.10
N VAL A 507 -61.97 -18.17 41.98
CA VAL A 507 -61.77 -19.59 41.71
C VAL A 507 -63.15 -20.17 41.46
N PRO A 508 -63.63 -20.20 40.22
CA PRO A 508 -65.01 -20.61 39.96
C PRO A 508 -65.18 -22.12 40.06
N THR A 509 -66.29 -22.50 40.69
CA THR A 509 -66.77 -23.88 40.62
C THR A 509 -67.76 -23.96 39.47
N ILE A 510 -67.41 -24.70 38.44
CA ILE A 510 -68.20 -24.77 37.21
C ILE A 510 -68.87 -26.13 37.16
N SER A 511 -70.20 -26.13 37.15
CA SER A 511 -70.98 -27.37 37.06
C SER A 511 -72.00 -27.27 35.94
N GLY A 512 -73.26 -27.04 36.27
CA GLY A 512 -74.31 -26.95 35.28
C GLY A 512 -74.51 -25.56 34.74
N ALA A 513 -75.72 -25.33 34.19
CA ALA A 513 -76.07 -24.00 33.72
C ALA A 513 -76.13 -23.04 34.90
N GLU A 514 -75.59 -21.84 34.72
CA GLU A 514 -75.41 -20.92 35.84
C GLU A 514 -75.00 -19.56 35.29
N VAL A 515 -75.32 -18.52 36.06
CA VAL A 515 -74.85 -17.17 35.78
C VAL A 515 -73.91 -16.74 36.90
N PHE A 516 -72.64 -16.53 36.56
CA PHE A 516 -71.68 -15.99 37.50
C PHE A 516 -71.65 -14.48 37.31
N ASN A 517 -71.94 -13.71 38.38
CA ASN A 517 -71.81 -12.26 38.33
C ASN A 517 -70.50 -11.86 39.03
N PHE A 518 -69.45 -11.69 38.24
CA PHE A 518 -68.13 -11.41 38.80
C PHE A 518 -68.09 -10.08 39.54
N MET A 519 -68.67 -9.03 38.96
CA MET A 519 -68.66 -7.73 39.62
C MET A 519 -69.67 -6.84 38.91
N ALA A 520 -70.10 -5.78 39.59
CA ALA A 520 -71.12 -4.92 39.01
C ALA A 520 -70.96 -3.50 39.52
N ILE A 521 -71.52 -2.57 38.76
CA ILE A 521 -71.70 -1.19 39.17
C ILE A 521 -73.20 -0.93 39.21
N GLY A 522 -73.70 -0.50 40.36
CA GLY A 522 -75.13 -0.31 40.48
C GLY A 522 -75.84 -1.66 40.57
N SER A 523 -77.12 -1.63 40.19
CA SER A 523 -77.96 -2.82 40.20
C SER A 523 -79.01 -2.67 39.11
N GLY A 524 -79.65 -3.79 38.76
CA GLY A 524 -80.65 -3.83 37.72
C GLY A 524 -80.05 -3.73 36.33
N PHE A 525 -80.89 -3.87 35.31
CA PHE A 525 -80.41 -3.86 33.93
C PHE A 525 -81.57 -3.39 33.05
N SER A 526 -81.54 -2.10 32.70
CA SER A 526 -82.61 -1.49 31.90
C SER A 526 -82.11 -0.17 31.35
N ASP A 527 -83.00 0.51 30.61
CA ASP A 527 -82.68 1.79 30.00
C ASP A 527 -82.26 2.83 31.03
N THR A 528 -82.65 2.68 32.29
CA THR A 528 -82.34 3.67 33.32
C THR A 528 -81.62 3.05 34.53
N SER A 529 -81.10 1.83 34.39
CA SER A 529 -80.45 1.19 35.53
C SER A 529 -79.10 1.82 35.89
N ASN A 530 -78.46 2.54 34.97
CA ASN A 530 -77.16 3.14 35.21
C ASN A 530 -76.19 2.11 35.78
N SER A 531 -76.07 0.98 35.09
CA SER A 531 -75.44 -0.19 35.69
C SER A 531 -74.53 -0.92 34.70
N LEU A 532 -73.57 -1.65 35.28
CA LEU A 532 -72.65 -2.52 34.58
C LEU A 532 -72.60 -3.86 35.29
N HIS A 533 -72.58 -4.94 34.51
CA HIS A 533 -72.34 -6.29 34.99
C HIS A 533 -71.29 -6.96 34.12
N LEU A 534 -70.35 -7.66 34.75
CA LEU A 534 -69.50 -8.61 34.05
C LEU A 534 -69.89 -10.02 34.47
N GLN A 535 -70.38 -10.82 33.53
CA GLN A 535 -70.93 -12.13 33.86
C GLN A 535 -70.31 -13.20 33.00
N LEU A 536 -70.22 -14.40 33.56
CA LEU A 536 -69.99 -15.63 32.81
C LEU A 536 -71.28 -16.43 32.82
N VAL A 537 -71.86 -16.67 31.64
CA VAL A 537 -73.12 -17.37 31.51
C VAL A 537 -72.84 -18.76 30.94
N ILE A 538 -73.33 -19.79 31.63
CA ILE A 538 -73.11 -21.17 31.21
C ILE A 538 -74.48 -21.78 30.93
N ASP A 539 -74.64 -22.34 29.74
CA ASP A 539 -75.91 -22.93 29.34
C ASP A 539 -75.92 -24.42 29.63
N ALA A 540 -77.01 -25.08 29.24
CA ALA A 540 -77.21 -26.48 29.60
C ALA A 540 -76.16 -27.38 28.96
N SER A 541 -75.65 -27.01 27.79
CA SER A 541 -74.66 -27.85 27.12
C SER A 541 -73.24 -27.61 27.63
N GLY A 542 -73.05 -26.65 28.53
CA GLY A 542 -71.74 -26.33 29.03
C GLY A 542 -71.03 -25.21 28.30
N LYS A 543 -71.67 -24.61 27.31
CA LYS A 543 -71.07 -23.50 26.58
C LYS A 543 -70.99 -22.27 27.48
N GLN A 544 -69.84 -21.59 27.43
CA GLN A 544 -69.55 -20.45 28.29
C GLN A 544 -69.56 -19.16 27.47
N THR A 545 -70.22 -18.13 28.01
CA THR A 545 -70.31 -16.82 27.38
C THR A 545 -69.86 -15.78 28.38
N ILE A 546 -68.92 -14.92 27.97
CA ILE A 546 -68.55 -13.76 28.77
C ILE A 546 -69.39 -12.57 28.30
N ALA A 547 -70.16 -12.00 29.22
CA ALA A 547 -71.13 -10.98 28.89
C ALA A 547 -70.86 -9.73 29.71
N LEU A 548 -70.79 -8.60 29.03
CA LEU A 548 -70.74 -7.29 29.65
C LEU A 548 -72.10 -6.64 29.47
N LEU A 549 -72.77 -6.34 30.58
CA LEU A 549 -74.09 -5.71 30.57
C LEU A 549 -73.98 -4.24 30.93
N LEU A 550 -74.48 -3.39 30.04
CA LEU A 550 -74.45 -1.94 30.22
C LEU A 550 -75.85 -1.40 30.08
N GLY A 551 -76.29 -0.65 31.09
CA GLY A 551 -77.59 -0.01 31.07
C GLY A 551 -77.49 1.45 31.44
N GLY A 552 -78.03 2.32 30.62
CA GLY A 552 -77.97 3.75 30.86
C GLY A 552 -78.03 4.50 29.55
N ASP A 553 -77.98 5.82 29.66
CA ASP A 553 -78.04 6.68 28.48
C ASP A 553 -79.24 6.30 27.61
N GLY A 554 -80.37 5.98 28.27
CA GLY A 554 -81.61 5.69 27.58
C GLY A 554 -81.67 4.36 26.87
N THR A 555 -80.74 3.44 27.11
CA THR A 555 -80.76 2.18 26.39
C THR A 555 -80.03 1.12 27.20
N THR A 556 -79.92 -0.06 26.60
CA THR A 556 -79.15 -1.17 27.16
C THR A 556 -78.31 -1.79 26.04
N GLN A 557 -77.21 -2.44 26.44
CA GLN A 557 -76.39 -3.16 25.49
C GLN A 557 -75.73 -4.33 26.19
N ILE A 558 -75.71 -5.49 25.53
CA ILE A 558 -74.98 -6.66 26.00
C ILE A 558 -73.87 -6.93 25.01
N LEU A 559 -72.63 -6.83 25.47
CA LEU A 559 -71.46 -7.15 24.66
C LEU A 559 -70.98 -8.50 25.14
N SER A 560 -71.31 -9.55 24.39
CA SER A 560 -71.07 -10.92 24.82
C SER A 560 -70.28 -11.66 23.75
N GLY A 561 -69.64 -12.75 24.17
CA GLY A 561 -68.96 -13.64 23.27
C GLY A 561 -68.93 -15.07 23.77
N ASP A 562 -69.19 -16.03 22.89
CA ASP A 562 -69.08 -17.44 23.24
C ASP A 562 -67.61 -17.85 23.23
N LEU A 563 -67.15 -18.44 24.32
CA LEU A 563 -65.75 -18.82 24.38
C LEU A 563 -65.52 -20.12 23.62
N PRO A 564 -64.50 -20.19 22.77
CA PRO A 564 -64.11 -21.49 22.21
C PRO A 564 -63.71 -22.44 23.32
N ASN A 565 -63.85 -23.74 23.06
CA ASN A 565 -63.60 -24.74 24.09
C ASN A 565 -62.21 -24.62 24.69
N ASP A 566 -61.20 -24.32 23.86
CA ASP A 566 -59.85 -24.28 24.41
C ASP A 566 -59.61 -23.06 25.29
N LEU A 567 -60.55 -22.12 25.34
CA LEU A 567 -60.44 -20.93 26.18
C LEU A 567 -61.41 -20.91 27.36
N LYS A 568 -62.20 -21.97 27.55
CA LYS A 568 -63.19 -21.99 28.61
C LYS A 568 -62.50 -21.92 29.97
N LEU A 569 -63.17 -21.28 30.94
CA LEU A 569 -62.70 -21.33 32.31
C LEU A 569 -62.90 -22.73 32.88
N GLN A 570 -61.98 -23.15 33.73
CA GLN A 570 -61.99 -24.50 34.27
C GLN A 570 -62.29 -24.46 35.76
N SER A 571 -63.09 -25.41 36.20
CA SER A 571 -63.52 -25.46 37.59
C SER A 571 -62.32 -25.62 38.51
N GLY A 572 -62.30 -24.85 39.60
CA GLY A 572 -61.25 -24.94 40.58
C GLY A 572 -59.93 -24.29 40.20
N VAL A 573 -59.85 -23.62 39.06
CA VAL A 573 -58.63 -22.93 38.64
C VAL A 573 -58.77 -21.45 38.99
N PRO A 574 -57.76 -20.85 39.64
CA PRO A 574 -57.85 -19.43 40.00
C PRO A 574 -57.61 -18.53 38.78
N TYR A 575 -58.49 -17.55 38.60
CA TYR A 575 -58.37 -16.56 37.55
C TYR A 575 -58.36 -15.18 38.16
N HIS A 576 -57.48 -14.32 37.67
CA HIS A 576 -57.55 -12.90 37.95
C HIS A 576 -58.48 -12.26 36.93
N ILE A 577 -59.55 -11.67 37.41
CA ILE A 577 -60.60 -11.10 36.57
C ILE A 577 -60.63 -9.60 36.84
N ALA A 578 -60.46 -8.81 35.79
CA ALA A 578 -60.31 -7.37 35.93
C ALA A 578 -61.16 -6.67 34.88
N ILE A 579 -61.67 -5.49 35.25
CA ILE A 579 -62.35 -4.62 34.32
C ILE A 579 -61.89 -3.20 34.59
N GLY A 580 -61.77 -2.41 33.52
CA GLY A 580 -61.69 -0.97 33.61
C GLY A 580 -62.94 -0.39 32.95
N ALA A 581 -63.56 0.57 33.63
CA ALA A 581 -64.82 1.10 33.13
C ALA A 581 -64.89 2.60 33.33
N LYS A 582 -65.24 3.30 32.26
CA LYS A 582 -65.47 4.73 32.26
C LYS A 582 -66.34 5.06 31.06
N PRO A 583 -66.93 6.24 31.00
CA PRO A 583 -67.73 6.60 29.84
C PRO A 583 -66.97 6.33 28.56
N GLY A 584 -67.60 5.60 27.64
CA GLY A 584 -67.01 5.35 26.34
C GLY A 584 -65.81 4.43 26.31
N TYR A 585 -65.56 3.65 27.36
CA TYR A 585 -64.30 2.92 27.42
C TYR A 585 -64.44 1.80 28.46
N PHE A 586 -64.66 0.58 27.98
CA PHE A 586 -64.85 -0.58 28.84
C PHE A 586 -63.97 -1.72 28.33
N TRP A 587 -63.23 -2.34 29.24
CA TRP A 587 -62.44 -3.52 28.91
C TRP A 587 -62.52 -4.52 30.04
N TRP A 588 -62.40 -5.79 29.69
CA TRP A 588 -62.38 -6.85 30.69
C TRP A 588 -61.26 -7.83 30.34
N SER A 589 -60.78 -8.53 31.37
CA SER A 589 -59.66 -9.43 31.21
C SER A 589 -59.82 -10.57 32.20
N ILE A 590 -59.50 -11.79 31.76
CA ILE A 590 -59.58 -12.99 32.59
C ILE A 590 -58.27 -13.73 32.43
N LEU A 591 -57.55 -13.93 33.54
CA LEU A 591 -56.16 -14.38 33.50
C LEU A 591 -55.99 -15.63 34.36
N ASN A 592 -55.58 -16.73 33.74
CA ASN A 592 -55.26 -17.94 34.47
C ASN A 592 -53.93 -17.75 35.20
N ILE A 593 -53.98 -17.68 36.54
CA ILE A 593 -52.78 -17.33 37.30
C ILE A 593 -51.81 -18.49 37.41
N GLN A 594 -52.20 -19.69 37.00
CA GLN A 594 -51.31 -20.84 37.01
C GLN A 594 -50.58 -21.03 35.69
N THR A 595 -51.22 -20.70 34.57
CA THR A 595 -50.57 -20.80 33.27
C THR A 595 -50.16 -19.45 32.70
N GLY A 596 -50.70 -18.34 33.22
CA GLY A 596 -50.47 -17.04 32.63
C GLY A 596 -51.27 -16.75 31.37
N LYS A 597 -52.13 -17.67 30.93
CA LYS A 597 -52.89 -17.46 29.71
C LYS A 597 -54.05 -16.51 29.99
N ARG A 598 -54.27 -15.57 29.07
CA ARG A 598 -55.20 -14.47 29.29
C ARG A 598 -56.19 -14.39 28.13
N ILE A 599 -57.41 -14.00 28.44
CA ILE A 599 -58.41 -13.62 27.45
C ILE A 599 -58.95 -12.26 27.84
N ARG A 600 -59.47 -11.54 26.85
CA ARG A 600 -59.73 -10.12 27.03
C ARG A 600 -60.53 -9.58 25.85
N ARG A 601 -61.26 -8.49 26.11
CA ARG A 601 -61.91 -7.73 25.07
C ARG A 601 -62.02 -6.28 25.53
N SER A 602 -62.03 -5.36 24.58
CA SER A 602 -62.05 -3.94 24.87
C SER A 602 -63.02 -3.24 23.94
N PHE A 603 -63.77 -2.28 24.49
CA PHE A 603 -64.86 -1.65 23.76
C PHE A 603 -64.76 -0.13 23.83
N ARG A 604 -64.50 0.50 22.68
CA ARG A 604 -64.50 1.94 22.55
C ARG A 604 -65.17 2.29 21.22
N GLY A 605 -65.62 3.52 21.10
CA GLY A 605 -66.06 4.00 19.80
C GLY A 605 -67.25 3.23 19.26
N ALA A 606 -67.15 2.83 17.99
CA ALA A 606 -68.29 2.26 17.27
C ALA A 606 -68.81 0.98 17.89
N TYR A 607 -68.04 0.31 18.73
CA TYR A 607 -68.53 -0.91 19.36
C TYR A 607 -69.58 -0.64 20.42
N LEU A 608 -69.66 0.59 20.91
CA LEU A 608 -70.62 0.98 21.94
C LEU A 608 -71.77 1.71 21.28
N ALA A 609 -73.00 1.34 21.67
CA ALA A 609 -74.16 2.06 21.15
C ALA A 609 -74.19 3.49 21.66
N VAL A 610 -73.83 3.70 22.92
CA VAL A 610 -73.76 5.02 23.53
C VAL A 610 -72.54 4.99 24.44
N PRO A 611 -72.05 6.12 24.94
CA PRO A 611 -70.95 6.05 25.91
C PRO A 611 -71.37 5.47 27.24
N PHE A 612 -72.67 5.48 27.55
CA PHE A 612 -73.16 5.08 28.86
C PHE A 612 -72.61 6.02 29.94
N ASN A 613 -72.72 7.32 29.68
CA ASN A 613 -72.30 8.32 30.66
C ASN A 613 -73.01 8.12 32.00
N SER A 614 -74.30 7.83 31.97
CA SER A 614 -75.10 7.80 33.19
C SER A 614 -74.73 6.65 34.10
N ILE A 615 -73.90 5.71 33.66
CA ILE A 615 -73.35 4.74 34.61
C ILE A 615 -72.44 5.44 35.62
N PHE A 616 -71.91 6.61 35.28
CA PHE A 616 -70.83 7.27 36.03
C PHE A 616 -71.25 8.61 36.62
N GLY A 617 -72.53 8.77 36.93
CA GLY A 617 -73.02 10.01 37.48
C GLY A 617 -73.04 10.02 39.00
N LEU A 618 -72.09 9.31 39.61
CA LEU A 618 -71.96 9.25 41.06
C LEU A 618 -73.24 8.75 41.71
N THR A 619 -73.88 7.77 41.08
CA THR A 619 -75.11 7.18 41.59
C THR A 619 -75.07 5.68 41.82
N SER A 620 -74.12 4.97 41.24
CA SER A 620 -74.17 3.51 41.23
C SER A 620 -72.93 2.95 41.95
N SER A 621 -73.18 2.13 42.95
CA SER A 621 -72.13 1.67 43.85
C SER A 621 -71.48 0.39 43.31
N LEU A 622 -70.28 0.10 43.83
CA LEU A 622 -69.48 -1.01 43.34
C LEU A 622 -69.73 -2.26 44.17
N THR A 623 -69.91 -3.39 43.50
CA THR A 623 -70.13 -4.67 44.17
C THR A 623 -69.25 -5.73 43.54
N PHE A 624 -68.71 -6.63 44.37
CA PHE A 624 -67.99 -7.80 43.90
C PHE A 624 -68.84 -9.05 44.14
N PHE A 625 -68.94 -9.90 43.11
CA PHE A 625 -69.57 -11.23 43.14
C PHE A 625 -71.09 -11.19 43.07
N SER A 626 -71.67 -10.03 42.76
CA SER A 626 -73.12 -9.85 42.62
C SER A 626 -73.33 -8.40 42.26
N ASP A 627 -74.57 -7.92 42.24
CA ASP A 627 -74.80 -6.49 42.20
C ASP A 627 -75.28 -6.01 43.57
N SER A 628 -75.60 -4.72 43.67
CA SER A 628 -75.85 -4.11 44.95
C SER A 628 -77.19 -4.50 45.57
N ASN A 629 -78.07 -5.14 44.81
CA ASN A 629 -79.42 -5.47 45.27
C ASN A 629 -79.49 -6.91 45.79
N ALA A 630 -80.41 -7.13 46.74
CA ALA A 630 -80.58 -8.47 47.32
C ALA A 630 -80.96 -9.51 46.27
N GLY A 631 -81.62 -9.11 45.19
CA GLY A 631 -82.02 -10.07 44.17
C GLY A 631 -80.99 -10.36 43.12
N GLY A 632 -79.77 -9.84 43.25
CA GLY A 632 -78.79 -10.01 42.20
C GLY A 632 -78.24 -11.43 42.12
N ASP A 633 -77.85 -11.80 40.90
CA ASP A 633 -77.12 -13.03 40.68
C ASP A 633 -75.80 -13.01 41.46
N ALA A 634 -75.30 -14.19 41.81
CA ALA A 634 -74.03 -14.25 42.53
C ALA A 634 -73.02 -15.17 41.84
N CYS A 635 -72.18 -15.85 42.63
CA CYS A 635 -71.13 -16.71 42.11
C CYS A 635 -71.09 -18.03 42.84
N SER A 636 -70.37 -18.98 42.25
CA SER A 636 -70.04 -20.26 42.87
C SER A 636 -68.53 -20.43 42.84
N GLY A 637 -67.93 -20.60 44.01
CA GLY A 637 -66.48 -20.75 44.10
C GLY A 637 -65.89 -19.98 45.26
N VAL A 638 -64.74 -19.35 45.05
CA VAL A 638 -64.04 -18.64 46.10
C VAL A 638 -63.49 -17.34 45.52
N GLY A 639 -63.48 -16.29 46.33
CA GLY A 639 -62.97 -15.01 45.90
C GLY A 639 -61.81 -14.57 46.79
N ALA A 640 -60.91 -13.79 46.22
CA ALA A 640 -59.74 -13.34 46.97
C ALA A 640 -59.16 -12.10 46.32
N LYS A 641 -58.43 -11.32 47.13
CA LYS A 641 -57.63 -10.18 46.67
C LYS A 641 -58.47 -9.25 45.80
N VAL A 642 -59.54 -8.74 46.39
CA VAL A 642 -60.40 -7.77 45.72
C VAL A 642 -59.69 -6.43 45.65
N TYR A 643 -59.68 -5.84 44.45
CA TYR A 643 -59.00 -4.57 44.22
C TYR A 643 -59.96 -3.57 43.61
N VAL A 644 -60.02 -2.38 44.18
CA VAL A 644 -60.71 -1.25 43.59
C VAL A 644 -59.70 -0.13 43.42
N GLY A 645 -59.60 0.39 42.18
CA GLY A 645 -58.78 1.55 41.92
C GLY A 645 -59.49 2.51 41.00
N MET A 646 -58.91 3.70 40.88
CA MET A 646 -59.35 4.60 39.82
C MET A 646 -58.93 4.02 38.47
N PHE A 647 -59.44 4.62 37.40
CA PHE A 647 -59.38 3.99 36.08
C PHE A 647 -57.94 3.74 35.65
N SER A 648 -57.67 2.50 35.23
CA SER A 648 -56.44 2.11 34.56
C SER A 648 -56.79 1.58 33.18
N SER A 649 -55.97 1.96 32.18
CA SER A 649 -56.06 1.36 30.86
C SER A 649 -55.70 -0.12 30.92
N GLU A 650 -56.12 -0.88 29.91
CA GLU A 650 -55.65 -2.25 29.82
C GLU A 650 -54.13 -2.28 29.65
N ASN A 651 -53.57 -1.25 29.01
CA ASN A 651 -52.13 -1.07 28.92
C ASN A 651 -51.47 -1.17 30.30
N ASP A 652 -51.89 -0.32 31.23
CA ASP A 652 -51.33 -0.34 32.58
C ASP A 652 -51.69 -1.63 33.33
N TYR A 653 -52.90 -2.16 33.13
CA TYR A 653 -53.24 -3.41 33.78
C TYR A 653 -52.26 -4.50 33.39
N VAL A 654 -52.08 -4.70 32.07
CA VAL A 654 -51.15 -5.72 31.58
C VAL A 654 -49.73 -5.43 32.05
N ALA A 655 -49.29 -4.18 31.94
CA ALA A 655 -47.95 -3.85 32.38
C ALA A 655 -47.73 -4.28 33.83
N SER A 656 -48.72 -4.03 34.69
CA SER A 656 -48.60 -4.38 36.10
C SER A 656 -48.57 -5.89 36.31
N ARG A 657 -49.16 -6.67 35.39
CA ARG A 657 -49.12 -8.12 35.54
C ARG A 657 -47.69 -8.66 35.42
N TYR A 658 -46.79 -7.93 34.76
CA TYR A 658 -45.41 -8.39 34.72
C TYR A 658 -44.74 -8.33 36.08
N TYR A 659 -45.25 -7.51 37.01
CA TYR A 659 -44.76 -7.55 38.39
C TYR A 659 -45.25 -8.81 39.11
N ASN A 660 -46.53 -9.14 38.94
CA ASN A 660 -47.20 -10.15 39.72
C ASN A 660 -48.62 -10.33 39.17
N LEU A 661 -49.09 -11.57 39.07
CA LEU A 661 -50.34 -11.81 38.35
C LEU A 661 -51.58 -11.40 39.12
N ILE A 662 -51.51 -11.25 40.45
CA ILE A 662 -52.71 -11.08 41.25
C ILE A 662 -52.68 -9.84 42.14
N ASN A 663 -51.61 -9.05 42.11
CA ASN A 663 -51.48 -7.90 43.01
C ASN A 663 -52.28 -6.70 42.50
N PRO A 664 -52.41 -5.65 43.32
CA PRO A 664 -53.11 -4.44 42.88
C PRO A 664 -52.51 -3.88 41.60
N VAL A 665 -53.35 -3.18 40.83
CA VAL A 665 -52.92 -2.68 39.52
C VAL A 665 -51.99 -1.48 39.68
N ASP A 666 -52.44 -0.44 40.40
CA ASP A 666 -51.72 0.83 40.43
C ASP A 666 -51.77 1.44 41.83
N PRO A 667 -50.70 1.29 42.61
CA PRO A 667 -50.70 1.86 43.97
C PRO A 667 -51.09 3.33 44.05
N THR A 668 -50.77 4.14 43.05
CA THR A 668 -51.17 5.54 43.13
C THR A 668 -52.66 5.73 42.89
N LYS A 669 -53.35 4.72 42.36
CA LYS A 669 -54.78 4.79 42.12
C LYS A 669 -55.57 3.88 43.06
N LEU A 670 -54.90 3.20 43.99
CA LEU A 670 -55.54 2.19 44.81
C LEU A 670 -56.55 2.85 45.75
N ILE A 671 -57.78 2.33 45.75
CA ILE A 671 -58.83 2.79 46.64
C ILE A 671 -59.14 1.75 47.71
N SER A 672 -59.10 0.48 47.35
CA SER A 672 -59.37 -0.62 48.28
C SER A 672 -58.60 -1.85 47.82
N TYR A 673 -58.13 -2.62 48.78
CA TYR A 673 -57.48 -3.90 48.50
C TYR A 673 -57.72 -4.81 49.68
N ARG A 674 -58.52 -5.86 49.50
CA ARG A 674 -58.89 -6.77 50.58
C ARG A 674 -58.44 -8.18 50.22
N ILE A 675 -57.58 -8.76 51.05
CA ILE A 675 -57.05 -10.10 50.77
C ILE A 675 -58.12 -11.17 50.91
N LEU A 676 -58.96 -11.06 51.95
CA LEU A 676 -60.05 -12.01 52.22
C LEU A 676 -59.52 -13.34 52.75
N ASP A 677 -58.39 -13.34 53.44
CA ASP A 677 -57.88 -14.54 54.10
C ASP A 677 -58.45 -14.59 55.52
N SER A 678 -59.70 -15.04 55.62
CA SER A 678 -60.43 -15.15 56.88
C SER A 678 -60.70 -13.78 57.52
N SER A 679 -60.81 -12.74 56.71
CA SER A 679 -61.29 -11.43 57.15
C SER A 679 -61.83 -10.70 55.93
N ILE A 680 -62.53 -9.61 56.18
CA ILE A 680 -63.13 -8.82 55.11
C ILE A 680 -62.37 -7.53 54.92
N ASP B 5 -4.30 6.18 -58.12
CA ASP B 5 -2.92 6.09 -57.68
C ASP B 5 -2.74 6.54 -56.23
N SER B 6 -2.63 7.85 -56.04
CA SER B 6 -2.46 8.40 -54.70
C SER B 6 -3.72 8.25 -53.86
N PHE B 7 -4.89 8.29 -54.50
CA PHE B 7 -6.12 8.06 -53.76
C PHE B 7 -6.13 6.73 -53.02
N ILE B 8 -5.83 5.64 -53.71
CA ILE B 8 -5.96 4.35 -53.05
C ILE B 8 -4.94 4.24 -51.92
N ASN B 9 -3.78 4.86 -52.11
CA ASN B 9 -2.73 4.83 -51.09
C ASN B 9 -3.10 5.69 -49.89
N VAL B 10 -3.69 6.86 -50.12
CA VAL B 10 -4.12 7.71 -49.01
C VAL B 10 -5.13 6.97 -48.15
N ILE B 11 -6.12 6.34 -48.79
CA ILE B 11 -7.16 5.64 -48.04
C ILE B 11 -6.57 4.53 -47.18
N ASN B 12 -5.63 3.76 -47.74
CA ASN B 12 -5.01 2.68 -46.96
C ASN B 12 -4.19 3.21 -45.79
N THR B 13 -3.54 4.37 -45.95
CA THR B 13 -2.80 4.95 -44.83
C THR B 13 -3.74 5.36 -43.71
N LEU B 14 -4.82 6.05 -44.07
CA LEU B 14 -5.83 6.45 -43.09
C LEU B 14 -6.53 5.25 -42.48
N GLY B 15 -6.60 4.13 -43.20
CA GLY B 15 -7.31 2.99 -42.69
C GLY B 15 -6.54 2.10 -41.74
N ARG B 16 -5.24 2.35 -41.54
CA ARG B 16 -4.49 1.56 -40.58
C ARG B 16 -4.93 1.86 -39.14
N ASN B 17 -4.51 0.99 -38.23
CA ASN B 17 -4.95 1.08 -36.85
C ASN B 17 -4.66 2.44 -36.22
N ASP B 18 -3.58 3.10 -36.62
CA ASP B 18 -3.23 4.40 -36.06
C ASP B 18 -3.77 5.56 -36.88
N GLY B 19 -4.78 5.31 -37.74
CA GLY B 19 -5.21 6.32 -38.70
C GLY B 19 -5.70 7.62 -38.08
N ALA B 20 -6.16 7.58 -36.83
CA ALA B 20 -6.61 8.82 -36.18
C ALA B 20 -5.49 9.85 -36.06
N LYS B 21 -4.23 9.41 -36.09
CA LYS B 21 -3.10 10.32 -35.91
C LYS B 21 -3.02 11.39 -36.98
N TYR B 22 -3.70 11.19 -38.12
CA TYR B 22 -3.62 12.12 -39.24
C TYR B 22 -4.63 13.26 -39.17
N ILE B 23 -5.60 13.22 -38.25
CA ILE B 23 -6.58 14.27 -38.12
C ILE B 23 -6.03 15.33 -37.17
N GLY B 24 -5.88 16.55 -37.66
CA GLY B 24 -5.30 17.60 -36.85
C GLY B 24 -6.17 17.96 -35.67
N GLU B 25 -5.59 18.79 -34.79
CA GLU B 25 -6.25 19.18 -33.55
C GLU B 25 -5.63 20.48 -33.06
N CYS B 26 -6.39 21.20 -32.25
CA CYS B 26 -5.84 22.35 -31.54
C CYS B 26 -5.00 21.88 -30.35
N HIS B 27 -3.81 22.43 -30.21
CA HIS B 27 -2.96 22.03 -29.08
C HIS B 27 -3.18 22.90 -27.85
N SER B 28 -4.11 23.85 -27.87
CA SER B 28 -4.40 24.68 -26.70
C SER B 28 -5.67 25.47 -26.94
N VAL B 29 -6.28 25.95 -25.86
CA VAL B 29 -7.44 26.83 -26.02
C VAL B 29 -7.00 28.12 -26.68
N ALA B 30 -5.72 28.49 -26.52
CA ALA B 30 -5.20 29.66 -27.19
C ALA B 30 -5.24 29.49 -28.71
N ASP B 31 -4.85 28.32 -29.20
CA ASP B 31 -5.01 28.03 -30.63
C ASP B 31 -6.48 28.08 -31.02
N LEU B 32 -7.35 27.52 -30.19
CA LEU B 32 -8.77 27.48 -30.49
C LEU B 32 -9.32 28.87 -30.73
N ARG B 33 -8.86 29.86 -29.96
CA ARG B 33 -9.30 31.23 -30.15
C ARG B 33 -8.83 31.83 -31.46
N ASN B 34 -7.80 31.24 -32.09
CA ASN B 34 -7.30 31.71 -33.37
C ASN B 34 -7.74 30.81 -34.52
N THR B 35 -8.65 29.89 -34.27
CA THR B 35 -9.18 29.00 -35.30
C THR B 35 -10.61 29.44 -35.60
N GLU B 36 -10.82 29.97 -36.78
CA GLU B 36 -12.15 30.42 -37.15
C GLU B 36 -12.89 29.28 -37.84
N PRO B 37 -14.08 28.91 -37.39
CA PRO B 37 -14.85 27.87 -38.08
C PRO B 37 -15.38 28.38 -39.41
N THR B 38 -15.49 27.47 -40.39
CA THR B 38 -15.99 27.81 -41.70
C THR B 38 -17.38 27.26 -41.98
N MET B 39 -18.04 26.68 -40.98
CA MET B 39 -19.34 26.07 -41.18
C MET B 39 -19.99 25.84 -39.81
N ASP B 40 -21.33 25.82 -39.82
CA ASP B 40 -22.09 25.77 -38.58
C ASP B 40 -22.00 24.39 -37.94
N GLY B 41 -21.91 24.34 -36.62
CA GLY B 41 -21.77 23.05 -35.95
C GLY B 41 -20.49 22.32 -36.24
N GLN B 42 -19.49 22.99 -36.80
CA GLN B 42 -18.24 22.36 -37.18
C GLN B 42 -17.57 21.69 -35.98
N ARG B 43 -17.12 20.46 -36.18
CA ARG B 43 -16.42 19.70 -35.14
C ARG B 43 -14.93 19.99 -35.16
N ILE B 44 -14.35 20.15 -33.97
CA ILE B 44 -12.91 20.34 -33.84
C ILE B 44 -12.44 19.58 -32.61
N ILE B 45 -11.21 19.07 -32.68
CA ILE B 45 -10.61 18.31 -31.59
C ILE B 45 -9.65 19.21 -30.82
N LEU B 46 -9.80 19.25 -29.51
CA LEU B 46 -8.86 19.95 -28.65
C LEU B 46 -7.98 18.92 -27.95
N LYS B 47 -6.67 18.99 -28.19
CA LYS B 47 -5.77 18.01 -27.59
C LYS B 47 -5.67 18.20 -26.08
N GLN B 48 -5.67 19.46 -25.63
CA GLN B 48 -5.47 19.80 -24.24
C GLN B 48 -5.84 21.26 -24.05
N HIS B 49 -6.08 21.63 -22.79
CA HIS B 49 -6.41 23.02 -22.48
C HIS B 49 -5.19 23.93 -22.61
N THR B 50 -4.10 23.58 -21.93
CA THR B 50 -2.89 24.39 -21.92
C THR B 50 -1.75 23.59 -22.53
N ALA B 51 -0.94 24.26 -23.36
CA ALA B 51 0.11 23.58 -24.09
C ALA B 51 1.00 22.74 -23.18
N GLY B 52 1.19 21.47 -23.57
CA GLY B 52 2.16 20.61 -22.91
C GLY B 52 1.68 19.89 -21.67
N THR B 53 0.37 19.79 -21.46
CA THR B 53 -0.18 19.16 -20.26
C THR B 53 -0.88 17.84 -20.53
N LEU B 54 -1.45 17.68 -21.72
CA LEU B 54 -2.24 16.51 -22.09
C LEU B 54 -3.48 16.37 -21.21
N LEU B 55 -3.90 17.47 -20.57
CA LEU B 55 -5.09 17.52 -19.74
C LEU B 55 -6.10 18.53 -20.28
N GLY B 56 -7.38 18.23 -20.07
CA GLY B 56 -8.45 19.15 -20.42
C GLY B 56 -8.88 19.14 -21.87
N GLY B 57 -8.36 18.22 -22.67
CA GLY B 57 -8.77 18.10 -24.06
C GLY B 57 -10.22 17.65 -24.21
N GLY B 58 -10.65 17.60 -25.46
CA GLY B 58 -12.01 17.18 -25.77
C GLY B 58 -12.37 17.58 -27.19
N VAL B 59 -13.67 17.50 -27.46
CA VAL B 59 -14.24 17.84 -28.75
C VAL B 59 -15.11 19.08 -28.58
N PHE B 60 -15.04 19.99 -29.54
CA PHE B 60 -15.85 21.20 -29.56
C PHE B 60 -16.62 21.31 -30.85
N ARG B 61 -17.73 22.04 -30.80
CA ARG B 61 -18.53 22.33 -31.99
C ARG B 61 -18.75 23.83 -32.05
N ALA B 62 -18.77 24.38 -33.26
CA ALA B 62 -18.70 25.82 -33.45
C ALA B 62 -20.08 26.44 -33.64
N LEU B 63 -20.24 27.65 -33.09
CA LEU B 63 -21.29 28.59 -33.47
C LEU B 63 -20.62 29.78 -34.14
N ILE B 64 -20.91 29.97 -35.44
CA ILE B 64 -20.30 31.08 -36.17
C ILE B 64 -20.67 32.41 -35.54
N ASP B 65 -21.93 32.57 -35.14
CA ASP B 65 -22.37 33.79 -34.46
C ASP B 65 -22.30 33.56 -32.96
N GLY B 66 -21.26 34.11 -32.33
CA GLY B 66 -21.07 33.93 -30.90
C GLY B 66 -21.64 35.02 -30.02
N THR B 67 -22.36 35.99 -30.59
CA THR B 67 -23.02 36.98 -29.75
C THR B 67 -23.95 36.27 -28.77
N GLY B 68 -23.95 36.71 -27.53
CA GLY B 68 -24.71 36.08 -26.48
C GLY B 68 -24.00 34.96 -25.76
N LYS B 69 -22.85 34.49 -26.27
CA LYS B 69 -21.99 33.57 -25.56
C LYS B 69 -20.76 34.31 -25.03
N THR B 70 -20.31 33.93 -23.84
CA THR B 70 -19.16 34.56 -23.18
C THR B 70 -18.04 33.54 -22.98
N ASP B 71 -16.82 33.93 -23.31
CA ASP B 71 -15.67 33.04 -23.10
C ASP B 71 -15.49 32.77 -21.61
N ASN B 72 -15.48 31.49 -21.24
CA ASN B 72 -15.28 31.10 -19.85
C ASN B 72 -14.02 30.28 -19.64
N ASN B 73 -13.20 30.11 -20.68
CA ASN B 73 -11.89 29.48 -20.61
C ASN B 73 -11.94 27.97 -20.39
N GLY B 74 -13.04 27.30 -20.73
CA GLY B 74 -13.09 25.86 -20.55
C GLY B 74 -14.14 25.14 -21.37
N THR B 75 -15.36 25.69 -21.42
CA THR B 75 -16.45 25.07 -22.14
C THR B 75 -17.05 25.97 -23.20
N VAL B 76 -16.79 27.27 -23.14
CA VAL B 76 -17.17 28.23 -24.18
C VAL B 76 -15.92 29.04 -24.49
N ILE B 77 -15.38 28.86 -25.68
CA ILE B 77 -14.15 29.52 -26.11
C ILE B 77 -14.48 30.35 -27.35
N LYS B 78 -14.22 31.65 -27.29
CA LYS B 78 -14.60 32.57 -28.36
C LYS B 78 -13.39 32.93 -29.21
N THR B 79 -13.61 33.00 -30.52
CA THR B 79 -12.57 33.39 -31.46
C THR B 79 -12.55 34.90 -31.64
N VAL B 80 -11.44 35.39 -32.21
CA VAL B 80 -11.32 36.81 -32.51
C VAL B 80 -12.42 37.27 -33.45
N GLY B 81 -12.84 36.40 -34.38
CA GLY B 81 -13.91 36.70 -35.30
C GLY B 81 -15.31 36.65 -34.73
N GLY B 82 -15.46 36.36 -33.44
CA GLY B 82 -16.75 36.36 -32.80
C GLY B 82 -17.47 35.03 -32.78
N ALA B 83 -16.84 33.97 -33.28
CA ALA B 83 -17.42 32.64 -33.17
C ALA B 83 -17.26 32.10 -31.75
N ALA B 84 -18.03 31.06 -31.44
CA ALA B 84 -17.97 30.41 -30.14
C ALA B 84 -17.78 28.92 -30.35
N TRP B 85 -16.70 28.37 -29.78
CA TRP B 85 -16.50 26.94 -29.73
C TRP B 85 -17.09 26.41 -28.43
N LEU B 86 -18.01 25.45 -28.54
CA LEU B 86 -18.72 24.91 -27.39
C LEU B 86 -18.23 23.49 -27.12
N ARG B 87 -17.78 23.23 -25.91
CA ARG B 87 -17.30 21.89 -25.59
C ARG B 87 -18.45 20.90 -25.65
N VAL B 88 -18.24 19.79 -26.36
CA VAL B 88 -19.21 18.70 -26.33
C VAL B 88 -19.14 18.05 -24.96
N ASN B 89 -20.14 18.32 -24.14
CA ASN B 89 -20.15 17.90 -22.75
C ASN B 89 -21.55 18.03 -22.20
N ALA B 90 -22.28 16.90 -22.12
CA ALA B 90 -23.70 16.98 -21.76
C ALA B 90 -23.89 17.31 -20.29
N ASP B 91 -23.10 16.73 -19.40
CA ASP B 91 -23.40 16.80 -17.97
C ASP B 91 -22.40 17.68 -17.22
N ARG B 92 -21.66 17.10 -16.27
CA ARG B 92 -20.89 17.90 -15.34
C ARG B 92 -19.56 18.35 -15.94
N VAL B 93 -19.05 19.46 -15.42
CA VAL B 93 -17.74 19.96 -15.78
C VAL B 93 -16.76 19.51 -14.71
N ASN B 94 -15.48 19.48 -15.06
CA ASN B 94 -14.44 19.25 -14.07
C ASN B 94 -13.29 20.23 -14.27
N PRO B 95 -12.47 20.42 -13.24
CA PRO B 95 -11.48 21.50 -13.27
C PRO B 95 -10.48 21.41 -14.42
N PHE B 96 -10.16 20.20 -14.90
CA PHE B 96 -9.19 20.11 -15.99
C PHE B 96 -9.71 20.78 -17.26
N MET B 97 -11.04 20.83 -17.44
CA MET B 97 -11.60 21.53 -18.59
C MET B 97 -11.27 23.01 -18.59
N PHE B 98 -10.95 23.57 -17.42
CA PHE B 98 -10.67 25.00 -17.30
C PHE B 98 -9.19 25.28 -17.02
N GLY B 99 -8.32 24.28 -17.22
CA GLY B 99 -6.89 24.47 -17.08
C GLY B 99 -6.29 23.95 -15.79
N ALA B 100 -7.05 23.28 -14.94
CA ALA B 100 -6.47 22.70 -13.74
C ALA B 100 -5.36 21.73 -14.13
N LEU B 101 -4.34 21.63 -13.27
CA LEU B 101 -3.23 20.72 -13.50
C LEU B 101 -3.11 19.62 -12.46
N GLY B 102 -3.81 19.71 -11.34
CA GLY B 102 -3.61 18.73 -10.30
C GLY B 102 -2.22 18.86 -9.70
N GLY B 103 -1.82 17.80 -9.00
CA GLY B 103 -0.54 17.83 -8.32
C GLY B 103 -0.46 18.97 -7.32
N SER B 104 0.64 19.70 -7.34
CA SER B 104 0.87 20.81 -6.42
C SER B 104 0.48 22.15 -7.01
N ASN B 105 -0.13 22.16 -8.19
CA ASN B 105 -0.49 23.40 -8.84
C ASN B 105 -1.66 24.08 -8.11
N ASP B 106 -1.63 25.40 -8.10
CA ASP B 106 -2.74 26.18 -7.57
C ASP B 106 -3.88 26.15 -8.59
N ASP B 107 -4.92 25.36 -8.31
CA ASP B 107 -6.05 25.21 -9.21
C ASP B 107 -7.24 26.06 -8.82
N THR B 108 -7.04 27.13 -8.05
CA THR B 108 -8.15 27.96 -7.59
C THR B 108 -9.02 28.43 -8.75
N ILE B 109 -8.43 29.06 -9.75
CA ILE B 109 -9.20 29.70 -10.82
C ILE B 109 -9.94 28.64 -11.64
N PRO B 110 -9.30 27.55 -12.06
CA PRO B 110 -10.07 26.48 -12.72
C PRO B 110 -11.24 25.98 -11.90
N VAL B 111 -11.06 25.78 -10.59
CA VAL B 111 -12.13 25.29 -9.75
C VAL B 111 -13.24 26.32 -9.61
N GLN B 112 -12.86 27.58 -9.37
CA GLN B 112 -13.86 28.64 -9.32
C GLN B 112 -14.66 28.72 -10.62
N SER B 113 -13.99 28.53 -11.76
CA SER B 113 -14.69 28.55 -13.03
C SER B 113 -15.72 27.44 -13.11
N CYS B 114 -15.42 26.27 -12.57
CA CYS B 114 -16.38 25.17 -12.61
C CYS B 114 -17.65 25.54 -11.87
N VAL B 115 -17.53 25.96 -10.61
CA VAL B 115 -18.74 26.22 -9.83
C VAL B 115 -19.46 27.46 -10.32
N ASP B 116 -18.81 28.29 -11.13
CA ASP B 116 -19.47 29.42 -11.78
C ASP B 116 -19.97 29.08 -13.18
N SER B 117 -19.79 27.84 -13.64
CA SER B 117 -19.97 27.54 -15.05
C SER B 117 -21.43 27.51 -15.47
N GLY B 118 -22.34 27.28 -14.53
CA GLY B 118 -23.72 26.99 -14.86
C GLY B 118 -24.06 25.52 -14.82
N LYS B 119 -23.10 24.67 -14.46
CA LYS B 119 -23.33 23.24 -14.31
C LYS B 119 -22.69 22.74 -13.03
N ALA B 120 -23.12 21.56 -12.60
CA ALA B 120 -22.50 20.91 -11.47
C ALA B 120 -21.06 20.55 -11.81
N THR B 121 -20.24 20.46 -10.76
CA THR B 121 -18.82 20.14 -10.88
C THR B 121 -18.56 18.72 -10.38
N GLN B 122 -17.74 17.99 -11.12
CA GLN B 122 -17.24 16.69 -10.70
C GLN B 122 -15.76 16.86 -10.32
N LEU B 123 -15.41 16.51 -9.09
CA LEU B 123 -14.02 16.42 -8.70
C LEU B 123 -13.55 15.00 -8.99
N THR B 124 -12.60 14.86 -9.91
CA THR B 124 -12.08 13.55 -10.29
C THR B 124 -10.74 13.28 -9.64
N ASP B 125 -10.25 14.20 -8.82
CA ASP B 125 -8.86 14.23 -8.39
C ASP B 125 -8.77 15.17 -7.21
N ALA B 126 -7.56 15.35 -6.69
CA ALA B 126 -7.27 16.33 -5.65
C ALA B 126 -6.78 17.63 -6.28
N HIS B 127 -7.34 18.77 -5.85
CA HIS B 127 -6.97 20.06 -6.39
C HIS B 127 -6.66 21.02 -5.26
N TYR B 128 -5.46 21.62 -5.28
CA TYR B 128 -5.16 22.71 -4.38
C TYR B 128 -5.92 23.96 -4.79
N VAL B 129 -6.48 24.66 -3.80
CA VAL B 129 -7.13 25.95 -4.00
C VAL B 129 -6.78 26.82 -2.81
N SER B 130 -7.00 28.12 -2.97
CA SER B 130 -6.94 29.06 -1.84
C SER B 130 -8.33 29.30 -1.25
N ASN B 131 -9.23 29.89 -2.02
CA ASN B 131 -10.59 30.15 -1.55
C ASN B 131 -11.54 30.04 -2.73
N ILE B 132 -12.66 29.36 -2.49
CA ILE B 132 -13.67 29.07 -3.52
C ILE B 132 -15.02 29.57 -3.03
N GLN B 133 -15.81 30.16 -3.93
CA GLN B 133 -17.12 30.70 -3.60
CA GLN B 133 -17.12 30.70 -3.60
C GLN B 133 -18.20 29.98 -4.40
N LEU B 134 -19.22 29.48 -3.70
CA LEU B 134 -20.39 28.87 -4.32
C LEU B 134 -21.51 29.91 -4.36
N LYS B 135 -21.93 30.28 -5.57
CA LYS B 135 -22.83 31.42 -5.77
C LYS B 135 -24.20 31.08 -6.34
N TYR B 136 -24.36 29.92 -7.00
CA TYR B 136 -25.54 29.70 -7.84
C TYR B 136 -26.22 28.39 -7.49
N ASN B 137 -27.46 28.26 -7.95
CA ASN B 137 -28.17 26.99 -7.79
C ASN B 137 -27.60 25.89 -8.68
N THR B 138 -26.62 26.21 -9.54
CA THR B 138 -25.91 25.20 -10.30
C THR B 138 -24.58 24.81 -9.65
N SER B 139 -24.19 25.45 -8.53
CA SER B 139 -22.86 25.29 -7.95
C SER B 139 -22.68 24.02 -7.12
N SER B 140 -23.31 22.93 -7.52
CA SER B 140 -23.12 21.65 -6.84
C SER B 140 -21.73 21.08 -7.11
N ILE B 141 -21.27 20.23 -6.19
CA ILE B 141 -19.98 19.55 -6.32
C ILE B 141 -20.15 18.08 -5.96
N TYR B 142 -19.64 17.21 -6.82
CA TYR B 142 -19.66 15.77 -6.60
C TYR B 142 -18.24 15.22 -6.71
N GLY B 143 -17.90 14.30 -5.83
CA GLY B 143 -16.68 13.53 -5.99
C GLY B 143 -17.01 12.06 -6.10
N SER B 144 -16.07 11.21 -5.71
CA SER B 144 -16.31 9.77 -5.72
C SER B 144 -15.76 9.12 -4.46
N GLY B 145 -15.63 9.88 -3.39
CA GLY B 145 -15.04 9.37 -2.17
C GLY B 145 -14.71 10.47 -1.19
N LEU B 146 -14.55 10.11 0.08
CA LEU B 146 -14.29 11.08 1.12
C LEU B 146 -12.83 11.53 1.16
N HIS B 147 -11.98 11.03 0.26
CA HIS B 147 -10.55 11.34 0.36
C HIS B 147 -9.93 11.71 -0.98
N TYR B 148 -9.97 10.80 -1.97
CA TYR B 148 -9.11 10.98 -3.14
C TYR B 148 -9.63 12.09 -4.07
N SER B 149 -10.93 12.29 -4.15
CA SER B 149 -11.49 13.45 -4.83
C SER B 149 -11.77 14.53 -3.79
N ARG B 150 -11.07 15.66 -3.89
CA ARG B 150 -11.13 16.63 -2.80
C ARG B 150 -10.61 17.97 -3.29
N LEU B 151 -10.98 19.02 -2.55
CA LEU B 151 -10.28 20.29 -2.59
C LEU B 151 -9.32 20.35 -1.42
N HIS B 152 -8.16 20.96 -1.63
CA HIS B 152 -7.12 21.04 -0.62
C HIS B 152 -6.61 22.47 -0.56
N GLN B 153 -6.76 23.11 0.60
CA GLN B 153 -6.38 24.51 0.75
C GLN B 153 -4.85 24.64 0.77
N LEU B 154 -4.34 25.58 -0.01
CA LEU B 154 -2.90 25.78 -0.07
C LEU B 154 -2.34 26.18 1.29
N PRO B 155 -1.13 25.75 1.61
CA PRO B 155 -0.53 26.09 2.91
C PRO B 155 -0.47 27.59 3.18
N SER B 156 -0.33 28.42 2.14
CA SER B 156 -0.21 29.86 2.34
C SER B 156 -1.54 30.59 2.45
N ALA B 157 -2.66 29.92 2.19
CA ALA B 157 -3.96 30.60 2.18
C ALA B 157 -4.58 30.62 3.57
N THR B 158 -5.37 31.66 3.82
CA THR B 158 -6.16 31.79 5.03
C THR B 158 -7.63 31.89 4.64
N GLY B 159 -8.49 31.97 5.65
CA GLY B 159 -9.89 32.13 5.41
C GLY B 159 -10.59 30.84 5.03
N ASN B 160 -11.73 31.00 4.39
CA ASN B 160 -12.61 29.89 4.09
C ASN B 160 -12.17 29.18 2.82
N CYS B 161 -11.91 27.89 2.93
CA CYS B 161 -11.65 27.10 1.73
C CYS B 161 -12.86 27.14 0.79
N ILE B 162 -14.05 26.89 1.34
CA ILE B 162 -15.31 27.03 0.61
C ILE B 162 -16.20 28.01 1.35
N THR B 163 -16.77 28.97 0.61
CA THR B 163 -17.79 29.88 1.12
C THR B 163 -19.06 29.64 0.33
N ILE B 164 -20.16 29.35 1.03
CA ILE B 164 -21.46 29.24 0.39
C ILE B 164 -22.13 30.61 0.51
N LYS B 165 -22.25 31.31 -0.62
CA LYS B 165 -22.82 32.64 -0.62
C LYS B 165 -24.34 32.59 -0.48
N ASP B 166 -24.92 33.71 -0.04
CA ASP B 166 -26.34 33.73 0.26
C ASP B 166 -27.20 33.85 -0.99
N THR B 167 -26.60 33.80 -2.17
CA THR B 167 -27.32 33.64 -3.42
C THR B 167 -27.42 32.18 -3.85
N CYS B 168 -26.75 31.28 -3.13
CA CYS B 168 -26.59 29.90 -3.56
C CYS B 168 -27.59 29.02 -2.78
N SER B 169 -28.51 28.39 -3.51
CA SER B 169 -29.48 27.52 -2.87
C SER B 169 -29.65 26.24 -3.69
N LEU B 170 -30.14 25.19 -3.03
CA LEU B 170 -30.65 24.01 -3.73
C LEU B 170 -29.55 23.23 -4.44
N ILE B 171 -28.31 23.34 -3.96
CA ILE B 171 -27.21 22.59 -4.52
C ILE B 171 -26.99 21.31 -3.72
N VAL B 172 -26.19 20.39 -4.26
CA VAL B 172 -25.74 19.21 -3.54
C VAL B 172 -24.22 19.24 -3.49
N LEU B 173 -23.66 19.01 -2.30
CA LEU B 173 -22.22 18.74 -2.13
C LEU B 173 -22.12 17.29 -1.65
N ASP B 174 -21.55 16.42 -2.48
CA ASP B 174 -21.63 15.00 -2.21
C ASP B 174 -20.33 14.27 -2.49
N ALA B 175 -19.84 13.54 -1.48
CA ALA B 175 -18.79 12.54 -1.65
C ALA B 175 -17.49 13.15 -2.18
N PHE B 176 -16.98 14.14 -1.44
CA PHE B 176 -15.63 14.64 -1.68
C PHE B 176 -15.06 15.16 -0.37
N GLY B 177 -13.75 15.44 -0.40
CA GLY B 177 -13.04 15.93 0.76
C GLY B 177 -12.73 17.42 0.66
N VAL B 178 -12.61 18.06 1.83
CA VAL B 178 -12.16 19.43 1.96
C VAL B 178 -11.06 19.41 3.01
N TYR B 179 -9.81 19.51 2.57
CA TYR B 179 -8.65 19.31 3.43
C TYR B 179 -7.87 20.61 3.63
N GLY B 180 -7.37 20.81 4.84
CA GLY B 180 -6.47 21.89 5.15
C GLY B 180 -5.07 21.42 5.50
N THR B 181 -4.28 22.37 5.96
CA THR B 181 -2.87 22.09 6.23
C THR B 181 -2.70 20.95 7.24
N GLY B 182 -3.60 20.84 8.21
CA GLY B 182 -3.45 19.83 9.24
C GLY B 182 -4.27 18.57 9.04
N ALA B 183 -4.59 18.23 7.78
CA ALA B 183 -5.51 17.12 7.53
C ALA B 183 -4.91 15.79 8.00
N GLN B 184 -3.63 15.57 7.77
CA GLN B 184 -3.00 14.35 8.25
C GLN B 184 -2.86 14.42 9.76
N GLN B 185 -3.11 13.30 10.43
CA GLN B 185 -3.11 13.32 11.89
C GLN B 185 -1.73 13.72 12.39
N GLY B 186 -1.71 14.49 13.48
CA GLY B 186 -0.49 14.91 14.12
C GLY B 186 0.28 16.01 13.41
N THR B 187 -0.30 16.65 12.39
CA THR B 187 0.36 17.72 11.69
C THR B 187 -0.20 19.07 12.13
N SER B 188 0.53 20.12 11.79
CA SER B 188 0.19 21.46 12.21
C SER B 188 -0.73 22.13 11.19
N PHE B 189 -1.24 23.29 11.58
CA PHE B 189 -2.30 23.98 10.85
C PHE B 189 -1.79 25.30 10.27
N THR B 190 -2.59 25.88 9.39
CA THR B 190 -2.39 27.25 8.96
C THR B 190 -3.41 28.13 9.68
N ALA B 191 -2.92 29.16 10.37
CA ALA B 191 -3.77 29.98 11.21
C ALA B 191 -4.87 30.66 10.40
N GLY B 192 -6.06 30.73 10.98
CA GLY B 192 -7.12 31.51 10.39
C GLY B 192 -7.96 30.84 9.33
N THR B 193 -7.95 29.50 9.25
CA THR B 193 -8.61 28.78 8.18
C THR B 193 -9.92 28.14 8.63
N THR B 194 -10.83 27.99 7.67
CA THR B 194 -12.10 27.30 7.85
C THR B 194 -12.35 26.43 6.63
N GLY B 195 -12.93 25.25 6.86
CA GLY B 195 -13.23 24.36 5.75
C GLY B 195 -14.37 24.88 4.89
N ILE B 196 -15.58 24.90 5.44
CA ILE B 196 -16.77 25.35 4.75
C ILE B 196 -17.46 26.40 5.61
N TYR B 197 -17.70 27.58 5.04
CA TYR B 197 -18.40 28.66 5.71
C TYR B 197 -19.67 29.00 4.94
N VAL B 198 -20.79 29.08 5.65
CA VAL B 198 -22.06 29.52 5.08
C VAL B 198 -22.35 30.91 5.63
N GLU B 199 -22.25 31.93 4.78
CA GLU B 199 -22.31 33.31 5.24
C GLU B 199 -23.73 33.70 5.66
N THR B 200 -23.83 34.75 6.45
CA THR B 200 -25.12 35.25 6.92
C THR B 200 -25.84 35.98 5.78
N PRO B 201 -27.08 35.61 5.49
CA PRO B 201 -27.79 36.25 4.37
C PRO B 201 -28.02 37.73 4.64
N SER B 202 -27.91 38.53 3.59
CA SER B 202 -28.08 39.97 3.68
C SER B 202 -29.45 40.43 3.20
N GLY B 203 -30.32 39.51 2.80
CA GLY B 203 -31.63 39.90 2.32
C GLY B 203 -32.52 38.70 2.17
N LEU B 204 -33.73 38.97 1.69
CA LEU B 204 -34.79 37.98 1.51
C LEU B 204 -35.37 38.15 0.12
N SER B 205 -35.48 37.04 -0.61
CA SER B 205 -36.00 37.08 -1.97
C SER B 205 -37.48 36.75 -1.99
N ALA B 206 -38.14 37.17 -3.08
CA ALA B 206 -39.56 36.94 -3.27
C ALA B 206 -39.86 36.04 -4.46
N ASP B 207 -38.83 35.51 -5.14
CA ASP B 207 -39.04 34.66 -6.31
C ASP B 207 -38.32 33.32 -6.16
N TYR B 208 -38.12 32.87 -4.92
CA TYR B 208 -37.63 31.53 -4.67
C TYR B 208 -38.49 30.50 -5.42
N PRO B 209 -37.89 29.44 -5.99
CA PRO B 209 -36.49 29.03 -6.00
C PRO B 209 -35.68 29.58 -7.16
N PHE B 210 -36.26 30.53 -7.90
CA PHE B 210 -35.58 31.14 -9.03
C PHE B 210 -34.83 32.41 -8.66
N HIS B 211 -34.53 32.60 -7.39
CA HIS B 211 -33.93 33.85 -6.94
C HIS B 211 -32.50 33.98 -7.45
N THR B 212 -32.08 35.21 -7.73
CA THR B 212 -30.69 35.51 -8.06
C THR B 212 -30.09 36.49 -7.06
N THR B 213 -30.80 36.81 -5.99
CA THR B 213 -30.37 37.76 -4.98
C THR B 213 -30.29 37.03 -3.63
N ALA B 214 -29.89 37.78 -2.60
CA ALA B 214 -29.70 37.17 -1.28
C ALA B 214 -30.99 36.57 -0.76
N ASP B 215 -30.88 35.39 -0.15
CA ASP B 215 -32.03 34.72 0.44
C ASP B 215 -31.57 33.80 1.55
N PRO B 216 -32.36 33.66 2.62
CA PRO B 216 -31.96 32.79 3.74
C PRO B 216 -32.22 31.30 3.51
N ARG B 217 -32.92 30.93 2.44
CA ARG B 217 -33.28 29.52 2.20
C ARG B 217 -32.14 28.83 1.47
N ARG B 218 -31.17 28.30 2.24
CA ARG B 218 -30.09 27.53 1.63
C ARG B 218 -30.64 26.28 0.94
N ASP B 219 -31.51 25.54 1.64
CA ASP B 219 -32.18 24.35 1.10
C ASP B 219 -31.20 23.48 0.30
N LEU B 220 -30.07 23.15 0.93
CA LEU B 220 -29.01 22.43 0.23
C LEU B 220 -28.56 21.26 1.08
N CYS B 221 -27.87 20.32 0.45
CA CYS B 221 -27.46 19.07 1.07
C CYS B 221 -25.95 18.92 1.02
N ILE B 222 -25.34 18.78 2.19
CA ILE B 222 -23.94 18.38 2.32
C ILE B 222 -23.94 16.92 2.72
N SER B 223 -23.47 16.06 1.82
CA SER B 223 -23.70 14.63 1.92
C SER B 223 -22.37 13.90 1.73
N LYS B 224 -22.00 13.09 2.72
CA LYS B 224 -20.77 12.28 2.66
C LYS B 224 -19.56 13.14 2.31
N VAL B 225 -19.46 14.29 2.97
CA VAL B 225 -18.32 15.19 2.80
C VAL B 225 -17.38 15.06 4.00
N HIS B 226 -16.08 15.04 3.72
CA HIS B 226 -15.04 14.87 4.73
C HIS B 226 -14.26 16.18 4.83
N ILE B 227 -14.36 16.86 5.97
CA ILE B 227 -13.64 18.10 6.24
C ILE B 227 -12.55 17.80 7.24
N ALA B 228 -11.32 18.21 6.93
CA ALA B 228 -10.20 17.85 7.79
C ALA B 228 -9.07 18.88 7.67
N GLY B 229 -8.50 19.23 8.83
CA GLY B 229 -7.22 19.92 8.84
C GLY B 229 -7.27 21.43 8.88
N PHE B 230 -8.36 22.02 9.35
CA PHE B 230 -8.49 23.47 9.44
C PHE B 230 -8.32 23.95 10.88
N ASP B 231 -8.01 25.25 10.99
CA ASP B 231 -7.67 25.84 12.29
C ASP B 231 -8.92 26.20 13.10
N GLU B 232 -9.70 27.16 12.60
CA GLU B 232 -10.77 27.75 13.40
C GLU B 232 -12.04 26.91 13.40
N TYR B 233 -12.48 26.46 12.23
CA TYR B 233 -13.71 25.68 12.12
C TYR B 233 -13.57 24.70 10.96
N GLY B 234 -14.11 23.51 11.15
CA GLY B 234 -14.31 22.64 10.01
C GLY B 234 -15.48 23.14 9.19
N LEU B 235 -16.67 23.10 9.79
CA LEU B 235 -17.90 23.63 9.19
C LEU B 235 -18.46 24.70 10.10
N ASN B 236 -18.83 25.84 9.52
CA ASN B 236 -19.35 26.98 10.27
C ASN B 236 -20.55 27.53 9.52
N ILE B 237 -21.75 27.25 10.03
CA ILE B 237 -23.00 27.70 9.43
C ILE B 237 -23.44 28.93 10.22
N ASP B 238 -23.38 30.10 9.59
CA ASP B 238 -23.64 31.33 10.33
C ASP B 238 -25.14 31.63 10.42
N SER B 239 -25.47 32.66 11.19
CA SER B 239 -26.85 33.01 11.49
C SER B 239 -27.63 33.38 10.24
N GLY B 240 -28.93 33.11 10.28
CA GLY B 240 -29.84 33.52 9.23
C GLY B 240 -30.03 32.51 8.11
N ASN B 241 -29.38 31.35 8.18
CA ASN B 241 -29.48 30.33 7.14
C ASN B 241 -30.43 29.23 7.55
N PHE B 242 -31.38 28.90 6.66
CA PHE B 242 -32.35 27.85 6.91
C PHE B 242 -32.04 26.63 6.05
N SER B 243 -32.26 25.44 6.63
CA SER B 243 -32.31 24.18 5.87
C SER B 243 -30.97 23.83 5.22
N VAL B 244 -29.87 24.06 5.94
CA VAL B 244 -28.59 23.45 5.56
C VAL B 244 -28.61 22.03 6.11
N THR B 245 -28.88 21.07 5.24
CA THR B 245 -28.86 19.66 5.62
C THR B 245 -27.45 19.09 5.55
N THR B 246 -27.08 18.33 6.58
CA THR B 246 -25.88 17.49 6.49
C THR B 246 -26.28 16.04 6.71
N ASP B 247 -25.61 15.14 6.00
CA ASP B 247 -25.93 13.73 6.04
C ASP B 247 -24.63 12.97 5.85
N SER B 248 -24.23 12.21 6.87
CA SER B 248 -22.96 11.47 6.83
C SER B 248 -21.77 12.41 6.62
N LEU B 249 -21.85 13.58 7.24
CA LEU B 249 -20.70 14.47 7.30
C LEU B 249 -19.64 13.91 8.26
N LEU B 250 -18.37 14.01 7.85
CA LEU B 250 -17.25 13.55 8.66
C LEU B 250 -16.27 14.70 8.79
N VAL B 251 -15.98 15.10 10.03
CA VAL B 251 -15.04 16.18 10.30
C VAL B 251 -13.93 15.62 11.18
N ASN B 252 -12.69 15.85 10.78
CA ASN B 252 -11.49 15.32 11.41
C ASN B 252 -10.48 16.43 11.61
N HIS B 253 -9.71 16.32 12.69
CA HIS B 253 -8.45 17.06 12.86
C HIS B 253 -8.65 18.57 12.64
N ILE B 254 -9.37 19.18 13.56
CA ILE B 254 -9.61 20.61 13.54
C ILE B 254 -8.89 21.22 14.75
N ASN B 255 -8.10 22.26 14.49
CA ASN B 255 -7.32 22.83 15.59
C ASN B 255 -8.23 23.42 16.67
N GLN B 256 -9.41 23.93 16.29
CA GLN B 256 -10.27 24.58 17.26
C GLN B 256 -11.63 23.89 17.25
N VAL B 257 -12.65 24.46 16.60
CA VAL B 257 -14.02 23.98 16.72
C VAL B 257 -14.37 23.19 15.47
N GLY B 258 -14.74 21.93 15.66
CA GLY B 258 -15.09 21.08 14.53
C GLY B 258 -16.23 21.64 13.70
N VAL B 259 -17.39 21.85 14.33
CA VAL B 259 -18.57 22.35 13.66
C VAL B 259 -19.22 23.41 14.54
N ARG B 260 -19.52 24.56 13.96
CA ARG B 260 -20.30 25.60 14.60
C ARG B 260 -21.57 25.83 13.81
N CYS B 261 -22.69 25.91 14.51
CA CYS B 261 -23.97 26.30 13.93
C CYS B 261 -24.56 27.40 14.78
N ALA B 262 -25.13 28.41 14.13
CA ALA B 262 -25.67 29.58 14.82
C ALA B 262 -26.99 30.01 14.18
N THR B 263 -27.79 29.05 13.76
CA THR B 263 -28.98 29.39 12.99
C THR B 263 -30.10 28.40 13.34
N THR B 264 -31.24 28.57 12.68
CA THR B 264 -32.45 27.81 13.00
C THR B 264 -32.93 27.01 11.79
N ASP B 265 -33.83 26.05 12.08
CA ASP B 265 -34.61 25.36 11.06
C ASP B 265 -33.74 24.50 10.15
N TRP B 266 -33.14 23.45 10.70
CA TRP B 266 -32.28 22.58 9.94
C TRP B 266 -32.30 21.18 10.55
N THR B 267 -31.81 20.21 9.77
CA THR B 267 -31.71 18.82 10.22
C THR B 267 -30.36 18.26 9.81
N TRP B 268 -29.69 17.57 10.73
CA TRP B 268 -28.48 16.81 10.43
C TRP B 268 -28.70 15.36 10.79
N THR B 269 -28.19 14.45 9.96
CA THR B 269 -28.25 13.03 10.27
C THR B 269 -26.86 12.40 10.12
N ASN B 270 -26.52 11.53 11.07
CA ASN B 270 -25.27 10.78 11.04
C ASN B 270 -24.07 11.70 10.83
N ILE B 271 -23.84 12.57 11.79
CA ILE B 271 -22.67 13.43 11.80
C ILE B 271 -21.62 12.82 12.72
N GLN B 272 -20.35 12.88 12.31
CA GLN B 272 -19.24 12.50 13.17
C GLN B 272 -18.21 13.62 13.18
N VAL B 273 -17.80 14.03 14.37
CA VAL B 273 -16.74 15.01 14.55
C VAL B 273 -15.69 14.40 15.46
N ASN B 274 -14.43 14.40 15.03
CA ASN B 274 -13.39 13.64 15.72
C ASN B 274 -12.10 14.45 15.80
N THR B 275 -11.61 14.64 17.04
CA THR B 275 -10.31 15.24 17.32
C THR B 275 -10.26 16.74 17.00
N CYS B 276 -10.71 17.55 17.95
CA CYS B 276 -10.69 19.00 17.82
C CYS B 276 -9.98 19.61 19.04
N GLY B 277 -9.24 20.70 18.80
CA GLY B 277 -8.54 21.35 19.90
C GLY B 277 -9.48 21.99 20.90
N LYS B 278 -10.64 22.46 20.44
CA LYS B 278 -11.65 22.99 21.34
C LYS B 278 -12.89 22.10 21.24
N GLN B 279 -14.08 22.67 21.09
CA GLN B 279 -15.28 21.84 21.00
C GLN B 279 -15.30 21.05 19.70
N CYS B 280 -15.91 19.87 19.76
CA CYS B 280 -16.34 19.22 18.52
C CYS B 280 -17.51 19.97 17.89
N LEU B 281 -18.42 20.49 18.72
CA LEU B 281 -19.63 21.13 18.22
C LEU B 281 -19.97 22.35 19.07
N VAL B 282 -20.27 23.46 18.42
CA VAL B 282 -20.81 24.64 19.09
C VAL B 282 -22.16 24.96 18.46
N LEU B 283 -23.22 24.85 19.26
CA LEU B 283 -24.53 25.38 18.91
C LEU B 283 -24.71 26.69 19.68
N ASP B 284 -24.70 27.81 18.96
CA ASP B 284 -24.72 29.13 19.58
C ASP B 284 -25.90 29.89 19.00
N GLY B 285 -26.96 30.05 19.79
CA GLY B 285 -28.18 30.66 19.31
C GLY B 285 -28.96 29.83 18.31
N CYS B 286 -28.87 28.50 18.40
CA CYS B 286 -29.66 27.64 17.53
C CYS B 286 -31.07 27.42 18.08
N GLY B 287 -31.99 27.10 17.18
CA GLY B 287 -33.35 26.82 17.59
C GLY B 287 -34.08 26.03 16.53
N ASN B 288 -35.05 25.24 16.97
CA ASN B 288 -35.92 24.52 16.06
C ASN B 288 -35.10 23.76 15.01
N GLY B 289 -34.13 22.99 15.51
CA GLY B 289 -33.32 22.15 14.66
C GLY B 289 -33.29 20.72 15.19
N ARG B 290 -32.73 19.84 14.38
CA ARG B 290 -32.67 18.42 14.72
C ARG B 290 -31.28 17.86 14.43
N ILE B 291 -30.74 17.12 15.38
CA ILE B 291 -29.55 16.30 15.16
C ILE B 291 -29.96 14.86 15.45
N ILE B 292 -29.82 14.00 14.45
CA ILE B 292 -30.27 12.61 14.56
C ILE B 292 -29.10 11.72 14.14
N GLY B 293 -28.46 11.09 15.11
CA GLY B 293 -27.26 10.30 14.86
C GLY B 293 -26.00 11.15 14.88
N GLY B 294 -25.23 11.04 15.95
CA GLY B 294 -24.07 11.89 16.11
C GLY B 294 -23.01 11.21 16.95
N LYS B 295 -21.75 11.50 16.61
CA LYS B 295 -20.57 10.96 17.29
C LYS B 295 -19.59 12.12 17.42
N PHE B 296 -19.33 12.54 18.65
CA PHE B 296 -18.48 13.70 18.91
C PHE B 296 -17.40 13.26 19.88
N ILE B 297 -16.17 13.11 19.37
CA ILE B 297 -15.14 12.40 20.13
C ILE B 297 -13.82 13.15 20.09
N TRP B 298 -13.05 12.98 21.16
CA TRP B 298 -11.69 13.54 21.27
C TRP B 298 -11.71 15.06 21.10
N ALA B 299 -12.70 15.72 21.68
CA ALA B 299 -12.69 17.17 21.78
C ALA B 299 -11.60 17.61 22.76
N ASN B 300 -11.27 18.91 22.69
CA ASN B 300 -10.25 19.47 23.59
C ASN B 300 -8.97 18.63 23.52
N TRP B 301 -8.60 18.23 22.31
CA TRP B 301 -7.48 17.30 22.09
C TRP B 301 -6.18 17.96 22.53
N GLN B 302 -5.61 17.46 23.62
CA GLN B 302 -4.48 18.13 24.26
C GLN B 302 -3.31 18.41 23.31
N PRO B 303 -2.87 17.50 22.44
CA PRO B 303 -1.73 17.81 21.56
C PRO B 303 -1.97 19.01 20.65
N TYR B 304 -3.20 19.41 20.38
CA TYR B 304 -3.41 20.61 19.60
C TYR B 304 -3.14 21.88 20.43
N GLY B 305 -2.80 21.72 21.70
CA GLY B 305 -2.13 22.78 22.45
C GLY B 305 -3.01 23.93 22.88
N THR B 306 -4.32 23.78 22.85
CA THR B 306 -5.19 24.85 23.31
C THR B 306 -5.14 24.98 24.82
N VAL B 307 -5.05 26.23 25.28
CA VAL B 307 -5.03 26.54 26.70
C VAL B 307 -6.47 26.75 27.16
N GLY B 308 -6.88 26.00 28.18
CA GLY B 308 -8.22 26.12 28.72
C GLY B 308 -9.08 24.90 28.42
N GLN B 309 -10.19 24.82 29.16
CA GLN B 309 -11.16 23.73 28.99
C GLN B 309 -12.21 24.10 27.96
N PHE B 310 -12.59 23.12 27.13
CA PHE B 310 -13.64 23.28 26.15
C PHE B 310 -14.42 21.96 26.10
N PRO B 311 -15.74 22.00 26.13
CA PRO B 311 -16.51 20.76 26.15
C PRO B 311 -16.55 20.11 24.78
N GLY B 312 -16.95 18.84 24.76
CA GLY B 312 -17.22 18.19 23.50
C GLY B 312 -18.27 18.94 22.70
N ILE B 313 -19.34 19.36 23.36
CA ILE B 313 -20.43 20.11 22.73
C ILE B 313 -20.75 21.31 23.61
N THR B 314 -20.81 22.48 22.99
CA THR B 314 -21.37 23.68 23.59
C THR B 314 -22.77 23.87 23.04
N ILE B 315 -23.76 23.91 23.92
CA ILE B 315 -25.12 24.32 23.55
C ILE B 315 -25.39 25.59 24.32
N ASN B 316 -25.43 26.71 23.62
CA ASN B 316 -25.53 28.00 24.29
C ASN B 316 -26.63 28.85 23.67
N ASN B 317 -27.44 29.47 24.53
CA ASN B 317 -28.45 30.43 24.09
C ASN B 317 -29.34 29.84 22.99
N SER B 318 -29.66 28.57 23.10
CA SER B 318 -30.43 27.85 22.09
C SER B 318 -31.78 27.46 22.66
N GLN B 319 -32.66 26.99 21.78
CA GLN B 319 -34.02 26.64 22.17
C GLN B 319 -34.64 25.70 21.15
N ASN B 320 -35.56 24.85 21.62
CA ASN B 320 -36.34 23.97 20.76
C ASN B 320 -35.44 23.07 19.91
N MET B 321 -34.47 22.45 20.56
CA MET B 321 -33.58 21.52 19.88
C MET B 321 -33.99 20.09 20.21
N VAL B 322 -34.07 19.25 19.17
CA VAL B 322 -34.24 17.82 19.36
C VAL B 322 -32.95 17.16 18.90
N ILE B 323 -32.28 16.48 19.81
CA ILE B 323 -30.97 15.89 19.56
C ILE B 323 -31.09 14.42 19.96
N ASN B 324 -31.17 13.54 18.97
CA ASN B 324 -31.44 12.13 19.21
C ASN B 324 -30.26 11.28 18.77
N GLY B 325 -29.94 10.27 19.56
CA GLY B 325 -28.94 9.28 19.19
C GLY B 325 -27.54 9.84 18.99
N ILE B 326 -27.03 10.65 19.92
CA ILE B 326 -25.66 11.14 19.80
C ILE B 326 -24.83 10.56 20.93
N GLU B 327 -23.53 10.60 20.73
CA GLU B 327 -22.56 10.16 21.71
C GLU B 327 -21.47 11.22 21.84
N VAL B 328 -21.04 11.47 23.07
CA VAL B 328 -19.91 12.35 23.35
C VAL B 328 -18.94 11.56 24.21
N GLN B 329 -17.71 11.39 23.73
CA GLN B 329 -16.82 10.41 24.32
C GLN B 329 -15.36 10.82 24.13
N ASP B 330 -14.52 10.47 25.11
CA ASP B 330 -13.07 10.65 25.02
C ASP B 330 -12.68 12.11 24.84
N CYS B 331 -13.52 13.03 25.30
CA CYS B 331 -13.19 14.45 25.19
C CYS B 331 -12.32 14.86 26.37
N GLY B 332 -11.48 15.87 26.14
CA GLY B 332 -10.48 16.22 27.14
C GLY B 332 -11.06 16.91 28.36
N GLY B 333 -12.20 17.59 28.18
CA GLY B 333 -12.88 18.26 29.29
C GLY B 333 -14.30 17.76 29.49
N ASN B 334 -15.21 18.68 29.75
CA ASN B 334 -16.60 18.30 29.94
C ASN B 334 -17.17 17.73 28.65
N GLY B 335 -18.22 16.92 28.79
CA GLY B 335 -18.87 16.35 27.64
C GLY B 335 -19.73 17.36 26.91
N ILE B 336 -20.79 17.81 27.58
CA ILE B 336 -21.75 18.76 27.03
C ILE B 336 -21.97 19.86 28.06
N GLU B 337 -21.86 21.11 27.62
CA GLU B 337 -22.20 22.27 28.46
C GLU B 337 -23.44 22.94 27.88
N ILE B 338 -24.54 22.91 28.61
CA ILE B 338 -25.77 23.55 28.19
C ILE B 338 -25.93 24.83 29.01
N SER B 339 -25.94 25.97 28.33
CA SER B 339 -25.94 27.27 28.99
C SER B 339 -27.04 28.14 28.40
N GLU B 340 -27.82 28.77 29.29
CA GLU B 340 -28.83 29.77 28.90
C GLU B 340 -29.68 29.28 27.72
N SER B 341 -30.13 28.04 27.81
CA SER B 341 -30.87 27.42 26.72
C SER B 341 -32.21 26.91 27.22
N TYR B 342 -33.25 27.09 26.40
CA TYR B 342 -34.59 26.57 26.67
C TYR B 342 -34.80 25.25 25.96
N SER B 343 -35.68 24.43 26.52
CA SER B 343 -36.31 23.30 25.85
C SER B 343 -35.34 22.52 24.96
N ILE B 344 -34.31 21.96 25.60
CA ILE B 344 -33.40 21.04 24.93
C ILE B 344 -33.90 19.61 25.16
N SER B 345 -34.28 18.93 24.08
CA SER B 345 -34.84 17.58 24.13
C SER B 345 -33.85 16.59 23.52
N MET B 346 -33.52 15.54 24.27
CA MET B 346 -32.50 14.58 23.84
C MET B 346 -33.04 13.18 24.12
N ASN B 347 -33.08 12.33 23.09
CA ASN B 347 -33.74 11.03 23.20
C ASN B 347 -32.79 9.94 22.70
N GLY B 348 -32.19 9.21 23.63
CA GLY B 348 -31.08 8.33 23.34
C GLY B 348 -29.79 9.13 23.35
N LEU B 349 -29.09 9.14 24.48
CA LEU B 349 -27.91 9.98 24.68
C LEU B 349 -26.83 9.18 25.37
N ASN B 350 -25.63 9.18 24.79
CA ASN B 350 -24.50 8.41 25.31
C ASN B 350 -23.36 9.36 25.62
N THR B 351 -23.03 9.52 26.91
CA THR B 351 -21.84 10.27 27.31
C THR B 351 -21.03 9.39 28.25
N ASN B 352 -19.79 9.11 27.88
CA ASN B 352 -18.93 8.27 28.70
C ASN B 352 -17.47 8.66 28.49
N ARG B 353 -16.70 8.52 29.56
CA ARG B 353 -15.25 8.61 29.51
C ARG B 353 -14.77 9.89 28.83
N ASN B 354 -15.26 11.03 29.31
CA ASN B 354 -14.74 12.33 28.94
C ASN B 354 -13.77 12.83 30.03
N GLY B 355 -13.52 14.13 30.06
CA GLY B 355 -12.62 14.69 31.05
C GLY B 355 -11.26 14.04 31.08
N ILE B 356 -10.74 13.66 29.91
CA ILE B 356 -9.52 12.85 29.87
C ILE B 356 -8.24 13.66 30.03
N ASN B 357 -8.33 14.99 30.06
CA ASN B 357 -7.11 15.78 30.27
C ASN B 357 -6.74 15.90 31.75
N ALA B 358 -7.67 15.60 32.66
CA ALA B 358 -7.38 15.62 34.10
C ALA B 358 -8.37 14.70 34.80
N ASN B 359 -7.85 13.68 35.48
CA ASN B 359 -8.69 12.65 36.06
C ASN B 359 -9.66 13.22 37.09
N ASN B 360 -10.88 12.67 37.11
CA ASN B 360 -11.82 12.89 38.21
C ASN B 360 -12.12 14.38 38.38
N THR B 361 -12.22 15.11 37.27
CA THR B 361 -12.29 16.55 37.32
C THR B 361 -13.50 17.14 36.59
N PHE B 362 -13.91 16.51 35.50
CA PHE B 362 -14.91 17.06 34.61
C PHE B 362 -16.16 16.18 34.60
N TYR B 363 -17.22 16.71 34.02
CA TYR B 363 -18.52 16.06 34.04
C TYR B 363 -19.08 15.95 32.63
N ASN B 364 -19.89 14.90 32.42
CA ASN B 364 -20.33 14.58 31.06
C ASN B 364 -21.36 15.57 30.54
N ILE B 365 -22.22 16.09 31.41
CA ILE B 365 -23.20 17.13 31.07
C ILE B 365 -23.17 18.18 32.17
N VAL B 366 -22.96 19.44 31.79
CA VAL B 366 -22.90 20.56 32.72
C VAL B 366 -24.05 21.50 32.42
N PHE B 367 -24.94 21.69 33.39
CA PHE B 367 -26.11 22.52 33.20
C PHE B 367 -25.89 23.89 33.84
N ASN B 368 -26.16 24.96 33.08
CA ASN B 368 -26.05 26.31 33.62
C ASN B 368 -27.20 27.14 33.07
N LYS B 369 -28.10 27.55 33.95
CA LYS B 369 -29.30 28.31 33.60
C LYS B 369 -29.97 27.76 32.34
N SER B 370 -30.28 26.47 32.37
CA SER B 370 -30.83 25.80 31.20
C SER B 370 -31.92 24.83 31.61
N ASP B 371 -32.79 24.53 30.65
CA ASP B 371 -33.85 23.52 30.80
C ASP B 371 -33.63 22.43 29.77
N ALA B 372 -33.87 21.19 30.17
CA ALA B 372 -33.64 20.08 29.25
C ALA B 372 -34.49 18.90 29.68
N VAL B 373 -34.93 18.11 28.69
CA VAL B 373 -35.57 16.82 28.94
C VAL B 373 -34.77 15.76 28.18
N ILE B 374 -34.18 14.82 28.91
CA ILE B 374 -33.23 13.85 28.38
C ILE B 374 -33.75 12.45 28.68
N ASN B 375 -33.95 11.64 27.63
CA ASN B 375 -34.40 10.27 27.77
C ASN B 375 -33.40 9.28 27.18
N GLY B 376 -33.50 8.04 27.63
CA GLY B 376 -32.62 6.99 27.13
C GLY B 376 -31.15 7.30 27.36
N PHE B 377 -30.82 7.87 28.53
CA PHE B 377 -29.43 8.19 28.80
C PHE B 377 -28.65 6.93 29.12
N VAL B 378 -27.42 6.85 28.57
CA VAL B 378 -26.47 5.79 28.90
C VAL B 378 -25.07 6.38 28.94
N GLY B 379 -24.16 5.67 29.60
CA GLY B 379 -22.81 6.18 29.73
C GLY B 379 -21.82 5.24 30.40
N LEU B 380 -21.77 3.99 29.95
CA LEU B 380 -20.79 3.07 30.51
C LEU B 380 -19.37 3.65 30.34
N ASN B 381 -18.73 4.00 31.46
CA ASN B 381 -17.36 4.51 31.49
C ASN B 381 -16.40 3.34 31.30
N TYR B 382 -15.93 3.16 30.06
CA TYR B 382 -15.16 1.97 29.74
C TYR B 382 -13.79 1.98 30.39
N ALA B 383 -13.28 3.15 30.77
CA ALA B 383 -12.03 3.18 31.53
C ALA B 383 -12.26 2.65 32.94
N ALA B 384 -13.36 3.05 33.58
CA ALA B 384 -13.69 2.52 34.90
C ALA B 384 -13.97 1.03 34.84
N ASN B 385 -14.58 0.57 33.75
CA ASN B 385 -14.98 -0.82 33.64
C ASN B 385 -13.77 -1.75 33.48
N SER B 386 -12.78 -1.34 32.69
CA SER B 386 -11.60 -2.15 32.51
C SER B 386 -10.57 -1.97 33.62
N GLY B 387 -10.70 -0.89 34.40
CA GLY B 387 -9.72 -0.64 35.45
C GLY B 387 -8.38 -0.18 34.94
N SER B 388 -8.33 0.42 33.74
CA SER B 388 -7.06 0.83 33.16
C SER B 388 -6.43 2.00 33.91
N GLY B 389 -7.21 2.75 34.69
CA GLY B 389 -6.71 3.93 35.36
C GLY B 389 -6.60 5.18 34.50
N ALA B 390 -7.04 5.13 33.25
CA ALA B 390 -6.95 6.31 32.40
C ALA B 390 -7.89 7.40 32.89
N ASN B 391 -7.49 8.66 32.66
CA ASN B 391 -8.32 9.79 33.04
C ASN B 391 -9.73 9.66 32.49
N SER B 392 -10.73 9.97 33.32
CA SER B 392 -12.12 10.01 32.85
C SER B 392 -12.94 10.93 33.75
N SER B 393 -14.18 11.17 33.33
CA SER B 393 -15.05 12.14 33.98
C SER B 393 -15.26 11.82 35.46
N ALA B 394 -15.31 12.87 36.27
CA ALA B 394 -15.68 12.72 37.68
C ALA B 394 -17.07 12.12 37.83
N GLY B 395 -18.01 12.52 36.98
CA GLY B 395 -19.35 11.99 37.06
C GLY B 395 -20.19 12.47 35.89
N ASN B 396 -21.46 12.04 35.88
CA ASN B 396 -22.30 12.31 34.71
C ASN B 396 -22.83 13.74 34.69
N PHE B 397 -23.29 14.26 35.83
CA PHE B 397 -24.03 15.51 35.80
C PHE B 397 -23.48 16.51 36.81
N GLN B 398 -23.42 17.77 36.39
CA GLN B 398 -23.03 18.88 37.24
C GLN B 398 -23.96 20.05 36.94
N PHE B 399 -24.45 20.69 37.99
CA PHE B 399 -25.37 21.82 37.87
C PHE B 399 -24.66 23.06 38.39
N LEU B 400 -24.42 24.03 37.52
CA LEU B 400 -23.75 25.26 37.95
C LEU B 400 -24.69 26.30 38.51
N SER B 401 -25.99 26.13 38.36
CA SER B 401 -26.97 27.02 38.95
C SER B 401 -28.11 26.19 39.52
N ASN B 402 -28.96 26.83 40.31
CA ASN B 402 -30.13 26.18 40.88
C ASN B 402 -31.43 26.64 40.24
N ASP B 403 -31.36 27.33 39.09
CA ASP B 403 -32.54 27.77 38.36
C ASP B 403 -32.75 26.94 37.09
N CYS B 404 -32.16 25.77 37.02
CA CYS B 404 -32.41 24.86 35.92
C CYS B 404 -33.67 24.03 36.18
N SER B 405 -34.35 23.66 35.10
CA SER B 405 -35.50 22.78 35.16
C SER B 405 -35.18 21.61 34.23
N VAL B 406 -34.85 20.45 34.80
CA VAL B 406 -34.20 19.39 34.04
C VAL B 406 -34.80 18.05 34.43
N THR B 407 -35.11 17.22 33.43
CA THR B 407 -35.51 15.84 33.61
C THR B 407 -34.49 14.93 32.93
N ILE B 408 -34.04 13.90 33.64
CA ILE B 408 -33.09 12.93 33.11
C ILE B 408 -33.61 11.53 33.41
N ASN B 409 -33.66 10.68 32.39
CA ASN B 409 -34.00 9.28 32.54
C ASN B 409 -33.03 8.41 31.76
N GLY B 410 -32.61 7.30 32.36
CA GLY B 410 -31.77 6.32 31.69
C GLY B 410 -30.94 5.54 32.70
N VAL B 411 -29.80 5.05 32.23
CA VAL B 411 -28.90 4.23 33.06
C VAL B 411 -27.85 5.19 33.61
N VAL B 412 -28.18 5.82 34.73
CA VAL B 412 -27.31 6.85 35.29
C VAL B 412 -26.02 6.23 35.86
N GLU B 413 -26.10 5.02 36.39
CA GLU B 413 -24.93 4.27 36.82
C GLU B 413 -25.06 2.89 36.18
N THR B 414 -24.04 2.51 35.39
CA THR B 414 -24.21 1.39 34.47
C THR B 414 -24.38 0.07 35.20
N GLY B 415 -23.59 -0.17 36.24
CA GLY B 415 -23.65 -1.41 36.99
C GLY B 415 -22.68 -2.50 36.61
N TYR B 416 -21.48 -2.15 36.18
CA TYR B 416 -20.42 -3.15 36.07
C TYR B 416 -19.73 -3.31 37.44
N MET B 417 -18.80 -4.24 37.53
CA MET B 417 -18.32 -4.69 38.85
C MET B 417 -17.60 -3.58 39.60
N GLY B 418 -16.70 -2.86 38.94
CA GLY B 418 -15.87 -1.87 39.63
C GLY B 418 -14.53 -2.40 40.09
N ILE B 419 -13.72 -2.87 39.13
CA ILE B 419 -12.42 -3.45 39.43
C ILE B 419 -11.57 -2.50 40.27
N ASN B 420 -11.66 -1.20 39.99
CA ASN B 420 -10.90 -0.19 40.72
C ASN B 420 -11.75 0.58 41.73
N PHE B 421 -12.90 0.01 42.11
CA PHE B 421 -13.80 0.55 43.12
C PHE B 421 -14.52 1.81 42.65
N ILE B 422 -14.48 2.12 41.36
CA ILE B 422 -15.12 3.30 40.81
C ILE B 422 -16.04 2.89 39.66
N GLY B 423 -16.80 3.85 39.17
CA GLY B 423 -17.80 3.60 38.14
C GLY B 423 -18.03 4.82 37.30
N ASP B 424 -19.29 5.07 36.95
CA ASP B 424 -19.61 6.22 36.13
C ASP B 424 -19.65 7.50 36.96
N ASN B 425 -20.17 7.42 38.18
CA ASN B 425 -20.38 8.59 39.04
C ASN B 425 -19.50 8.45 40.28
N ASN B 426 -18.31 9.06 40.25
CA ASN B 426 -17.33 8.94 41.31
C ASN B 426 -17.23 10.18 42.18
N ILE B 427 -17.79 11.30 41.74
CA ILE B 427 -18.02 12.47 42.58
C ILE B 427 -19.43 12.94 42.29
N ILE B 428 -20.27 13.01 43.32
CA ILE B 428 -21.65 13.41 43.16
C ILE B 428 -21.86 14.73 43.88
N ASN B 429 -22.31 15.74 43.13
CA ASN B 429 -22.61 17.05 43.68
C ASN B 429 -24.11 17.26 43.61
N PRO B 430 -24.82 17.22 44.73
CA PRO B 430 -26.28 17.40 44.68
C PRO B 430 -26.61 18.83 44.29
N THR B 431 -27.85 19.02 43.83
CA THR B 431 -28.32 20.31 43.35
C THR B 431 -29.67 20.64 43.97
N ASN B 432 -29.95 21.94 44.07
CA ASN B 432 -31.25 22.42 44.46
C ASN B 432 -32.11 22.84 43.26
N SER B 433 -31.64 22.56 42.05
CA SER B 433 -32.43 22.86 40.86
C SER B 433 -33.74 22.08 40.87
N ASP B 434 -34.65 22.51 40.00
CA ASP B 434 -35.90 21.78 39.75
C ASP B 434 -35.56 20.57 38.90
N LEU B 435 -35.07 19.52 39.58
CA LEU B 435 -34.54 18.33 38.93
C LEU B 435 -35.42 17.12 39.21
N SER B 436 -35.63 16.31 38.17
CA SER B 436 -36.27 15.01 38.29
C SER B 436 -35.44 14.00 37.52
N ILE B 437 -35.00 12.94 38.19
CA ILE B 437 -34.13 11.95 37.56
C ILE B 437 -34.74 10.56 37.77
N ASN B 438 -34.91 9.82 36.67
CA ASN B 438 -35.41 8.44 36.69
C ASN B 438 -36.79 8.33 37.32
N GLY B 439 -37.58 9.40 37.27
CA GLY B 439 -38.88 9.35 37.89
C GLY B 439 -38.88 9.19 39.40
N LEU B 440 -37.74 9.43 40.04
CA LEU B 440 -37.63 9.29 41.49
C LEU B 440 -38.16 10.54 42.19
N VAL B 441 -39.06 10.33 43.16
CA VAL B 441 -39.53 11.43 43.99
C VAL B 441 -38.39 11.89 44.90
N ASN B 442 -38.15 13.19 44.93
CA ASN B 442 -37.13 13.77 45.80
C ASN B 442 -37.68 13.84 47.22
N TYR B 443 -37.02 13.16 48.15
CA TYR B 443 -37.56 13.06 49.51
C TYR B 443 -37.76 14.43 50.14
N SER B 444 -36.89 15.39 49.82
CA SER B 444 -37.02 16.74 50.37
C SER B 444 -38.24 17.48 49.83
N LYS B 445 -38.89 16.96 48.79
CA LYS B 445 -40.00 17.67 48.16
C LYS B 445 -41.33 16.94 48.27
N THR B 446 -41.42 15.89 49.10
CA THR B 446 -42.62 15.08 49.12
C THR B 446 -43.33 15.17 50.47
N GLY B 447 -44.66 15.12 50.42
CA GLY B 447 -45.47 14.99 51.60
C GLY B 447 -46.14 13.62 51.67
N LEU B 448 -45.65 12.68 50.88
CA LEU B 448 -46.25 11.36 50.84
C LEU B 448 -46.06 10.64 52.16
N GLN B 449 -47.12 10.00 52.63
CA GLN B 449 -47.09 9.18 53.83
C GLN B 449 -46.63 7.77 53.49
N THR B 450 -45.65 7.28 54.24
CA THR B 450 -45.12 5.95 54.02
C THR B 450 -45.16 5.18 55.32
N MET B 451 -45.05 3.87 55.25
CA MET B 451 -44.72 3.14 56.45
C MET B 451 -43.35 3.58 56.95
N ASN B 452 -43.12 3.39 58.25
CA ASN B 452 -41.81 3.67 58.82
C ASN B 452 -41.62 2.72 60.00
N GLU B 453 -41.15 1.53 59.71
CA GLU B 453 -40.99 0.52 60.74
C GLU B 453 -39.96 0.97 61.77
N THR B 454 -40.25 0.66 63.04
CA THR B 454 -39.41 1.10 64.15
C THR B 454 -38.44 0.00 64.52
N PRO B 455 -37.13 0.22 64.42
CA PRO B 455 -36.17 -0.78 64.88
C PRO B 455 -36.05 -0.72 66.39
N THR B 456 -35.47 -1.76 66.95
CA THR B 456 -35.23 -1.84 68.38
C THR B 456 -33.74 -1.66 68.64
N PHE B 457 -33.40 -0.83 69.62
CA PHE B 457 -32.01 -0.64 69.98
C PHE B 457 -31.54 -1.82 70.79
N ASP B 458 -30.36 -2.34 70.47
CA ASP B 458 -29.75 -3.40 71.26
C ASP B 458 -28.29 -3.08 71.55
N GLY B 459 -27.83 -3.62 72.68
CA GLY B 459 -26.47 -3.46 73.15
C GLY B 459 -26.39 -4.14 74.48
N VAL B 460 -25.15 -4.31 74.97
CA VAL B 460 -24.98 -4.91 76.30
C VAL B 460 -25.81 -4.15 77.32
N SER B 461 -25.66 -2.83 77.35
CA SER B 461 -26.63 -1.93 77.97
C SER B 461 -27.62 -1.50 76.88
N THR B 462 -28.91 -1.58 77.20
CA THR B 462 -29.97 -1.37 76.23
C THR B 462 -30.49 0.07 76.23
N THR B 463 -29.77 1.00 76.84
CA THR B 463 -30.10 2.42 76.73
C THR B 463 -29.28 3.04 75.62
N PRO B 464 -29.90 3.61 74.59
CA PRO B 464 -29.11 4.23 73.52
C PRO B 464 -28.29 5.40 74.05
N VAL B 465 -27.11 5.59 73.48
CA VAL B 465 -26.25 6.72 73.77
C VAL B 465 -26.08 7.53 72.50
N TYR B 466 -26.16 8.85 72.64
CA TYR B 466 -26.10 9.77 71.52
C TYR B 466 -24.89 10.69 71.70
N VAL B 467 -24.15 10.92 70.62
CA VAL B 467 -22.99 11.80 70.62
C VAL B 467 -23.04 12.68 69.38
N SER B 468 -22.17 13.68 69.36
CA SER B 468 -22.19 14.68 68.30
C SER B 468 -21.80 14.08 66.95
N VAL B 469 -22.38 14.64 65.89
CA VAL B 469 -21.98 14.30 64.52
C VAL B 469 -21.52 15.58 63.84
N PRO B 470 -20.66 15.51 62.82
CA PRO B 470 -20.31 16.72 62.08
C PRO B 470 -21.56 17.36 61.49
N SER B 471 -21.54 18.70 61.42
CA SER B 471 -22.72 19.44 61.01
C SER B 471 -23.18 19.10 59.59
N SER B 472 -22.31 18.52 58.77
CA SER B 472 -22.72 18.13 57.42
C SER B 472 -23.76 17.01 57.43
N VAL B 473 -23.92 16.33 58.57
CA VAL B 473 -24.95 15.29 58.68
C VAL B 473 -26.34 15.89 58.85
N GLY B 474 -26.44 17.20 59.10
CA GLY B 474 -27.73 17.85 59.17
C GLY B 474 -28.52 17.55 60.42
N GLN B 475 -27.83 17.21 61.50
CA GLN B 475 -28.47 16.96 62.80
C GLN B 475 -27.42 17.17 63.87
N VAL B 476 -27.89 17.26 65.12
CA VAL B 476 -27.01 17.60 66.23
C VAL B 476 -26.21 16.39 66.70
N ASN B 477 -26.89 15.26 66.90
CA ASN B 477 -26.30 14.05 67.45
C ASN B 477 -26.68 12.86 66.59
N GLY B 478 -25.95 11.76 66.80
CA GLY B 478 -26.30 10.48 66.21
C GLY B 478 -26.15 9.38 67.24
N LEU B 479 -26.37 8.15 66.78
CA LEU B 479 -26.29 6.98 67.67
C LEU B 479 -24.82 6.62 67.90
N ARG B 480 -24.40 6.58 69.16
CA ARG B 480 -23.05 6.20 69.53
C ARG B 480 -22.84 4.73 69.23
N LEU B 481 -21.89 4.41 68.36
CA LEU B 481 -21.57 3.04 67.99
C LEU B 481 -20.26 2.66 68.66
N SER B 482 -20.29 1.56 69.41
CA SER B 482 -19.10 1.08 70.09
C SER B 482 -19.05 -0.44 69.99
N GLN B 483 -17.82 -0.97 70.00
CA GLN B 483 -17.65 -2.41 70.06
C GLN B 483 -17.97 -2.96 71.45
N ALA B 484 -17.68 -2.18 72.51
CA ALA B 484 -17.85 -2.67 73.86
C ALA B 484 -19.32 -2.89 74.18
N ASN B 485 -20.19 -1.95 73.81
CA ASN B 485 -21.62 -2.11 74.05
C ASN B 485 -22.35 -2.81 72.92
N LYS B 486 -21.71 -3.04 71.77
CA LYS B 486 -22.34 -3.70 70.63
C LYS B 486 -23.62 -2.97 70.22
N ASP B 487 -23.54 -1.64 70.12
CA ASP B 487 -24.71 -0.86 69.75
C ASP B 487 -25.17 -1.24 68.35
N LYS B 488 -26.48 -1.49 68.22
CA LYS B 488 -27.03 -1.94 66.94
C LYS B 488 -28.51 -1.58 66.86
N LEU B 489 -29.04 -1.61 65.64
CA LEU B 489 -30.46 -1.42 65.38
C LEU B 489 -31.00 -2.66 64.68
N LEU B 490 -31.95 -3.33 65.33
CA LEU B 490 -32.55 -4.56 64.84
C LEU B 490 -33.93 -4.30 64.26
N TYR B 491 -34.17 -4.78 63.05
CA TYR B 491 -35.51 -4.84 62.48
C TYR B 491 -35.97 -6.29 62.50
N SER B 492 -37.25 -6.51 62.80
CA SER B 492 -37.79 -7.85 62.70
C SER B 492 -38.08 -8.24 61.25
N ARG B 493 -38.20 -7.26 60.36
CA ARG B 493 -38.42 -7.54 58.94
C ARG B 493 -37.33 -8.45 58.40
N THR B 494 -37.74 -9.42 57.59
CA THR B 494 -36.86 -10.35 56.90
C THR B 494 -36.79 -10.01 55.41
N ALA B 495 -35.67 -10.36 54.79
CA ALA B 495 -35.48 -10.11 53.36
C ALA B 495 -36.25 -11.12 52.54
N GLY B 496 -36.93 -10.63 51.49
CA GLY B 496 -37.68 -11.46 50.58
C GLY B 496 -37.08 -11.46 49.18
N PRO B 497 -37.68 -12.24 48.27
CA PRO B 497 -37.09 -12.39 46.93
C PRO B 497 -37.04 -11.11 46.13
N GLU B 498 -37.84 -10.09 46.49
CA GLU B 498 -37.78 -8.81 45.81
C GLU B 498 -36.51 -8.05 46.15
N GLY B 499 -35.88 -8.38 47.27
CA GLY B 499 -34.65 -7.72 47.66
C GLY B 499 -34.89 -6.57 48.60
N ILE B 500 -33.80 -5.90 48.96
CA ILE B 500 -33.82 -4.89 49.99
C ILE B 500 -32.74 -3.88 49.66
N THR B 501 -32.96 -2.63 50.09
CA THR B 501 -31.95 -1.57 50.08
C THR B 501 -31.77 -1.09 51.51
N MET B 502 -30.51 -1.01 51.95
CA MET B 502 -30.18 -0.54 53.28
C MET B 502 -29.08 0.50 53.17
N ALA B 503 -29.23 1.60 53.92
CA ALA B 503 -28.27 2.68 53.87
C ALA B 503 -28.26 3.41 55.21
N ALA B 504 -27.13 4.05 55.51
CA ALA B 504 -27.01 4.83 56.72
C ALA B 504 -25.83 5.77 56.57
N VAL B 505 -25.88 6.89 57.30
CA VAL B 505 -24.69 7.70 57.50
C VAL B 505 -23.91 7.09 58.67
N ILE B 506 -22.66 6.75 58.42
CA ILE B 506 -21.78 6.22 59.44
C ILE B 506 -20.54 7.09 59.52
N VAL B 507 -20.22 7.52 60.73
CA VAL B 507 -19.01 8.29 61.01
C VAL B 507 -18.05 7.35 61.72
N PRO B 508 -17.18 6.65 60.99
CA PRO B 508 -16.34 5.64 61.63
C PRO B 508 -15.19 6.27 62.40
N THR B 509 -14.94 5.74 63.59
CA THR B 509 -13.70 6.02 64.30
C THR B 509 -12.71 4.91 63.96
N ILE B 510 -11.65 5.28 63.24
CA ILE B 510 -10.70 4.33 62.69
C ILE B 510 -9.40 4.42 63.47
N SER B 511 -9.02 3.32 64.13
CA SER B 511 -7.76 3.27 64.86
C SER B 511 -6.98 2.03 64.45
N GLY B 512 -6.97 1.01 65.32
CA GLY B 512 -6.24 -0.21 65.06
C GLY B 512 -7.04 -1.25 64.29
N ALA B 513 -6.61 -2.49 64.42
CA ALA B 513 -7.31 -3.60 63.77
C ALA B 513 -8.72 -3.73 64.32
N GLU B 514 -9.69 -3.94 63.42
CA GLU B 514 -11.08 -3.92 63.81
C GLU B 514 -11.93 -4.42 62.66
N VAL B 515 -13.08 -5.01 63.00
CA VAL B 515 -14.09 -5.40 62.04
C VAL B 515 -15.32 -4.54 62.27
N PHE B 516 -15.67 -3.71 61.29
CA PHE B 516 -16.89 -2.93 61.32
C PHE B 516 -17.97 -3.71 60.60
N ASN B 517 -19.07 -4.01 61.29
CA ASN B 517 -20.23 -4.64 60.66
C ASN B 517 -21.21 -3.52 60.35
N PHE B 518 -21.12 -2.98 59.13
CA PHE B 518 -21.96 -1.84 58.77
C PHE B 518 -23.43 -2.22 58.77
N MET B 519 -23.77 -3.38 58.21
CA MET B 519 -25.15 -3.81 58.18
C MET B 519 -25.17 -5.29 57.78
N ALA B 520 -26.26 -5.97 58.09
CA ALA B 520 -26.32 -7.39 57.82
C ALA B 520 -27.75 -7.83 57.57
N ILE B 521 -27.88 -8.98 56.90
CA ILE B 521 -29.13 -9.72 56.79
C ILE B 521 -28.92 -11.05 57.51
N GLY B 522 -29.77 -11.34 58.49
CA GLY B 522 -29.57 -12.56 59.24
C GLY B 522 -28.38 -12.44 60.19
N SER B 523 -27.82 -13.61 60.53
CA SER B 523 -26.66 -13.67 61.39
C SER B 523 -25.86 -14.92 61.05
N GLY B 524 -24.61 -14.94 61.51
CA GLY B 524 -23.73 -16.06 61.22
C GLY B 524 -23.20 -16.02 59.80
N PHE B 525 -22.33 -16.99 59.51
CA PHE B 525 -21.68 -17.10 58.20
C PHE B 525 -21.33 -18.56 58.00
N SER B 526 -22.15 -19.27 57.21
CA SER B 526 -21.92 -20.69 56.95
C SER B 526 -22.73 -21.07 55.72
N ASP B 527 -22.60 -22.34 55.31
CA ASP B 527 -23.31 -22.81 54.13
C ASP B 527 -24.82 -22.68 54.29
N THR B 528 -25.33 -22.60 55.53
CA THR B 528 -26.75 -22.50 55.78
C THR B 528 -27.14 -21.29 56.61
N SER B 529 -26.22 -20.32 56.79
CA SER B 529 -26.54 -19.16 57.61
C SER B 529 -27.54 -18.21 56.96
N ASN B 530 -27.68 -18.27 55.63
CA ASN B 530 -28.62 -17.40 54.92
C ASN B 530 -28.41 -15.94 55.30
N SER B 531 -27.16 -15.49 55.17
CA SER B 531 -26.78 -14.21 55.78
C SER B 531 -25.92 -13.40 54.82
N LEU B 532 -25.95 -12.09 55.04
CA LEU B 532 -25.13 -11.12 54.34
C LEU B 532 -24.48 -10.20 55.37
N HIS B 533 -23.20 -9.87 55.15
CA HIS B 533 -22.53 -8.86 55.95
C HIS B 533 -21.81 -7.91 55.01
N LEU B 534 -21.94 -6.61 55.29
CA LEU B 534 -21.08 -5.60 54.66
C LEU B 534 -20.10 -5.10 55.72
N GLN B 535 -18.82 -5.34 55.50
CA GLN B 535 -17.81 -5.05 56.52
C GLN B 535 -16.71 -4.17 55.97
N LEU B 536 -16.17 -3.34 56.86
CA LEU B 536 -14.86 -2.71 56.69
C LEU B 536 -13.91 -3.41 57.65
N VAL B 537 -12.90 -4.06 57.10
CA VAL B 537 -11.91 -4.79 57.90
C VAL B 537 -10.59 -4.04 57.85
N ILE B 538 -10.02 -3.78 59.02
CA ILE B 538 -8.78 -3.04 59.16
C ILE B 538 -7.78 -3.95 59.88
N ASP B 539 -6.58 -4.11 59.31
CA ASP B 539 -5.57 -4.94 59.93
C ASP B 539 -4.62 -4.06 60.76
N ALA B 540 -3.61 -4.71 61.36
CA ALA B 540 -2.73 -4.00 62.29
C ALA B 540 -1.91 -2.92 61.60
N SER B 541 -1.63 -3.08 60.31
CA SER B 541 -0.85 -2.11 59.56
C SER B 541 -1.69 -0.96 59.02
N GLY B 542 -3.01 -1.00 59.21
CA GLY B 542 -3.89 0.04 58.72
C GLY B 542 -4.52 -0.23 57.36
N LYS B 543 -4.30 -1.40 56.77
CA LYS B 543 -4.89 -1.71 55.49
C LYS B 543 -6.41 -1.88 55.63
N GLN B 544 -7.16 -1.32 54.69
CA GLN B 544 -8.60 -1.39 54.72
C GLN B 544 -9.14 -2.31 53.64
N THR B 545 -10.08 -3.16 54.02
CA THR B 545 -10.75 -4.07 53.12
C THR B 545 -12.25 -3.89 53.25
N ILE B 546 -12.93 -3.69 52.12
CA ILE B 546 -14.39 -3.71 52.08
C ILE B 546 -14.80 -5.10 51.64
N ALA B 547 -15.53 -5.80 52.50
CA ALA B 547 -15.85 -7.21 52.28
C ALA B 547 -17.35 -7.41 52.35
N LEU B 548 -17.90 -8.11 51.37
CA LEU B 548 -19.27 -8.59 51.36
C LEU B 548 -19.26 -10.09 51.61
N LEU B 549 -19.86 -10.52 52.72
CA LEU B 549 -19.91 -11.93 53.12
C LEU B 549 -21.32 -12.48 52.83
N LEU B 550 -21.38 -13.56 52.04
CA LEU B 550 -22.64 -14.18 51.66
C LEU B 550 -22.63 -15.65 52.01
N GLY B 551 -23.64 -16.08 52.77
CA GLY B 551 -23.78 -17.48 53.14
C GLY B 551 -25.16 -18.03 52.85
N GLY B 552 -25.22 -19.12 52.11
CA GLY B 552 -26.49 -19.70 51.71
C GLY B 552 -26.31 -20.47 50.42
N ASP B 553 -27.42 -21.05 49.96
CA ASP B 553 -27.41 -21.89 48.76
C ASP B 553 -26.33 -22.95 48.87
N GLY B 554 -26.14 -23.47 50.08
CA GLY B 554 -25.18 -24.52 50.30
C GLY B 554 -23.72 -24.11 50.24
N THR B 555 -23.41 -22.82 50.28
CA THR B 555 -22.01 -22.42 50.20
C THR B 555 -21.83 -21.05 50.83
N THR B 556 -20.59 -20.56 50.78
CA THR B 556 -20.23 -19.22 51.22
C THR B 556 -19.34 -18.60 50.17
N GLN B 557 -19.31 -17.26 50.16
CA GLN B 557 -18.43 -16.52 49.28
C GLN B 557 -18.06 -15.23 49.98
N ILE B 558 -16.79 -14.85 49.84
CA ILE B 558 -16.31 -13.56 50.31
C ILE B 558 -15.94 -12.73 49.09
N LEU B 559 -16.65 -11.63 48.89
CA LEU B 559 -16.34 -10.66 47.85
C LEU B 559 -15.65 -9.51 48.56
N SER B 560 -14.32 -9.50 48.53
CA SER B 560 -13.57 -8.51 49.29
C SER B 560 -12.61 -7.78 48.36
N GLY B 561 -12.23 -6.58 48.79
CA GLY B 561 -11.22 -5.82 48.07
C GLY B 561 -10.44 -4.93 49.01
N ASP B 562 -9.12 -4.91 48.84
CA ASP B 562 -8.27 -4.02 49.60
C ASP B 562 -8.30 -2.63 48.98
N LEU B 563 -8.57 -1.62 49.80
CA LEU B 563 -8.64 -0.27 49.28
C LEU B 563 -7.24 0.30 49.11
N PRO B 564 -6.92 0.91 47.97
CA PRO B 564 -5.67 1.68 47.87
C PRO B 564 -5.66 2.83 48.87
N ASN B 565 -4.46 3.27 49.23
CA ASN B 565 -4.32 4.26 50.29
C ASN B 565 -5.14 5.51 50.01
N ASP B 566 -5.20 5.96 48.75
CA ASP B 566 -5.92 7.19 48.43
C ASP B 566 -7.44 7.05 48.46
N LEU B 567 -7.97 5.83 48.64
CA LEU B 567 -9.41 5.64 48.75
C LEU B 567 -9.86 5.24 50.16
N LYS B 568 -8.94 5.22 51.13
CA LYS B 568 -9.29 4.79 52.48
C LYS B 568 -10.33 5.71 53.10
N LEU B 569 -11.20 5.11 53.93
CA LEU B 569 -12.07 5.90 54.78
C LEU B 569 -11.25 6.56 55.89
N GLN B 570 -11.64 7.76 56.27
CA GLN B 570 -10.90 8.54 57.25
C GLN B 570 -11.70 8.68 58.52
N SER B 571 -11.01 8.58 59.65
CA SER B 571 -11.66 8.63 60.95
C SER B 571 -12.40 9.95 61.14
N GLY B 572 -13.60 9.87 61.69
CA GLY B 572 -14.38 11.06 61.99
C GLY B 572 -15.03 11.71 60.81
N VAL B 573 -14.95 11.11 59.63
CA VAL B 573 -15.53 11.64 58.41
C VAL B 573 -16.87 10.95 58.16
N PRO B 574 -17.95 11.68 57.86
CA PRO B 574 -19.23 11.04 57.60
C PRO B 574 -19.29 10.46 56.19
N TYR B 575 -19.74 9.20 56.11
CA TYR B 575 -19.97 8.52 54.84
C TYR B 575 -21.40 8.02 54.78
N HIS B 576 -22.02 8.17 53.61
CA HIS B 576 -23.26 7.47 53.34
C HIS B 576 -22.93 6.09 52.79
N ILE B 577 -23.39 5.06 53.48
CA ILE B 577 -23.06 3.67 53.16
C ILE B 577 -24.34 2.97 52.77
N ALA B 578 -24.38 2.42 51.56
CA ALA B 578 -25.60 1.85 51.02
C ALA B 578 -25.33 0.51 50.36
N ILE B 579 -26.31 -0.38 50.43
CA ILE B 579 -26.25 -1.65 49.72
C ILE B 579 -27.62 -1.94 49.11
N GLY B 580 -27.59 -2.60 47.96
CA GLY B 580 -28.76 -3.26 47.42
C GLY B 580 -28.52 -4.75 47.38
N ALA B 581 -29.48 -5.52 47.86
CA ALA B 581 -29.30 -6.96 47.94
C ALA B 581 -30.60 -7.65 47.52
N LYS B 582 -30.46 -8.59 46.59
CA LYS B 582 -31.55 -9.43 46.10
C LYS B 582 -30.93 -10.67 45.51
N PRO B 583 -31.70 -11.72 45.29
CA PRO B 583 -31.13 -12.93 44.68
C PRO B 583 -30.35 -12.57 43.42
N GLY B 584 -29.07 -12.98 43.39
CA GLY B 584 -28.24 -12.79 42.22
C GLY B 584 -27.81 -11.37 41.91
N TYR B 585 -27.88 -10.43 42.86
CA TYR B 585 -27.66 -9.02 42.53
C TYR B 585 -27.39 -8.26 43.84
N PHE B 586 -26.11 -7.97 44.10
CA PHE B 586 -25.66 -7.28 45.30
C PHE B 586 -24.74 -6.13 44.92
N TRP B 587 -24.96 -4.94 45.48
CA TRP B 587 -24.07 -3.82 45.25
C TRP B 587 -23.87 -3.03 46.54
N TRP B 588 -22.69 -2.42 46.68
CA TRP B 588 -22.44 -1.54 47.81
C TRP B 588 -21.74 -0.27 47.33
N SER B 589 -21.91 0.79 48.12
CA SER B 589 -21.41 2.12 47.80
C SER B 589 -21.09 2.83 49.10
N ILE B 590 -19.98 3.56 49.10
CA ILE B 590 -19.53 4.33 50.25
C ILE B 590 -19.21 5.74 49.75
N LEU B 591 -19.91 6.72 50.30
CA LEU B 591 -19.90 8.08 49.76
C LEU B 591 -19.49 9.06 50.84
N ASN B 592 -18.38 9.75 50.62
CA ASN B 592 -17.94 10.82 51.51
C ASN B 592 -18.90 12.00 51.34
N ILE B 593 -19.68 12.30 52.38
CA ILE B 593 -20.72 13.33 52.20
C ILE B 593 -20.14 14.73 52.22
N GLN B 594 -18.86 14.88 52.53
CA GLN B 594 -18.27 16.20 52.49
C GLN B 594 -17.58 16.51 51.16
N THR B 595 -17.00 15.52 50.49
CA THR B 595 -16.37 15.74 49.19
C THR B 595 -17.19 15.25 48.02
N GLY B 596 -18.17 14.39 48.25
CA GLY B 596 -18.89 13.76 47.16
C GLY B 596 -18.19 12.57 46.53
N LYS B 597 -17.00 12.21 47.00
CA LYS B 597 -16.26 11.11 46.41
C LYS B 597 -16.83 9.76 46.85
N ARG B 598 -16.93 8.85 45.89
CA ARG B 598 -17.65 7.61 46.07
C ARG B 598 -16.79 6.44 45.65
N ILE B 599 -16.93 5.31 46.36
CA ILE B 599 -16.39 4.03 45.93
C ILE B 599 -17.53 3.03 45.99
N ARG B 600 -17.41 1.97 45.20
CA ARG B 600 -18.57 1.15 44.91
C ARG B 600 -18.10 -0.16 44.29
N ARG B 601 -18.94 -1.19 44.44
CA ARG B 601 -18.77 -2.43 43.73
C ARG B 601 -20.14 -3.08 43.56
N SER B 602 -20.28 -3.84 42.48
CA SER B 602 -21.54 -4.46 42.12
C SER B 602 -21.25 -5.88 41.64
N PHE B 603 -22.09 -6.82 42.06
CA PHE B 603 -21.84 -8.24 41.80
C PHE B 603 -23.07 -8.88 41.17
N ARG B 604 -22.93 -9.28 39.91
CA ARG B 604 -23.95 -10.04 39.20
C ARG B 604 -23.26 -11.10 38.36
N GLY B 605 -24.03 -12.12 37.97
CA GLY B 605 -23.55 -13.07 36.99
C GLY B 605 -22.33 -13.82 37.50
N ALA B 606 -21.31 -13.92 36.65
CA ALA B 606 -20.17 -14.78 36.93
C ALA B 606 -19.42 -14.38 38.20
N TYR B 607 -19.61 -13.16 38.70
CA TYR B 607 -18.94 -12.79 39.94
C TYR B 607 -19.55 -13.51 41.15
N LEU B 608 -20.75 -14.06 41.03
CA LEU B 608 -21.39 -14.78 42.12
C LEU B 608 -21.26 -16.28 41.88
N ALA B 609 -20.82 -17.01 42.92
CA ALA B 609 -20.76 -18.47 42.79
C ALA B 609 -22.17 -19.04 42.66
N VAL B 610 -23.12 -18.50 43.41
CA VAL B 610 -24.52 -18.87 43.35
C VAL B 610 -25.34 -17.60 43.52
N PRO B 611 -26.64 -17.66 43.17
CA PRO B 611 -27.47 -16.46 43.38
C PRO B 611 -27.70 -16.15 44.85
N PHE B 612 -27.52 -17.13 45.74
CA PHE B 612 -27.81 -16.98 47.16
C PHE B 612 -29.30 -16.70 47.39
N ASN B 613 -30.13 -17.54 46.76
CA ASN B 613 -31.57 -17.43 46.96
C ASN B 613 -31.95 -17.49 48.44
N SER B 614 -31.31 -18.40 49.20
CA SER B 614 -31.74 -18.69 50.56
C SER B 614 -31.48 -17.56 51.54
N ILE B 615 -30.74 -16.52 51.15
CA ILE B 615 -30.69 -15.33 51.99
C ILE B 615 -32.06 -14.64 52.05
N PHE B 616 -32.91 -14.87 51.05
CA PHE B 616 -34.11 -14.07 50.84
C PHE B 616 -35.40 -14.88 50.98
N GLY B 617 -35.38 -15.93 51.79
CA GLY B 617 -36.58 -16.74 51.95
C GLY B 617 -37.41 -16.31 53.14
N LEU B 618 -37.36 -15.02 53.46
CA LEU B 618 -38.11 -14.44 54.57
C LEU B 618 -37.77 -15.09 55.91
N THR B 619 -36.47 -15.38 56.13
CA THR B 619 -36.01 -15.96 57.38
C THR B 619 -34.94 -15.13 58.10
N SER B 620 -34.30 -14.18 57.43
CA SER B 620 -33.15 -13.48 57.97
C SER B 620 -33.48 -12.00 58.12
N SER B 621 -33.34 -11.49 59.35
CA SER B 621 -33.78 -10.14 59.66
C SER B 621 -32.68 -9.12 59.39
N LEU B 622 -33.08 -7.86 59.26
CA LEU B 622 -32.18 -6.78 58.87
C LEU B 622 -31.64 -6.08 60.10
N THR B 623 -30.33 -5.86 60.13
CA THR B 623 -29.68 -5.19 61.24
C THR B 623 -28.70 -4.15 60.74
N PHE B 624 -28.64 -3.01 61.44
CA PHE B 624 -27.67 -1.97 61.18
C PHE B 624 -26.61 -1.96 62.27
N PHE B 625 -25.34 -1.86 61.86
CA PHE B 625 -24.17 -1.69 62.73
C PHE B 625 -23.77 -2.99 63.40
N SER B 626 -24.33 -4.12 62.98
CA SER B 626 -24.02 -5.44 63.53
C SER B 626 -24.87 -6.47 62.80
N ASP B 627 -24.91 -7.70 63.28
CA ASP B 627 -25.93 -8.64 62.85
C ASP B 627 -26.95 -8.81 63.97
N SER B 628 -27.91 -9.72 63.74
CA SER B 628 -29.06 -9.88 64.63
C SER B 628 -28.72 -10.59 65.94
N ASN B 629 -27.55 -11.22 66.04
CA ASN B 629 -27.18 -12.01 67.20
C ASN B 629 -26.34 -11.20 68.18
N ALA B 630 -26.47 -11.55 69.46
CA ALA B 630 -25.74 -10.84 70.51
C ALA B 630 -24.22 -10.92 70.33
N GLY B 631 -23.72 -11.97 69.70
CA GLY B 631 -22.29 -12.13 69.53
C GLY B 631 -21.68 -11.52 68.29
N GLY B 632 -22.45 -10.83 67.47
CA GLY B 632 -21.91 -10.29 66.22
C GLY B 632 -21.01 -9.10 66.45
N ASP B 633 -20.04 -8.92 65.55
CA ASP B 633 -19.25 -7.70 65.54
C ASP B 633 -20.16 -6.49 65.36
N ALA B 634 -19.67 -5.33 65.83
CA ALA B 634 -20.41 -4.08 65.71
C ALA B 634 -19.56 -3.02 65.03
N CYS B 635 -19.72 -1.76 65.42
CA CYS B 635 -19.01 -0.65 64.81
C CYS B 635 -18.42 0.27 65.86
N SER B 636 -17.54 1.16 65.41
CA SER B 636 -16.97 2.22 66.25
C SER B 636 -17.24 3.57 65.59
N GLY B 637 -17.95 4.45 66.29
CA GLY B 637 -18.26 5.74 65.71
C GLY B 637 -19.68 6.20 65.97
N VAL B 638 -20.31 6.78 64.94
CA VAL B 638 -21.65 7.33 65.08
C VAL B 638 -22.47 6.94 63.85
N GLY B 639 -23.76 6.70 64.08
CA GLY B 639 -24.67 6.34 63.02
C GLY B 639 -25.81 7.34 62.95
N ALA B 640 -26.34 7.54 61.74
CA ALA B 640 -27.44 8.48 61.56
C ALA B 640 -28.18 8.15 60.28
N LYS B 641 -29.44 8.58 60.21
CA LYS B 641 -30.25 8.54 59.00
C LYS B 641 -30.26 7.13 58.39
N VAL B 642 -30.70 6.18 59.18
CA VAL B 642 -30.85 4.80 58.73
C VAL B 642 -32.08 4.67 57.84
N TYR B 643 -31.91 4.02 56.69
CA TYR B 643 -32.97 3.89 55.70
C TYR B 643 -33.14 2.42 55.33
N VAL B 644 -34.40 1.95 55.32
CA VAL B 644 -34.76 0.66 54.78
C VAL B 644 -35.76 0.88 53.67
N GLY B 645 -35.47 0.33 52.49
CA GLY B 645 -36.42 0.34 51.39
C GLY B 645 -36.40 -0.99 50.68
N MET B 646 -37.38 -1.16 49.79
CA MET B 646 -37.34 -2.27 48.85
C MET B 646 -36.24 -2.04 47.82
N PHE B 647 -35.94 -3.05 47.01
CA PHE B 647 -34.74 -3.03 46.20
C PHE B 647 -34.70 -1.84 45.24
N SER B 648 -33.59 -1.13 45.27
CA SER B 648 -33.25 -0.10 44.31
C SER B 648 -31.97 -0.51 43.60
N SER B 649 -31.91 -0.31 42.29
CA SER B 649 -30.66 -0.49 41.57
C SER B 649 -29.63 0.55 42.02
N GLU B 650 -28.34 0.27 41.75
CA GLU B 650 -27.34 1.30 41.95
C GLU B 650 -27.61 2.50 41.05
N ASN B 651 -28.20 2.25 39.88
CA ASN B 651 -28.65 3.31 38.99
C ASN B 651 -29.53 4.31 39.75
N ASP B 652 -30.61 3.82 40.36
CA ASP B 652 -31.51 4.69 41.11
C ASP B 652 -30.87 5.26 42.37
N TYR B 653 -30.04 4.47 43.06
CA TYR B 653 -29.37 5.02 44.23
C TYR B 653 -28.55 6.25 43.85
N VAL B 654 -27.68 6.10 42.86
CA VAL B 654 -26.85 7.22 42.41
C VAL B 654 -27.73 8.38 41.96
N ALA B 655 -28.78 8.08 41.19
CA ALA B 655 -29.68 9.14 40.71
C ALA B 655 -30.23 9.94 41.88
N SER B 656 -30.66 9.28 42.96
CA SER B 656 -31.23 10.00 44.09
C SER B 656 -30.20 10.84 44.83
N ARG B 657 -28.91 10.45 44.76
CA ARG B 657 -27.87 11.24 45.40
C ARG B 657 -27.72 12.64 44.79
N TYR B 658 -28.14 12.84 43.54
CA TYR B 658 -28.15 14.19 42.97
C TYR B 658 -29.17 15.10 43.64
N TYR B 659 -30.19 14.53 44.29
CA TYR B 659 -31.08 15.33 45.12
C TYR B 659 -30.39 15.75 46.41
N ASN B 660 -29.67 14.82 47.03
CA ASN B 660 -29.14 15.01 48.38
C ASN B 660 -28.31 13.79 48.73
N LEU B 661 -27.16 13.98 49.36
CA LEU B 661 -26.23 12.87 49.52
C LEU B 661 -26.63 11.89 50.61
N ILE B 662 -27.50 12.28 51.55
CA ILE B 662 -27.77 11.45 52.72
C ILE B 662 -29.24 11.14 52.92
N ASN B 663 -30.12 11.62 52.04
CA ASN B 663 -31.55 11.42 52.24
C ASN B 663 -31.99 10.02 51.80
N PRO B 664 -33.22 9.65 52.12
CA PRO B 664 -33.75 8.36 51.67
C PRO B 664 -33.63 8.18 50.15
N VAL B 665 -33.55 6.91 49.72
CA VAL B 665 -33.28 6.60 48.32
C VAL B 665 -34.52 6.82 47.45
N ASP B 666 -35.64 6.19 47.81
CA ASP B 666 -36.84 6.16 46.97
C ASP B 666 -38.07 6.22 47.87
N PRO B 667 -38.72 7.38 47.98
CA PRO B 667 -39.92 7.47 48.83
C PRO B 667 -40.99 6.44 48.51
N THR B 668 -41.14 6.02 47.24
CA THR B 668 -42.17 5.03 46.93
C THR B 668 -41.78 3.63 47.40
N LYS B 669 -40.51 3.42 47.75
CA LYS B 669 -40.04 2.14 48.28
C LYS B 669 -39.66 2.22 49.75
N LEU B 670 -39.83 3.37 50.38
CA LEU B 670 -39.33 3.59 51.74
C LEU B 670 -40.08 2.73 52.74
N ILE B 671 -39.34 1.97 53.54
CA ILE B 671 -39.90 1.11 54.58
C ILE B 671 -39.64 1.66 55.97
N SER B 672 -38.46 2.23 56.20
CA SER B 672 -38.09 2.80 57.48
C SER B 672 -37.10 3.92 57.22
N TYR B 673 -37.20 4.98 58.01
CA TYR B 673 -36.23 6.08 57.95
C TYR B 673 -36.12 6.65 59.35
N ARG B 674 -34.97 6.45 59.99
CA ARG B 674 -34.76 6.88 61.38
C ARG B 674 -33.60 7.87 61.41
N ILE B 675 -33.88 9.09 61.85
CA ILE B 675 -32.85 10.13 61.90
C ILE B 675 -31.81 9.79 62.96
N LEU B 676 -32.25 9.33 64.13
CA LEU B 676 -31.38 9.01 65.26
C LEU B 676 -30.79 10.25 65.92
N ASP B 677 -31.49 11.38 65.88
CA ASP B 677 -31.06 12.59 66.59
C ASP B 677 -31.64 12.57 68.00
N SER B 678 -30.98 11.80 68.88
CA SER B 678 -31.42 11.63 70.26
C SER B 678 -32.77 10.91 70.35
N SER B 679 -33.08 10.08 69.36
CA SER B 679 -34.21 9.17 69.42
C SER B 679 -33.96 8.02 68.46
N ILE B 680 -34.77 6.98 68.58
CA ILE B 680 -34.61 5.78 67.77
C ILE B 680 -35.76 5.67 66.77
N ASP C 5 4.27 14.81 -52.51
CA ASP C 5 3.52 15.31 -53.65
C ASP C 5 2.14 15.70 -53.13
N SER C 6 1.07 15.26 -53.80
CA SER C 6 -0.28 15.55 -53.33
C SER C 6 -0.58 14.80 -52.05
N PHE C 7 0.02 13.62 -51.87
CA PHE C 7 -0.15 12.84 -50.65
C PHE C 7 0.17 13.69 -49.43
N ILE C 8 1.31 14.38 -49.45
CA ILE C 8 1.70 15.21 -48.31
C ILE C 8 0.79 16.42 -48.14
N ASN C 9 0.23 16.96 -49.24
CA ASN C 9 -0.74 18.04 -49.10
C ASN C 9 -2.07 17.55 -48.52
N VAL C 10 -2.52 16.34 -48.89
CA VAL C 10 -3.68 15.79 -48.20
C VAL C 10 -3.37 15.66 -46.72
N ILE C 11 -2.19 15.11 -46.42
CA ILE C 11 -1.76 14.94 -45.03
C ILE C 11 -1.67 16.28 -44.34
N ASN C 12 -1.10 17.29 -45.01
CA ASN C 12 -1.02 18.62 -44.41
C ASN C 12 -2.40 19.21 -44.18
N THR C 13 -3.33 19.00 -45.12
CA THR C 13 -4.67 19.55 -44.96
C THR C 13 -5.40 18.89 -43.82
N LEU C 14 -5.40 17.54 -43.80
CA LEU C 14 -6.03 16.82 -42.70
C LEU C 14 -5.34 17.11 -41.38
N GLY C 15 -4.05 17.47 -41.43
CA GLY C 15 -3.26 17.73 -40.24
C GLY C 15 -3.39 19.11 -39.64
N ARG C 16 -4.12 20.03 -40.27
CA ARG C 16 -4.27 21.36 -39.68
C ARG C 16 -5.10 21.27 -38.41
N ASN C 17 -5.05 22.35 -37.61
CA ASN C 17 -5.72 22.36 -36.32
C ASN C 17 -7.21 22.07 -36.43
N ASP C 18 -7.85 22.52 -37.51
CA ASP C 18 -9.26 22.29 -37.73
C ASP C 18 -9.53 21.06 -38.59
N GLY C 19 -8.54 20.18 -38.72
CA GLY C 19 -8.65 19.05 -39.62
C GLY C 19 -9.82 18.13 -39.35
N ALA C 20 -10.34 18.13 -38.12
CA ALA C 20 -11.49 17.29 -37.82
C ALA C 20 -12.69 17.64 -38.69
N LYS C 21 -12.75 18.86 -39.21
CA LYS C 21 -13.91 19.27 -40.00
C LYS C 21 -14.05 18.47 -41.29
N TYR C 22 -13.01 17.77 -41.74
CA TYR C 22 -13.07 17.03 -43.00
C TYR C 22 -13.69 15.65 -42.89
N ILE C 23 -13.95 15.14 -41.70
CA ILE C 23 -14.62 13.86 -41.54
C ILE C 23 -16.12 14.08 -41.49
N GLY C 24 -16.84 13.51 -42.46
CA GLY C 24 -18.26 13.72 -42.56
C GLY C 24 -19.04 13.12 -41.40
N GLU C 25 -20.33 13.44 -41.37
CA GLU C 25 -21.20 13.08 -40.27
C GLU C 25 -22.64 13.07 -40.74
N CYS C 26 -23.46 12.30 -40.04
CA CYS C 26 -24.91 12.33 -40.25
C CYS C 26 -25.48 13.59 -39.62
N HIS C 27 -26.37 14.28 -40.35
CA HIS C 27 -26.95 15.48 -39.77
C HIS C 27 -28.22 15.20 -38.97
N SER C 28 -28.66 13.95 -38.88
CA SER C 28 -29.85 13.63 -38.10
C SER C 28 -30.01 12.12 -37.97
N VAL C 29 -30.81 11.72 -36.99
CA VAL C 29 -31.12 10.30 -36.80
C VAL C 29 -31.94 9.75 -37.97
N ALA C 30 -32.68 10.61 -38.67
CA ALA C 30 -33.39 10.14 -39.85
C ALA C 30 -32.43 9.68 -40.94
N ASP C 31 -31.37 10.47 -41.18
CA ASP C 31 -30.34 10.07 -42.12
C ASP C 31 -29.68 8.77 -41.69
N LEU C 32 -29.42 8.63 -40.39
CA LEU C 32 -28.78 7.43 -39.87
C LEU C 32 -29.55 6.18 -40.28
N ARG C 33 -30.88 6.27 -40.30
CA ARG C 33 -31.69 5.14 -40.75
C ARG C 33 -31.52 4.88 -42.24
N ASN C 34 -31.01 5.86 -42.99
CA ASN C 34 -30.75 5.71 -44.42
C ASN C 34 -29.27 5.56 -44.74
N THR C 35 -28.42 5.36 -43.74
CA THR C 35 -26.99 5.16 -43.94
C THR C 35 -26.69 3.69 -43.63
N GLU C 36 -26.38 2.93 -44.67
CA GLU C 36 -26.11 1.51 -44.48
C GLU C 36 -24.61 1.29 -44.22
N PRO C 37 -24.24 0.63 -43.13
CA PRO C 37 -22.82 0.34 -42.92
C PRO C 37 -22.31 -0.67 -43.92
N THR C 38 -21.04 -0.55 -44.28
CA THR C 38 -20.39 -1.48 -45.19
C THR C 38 -19.42 -2.40 -44.49
N MET C 39 -19.38 -2.35 -43.16
CA MET C 39 -18.46 -3.16 -42.37
C MET C 39 -18.98 -3.23 -40.95
N ASP C 40 -18.78 -4.38 -40.31
CA ASP C 40 -19.34 -4.59 -38.98
C ASP C 40 -18.53 -3.79 -37.96
N GLY C 41 -19.22 -3.26 -36.96
CA GLY C 41 -18.60 -2.37 -36.01
C GLY C 41 -18.18 -1.04 -36.57
N GLN C 42 -18.69 -0.67 -37.75
CA GLN C 42 -18.34 0.60 -38.38
C GLN C 42 -18.71 1.77 -37.47
N ARG C 43 -17.78 2.71 -37.35
CA ARG C 43 -18.00 3.93 -36.58
C ARG C 43 -18.60 5.01 -37.47
N ILE C 44 -19.54 5.76 -36.91
CA ILE C 44 -20.14 6.90 -37.58
C ILE C 44 -20.34 8.02 -36.56
N ILE C 45 -20.20 9.26 -37.02
CA ILE C 45 -20.41 10.43 -36.19
C ILE C 45 -21.80 10.99 -36.49
N LEU C 46 -22.59 11.21 -35.45
CA LEU C 46 -23.89 11.83 -35.59
C LEU C 46 -23.80 13.27 -35.10
N LYS C 47 -24.11 14.22 -35.98
CA LYS C 47 -23.99 15.62 -35.62
C LYS C 47 -25.06 16.03 -34.61
N GLN C 48 -26.28 15.51 -34.77
CA GLN C 48 -27.41 15.89 -33.93
C GLN C 48 -28.52 14.89 -34.13
N HIS C 49 -29.43 14.84 -33.15
CA HIS C 49 -30.58 13.94 -33.25
C HIS C 49 -31.59 14.43 -34.28
N THR C 50 -32.01 15.68 -34.17
CA THR C 50 -33.01 16.27 -35.05
C THR C 50 -32.39 17.40 -35.84
N ALA C 51 -32.70 17.45 -37.14
CA ALA C 51 -32.09 18.43 -38.02
C ALA C 51 -32.24 19.84 -37.46
N GLY C 52 -31.12 20.57 -37.40
CA GLY C 52 -31.19 21.97 -37.04
C GLY C 52 -31.27 22.24 -35.56
N THR C 53 -30.88 21.28 -34.72
CA THR C 53 -30.99 21.44 -33.28
C THR C 53 -29.64 21.52 -32.58
N LEU C 54 -28.57 20.97 -33.16
CA LEU C 54 -27.27 20.93 -32.49
C LEU C 54 -27.28 20.15 -31.19
N LEU C 55 -28.29 19.31 -30.98
CA LEU C 55 -28.39 18.51 -29.77
C LEU C 55 -28.49 17.02 -30.08
N GLY C 56 -28.01 16.21 -29.14
CA GLY C 56 -28.19 14.77 -29.22
C GLY C 56 -27.23 14.02 -30.10
N GLY C 57 -26.20 14.67 -30.61
CA GLY C 57 -25.18 14.01 -31.40
C GLY C 57 -24.33 13.06 -30.58
N GLY C 58 -23.44 12.38 -31.28
CA GLY C 58 -22.57 11.41 -30.64
C GLY C 58 -21.94 10.51 -31.69
N VAL C 59 -21.38 9.40 -31.22
CA VAL C 59 -20.77 8.39 -32.07
C VAL C 59 -21.60 7.12 -31.97
N PHE C 60 -21.80 6.46 -33.10
CA PHE C 60 -22.52 5.21 -33.17
C PHE C 60 -21.65 4.14 -33.82
N ARG C 61 -21.93 2.88 -33.49
CA ARG C 61 -21.25 1.75 -34.12
C ARG C 61 -22.29 0.80 -34.68
N ALA C 62 -21.98 0.21 -35.83
CA ALA C 62 -22.96 -0.51 -36.61
C ALA C 62 -22.93 -2.00 -36.29
N LEU C 63 -24.10 -2.61 -36.26
CA LEU C 63 -24.23 -4.05 -36.39
C LEU C 63 -24.98 -4.35 -37.68
N ILE C 64 -24.29 -5.00 -38.62
CA ILE C 64 -24.93 -5.37 -39.89
C ILE C 64 -26.11 -6.28 -39.63
N ASP C 65 -26.01 -7.15 -38.62
CA ASP C 65 -27.08 -8.06 -38.23
C ASP C 65 -27.92 -7.36 -37.16
N GLY C 66 -29.05 -6.79 -37.56
CA GLY C 66 -29.87 -6.06 -36.61
C GLY C 66 -30.97 -6.83 -35.94
N THR C 67 -31.08 -8.13 -36.18
CA THR C 67 -32.05 -8.94 -35.48
C THR C 67 -31.83 -8.84 -33.97
N GLY C 68 -32.94 -8.74 -33.22
CA GLY C 68 -32.87 -8.63 -31.78
C GLY C 68 -32.73 -7.21 -31.26
N LYS C 69 -32.45 -6.24 -32.11
CA LYS C 69 -32.40 -4.84 -31.71
C LYS C 69 -33.68 -4.13 -32.16
N THR C 70 -34.18 -3.24 -31.31
CA THR C 70 -35.39 -2.47 -31.61
C THR C 70 -35.05 -0.99 -31.63
N ASP C 71 -35.52 -0.28 -32.66
CA ASP C 71 -35.27 1.15 -32.77
C ASP C 71 -35.96 1.89 -31.63
N ASN C 72 -35.19 2.67 -30.86
CA ASN C 72 -35.73 3.43 -29.75
C ASN C 72 -35.60 4.93 -29.94
N ASN C 73 -35.12 5.37 -31.10
CA ASN C 73 -35.04 6.78 -31.46
C ASN C 73 -33.99 7.55 -30.65
N GLY C 74 -33.02 6.87 -30.05
CA GLY C 74 -32.01 7.56 -29.28
C GLY C 74 -30.67 6.85 -29.17
N THR C 75 -30.67 5.57 -28.83
CA THR C 75 -29.43 4.81 -28.67
C THR C 75 -29.36 3.56 -29.53
N VAL C 76 -30.47 3.11 -30.12
CA VAL C 76 -30.50 2.02 -31.09
C VAL C 76 -31.26 2.54 -32.30
N ILE C 77 -30.58 2.69 -33.43
CA ILE C 77 -31.17 3.23 -34.64
C ILE C 77 -31.06 2.20 -35.75
N LYS C 78 -32.21 1.81 -36.32
CA LYS C 78 -32.31 0.77 -37.34
C LYS C 78 -32.34 1.37 -38.73
N THR C 79 -31.61 0.75 -39.66
CA THR C 79 -31.63 1.15 -41.05
C THR C 79 -32.71 0.40 -41.82
N VAL C 80 -33.06 0.92 -42.99
CA VAL C 80 -33.99 0.23 -43.87
C VAL C 80 -33.45 -1.14 -44.25
N GLY C 81 -32.13 -1.25 -44.42
CA GLY C 81 -31.51 -2.51 -44.72
C GLY C 81 -31.37 -3.48 -43.57
N GLY C 82 -31.84 -3.09 -42.37
CA GLY C 82 -31.82 -3.97 -41.22
C GLY C 82 -30.60 -3.88 -40.34
N ALA C 83 -29.67 -2.97 -40.62
CA ALA C 83 -28.57 -2.76 -39.70
C ALA C 83 -29.03 -1.97 -38.48
N ALA C 84 -28.22 -2.03 -37.42
CA ALA C 84 -28.51 -1.32 -36.18
C ALA C 84 -27.32 -0.45 -35.81
N TRP C 85 -27.56 0.84 -35.64
CA TRP C 85 -26.57 1.77 -35.11
C TRP C 85 -26.74 1.87 -33.60
N LEU C 86 -25.67 1.59 -32.85
CA LEU C 86 -25.69 1.59 -31.40
C LEU C 86 -24.90 2.78 -30.88
N ARG C 87 -25.55 3.64 -30.08
CA ARG C 87 -24.84 4.79 -29.55
C ARG C 87 -23.72 4.33 -28.62
N VAL C 88 -22.52 4.88 -28.82
CA VAL C 88 -21.43 4.61 -27.90
C VAL C 88 -21.74 5.34 -26.60
N ASN C 89 -22.12 4.59 -25.58
CA ASN C 89 -22.58 5.17 -24.33
C ASN C 89 -22.63 4.08 -23.26
N ALA C 90 -21.63 4.04 -22.38
CA ALA C 90 -21.55 2.94 -21.43
C ALA C 90 -22.62 3.04 -20.35
N ASP C 91 -22.88 4.24 -19.84
CA ASP C 91 -23.69 4.35 -18.63
C ASP C 91 -25.05 4.99 -18.91
N ARG C 92 -25.33 6.13 -18.29
CA ARG C 92 -26.69 6.65 -18.26
C ARG C 92 -27.04 7.37 -19.55
N VAL C 93 -28.34 7.40 -19.85
CA VAL C 93 -28.86 8.16 -20.97
C VAL C 93 -29.39 9.47 -20.45
N ASN C 94 -29.51 10.45 -21.33
CA ASN C 94 -30.17 11.70 -21.01
C ASN C 94 -31.14 12.05 -22.13
N PRO C 95 -32.10 12.92 -21.86
CA PRO C 95 -33.19 13.16 -22.85
C PRO C 95 -32.71 13.71 -24.18
N PHE C 96 -31.59 14.45 -24.23
CA PHE C 96 -31.16 14.99 -25.51
C PHE C 96 -30.79 13.90 -26.51
N MET C 97 -30.34 12.74 -26.03
CA MET C 97 -30.05 11.62 -26.92
C MET C 97 -31.29 11.14 -27.65
N PHE C 98 -32.48 11.42 -27.12
CA PHE C 98 -33.73 10.94 -27.71
C PHE C 98 -34.51 12.08 -28.37
N GLY C 99 -33.89 13.23 -28.59
CA GLY C 99 -34.53 14.32 -29.27
C GLY C 99 -35.04 15.44 -28.39
N ALA C 100 -34.74 15.42 -27.10
CA ALA C 100 -35.13 16.53 -26.25
C ALA C 100 -34.47 17.82 -26.74
N LEU C 101 -35.19 18.92 -26.59
CA LEU C 101 -34.66 20.23 -26.95
C LEU C 101 -34.45 21.14 -25.75
N GLY C 102 -35.04 20.82 -24.60
CA GLY C 102 -34.92 21.71 -23.47
C GLY C 102 -35.63 23.03 -23.74
N GLY C 103 -35.30 24.02 -22.93
CA GLY C 103 -35.95 25.30 -23.09
C GLY C 103 -37.45 25.15 -22.90
N SER C 104 -38.22 25.70 -23.84
CA SER C 104 -39.67 25.67 -23.73
C SER C 104 -40.32 24.49 -24.45
N ASN C 105 -39.53 23.58 -25.01
CA ASN C 105 -40.09 22.46 -25.77
C ASN C 105 -40.72 21.40 -24.86
N ASP C 106 -41.77 20.76 -25.36
CA ASP C 106 -42.39 19.61 -24.70
C ASP C 106 -41.48 18.40 -24.93
N ASP C 107 -40.72 18.03 -23.91
CA ASP C 107 -39.78 16.93 -23.98
C ASP C 107 -40.33 15.65 -23.38
N THR C 108 -41.65 15.51 -23.30
CA THR C 108 -42.27 14.34 -22.68
C THR C 108 -41.75 13.04 -23.27
N ILE C 109 -41.84 12.90 -24.59
CA ILE C 109 -41.55 11.64 -25.26
C ILE C 109 -40.07 11.29 -25.13
N PRO C 110 -39.15 12.23 -25.35
CA PRO C 110 -37.73 11.95 -25.05
C PRO C 110 -37.46 11.51 -23.62
N VAL C 111 -38.10 12.15 -22.63
CA VAL C 111 -37.86 11.72 -21.24
C VAL C 111 -38.45 10.34 -21.02
N GLN C 112 -39.66 10.09 -21.52
CA GLN C 112 -40.25 8.77 -21.40
C GLN C 112 -39.37 7.72 -22.05
N SER C 113 -38.78 8.03 -23.21
CA SER C 113 -37.87 7.09 -23.86
C SER C 113 -36.67 6.78 -22.96
N CYS C 114 -36.18 7.79 -22.24
CA CYS C 114 -35.05 7.56 -21.34
C CYS C 114 -35.39 6.53 -20.27
N VAL C 115 -36.48 6.74 -19.52
CA VAL C 115 -36.78 5.84 -18.41
C VAL C 115 -37.25 4.47 -18.86
N ASP C 116 -37.62 4.31 -20.13
CA ASP C 116 -37.94 3.01 -20.69
C ASP C 116 -36.74 2.34 -21.36
N SER C 117 -35.57 2.96 -21.33
CA SER C 117 -34.47 2.54 -22.20
C SER C 117 -33.83 1.23 -21.75
N GLY C 118 -33.93 0.88 -20.47
CA GLY C 118 -33.13 -0.20 -19.93
C GLY C 118 -31.92 0.27 -19.16
N LYS C 119 -31.72 1.57 -19.04
CA LYS C 119 -30.65 2.15 -18.25
C LYS C 119 -31.19 3.32 -17.45
N ALA C 120 -30.44 3.71 -16.42
CA ALA C 120 -30.79 4.89 -15.63
C ALA C 120 -30.67 6.17 -16.47
N THR C 121 -31.44 7.17 -16.06
CA THR C 121 -31.51 8.46 -16.75
C THR C 121 -30.76 9.53 -15.97
N GLN C 122 -29.99 10.34 -16.67
CA GLN C 122 -29.36 11.53 -16.11
C GLN C 122 -30.10 12.76 -16.62
N LEU C 123 -30.60 13.58 -15.71
CA LEU C 123 -31.13 14.90 -16.07
C LEU C 123 -29.98 15.91 -15.99
N THR C 124 -29.63 16.51 -17.11
CA THR C 124 -28.57 17.49 -17.17
C THR C 124 -29.09 18.92 -17.25
N ASP C 125 -30.41 19.11 -17.19
CA ASP C 125 -31.05 20.36 -17.58
C ASP C 125 -32.48 20.33 -17.06
N ALA C 126 -33.23 21.38 -17.38
CA ALA C 126 -34.67 21.43 -17.10
C ALA C 126 -35.45 20.97 -18.34
N HIS C 127 -36.41 20.07 -18.14
CA HIS C 127 -37.21 19.52 -19.23
C HIS C 127 -38.69 19.62 -18.89
N TYR C 128 -39.46 20.26 -19.78
CA TYR C 128 -40.91 20.24 -19.70
C TYR C 128 -41.46 18.87 -20.10
N VAL C 129 -42.43 18.37 -19.33
CA VAL C 129 -43.12 17.14 -19.65
C VAL C 129 -44.58 17.31 -19.26
N SER C 130 -45.42 16.43 -19.79
CA SER C 130 -46.82 16.36 -19.35
C SER C 130 -46.96 15.29 -18.27
N ASN C 131 -46.72 14.03 -18.64
CA ASN C 131 -46.82 12.92 -17.70
C ASN C 131 -45.79 11.87 -18.07
N ILE C 132 -45.12 11.34 -17.05
CA ILE C 132 -44.04 10.37 -17.17
C ILE C 132 -44.39 9.16 -16.33
N GLN C 133 -44.06 7.96 -16.81
CA GLN C 133 -44.28 6.73 -16.04
C GLN C 133 -42.95 6.01 -15.84
N LEU C 134 -42.69 5.62 -14.59
CA LEU C 134 -41.54 4.80 -14.24
C LEU C 134 -42.01 3.34 -14.11
N LYS C 135 -41.50 2.47 -14.98
CA LYS C 135 -42.03 1.12 -15.12
C LYS C 135 -41.10 -0.02 -14.75
N TYR C 136 -39.77 0.19 -14.74
CA TYR C 136 -38.82 -0.90 -14.69
C TYR C 136 -37.82 -0.69 -13.56
N ASN C 137 -37.11 -1.78 -13.21
CA ASN C 137 -36.04 -1.64 -12.24
C ASN C 137 -34.83 -0.90 -12.82
N THR C 138 -34.85 -0.54 -14.11
CA THR C 138 -33.81 0.32 -14.67
C THR C 138 -34.23 1.80 -14.70
N SER C 139 -35.46 2.11 -14.30
CA SER C 139 -36.02 3.45 -14.45
C SER C 139 -35.55 4.45 -13.39
N SER C 140 -34.29 4.36 -12.96
CA SER C 140 -33.75 5.35 -12.04
C SER C 140 -33.56 6.69 -12.75
N ILE C 141 -33.54 7.76 -11.96
CA ILE C 141 -33.30 9.11 -12.46
C ILE C 141 -32.32 9.82 -11.52
N TYR C 142 -31.28 10.41 -12.09
CA TYR C 142 -30.29 11.19 -11.35
C TYR C 142 -30.17 12.59 -11.93
N GLY C 143 -30.09 13.59 -11.06
CA GLY C 143 -29.75 14.93 -11.48
C GLY C 143 -28.46 15.38 -10.80
N SER C 144 -28.28 16.69 -10.66
CA SER C 144 -27.08 17.22 -10.01
C SER C 144 -27.44 18.39 -9.10
N GLY C 145 -28.67 18.43 -8.62
CA GLY C 145 -29.15 19.54 -7.81
C GLY C 145 -30.66 19.50 -7.65
N LEU C 146 -31.15 20.20 -6.63
CA LEU C 146 -32.58 20.20 -6.35
C LEU C 146 -33.36 21.16 -7.23
N HIS C 147 -32.69 21.87 -8.15
CA HIS C 147 -33.36 22.90 -8.93
C HIS C 147 -33.05 22.84 -10.42
N TYR C 148 -31.78 22.95 -10.79
CA TYR C 148 -31.46 23.22 -12.19
C TYR C 148 -31.62 21.98 -13.07
N SER C 149 -31.39 20.79 -12.53
CA SER C 149 -31.73 19.56 -13.21
C SER C 149 -33.10 19.11 -12.72
N ARG C 150 -34.09 19.11 -13.61
CA ARG C 150 -35.46 18.89 -13.15
C ARG C 150 -36.37 18.52 -14.31
N LEU C 151 -37.51 17.92 -13.96
CA LEU C 151 -38.69 17.85 -14.81
C LEU C 151 -39.64 18.95 -14.37
N HIS C 152 -40.34 19.54 -15.34
CA HIS C 152 -41.25 20.66 -15.11
C HIS C 152 -42.53 20.36 -15.86
N GLN C 153 -43.65 20.27 -15.15
CA GLN C 153 -44.90 19.91 -15.79
C GLN C 153 -45.44 21.07 -16.61
N LEU C 154 -45.82 20.78 -17.85
CA LEU C 154 -46.35 21.83 -18.72
C LEU C 154 -47.63 22.41 -18.13
N PRO C 155 -47.87 23.72 -18.27
CA PRO C 155 -49.10 24.30 -17.71
C PRO C 155 -50.37 23.68 -18.25
N SER C 156 -50.35 23.12 -19.46
CA SER C 156 -51.55 22.54 -20.04
C SER C 156 -51.78 21.10 -19.59
N ALA C 157 -50.83 20.49 -18.89
CA ALA C 157 -50.96 19.12 -18.44
C ALA C 157 -51.66 19.07 -17.09
N THR C 158 -52.39 18.00 -16.86
CA THR C 158 -52.97 17.73 -15.56
C THR C 158 -52.52 16.36 -15.10
N GLY C 159 -52.96 15.94 -13.91
CA GLY C 159 -52.60 14.62 -13.43
C GLY C 159 -51.21 14.54 -12.83
N ASN C 160 -50.67 13.32 -12.83
CA ASN C 160 -49.40 13.01 -12.20
C ASN C 160 -48.24 13.33 -13.13
N CYS C 161 -47.35 14.21 -12.69
CA CYS C 161 -46.12 14.46 -13.44
C CYS C 161 -45.29 13.20 -13.56
N ILE C 162 -45.06 12.52 -12.44
CA ILE C 162 -44.40 11.23 -12.41
C ILE C 162 -45.32 10.23 -11.75
N THR C 163 -45.49 9.07 -12.37
CA THR C 163 -46.19 7.95 -11.76
C THR C 163 -45.20 6.80 -11.64
N ILE C 164 -45.04 6.27 -10.43
CA ILE C 164 -44.25 5.06 -10.23
C ILE C 164 -45.19 3.87 -10.32
N LYS C 165 -45.04 3.08 -11.38
CA LYS C 165 -45.91 1.95 -11.64
C LYS C 165 -45.57 0.78 -10.71
N ASP C 166 -46.55 -0.12 -10.53
CA ASP C 166 -46.34 -1.21 -9.60
C ASP C 166 -45.48 -2.33 -10.18
N THR C 167 -44.95 -2.15 -11.39
CA THR C 167 -43.90 -3.02 -11.93
C THR C 167 -42.51 -2.50 -11.60
N CYS C 168 -42.40 -1.30 -11.04
CA CYS C 168 -41.14 -0.59 -10.88
C CYS C 168 -40.62 -0.74 -9.46
N SER C 169 -39.47 -1.39 -9.31
CA SER C 169 -38.88 -1.59 -7.99
C SER C 169 -37.38 -1.33 -8.05
N LEU C 170 -36.81 -1.03 -6.88
CA LEU C 170 -35.37 -1.06 -6.68
C LEU C 170 -34.63 0.00 -7.50
N ILE C 171 -35.31 1.11 -7.80
CA ILE C 171 -34.71 2.22 -8.50
C ILE C 171 -34.26 3.29 -7.50
N VAL C 172 -33.50 4.26 -7.99
CA VAL C 172 -33.13 5.44 -7.21
C VAL C 172 -33.62 6.68 -7.94
N LEU C 173 -34.24 7.59 -7.22
CA LEU C 173 -34.52 8.94 -7.69
C LEU C 173 -33.68 9.88 -6.84
N ASP C 174 -32.69 10.53 -7.45
CA ASP C 174 -31.71 11.26 -6.65
C ASP C 174 -31.36 12.59 -7.26
N ALA C 175 -31.50 13.65 -6.45
CA ALA C 175 -30.94 14.98 -6.73
C ALA C 175 -31.48 15.58 -8.02
N PHE C 176 -32.80 15.72 -8.08
CA PHE C 176 -33.39 16.50 -9.16
C PHE C 176 -34.69 17.12 -8.65
N GLY C 177 -35.21 18.05 -9.42
CA GLY C 177 -36.44 18.73 -9.08
C GLY C 177 -37.60 18.21 -9.90
N VAL C 178 -38.80 18.28 -9.30
CA VAL C 178 -40.06 17.95 -9.96
C VAL C 178 -40.95 19.16 -9.71
N TYR C 179 -41.13 19.99 -10.72
CA TYR C 179 -41.79 21.29 -10.58
C TYR C 179 -43.11 21.31 -11.32
N GLY C 180 -44.10 22.00 -10.74
CA GLY C 180 -45.35 22.27 -11.38
C GLY C 180 -45.58 23.75 -11.64
N THR C 181 -46.80 24.06 -12.07
CA THR C 181 -47.12 25.43 -12.46
C THR C 181 -46.84 26.43 -11.34
N GLY C 182 -47.06 26.03 -10.08
CA GLY C 182 -46.89 26.95 -8.98
C GLY C 182 -45.55 26.87 -8.25
N ALA C 183 -44.49 26.44 -8.94
CA ALA C 183 -43.23 26.19 -8.24
C ALA C 183 -42.65 27.49 -7.67
N GLN C 184 -42.72 28.58 -8.41
CA GLN C 184 -42.22 29.84 -7.87
C GLN C 184 -43.16 30.35 -6.78
N GLN C 185 -42.58 30.87 -5.70
CA GLN C 185 -43.40 31.27 -4.57
C GLN C 185 -44.39 32.34 -5.01
N GLY C 186 -45.61 32.27 -4.48
CA GLY C 186 -46.64 33.25 -4.78
C GLY C 186 -47.32 33.12 -6.14
N THR C 187 -47.11 32.02 -6.86
CA THR C 187 -47.73 31.85 -8.17
C THR C 187 -48.89 30.86 -8.10
N SER C 188 -49.69 30.84 -9.17
CA SER C 188 -50.89 30.03 -9.22
C SER C 188 -50.60 28.63 -9.76
N PHE C 189 -51.60 27.76 -9.66
CA PHE C 189 -51.45 26.34 -9.94
C PHE C 189 -52.29 25.93 -11.14
N THR C 190 -52.02 24.72 -11.62
CA THR C 190 -52.88 24.04 -12.58
C THR C 190 -53.69 22.98 -11.84
N ALA C 191 -55.01 23.04 -11.98
CA ALA C 191 -55.89 22.17 -11.20
C ALA C 191 -55.64 20.70 -11.51
N GLY C 192 -55.65 19.86 -10.48
CA GLY C 192 -55.63 18.42 -10.65
C GLY C 192 -54.27 17.79 -10.81
N THR C 193 -53.20 18.49 -10.46
CA THR C 193 -51.86 18.00 -10.69
C THR C 193 -51.25 17.42 -9.43
N THR C 194 -50.37 16.45 -9.62
CA THR C 194 -49.61 15.80 -8.55
C THR C 194 -48.18 15.66 -9.03
N GLY C 195 -47.23 15.85 -8.10
CA GLY C 195 -45.82 15.74 -8.45
C GLY C 195 -45.40 14.32 -8.74
N ILE C 196 -45.41 13.48 -7.69
CA ILE C 196 -45.04 12.07 -7.80
C ILE C 196 -46.16 11.22 -7.19
N TYR C 197 -46.64 10.24 -7.94
CA TYR C 197 -47.67 9.32 -7.49
C TYR C 197 -47.14 7.89 -7.52
N VAL C 198 -47.29 7.16 -6.42
CA VAL C 198 -46.97 5.74 -6.36
C VAL C 198 -48.28 4.98 -6.32
N GLU C 199 -48.63 4.33 -7.43
CA GLU C 199 -49.96 3.74 -7.59
C GLU C 199 -50.11 2.47 -6.75
N THR C 200 -51.35 2.11 -6.50
CA THR C 200 -51.63 0.91 -5.70
C THR C 200 -51.34 -0.35 -6.51
N PRO C 201 -50.56 -1.28 -5.99
CA PRO C 201 -50.26 -2.50 -6.76
C PRO C 201 -51.50 -3.34 -7.01
N SER C 202 -51.55 -3.95 -8.17
CA SER C 202 -52.65 -4.82 -8.57
C SER C 202 -52.33 -6.29 -8.43
N GLY C 203 -51.15 -6.64 -7.91
CA GLY C 203 -50.82 -8.05 -7.76
C GLY C 203 -49.55 -8.23 -6.96
N LEU C 204 -49.15 -9.48 -6.84
CA LEU C 204 -47.98 -9.91 -6.08
C LEU C 204 -47.20 -10.89 -6.94
N SER C 205 -45.90 -10.64 -7.13
CA SER C 205 -45.10 -11.56 -7.92
C SER C 205 -44.39 -12.54 -7.00
N ALA C 206 -43.91 -13.63 -7.60
CA ALA C 206 -43.23 -14.67 -6.86
C ALA C 206 -41.74 -14.77 -7.24
N ASP C 207 -41.25 -13.85 -8.07
CA ASP C 207 -39.86 -13.89 -8.51
C ASP C 207 -39.11 -12.58 -8.23
N TYR C 208 -39.54 -11.84 -7.22
CA TYR C 208 -38.75 -10.70 -6.76
C TYR C 208 -37.32 -11.14 -6.48
N PRO C 209 -36.29 -10.33 -6.81
CA PRO C 209 -36.38 -8.98 -7.38
C PRO C 209 -36.38 -8.95 -8.91
N PHE C 210 -36.51 -10.11 -9.55
CA PHE C 210 -36.52 -10.20 -11.00
C PHE C 210 -37.92 -10.11 -11.59
N HIS C 211 -38.89 -9.58 -10.83
CA HIS C 211 -40.26 -9.56 -11.28
C HIS C 211 -40.42 -8.57 -12.43
N THR C 212 -41.34 -8.90 -13.35
CA THR C 212 -41.75 -8.00 -14.40
C THR C 212 -43.24 -7.70 -14.33
N THR C 213 -43.92 -8.18 -13.29
CA THR C 213 -45.35 -7.99 -13.10
C THR C 213 -45.58 -7.22 -11.80
N ALA C 214 -46.86 -6.98 -11.50
CA ALA C 214 -47.23 -6.16 -10.36
C ALA C 214 -46.67 -6.72 -9.06
N ASP C 215 -46.17 -5.84 -8.19
CA ASP C 215 -45.66 -6.29 -6.91
C ASP C 215 -45.72 -5.14 -5.92
N PRO C 216 -45.99 -5.40 -4.64
CA PRO C 216 -46.03 -4.32 -3.65
C PRO C 216 -44.68 -3.86 -3.14
N ARG C 217 -43.59 -4.57 -3.44
CA ARG C 217 -42.27 -4.21 -2.90
C ARG C 217 -41.61 -3.17 -3.80
N ARG C 218 -41.92 -1.90 -3.53
CA ARG C 218 -41.26 -0.81 -4.25
C ARG C 218 -39.75 -0.82 -3.99
N ASP C 219 -39.36 -0.93 -2.72
CA ASP C 219 -37.95 -1.02 -2.32
C ASP C 219 -37.08 -0.05 -3.10
N LEU C 220 -37.47 1.23 -3.08
CA LEU C 220 -36.79 2.25 -3.85
C LEU C 220 -36.51 3.47 -2.99
N CYS C 221 -35.61 4.32 -3.46
CA CYS C 221 -35.13 5.48 -2.70
C CYS C 221 -35.41 6.77 -3.46
N ILE C 222 -36.13 7.67 -2.80
CA ILE C 222 -36.28 9.05 -3.26
C ILE C 222 -35.36 9.89 -2.39
N SER C 223 -34.32 10.44 -3.00
CA SER C 223 -33.18 10.97 -2.27
C SER C 223 -32.88 12.36 -2.80
N LYS C 224 -32.88 13.36 -1.92
CA LYS C 224 -32.56 14.73 -2.31
C LYS C 224 -33.39 15.16 -3.52
N VAL C 225 -34.68 14.83 -3.51
CA VAL C 225 -35.59 15.25 -4.57
C VAL C 225 -36.42 16.43 -4.07
N HIS C 226 -36.59 17.43 -4.94
CA HIS C 226 -37.30 18.65 -4.61
C HIS C 226 -38.59 18.70 -5.43
N ILE C 227 -39.74 18.62 -4.75
CA ILE C 227 -41.06 18.67 -5.38
C ILE C 227 -41.69 20.01 -5.06
N ALA C 228 -42.19 20.71 -6.09
CA ALA C 228 -42.73 22.04 -5.87
C ALA C 228 -43.75 22.41 -6.94
N GLY C 229 -44.84 23.03 -6.51
CA GLY C 229 -45.74 23.74 -7.40
C GLY C 229 -46.91 22.96 -7.95
N PHE C 230 -47.34 21.89 -7.29
CA PHE C 230 -48.47 21.09 -7.75
C PHE C 230 -49.72 21.38 -6.92
N ASP C 231 -50.86 21.01 -7.49
CA ASP C 231 -52.15 21.36 -6.89
C ASP C 231 -52.53 20.41 -5.75
N GLU C 232 -52.81 19.16 -6.08
CA GLU C 232 -53.43 18.27 -5.10
C GLU C 232 -52.42 17.64 -4.16
N TYR C 233 -51.29 17.16 -4.68
CA TYR C 233 -50.28 16.52 -3.85
C TYR C 233 -48.90 16.79 -4.41
N GLY C 234 -47.94 17.03 -3.52
CA GLY C 234 -46.55 17.00 -3.93
C GLY C 234 -46.13 15.57 -4.16
N LEU C 235 -46.14 14.78 -3.09
CA LEU C 235 -45.88 13.35 -3.15
C LEU C 235 -47.07 12.60 -2.59
N ASN C 236 -47.50 11.54 -3.27
CA ASN C 236 -48.67 10.78 -2.87
C ASN C 236 -48.33 9.29 -3.02
N ILE C 237 -48.10 8.62 -1.90
CA ILE C 237 -47.79 7.19 -1.90
C ILE C 237 -49.07 6.43 -1.54
N ASP C 238 -49.65 5.74 -2.53
CA ASP C 238 -50.93 5.12 -2.28
C ASP C 238 -50.80 3.75 -1.59
N SER C 239 -51.95 3.21 -1.23
CA SER C 239 -52.03 1.99 -0.42
C SER C 239 -51.38 0.80 -1.12
N GLY C 240 -50.81 -0.10 -0.31
CA GLY C 240 -50.28 -1.35 -0.80
C GLY C 240 -48.83 -1.33 -1.21
N ASN C 241 -48.13 -0.21 -1.06
CA ASN C 241 -46.73 -0.08 -1.44
C ASN C 241 -45.83 -0.21 -0.22
N PHE C 242 -44.82 -1.08 -0.31
CA PHE C 242 -43.88 -1.30 0.77
C PHE C 242 -42.52 -0.69 0.46
N SER C 243 -41.91 -0.10 1.48
CA SER C 243 -40.49 0.29 1.44
C SER C 243 -40.20 1.39 0.43
N VAL C 244 -41.08 2.38 0.32
CA VAL C 244 -40.72 3.61 -0.38
C VAL C 244 -39.91 4.45 0.61
N THR C 245 -38.60 4.44 0.46
CA THR C 245 -37.73 5.26 1.29
C THR C 245 -37.66 6.66 0.71
N THR C 246 -37.76 7.66 1.57
CA THR C 246 -37.39 9.02 1.21
C THR C 246 -36.31 9.48 2.17
N ASP C 247 -35.38 10.26 1.65
CA ASP C 247 -34.24 10.74 2.41
C ASP C 247 -33.92 12.14 1.88
N SER C 248 -34.06 13.14 2.75
CA SER C 248 -33.80 14.53 2.36
C SER C 248 -34.73 14.97 1.24
N LEU C 249 -35.98 14.51 1.30
CA LEU C 249 -37.01 15.01 0.41
C LEU C 249 -37.39 16.43 0.81
N LEU C 250 -37.58 17.29 -0.19
CA LEU C 250 -37.97 18.68 0.04
C LEU C 250 -39.21 18.97 -0.80
N VAL C 251 -40.30 19.37 -0.15
CA VAL C 251 -41.54 19.72 -0.84
C VAL C 251 -41.89 21.16 -0.49
N ASN C 252 -42.18 21.96 -1.51
CA ASN C 252 -42.45 23.39 -1.41
C ASN C 252 -43.70 23.73 -2.21
N HIS C 253 -44.45 24.72 -1.73
CA HIS C 253 -45.45 25.42 -2.53
C HIS C 253 -46.42 24.43 -3.19
N ILE C 254 -47.24 23.81 -2.34
CA ILE C 254 -48.28 22.88 -2.78
C ILE C 254 -49.65 23.48 -2.48
N ASN C 255 -50.52 23.52 -3.47
CA ASN C 255 -51.82 24.16 -3.28
C ASN C 255 -52.66 23.45 -2.22
N GLN C 256 -52.52 22.13 -2.09
CA GLN C 256 -53.32 21.38 -1.14
C GLN C 256 -52.40 20.63 -0.22
N VAL C 257 -52.19 19.32 -0.41
CA VAL C 257 -51.52 18.47 0.56
C VAL C 257 -50.08 18.24 0.11
N GLY C 258 -49.12 18.60 0.97
CA GLY C 258 -47.72 18.41 0.64
C GLY C 258 -47.37 16.97 0.35
N VAL C 259 -47.58 16.09 1.33
CA VAL C 259 -47.24 14.68 1.20
C VAL C 259 -48.38 13.86 1.77
N ARG C 260 -48.83 12.87 1.00
CA ARG C 260 -49.79 11.89 1.49
C ARG C 260 -49.17 10.51 1.44
N CYS C 261 -49.37 9.75 2.50
CA CYS C 261 -49.00 8.35 2.54
C CYS C 261 -50.18 7.54 3.06
N ALA C 262 -50.42 6.38 2.46
CA ALA C 262 -51.57 5.56 2.84
C ALA C 262 -51.20 4.08 2.87
N THR C 263 -49.98 3.78 3.31
CA THR C 263 -49.47 2.42 3.23
C THR C 263 -48.62 2.14 4.46
N THR C 264 -48.04 0.94 4.50
CA THR C 264 -47.31 0.42 5.66
C THR C 264 -45.87 0.11 5.30
N ASP C 265 -45.06 -0.08 6.34
CA ASP C 265 -43.72 -0.68 6.19
C ASP C 265 -42.79 0.22 5.37
N TRP C 266 -42.45 1.39 5.91
CA TRP C 266 -41.56 2.33 5.24
C TRP C 266 -40.85 3.17 6.26
N THR C 267 -39.76 3.81 5.82
CA THR C 267 -38.98 4.72 6.64
C THR C 267 -38.63 5.98 5.85
N TRP C 268 -38.83 7.15 6.46
CA TRP C 268 -38.39 8.42 5.90
C TRP C 268 -37.42 9.08 6.87
N THR C 269 -36.39 9.71 6.33
CA THR C 269 -35.46 10.45 7.16
C THR C 269 -35.28 11.85 6.58
N ASN C 270 -35.25 12.84 7.47
CA ASN C 270 -35.02 14.24 7.11
C ASN C 270 -35.93 14.67 5.95
N ILE C 271 -37.23 14.70 6.24
CA ILE C 271 -38.21 15.22 5.30
C ILE C 271 -38.53 16.65 5.69
N GLN C 272 -38.66 17.53 4.69
CA GLN C 272 -39.15 18.89 4.91
C GLN C 272 -40.26 19.22 3.94
N VAL C 273 -41.40 19.66 4.47
CA VAL C 273 -42.54 20.11 3.69
C VAL C 273 -42.89 21.52 4.15
N ASN C 274 -43.00 22.45 3.20
CA ASN C 274 -43.09 23.87 3.51
C ASN C 274 -44.11 24.55 2.61
N THR C 275 -45.09 25.23 3.23
CA THR C 275 -46.04 26.08 2.51
C THR C 275 -47.02 25.28 1.67
N CYS C 276 -48.09 24.79 2.30
CA CYS C 276 -49.15 24.03 1.66
C CYS C 276 -50.50 24.66 2.00
N GLY C 277 -51.42 24.64 1.02
CA GLY C 277 -52.74 25.22 1.26
C GLY C 277 -53.56 24.42 2.27
N LYS C 278 -53.33 23.11 2.33
CA LYS C 278 -53.97 22.26 3.33
C LYS C 278 -52.88 21.66 4.20
N GLN C 279 -52.94 20.34 4.47
CA GLN C 279 -51.93 19.72 5.31
C GLN C 279 -50.57 19.71 4.62
N CYS C 280 -49.51 19.83 5.43
CA CYS C 280 -48.19 19.46 4.93
C CYS C 280 -48.07 17.95 4.76
N LEU C 281 -48.65 17.18 5.68
CA LEU C 281 -48.50 15.73 5.67
C LEU C 281 -49.82 15.08 6.06
N VAL C 282 -50.25 14.10 5.27
CA VAL C 282 -51.41 13.28 5.59
C VAL C 282 -50.98 11.84 5.68
N LEU C 283 -51.10 11.24 6.85
CA LEU C 283 -50.98 9.80 7.04
C LEU C 283 -52.39 9.24 7.16
N ASP C 284 -52.80 8.46 6.16
CA ASP C 284 -54.18 7.97 6.02
C ASP C 284 -54.10 6.45 5.99
N GLY C 285 -54.44 5.81 7.10
CA GLY C 285 -54.33 4.36 7.17
C GLY C 285 -52.91 3.83 7.13
N CYS C 286 -51.94 4.60 7.64
CA CYS C 286 -50.57 4.12 7.68
C CYS C 286 -50.34 3.25 8.91
N GLY C 287 -49.34 2.39 8.82
CA GLY C 287 -48.99 1.53 9.93
C GLY C 287 -47.58 1.01 9.79
N ASN C 288 -46.94 0.73 10.92
CA ASN C 288 -45.63 0.11 10.94
C ASN C 288 -44.67 0.87 10.04
N GLY C 289 -44.61 2.19 10.25
CA GLY C 289 -43.70 3.04 9.55
C GLY C 289 -42.89 3.90 10.51
N ARG C 290 -41.89 4.58 9.95
CA ARG C 290 -40.99 5.42 10.72
C ARG C 290 -40.76 6.72 9.99
N ILE C 291 -40.88 7.83 10.71
CA ILE C 291 -40.42 9.13 10.25
C ILE C 291 -39.38 9.62 11.23
N ILE C 292 -38.16 9.85 10.75
CA ILE C 292 -37.04 10.21 11.61
C ILE C 292 -36.42 11.49 11.04
N GLY C 293 -36.66 12.61 11.72
CA GLY C 293 -36.24 13.91 11.24
C GLY C 293 -37.25 14.51 10.28
N GLY C 294 -37.98 15.52 10.73
CA GLY C 294 -39.04 16.09 9.90
C GLY C 294 -39.30 17.53 10.27
N LYS C 295 -39.66 18.31 9.25
CA LYS C 295 -39.96 19.73 9.42
C LYS C 295 -41.19 20.02 8.57
N PHE C 296 -42.30 20.38 9.21
CA PHE C 296 -43.58 20.60 8.53
C PHE C 296 -44.08 21.99 8.89
N ILE C 297 -44.00 22.93 7.95
CA ILE C 297 -44.17 24.34 8.26
C ILE C 297 -45.07 25.02 7.25
N TRP C 298 -45.78 26.04 7.73
CA TRP C 298 -46.63 26.89 6.89
C TRP C 298 -47.71 26.08 6.17
N ALA C 299 -48.28 25.10 6.88
CA ALA C 299 -49.49 24.44 6.39
C ALA C 299 -50.68 25.40 6.43
N ASN C 300 -51.76 25.01 5.74
CA ASN C 300 -52.96 25.83 5.69
C ASN C 300 -52.60 27.27 5.32
N TRP C 301 -51.71 27.42 4.34
CA TRP C 301 -51.15 28.70 3.95
C TRP C 301 -52.24 29.60 3.39
N GLN C 302 -52.58 30.65 4.14
CA GLN C 302 -53.76 31.47 3.82
C GLN C 302 -53.80 31.99 2.40
N PRO C 303 -52.72 32.54 1.83
CA PRO C 303 -52.81 33.05 0.44
C PRO C 303 -53.17 32.00 -0.59
N TYR C 304 -52.96 30.71 -0.33
CA TYR C 304 -53.40 29.72 -1.30
C TYR C 304 -54.90 29.53 -1.29
N GLY C 305 -55.61 30.22 -0.40
CA GLY C 305 -57.04 30.43 -0.53
C GLY C 305 -57.91 29.24 -0.21
N THR C 306 -57.38 28.22 0.44
CA THR C 306 -58.24 27.09 0.78
C THR C 306 -59.19 27.54 1.88
N VAL C 307 -60.47 27.21 1.71
CA VAL C 307 -61.48 27.53 2.70
C VAL C 307 -61.59 26.37 3.68
N GLY C 308 -61.47 26.68 4.97
CA GLY C 308 -61.53 25.68 6.00
C GLY C 308 -60.19 25.45 6.68
N GLN C 309 -60.24 24.81 7.84
CA GLN C 309 -59.06 24.52 8.61
C GLN C 309 -58.49 23.17 8.20
N PHE C 310 -57.16 23.09 8.16
CA PHE C 310 -56.44 21.86 7.87
C PHE C 310 -55.19 21.86 8.75
N PRO C 311 -54.87 20.75 9.41
CA PRO C 311 -53.72 20.72 10.30
C PRO C 311 -52.41 20.65 9.53
N GLY C 312 -51.31 20.94 10.25
CA GLY C 312 -50.00 20.68 9.67
C GLY C 312 -49.84 19.23 9.29
N ILE C 313 -50.23 18.33 10.19
CA ILE C 313 -50.16 16.88 9.97
C ILE C 313 -51.51 16.28 10.35
N THR C 314 -52.06 15.47 9.47
CA THR C 314 -53.20 14.61 9.76
C THR C 314 -52.70 13.18 9.94
N ILE C 315 -52.97 12.60 11.09
CA ILE C 315 -52.74 11.18 11.34
C ILE C 315 -54.10 10.54 11.60
N ASN C 316 -54.60 9.76 10.64
CA ASN C 316 -55.93 9.18 10.80
C ASN C 316 -55.91 7.70 10.50
N ASN C 317 -56.63 6.93 11.31
CA ASN C 317 -56.82 5.49 11.09
C ASN C 317 -55.48 4.77 10.93
N SER C 318 -54.50 5.20 11.72
CA SER C 318 -53.15 4.68 11.63
C SER C 318 -52.78 3.94 12.90
N GLN C 319 -51.66 3.22 12.84
CA GLN C 319 -51.23 2.41 13.97
C GLN C 319 -49.75 2.08 13.87
N ASN C 320 -49.13 1.89 15.03
CA ASN C 320 -47.75 1.43 15.13
C ASN C 320 -46.81 2.34 14.35
N MET C 321 -46.94 3.65 14.57
CA MET C 321 -46.09 4.65 13.94
C MET C 321 -45.05 5.12 14.94
N VAL C 322 -43.79 5.17 14.52
CA VAL C 322 -42.71 5.78 15.28
C VAL C 322 -42.28 7.02 14.51
N ILE C 323 -42.48 8.18 15.13
CA ILE C 323 -42.27 9.48 14.50
C ILE C 323 -41.36 10.26 15.45
N ASN C 324 -40.07 10.35 15.12
CA ASN C 324 -39.05 10.90 16.00
C ASN C 324 -38.43 12.15 15.39
N GLY C 325 -38.21 13.15 16.22
CA GLY C 325 -37.48 14.33 15.79
C GLY C 325 -38.16 15.11 14.68
N ILE C 326 -39.44 15.42 14.83
CA ILE C 326 -40.13 16.25 13.85
C ILE C 326 -40.55 17.55 14.51
N GLU C 327 -40.83 18.54 13.68
CA GLU C 327 -41.32 19.83 14.10
C GLU C 327 -42.48 20.25 13.23
N VAL C 328 -43.50 20.85 13.84
CA VAL C 328 -44.63 21.45 13.13
C VAL C 328 -44.75 22.89 13.63
N GLN C 329 -44.66 23.85 12.71
CA GLN C 329 -44.48 25.23 13.10
C GLN C 329 -45.09 26.13 12.03
N ASP C 330 -45.63 27.28 12.48
CA ASP C 330 -46.14 28.32 11.57
C ASP C 330 -47.28 27.83 10.69
N CYS C 331 -48.02 26.83 11.13
CA CYS C 331 -49.18 26.37 10.38
C CYS C 331 -50.40 27.23 10.72
N GLY C 332 -51.33 27.31 9.76
CA GLY C 332 -52.47 28.21 9.90
C GLY C 332 -53.52 27.75 10.87
N GLY C 333 -53.65 26.44 11.07
CA GLY C 333 -54.63 25.89 11.99
C GLY C 333 -53.95 25.05 13.06
N ASN C 334 -54.54 23.91 13.37
CA ASN C 334 -53.95 23.02 14.36
C ASN C 334 -52.62 22.48 13.86
N GLY C 335 -51.77 22.06 14.80
CA GLY C 335 -50.48 21.49 14.45
C GLY C 335 -50.61 20.08 13.92
N ILE C 336 -51.03 19.17 14.79
CA ILE C 336 -51.19 17.75 14.46
C ILE C 336 -52.57 17.32 14.96
N GLU C 337 -53.34 16.68 14.08
CA GLU C 337 -54.62 16.07 14.46
C GLU C 337 -54.45 14.55 14.38
N ILE C 338 -54.55 13.88 15.52
CA ILE C 338 -54.45 12.42 15.60
C ILE C 338 -55.86 11.89 15.80
N SER C 339 -56.35 11.13 14.82
CA SER C 339 -57.72 10.67 14.80
C SER C 339 -57.77 9.17 14.55
N GLU C 340 -58.59 8.48 15.34
CA GLU C 340 -58.88 7.06 15.14
C GLU C 340 -57.60 6.23 15.00
N SER C 341 -56.60 6.51 15.82
CA SER C 341 -55.30 5.88 15.65
C SER C 341 -54.84 5.16 16.90
N TYR C 342 -54.21 4.00 16.70
CA TYR C 342 -53.59 3.24 17.77
C TYR C 342 -52.10 3.53 17.81
N SER C 343 -51.54 3.41 19.01
CA SER C 343 -50.11 3.24 19.25
C SER C 343 -49.26 4.14 18.33
N ILE C 344 -49.46 5.44 18.47
CA ILE C 344 -48.62 6.43 17.84
C ILE C 344 -47.51 6.81 18.82
N SER C 345 -46.26 6.53 18.45
CA SER C 345 -45.10 6.75 19.31
C SER C 345 -44.25 7.89 18.77
N MET C 346 -43.98 8.90 19.60
CA MET C 346 -43.26 10.10 19.17
C MET C 346 -42.22 10.44 20.22
N ASN C 347 -40.96 10.54 19.79
CA ASN C 347 -39.81 10.72 20.69
C ASN C 347 -38.96 11.88 20.19
N GLY C 348 -39.08 13.02 20.88
CA GLY C 348 -38.52 14.25 20.38
C GLY C 348 -39.48 14.90 19.41
N LEU C 349 -40.32 15.81 19.92
CA LEU C 349 -41.38 16.41 19.13
C LEU C 349 -41.47 17.89 19.46
N ASN C 350 -41.44 18.72 18.42
CA ASN C 350 -41.46 20.18 18.55
C ASN C 350 -42.68 20.71 17.80
N THR C 351 -43.65 21.28 18.54
CA THR C 351 -44.77 21.99 17.94
C THR C 351 -44.85 23.37 18.56
N ASN C 352 -44.74 24.42 17.75
CA ASN C 352 -44.80 25.77 18.28
C ASN C 352 -45.35 26.73 17.24
N ARG C 353 -46.07 27.74 17.72
CA ARG C 353 -46.52 28.87 16.93
C ARG C 353 -47.28 28.42 15.67
N ASN C 354 -48.30 27.59 15.88
CA ASN C 354 -49.24 27.26 14.83
C ASN C 354 -50.49 28.12 15.01
N GLY C 355 -51.60 27.71 14.39
CA GLY C 355 -52.82 28.50 14.49
C GLY C 355 -52.66 29.94 14.06
N ILE C 356 -51.86 30.20 13.03
CA ILE C 356 -51.53 31.58 12.67
C ILE C 356 -52.62 32.26 11.84
N ASN C 357 -53.66 31.54 11.43
CA ASN C 357 -54.74 32.18 10.68
C ASN C 357 -55.76 32.85 11.58
N ALA C 358 -55.79 32.50 12.87
CA ALA C 358 -56.69 33.16 13.81
C ALA C 358 -56.09 33.02 15.20
N ASN C 359 -55.80 34.15 15.84
CA ASN C 359 -55.08 34.10 17.11
C ASN C 359 -55.88 33.35 18.17
N ASN C 360 -55.16 32.62 19.01
CA ASN C 360 -55.73 32.05 20.24
C ASN C 360 -56.91 31.13 19.94
N THR C 361 -56.81 30.38 18.85
CA THR C 361 -57.95 29.60 18.37
C THR C 361 -57.63 28.11 18.20
N PHE C 362 -56.39 27.79 17.83
CA PHE C 362 -56.03 26.43 17.46
C PHE C 362 -54.99 25.87 18.43
N TYR C 363 -54.78 24.56 18.34
CA TYR C 363 -53.93 23.84 19.28
C TYR C 363 -52.90 23.01 18.52
N ASN C 364 -51.76 22.79 19.18
CA ASN C 364 -50.64 22.16 18.50
C ASN C 364 -50.84 20.66 18.29
N ILE C 365 -51.50 19.96 19.21
CA ILE C 365 -51.85 18.55 19.01
C ILE C 365 -53.29 18.36 19.43
N VAL C 366 -54.11 17.85 18.52
CA VAL C 366 -55.52 17.60 18.75
C VAL C 366 -55.73 16.10 18.70
N PHE C 367 -56.18 15.52 19.81
CA PHE C 367 -56.41 14.08 19.94
C PHE C 367 -57.90 13.79 19.80
N ASN C 368 -58.23 12.80 18.96
CA ASN C 368 -59.62 12.36 18.81
C ASN C 368 -59.62 10.85 18.67
N LYS C 369 -60.20 10.16 19.65
CA LYS C 369 -60.25 8.70 19.72
C LYS C 369 -58.92 8.06 19.28
N SER C 370 -57.86 8.45 19.98
CA SER C 370 -56.52 7.98 19.63
C SER C 370 -55.71 7.72 20.89
N ASP C 371 -54.70 6.85 20.74
CA ASP C 371 -53.72 6.56 21.79
C ASP C 371 -52.34 6.99 21.30
N ALA C 372 -51.53 7.53 22.20
CA ALA C 372 -50.20 7.99 21.81
C ALA C 372 -49.30 8.01 23.04
N VAL C 373 -48.01 7.75 22.80
CA VAL C 373 -46.97 7.98 23.78
C VAL C 373 -46.02 8.99 23.17
N ILE C 374 -45.91 10.15 23.81
CA ILE C 374 -45.14 11.28 23.31
C ILE C 374 -44.09 11.64 24.36
N ASN C 375 -42.82 11.55 23.97
CA ASN C 375 -41.69 11.90 24.83
C ASN C 375 -40.84 12.99 24.20
N GLY C 376 -40.08 13.67 25.05
CA GLY C 376 -39.20 14.73 24.59
C GLY C 376 -39.94 15.86 23.92
N PHE C 377 -41.13 16.19 24.41
CA PHE C 377 -41.92 17.25 23.81
C PHE C 377 -41.34 18.63 24.14
N VAL C 378 -41.31 19.50 23.13
CA VAL C 378 -40.93 20.90 23.31
C VAL C 378 -41.82 21.73 22.39
N GLY C 379 -41.90 23.03 22.69
CA GLY C 379 -42.75 23.91 21.91
C GLY C 379 -42.66 25.37 22.29
N LEU C 380 -41.44 25.91 22.40
CA LEU C 380 -41.30 27.32 22.70
C LEU C 380 -42.03 28.16 21.65
N ASN C 381 -43.12 28.82 22.05
CA ASN C 381 -43.88 29.70 21.16
C ASN C 381 -43.10 30.99 20.99
N TYR C 382 -42.38 31.11 19.87
CA TYR C 382 -41.46 32.24 19.72
C TYR C 382 -42.20 33.55 19.56
N ALA C 383 -43.47 33.52 19.14
CA ALA C 383 -44.25 34.76 19.07
C ALA C 383 -44.61 35.28 20.46
N ALA C 384 -45.03 34.38 21.36
CA ALA C 384 -45.31 34.83 22.72
C ALA C 384 -44.04 35.31 23.41
N ASN C 385 -42.91 34.65 23.13
CA ASN C 385 -41.67 35.01 23.80
C ASN C 385 -41.18 36.39 23.37
N SER C 386 -41.28 36.70 22.07
CA SER C 386 -40.84 38.00 21.57
C SER C 386 -41.85 39.11 21.82
N GLY C 387 -43.10 38.75 22.10
CA GLY C 387 -44.13 39.77 22.27
C GLY C 387 -44.59 40.41 20.97
N SER C 388 -44.41 39.72 19.84
CA SER C 388 -44.77 40.31 18.56
C SER C 388 -46.28 40.51 18.41
N GLY C 389 -47.09 39.78 19.18
CA GLY C 389 -48.53 39.84 19.00
C GLY C 389 -49.05 39.07 17.82
N ALA C 390 -48.21 38.33 17.10
CA ALA C 390 -48.65 37.56 15.94
C ALA C 390 -49.58 36.42 16.37
N ASN C 391 -50.51 36.07 15.48
CA ASN C 391 -51.40 34.96 15.75
C ASN C 391 -50.60 33.71 16.10
N SER C 392 -51.04 32.98 17.11
CA SER C 392 -50.40 31.71 17.44
C SER C 392 -51.38 30.83 18.20
N SER C 393 -50.95 29.59 18.42
CA SER C 393 -51.81 28.57 19.01
C SER C 393 -52.40 29.01 20.34
N ALA C 394 -53.66 28.62 20.57
CA ALA C 394 -54.25 28.81 21.89
C ALA C 394 -53.48 28.03 22.95
N GLY C 395 -53.02 26.83 22.62
CA GLY C 395 -52.29 26.02 23.57
C GLY C 395 -51.74 24.77 22.91
N ASN C 396 -51.10 23.94 23.74
CA ASN C 396 -50.40 22.79 23.18
C ASN C 396 -51.34 21.63 22.85
N PHE C 397 -52.27 21.29 23.74
CA PHE C 397 -52.99 20.03 23.59
C PHE C 397 -54.49 20.27 23.68
N GLN C 398 -55.24 19.52 22.86
CA GLN C 398 -56.69 19.54 22.91
C GLN C 398 -57.22 18.13 22.72
N PHE C 399 -58.17 17.74 23.55
CA PHE C 399 -58.76 16.41 23.52
C PHE C 399 -60.23 16.53 23.09
N LEU C 400 -60.56 15.95 21.93
CA LEU C 400 -61.92 15.99 21.40
C LEU C 400 -62.79 14.85 21.91
N SER C 401 -62.22 13.84 22.54
CA SER C 401 -62.99 12.77 23.13
C SER C 401 -62.38 12.44 24.49
N ASN C 402 -63.12 11.69 25.29
CA ASN C 402 -62.60 11.28 26.58
C ASN C 402 -62.24 9.79 26.60
N ASP C 403 -62.15 9.18 25.42
CA ASP C 403 -61.74 7.78 25.29
C ASP C 403 -60.32 7.67 24.73
N CYS C 404 -59.53 8.73 24.81
CA CYS C 404 -58.13 8.65 24.41
C CYS C 404 -57.30 8.10 25.56
N SER C 405 -56.22 7.41 25.18
CA SER C 405 -55.24 6.89 26.12
C SER C 405 -53.90 7.47 25.70
N VAL C 406 -53.41 8.47 26.43
CA VAL C 406 -52.32 9.30 25.96
C VAL C 406 -51.35 9.58 27.11
N THR C 407 -50.06 9.44 26.84
CA THR C 407 -48.99 9.86 27.75
C THR C 407 -48.15 10.91 27.05
N ILE C 408 -47.89 12.02 27.74
CA ILE C 408 -47.09 13.13 27.22
C ILE C 408 -46.04 13.52 28.26
N ASN C 409 -44.77 13.59 27.81
CA ASN C 409 -43.68 14.05 28.65
C ASN C 409 -42.81 15.03 27.88
N GLY C 410 -42.41 16.09 28.57
CA GLY C 410 -41.50 17.07 27.99
C GLY C 410 -41.71 18.43 28.64
N VAL C 411 -41.39 19.47 27.87
CA VAL C 411 -41.45 20.86 28.35
C VAL C 411 -42.80 21.41 27.88
N VAL C 412 -43.83 21.18 28.70
CA VAL C 412 -45.18 21.56 28.30
C VAL C 412 -45.34 23.08 28.30
N GLU C 413 -44.66 23.78 29.21
CA GLU C 413 -44.61 25.24 29.23
C GLU C 413 -43.15 25.65 29.34
N THR C 414 -42.66 26.44 28.39
CA THR C 414 -41.23 26.61 28.23
C THR C 414 -40.61 27.36 29.41
N GLY C 415 -41.27 28.42 29.87
CA GLY C 415 -40.76 29.19 30.98
C GLY C 415 -39.95 30.42 30.61
N TYR C 416 -40.27 31.06 29.48
CA TYR C 416 -39.71 32.38 29.20
C TYR C 416 -40.55 33.44 29.91
N MET C 417 -40.09 34.69 29.84
CA MET C 417 -40.59 35.69 30.78
C MET C 417 -42.10 35.93 30.63
N GLY C 418 -42.57 36.09 29.38
CA GLY C 418 -43.95 36.46 29.16
C GLY C 418 -44.15 37.96 29.04
N ILE C 419 -43.46 38.56 28.07
CA ILE C 419 -43.51 40.01 27.89
C ILE C 419 -44.96 40.49 27.74
N ASN C 420 -45.79 39.72 27.05
CA ASN C 420 -47.18 40.08 26.83
C ASN C 420 -48.14 39.30 27.73
N PHE C 421 -47.65 38.73 28.82
CA PHE C 421 -48.43 38.01 29.83
C PHE C 421 -48.95 36.67 29.32
N ILE C 422 -48.44 36.17 28.20
CA ILE C 422 -48.86 34.88 27.68
C ILE C 422 -47.62 34.02 27.48
N GLY C 423 -47.87 32.75 27.13
CA GLY C 423 -46.81 31.77 26.98
C GLY C 423 -47.22 30.72 25.97
N ASP C 424 -46.88 29.46 26.25
CA ASP C 424 -47.22 28.39 25.31
C ASP C 424 -48.67 27.94 25.46
N ASN C 425 -49.20 27.91 26.69
CA ASN C 425 -50.54 27.41 26.95
C ASN C 425 -51.38 28.54 27.50
N ASN C 426 -52.13 29.20 26.62
CA ASN C 426 -52.91 30.38 26.98
C ASN C 426 -54.39 30.10 27.10
N ILE C 427 -54.85 28.96 26.61
CA ILE C 427 -56.16 28.40 26.91
C ILE C 427 -55.96 26.95 27.26
N ILE C 428 -56.39 26.53 28.45
CA ILE C 428 -56.23 25.16 28.89
C ILE C 428 -57.61 24.55 29.02
N ASN C 429 -57.86 23.49 28.28
CA ASN C 429 -59.12 22.75 28.34
C ASN C 429 -58.85 21.39 28.96
N PRO C 430 -59.26 21.15 30.20
CA PRO C 430 -58.99 19.85 30.82
C PRO C 430 -59.80 18.74 30.17
N THR C 431 -59.35 17.51 30.39
CA THR C 431 -59.95 16.32 29.77
C THR C 431 -60.18 15.24 30.82
N ASN C 432 -61.17 14.40 30.55
CA ASN C 432 -61.42 13.19 31.32
C ASN C 432 -60.83 11.95 30.68
N SER C 433 -60.06 12.12 29.61
CA SER C 433 -59.39 10.99 28.97
C SER C 433 -58.42 10.32 29.94
N ASP C 434 -57.98 9.12 29.56
CA ASP C 434 -56.93 8.40 30.29
C ASP C 434 -55.59 9.05 29.96
N LEU C 435 -55.33 10.17 30.62
CA LEU C 435 -54.20 11.03 30.32
C LEU C 435 -53.18 11.01 31.45
N SER C 436 -51.91 10.96 31.08
CA SER C 436 -50.77 11.13 31.99
C SER C 436 -49.79 12.09 31.35
N ILE C 437 -49.45 13.17 32.05
CA ILE C 437 -48.55 14.19 31.54
C ILE C 437 -47.40 14.37 32.52
N ASN C 438 -46.17 14.29 32.02
CA ASN C 438 -44.97 14.57 32.81
C ASN C 438 -44.88 13.68 34.04
N GLY C 439 -45.47 12.49 33.98
CA GLY C 439 -45.44 11.58 35.11
C GLY C 439 -46.18 12.06 36.34
N LEU C 440 -47.03 13.08 36.21
CA LEU C 440 -47.72 13.65 37.34
C LEU C 440 -48.95 12.83 37.69
N VAL C 441 -49.08 12.48 38.97
CA VAL C 441 -50.29 11.81 39.43
C VAL C 441 -51.47 12.78 39.37
N ASN C 442 -52.57 12.32 38.80
CA ASN C 442 -53.79 13.13 38.72
C ASN C 442 -54.51 13.07 40.06
N TYR C 443 -54.74 14.24 40.67
CA TYR C 443 -55.31 14.25 42.02
C TYR C 443 -56.66 13.56 42.06
N SER C 444 -57.45 13.71 41.00
CA SER C 444 -58.76 13.08 40.96
C SER C 444 -58.69 11.56 40.92
N LYS C 445 -57.52 10.99 40.66
CA LYS C 445 -57.39 9.56 40.48
C LYS C 445 -56.52 8.88 41.52
N THR C 446 -56.18 9.54 42.62
CA THR C 446 -55.23 8.98 43.56
C THR C 446 -55.88 8.68 44.90
N GLY C 447 -55.41 7.62 45.54
CA GLY C 447 -55.77 7.34 46.92
C GLY C 447 -54.57 7.55 47.83
N LEU C 448 -53.55 8.22 47.32
CA LEU C 448 -52.33 8.40 48.09
C LEU C 448 -52.59 9.27 49.31
N GLN C 449 -52.07 8.85 50.45
CA GLN C 449 -52.14 9.63 51.68
C GLN C 449 -50.94 10.58 51.73
N THR C 450 -51.22 11.85 51.99
CA THR C 450 -50.20 12.88 52.06
C THR C 450 -50.35 13.65 53.36
N MET C 451 -49.33 14.45 53.68
CA MET C 451 -49.51 15.48 54.69
C MET C 451 -50.65 16.40 54.30
N ASN C 452 -51.26 17.03 55.30
CA ASN C 452 -52.20 18.09 54.98
C ASN C 452 -52.20 19.07 56.16
N GLU C 453 -51.23 19.97 56.15
CA GLU C 453 -51.07 20.89 57.25
C GLU C 453 -52.28 21.81 57.32
N THR C 454 -52.70 22.11 58.56
CA THR C 454 -53.89 22.92 58.78
C THR C 454 -53.46 24.35 59.01
N PRO C 455 -53.90 25.30 58.19
CA PRO C 455 -53.61 26.71 58.46
C PRO C 455 -54.56 27.21 59.54
N THR C 456 -54.21 28.37 60.10
CA THR C 456 -55.05 29.01 61.09
C THR C 456 -55.70 30.23 60.44
N PHE C 457 -57.00 30.40 60.68
CA PHE C 457 -57.69 31.58 60.19
C PHE C 457 -57.37 32.78 61.07
N ASP C 458 -57.14 33.91 60.43
CA ASP C 458 -56.96 35.17 61.13
C ASP C 458 -57.83 36.25 60.50
N GLY C 459 -58.15 37.22 61.33
CA GLY C 459 -58.94 38.38 60.92
C GLY C 459 -59.16 39.22 62.17
N VAL C 460 -59.63 40.44 61.96
CA VAL C 460 -59.95 41.27 63.12
C VAL C 460 -60.90 40.52 64.03
N SER C 461 -61.96 39.95 63.46
CA SER C 461 -62.74 38.89 64.10
C SER C 461 -62.21 37.54 63.64
N THR C 462 -61.96 36.64 64.59
CA THR C 462 -61.30 35.37 64.32
C THR C 462 -62.28 34.25 64.01
N THR C 463 -63.54 34.56 63.75
CA THR C 463 -64.50 33.57 63.30
C THR C 463 -64.61 33.65 61.79
N PRO C 464 -64.26 32.60 61.05
CA PRO C 464 -64.39 32.65 59.58
C PRO C 464 -65.84 32.84 59.14
N VAL C 465 -65.99 33.56 58.03
CA VAL C 465 -67.28 33.75 57.39
C VAL C 465 -67.24 33.11 56.01
N TYR C 466 -68.31 32.43 55.64
CA TYR C 466 -68.41 31.69 54.39
C TYR C 466 -69.52 32.27 53.54
N VAL C 467 -69.24 32.40 52.24
CA VAL C 467 -70.22 32.88 51.28
C VAL C 467 -70.16 32.01 50.03
N SER C 468 -71.17 32.15 49.19
CA SER C 468 -71.31 31.27 48.03
C SER C 468 -70.23 31.54 46.99
N VAL C 469 -69.91 30.50 46.23
CA VAL C 469 -69.00 30.62 45.10
C VAL C 469 -69.76 30.20 43.85
N PRO C 470 -69.30 30.64 42.68
CA PRO C 470 -69.91 30.14 41.43
C PRO C 470 -69.76 28.62 41.36
N SER C 471 -70.76 27.98 40.76
CA SER C 471 -70.80 26.52 40.76
C SER C 471 -69.61 25.91 40.02
N SER C 472 -68.92 26.69 39.19
CA SER C 472 -67.71 26.18 38.55
C SER C 472 -66.57 25.92 39.54
N VAL C 473 -66.66 26.44 40.76
CA VAL C 473 -65.65 26.16 41.78
C VAL C 473 -65.79 24.77 42.37
N GLY C 474 -66.90 24.08 42.10
CA GLY C 474 -67.07 22.71 42.54
C GLY C 474 -67.34 22.55 44.02
N GLN C 475 -67.90 23.57 44.66
CA GLN C 475 -68.27 23.54 46.06
C GLN C 475 -69.34 24.60 46.28
N VAL C 476 -69.99 24.54 47.44
CA VAL C 476 -71.12 25.44 47.72
C VAL C 476 -70.62 26.82 48.13
N ASN C 477 -69.71 26.87 49.10
CA ASN C 477 -69.24 28.13 49.66
C ASN C 477 -67.71 28.14 49.72
N GLY C 478 -67.17 29.34 49.91
CA GLY C 478 -65.75 29.52 50.18
C GLY C 478 -65.56 30.53 51.28
N LEU C 479 -64.29 30.84 51.55
CA LEU C 479 -63.94 31.75 52.63
C LEU C 479 -64.16 33.19 52.20
N ARG C 480 -64.98 33.93 52.96
CA ARG C 480 -65.26 35.34 52.67
C ARG C 480 -64.01 36.19 52.88
N LEU C 481 -63.56 36.87 51.82
CA LEU C 481 -62.36 37.70 51.87
C LEU C 481 -62.77 39.16 51.86
N SER C 482 -62.33 39.92 52.87
CA SER C 482 -62.64 41.34 52.98
C SER C 482 -61.43 42.11 53.47
N GLN C 483 -61.34 43.37 53.05
CA GLN C 483 -60.31 44.26 53.57
C GLN C 483 -60.64 44.71 54.99
N ALA C 484 -61.92 44.82 55.33
CA ALA C 484 -62.28 45.32 56.66
C ALA C 484 -61.87 44.34 57.74
N ASN C 485 -62.15 43.05 57.55
CA ASN C 485 -61.78 42.04 58.54
C ASN C 485 -60.40 41.43 58.31
N LYS C 486 -59.76 41.72 57.19
CA LYS C 486 -58.43 41.17 56.90
C LYS C 486 -58.44 39.66 57.01
N ASP C 487 -59.47 39.04 56.41
CA ASP C 487 -59.56 37.59 56.43
C ASP C 487 -58.35 36.99 55.70
N LYS C 488 -57.69 36.04 56.35
CA LYS C 488 -56.48 35.45 55.80
C LYS C 488 -56.31 34.07 56.41
N LEU C 489 -55.42 33.29 55.77
CA LEU C 489 -55.04 31.97 56.26
C LEU C 489 -53.54 31.96 56.48
N LEU C 490 -53.12 31.72 57.72
CA LEU C 490 -51.71 31.70 58.09
C LEU C 490 -51.23 30.26 58.21
N TYR C 491 -50.10 29.97 57.59
CA TYR C 491 -49.35 28.75 57.84
C TYR C 491 -48.11 29.10 58.64
N SER C 492 -47.76 28.24 59.60
CA SER C 492 -46.51 28.43 60.32
C SER C 492 -45.31 27.95 59.50
N ARG C 493 -45.55 27.09 58.51
CA ARG C 493 -44.46 26.63 57.65
C ARG C 493 -43.73 27.82 57.04
N THR C 494 -42.39 27.73 57.04
CA THR C 494 -41.53 28.72 56.42
C THR C 494 -40.96 28.15 55.12
N ALA C 495 -40.70 29.05 54.17
CA ALA C 495 -40.16 28.62 52.88
C ALA C 495 -38.70 28.23 53.01
N GLY C 496 -38.33 27.14 52.35
CA GLY C 496 -36.97 26.66 52.36
C GLY C 496 -36.29 26.78 51.01
N PRO C 497 -35.01 26.40 50.96
CA PRO C 497 -34.23 26.61 49.72
C PRO C 497 -34.72 25.80 48.54
N GLU C 498 -35.48 24.74 48.78
CA GLU C 498 -36.05 23.97 47.69
C GLU C 498 -37.19 24.70 47.00
N GLY C 499 -37.79 25.68 47.67
CA GLY C 499 -38.87 26.46 47.10
C GLY C 499 -40.23 25.94 47.49
N ILE C 500 -41.25 26.62 46.98
CA ILE C 500 -42.63 26.38 47.40
C ILE C 500 -43.56 26.65 46.22
N THR C 501 -44.68 25.95 46.21
CA THR C 501 -45.78 26.23 45.28
C THR C 501 -47.02 26.56 46.09
N MET C 502 -47.66 27.68 45.76
CA MET C 502 -48.89 28.11 46.41
C MET C 502 -49.92 28.42 45.35
N ALA C 503 -51.15 27.97 45.59
CA ALA C 503 -52.22 28.18 44.63
C ALA C 503 -53.56 28.25 45.36
N ALA C 504 -54.51 28.93 44.74
CA ALA C 504 -55.84 29.01 45.30
C ALA C 504 -56.80 29.48 44.22
N VAL C 505 -58.06 29.09 44.37
CA VAL C 505 -59.14 29.74 43.64
C VAL C 505 -59.50 31.02 44.38
N ILE C 506 -59.47 32.14 43.67
CA ILE C 506 -59.90 33.42 44.20
C ILE C 506 -60.95 33.98 43.27
N VAL C 507 -62.09 34.37 43.86
CA VAL C 507 -63.18 35.01 43.14
C VAL C 507 -63.15 36.47 43.56
N PRO C 508 -62.43 37.33 42.84
CA PRO C 508 -62.25 38.71 43.30
C PRO C 508 -63.48 39.56 43.08
N THR C 509 -63.78 40.38 44.09
CA THR C 509 -64.73 41.48 43.93
C THR C 509 -63.92 42.73 43.60
N ILE C 510 -64.09 43.24 42.38
CA ILE C 510 -63.28 44.33 41.86
C ILE C 510 -64.14 45.59 41.79
N SER C 511 -63.73 46.61 42.53
CA SER C 511 -64.47 47.87 42.55
C SER C 511 -63.54 49.06 42.29
N GLY C 512 -63.20 49.81 43.33
CA GLY C 512 -62.36 50.97 43.20
C GLY C 512 -60.88 50.64 43.32
N ALA C 513 -60.10 51.65 43.66
CA ALA C 513 -58.68 51.44 43.92
C ALA C 513 -58.50 50.51 45.11
N GLU C 514 -57.56 49.58 45.00
CA GLU C 514 -57.41 48.56 46.03
C GLU C 514 -56.13 47.78 45.78
N VAL C 515 -55.57 47.25 46.86
CA VAL C 515 -54.42 46.34 46.79
C VAL C 515 -54.89 44.97 47.27
N PHE C 516 -54.86 44.00 46.37
CA PHE C 516 -55.13 42.60 46.70
C PHE C 516 -53.81 41.89 46.99
N ASN C 517 -53.70 41.31 48.19
CA ASN C 517 -52.55 40.46 48.51
C ASN C 517 -53.01 39.02 48.36
N PHE C 518 -52.80 38.46 47.15
CA PHE C 518 -53.28 37.11 46.89
C PHE C 518 -52.63 36.10 47.80
N MET C 519 -51.31 36.21 47.98
CA MET C 519 -50.59 35.31 48.85
C MET C 519 -49.22 35.92 49.10
N ALA C 520 -48.58 35.48 50.18
CA ALA C 520 -47.30 36.07 50.55
C ALA C 520 -46.43 35.03 51.23
N ILE C 521 -45.13 35.31 51.25
CA ILE C 521 -44.16 34.60 52.07
C ILE C 521 -43.61 35.63 53.05
N GLY C 522 -43.73 35.34 54.35
CA GLY C 522 -43.29 36.34 55.31
C GLY C 522 -44.24 37.52 55.39
N SER C 523 -43.68 38.66 55.82
CA SER C 523 -44.44 39.90 55.92
C SER C 523 -43.47 41.06 55.74
N GLY C 524 -44.04 42.25 55.49
CA GLY C 524 -43.23 43.44 55.25
C GLY C 524 -42.62 43.44 53.86
N PHE C 525 -41.94 44.55 53.55
CA PHE C 525 -41.30 44.73 52.24
C PHE C 525 -40.12 45.69 52.41
N SER C 526 -38.91 45.13 52.50
CA SER C 526 -37.71 45.94 52.67
C SER C 526 -36.49 45.10 52.34
N ASP C 527 -35.31 45.72 52.42
CA ASP C 527 -34.06 45.04 52.12
C ASP C 527 -33.83 43.82 52.99
N THR C 528 -34.46 43.77 54.17
CA THR C 528 -34.30 42.66 55.09
C THR C 528 -35.63 42.00 55.44
N SER C 529 -36.70 42.30 54.70
CA SER C 529 -37.99 41.71 55.02
C SER C 529 -38.06 40.23 54.66
N ASN C 530 -37.20 39.77 53.74
CA ASN C 530 -37.17 38.35 53.34
C ASN C 530 -38.57 37.86 53.00
N SER C 531 -39.23 38.57 52.08
CA SER C 531 -40.67 38.40 51.88
C SER C 531 -41.00 38.39 50.39
N LEU C 532 -42.15 37.78 50.08
CA LEU C 532 -42.72 37.77 48.75
C LEU C 532 -44.18 38.18 48.83
N HIS C 533 -44.61 38.99 47.86
CA HIS C 533 -46.03 39.32 47.71
C HIS C 533 -46.43 39.14 46.26
N LEU C 534 -47.56 38.47 46.03
CA LEU C 534 -48.22 38.48 44.73
C LEU C 534 -49.48 39.32 44.87
N GLN C 535 -49.52 40.44 44.13
CA GLN C 535 -50.57 41.42 44.29
C GLN C 535 -51.24 41.74 42.97
N LEU C 536 -52.53 42.05 43.07
CA LEU C 536 -53.27 42.77 42.03
C LEU C 536 -53.53 44.17 42.58
N VAL C 537 -52.97 45.18 41.92
CA VAL C 537 -53.14 46.56 42.35
C VAL C 537 -54.05 47.26 41.36
N ILE C 538 -55.10 47.90 41.89
CA ILE C 538 -56.10 48.59 41.08
C ILE C 538 -56.10 50.06 41.49
N ASP C 539 -55.95 50.95 40.53
CA ASP C 539 -55.94 52.38 40.78
C ASP C 539 -57.33 52.98 40.54
N ALA C 540 -57.43 54.30 40.69
CA ALA C 540 -58.73 54.95 40.65
C ALA C 540 -59.37 54.86 39.27
N SER C 541 -58.57 54.76 38.22
CA SER C 541 -59.08 54.69 36.85
C SER C 541 -59.43 53.27 36.41
N GLY C 542 -59.17 52.26 37.25
CA GLY C 542 -59.45 50.89 36.86
C GLY C 542 -58.29 50.14 36.25
N LYS C 543 -57.11 50.74 36.16
CA LYS C 543 -55.97 50.03 35.63
C LYS C 543 -55.56 48.94 36.61
N GLN C 544 -55.26 47.75 36.08
CA GLN C 544 -54.88 46.61 36.90
C GLN C 544 -53.41 46.29 36.66
N THR C 545 -52.69 46.09 37.76
CA THR C 545 -51.28 45.73 37.73
C THR C 545 -51.11 44.45 38.52
N ILE C 546 -50.43 43.47 37.95
CA ILE C 546 -50.01 42.27 38.67
C ILE C 546 -48.58 42.49 39.11
N ALA C 547 -48.33 42.46 40.42
CA ALA C 547 -47.04 42.80 40.98
C ALA C 547 -46.52 41.67 41.84
N LEU C 548 -45.28 41.28 41.59
CA LEU C 548 -44.53 40.38 42.47
C LEU C 548 -43.53 41.24 43.23
N LEU C 549 -43.67 41.28 44.55
CA LEU C 549 -42.82 42.10 45.40
C LEU C 549 -41.82 41.18 46.10
N LEU C 550 -40.53 41.47 45.93
CA LEU C 550 -39.48 40.65 46.51
C LEU C 550 -38.55 41.50 47.36
N GLY C 551 -38.35 41.08 48.60
CA GLY C 551 -37.44 41.74 49.52
C GLY C 551 -36.47 40.78 50.15
N GLY C 552 -35.19 41.08 50.07
CA GLY C 552 -34.16 40.23 50.63
C GLY C 552 -32.86 40.40 49.88
N ASP C 553 -31.86 39.65 50.33
CA ASP C 553 -30.51 39.73 49.78
C ASP C 553 -30.03 41.18 49.74
N GLY C 554 -30.38 41.94 50.77
CA GLY C 554 -29.93 43.31 50.88
C GLY C 554 -30.57 44.28 49.92
N THR C 555 -31.69 43.91 49.29
CA THR C 555 -32.30 44.80 48.31
C THR C 555 -33.78 44.46 48.19
N THR C 556 -34.46 45.21 47.31
CA THR C 556 -35.85 44.96 46.95
C THR C 556 -36.01 45.08 45.45
N GLN C 557 -37.03 44.41 44.93
CA GLN C 557 -37.37 44.50 43.53
C GLN C 557 -38.87 44.31 43.37
N ILE C 558 -39.47 45.12 42.50
CA ILE C 558 -40.87 45.00 42.15
C ILE C 558 -40.93 44.59 40.69
N LEU C 559 -41.49 43.42 40.43
CA LEU C 559 -41.74 42.95 39.07
C LEU C 559 -43.24 43.09 38.83
N SER C 560 -43.62 44.15 38.13
CA SER C 560 -45.02 44.50 37.94
C SER C 560 -45.31 44.65 36.45
N GLY C 561 -46.59 44.52 36.11
CA GLY C 561 -47.06 44.73 34.75
C GLY C 561 -48.49 45.23 34.71
N ASP C 562 -48.74 46.21 33.84
CA ASP C 562 -50.10 46.70 33.64
C ASP C 562 -50.83 45.78 32.65
N LEU C 563 -52.00 45.32 33.04
CA LEU C 563 -52.73 44.42 32.16
C LEU C 563 -53.45 45.21 31.07
N PRO C 564 -53.36 44.78 29.81
CA PRO C 564 -54.24 45.35 28.79
C PRO C 564 -55.70 45.11 29.17
N ASN C 565 -56.57 45.95 28.62
CA ASN C 565 -57.98 45.88 28.96
C ASN C 565 -58.54 44.48 28.72
N ASP C 566 -58.12 43.82 27.64
CA ASP C 566 -58.68 42.51 27.29
C ASP C 566 -58.16 41.38 28.18
N LEU C 567 -57.18 41.64 29.05
CA LEU C 567 -56.66 40.62 29.96
C LEU C 567 -57.02 40.87 31.42
N LYS C 568 -57.81 41.90 31.70
CA LYS C 568 -58.16 42.25 33.07
C LYS C 568 -58.95 41.13 33.74
N LEU C 569 -58.75 40.99 35.05
CA LEU C 569 -59.62 40.15 35.86
C LEU C 569 -60.98 40.81 36.03
N GLN C 570 -62.04 40.00 36.06
CA GLN C 570 -63.41 40.49 36.09
C GLN C 570 -64.08 40.16 37.42
N SER C 571 -64.85 41.10 37.95
CA SER C 571 -65.46 40.91 39.25
C SER C 571 -66.39 39.70 39.23
N GLY C 572 -66.31 38.89 40.29
CA GLY C 572 -67.17 37.73 40.43
C GLY C 572 -66.79 36.53 39.61
N VAL C 573 -65.67 36.56 38.91
CA VAL C 573 -65.21 35.45 38.08
C VAL C 573 -64.17 34.65 38.87
N PRO C 574 -64.25 33.32 38.89
CA PRO C 574 -63.24 32.51 39.62
C PRO C 574 -61.94 32.40 38.84
N TYR C 575 -60.84 32.63 39.51
CA TYR C 575 -59.51 32.46 38.95
C TYR C 575 -58.70 31.49 39.79
N HIS C 576 -57.97 30.60 39.13
CA HIS C 576 -56.94 29.82 39.80
C HIS C 576 -55.64 30.64 39.76
N ILE C 577 -55.13 30.96 40.94
CA ILE C 577 -53.97 31.83 41.07
C ILE C 577 -52.85 31.00 41.70
N ALA C 578 -51.72 30.92 41.00
CA ALA C 578 -50.65 30.03 41.42
C ALA C 578 -49.31 30.74 41.30
N ILE C 579 -48.40 30.39 42.20
CA ILE C 579 -47.02 30.85 42.11
C ILE C 579 -46.11 29.68 42.42
N GLY C 580 -44.96 29.67 41.76
CA GLY C 580 -43.82 28.88 42.19
C GLY C 580 -42.74 29.85 42.61
N ALA C 581 -42.16 29.61 43.78
CA ALA C 581 -41.20 30.53 44.34
C ALA C 581 -40.03 29.74 44.88
N LYS C 582 -38.84 30.13 44.44
CA LYS C 582 -37.60 29.48 44.85
C LYS C 582 -36.47 30.45 44.55
N PRO C 583 -35.31 30.28 45.18
CA PRO C 583 -34.18 31.16 44.88
C PRO C 583 -33.92 31.23 43.38
N GLY C 584 -33.87 32.46 42.86
CA GLY C 584 -33.56 32.67 41.46
C GLY C 584 -34.62 32.23 40.48
N TYR C 585 -35.86 32.00 40.92
CA TYR C 585 -36.84 31.36 40.05
C TYR C 585 -38.25 31.58 40.60
N PHE C 586 -38.97 32.54 40.02
CA PHE C 586 -40.32 32.90 40.45
C PHE C 586 -41.25 32.95 39.25
N TRP C 587 -42.42 32.32 39.38
CA TRP C 587 -43.43 32.41 38.34
C TRP C 587 -44.81 32.54 38.97
N TRP C 588 -45.71 33.24 38.26
CA TRP C 588 -47.10 33.36 38.70
C TRP C 588 -48.03 33.13 37.52
N SER C 589 -49.25 32.70 37.83
CA SER C 589 -50.21 32.34 36.80
C SER C 589 -51.61 32.65 37.31
N ILE C 590 -52.44 33.19 36.42
CA ILE C 590 -53.82 33.52 36.74
C ILE C 590 -54.70 32.94 35.64
N LEU C 591 -55.61 32.05 36.02
CA LEU C 591 -56.34 31.21 35.08
C LEU C 591 -57.84 31.41 35.31
N ASN C 592 -58.54 31.89 34.29
CA ASN C 592 -60.00 31.98 34.35
C ASN C 592 -60.55 30.56 34.23
N ILE C 593 -61.15 30.05 35.31
CA ILE C 593 -61.56 28.65 35.31
C ILE C 593 -62.84 28.42 34.52
N GLN C 594 -63.50 29.48 34.08
CA GLN C 594 -64.70 29.31 33.26
C GLN C 594 -64.41 29.32 31.76
N THR C 595 -63.41 30.09 31.33
CA THR C 595 -63.02 30.10 29.92
C THR C 595 -61.74 29.33 29.64
N GLY C 596 -60.94 29.06 30.67
CA GLY C 596 -59.64 28.44 30.47
C GLY C 596 -58.54 29.38 30.03
N LYS C 597 -58.81 30.67 29.87
CA LYS C 597 -57.81 31.64 29.43
C LYS C 597 -56.90 31.99 30.60
N ARG C 598 -55.60 32.07 30.31
CA ARG C 598 -54.56 32.17 31.32
C ARG C 598 -53.65 33.36 31.01
N ILE C 599 -53.16 34.01 32.07
CA ILE C 599 -52.06 34.98 31.95
C ILE C 599 -50.99 34.59 32.97
N ARG C 600 -49.76 34.99 32.68
CA ARG C 600 -48.63 34.42 33.40
C ARG C 600 -47.35 35.19 33.12
N ARG C 601 -46.41 35.08 34.05
CA ARG C 601 -45.06 35.60 33.88
C ARG C 601 -44.10 34.75 34.70
N SER C 602 -42.85 34.69 34.25
CA SER C 602 -41.79 33.90 34.89
C SER C 602 -40.51 34.71 34.92
N PHE C 603 -39.78 34.63 36.03
CA PHE C 603 -38.61 35.47 36.26
C PHE C 603 -37.44 34.60 36.66
N ARG C 604 -36.42 34.53 35.80
CA ARG C 604 -35.17 33.86 36.07
C ARG C 604 -34.02 34.70 35.50
N GLY C 605 -32.83 34.42 35.99
CA GLY C 605 -31.65 35.00 35.35
C GLY C 605 -31.66 36.51 35.42
N ALA C 606 -31.38 37.14 34.28
CA ALA C 606 -31.16 38.59 34.25
C ALA C 606 -32.37 39.39 34.68
N TYR C 607 -33.58 38.80 34.63
CA TYR C 607 -34.76 39.53 35.07
C TYR C 607 -34.77 39.76 36.57
N LEU C 608 -33.97 39.02 37.32
CA LEU C 608 -33.89 39.15 38.78
C LEU C 608 -32.67 39.97 39.16
N ALA C 609 -32.87 40.92 40.07
CA ALA C 609 -31.73 41.70 40.57
C ALA C 609 -30.79 40.80 41.36
N VAL C 610 -31.33 39.90 42.17
CA VAL C 610 -30.57 38.93 42.94
C VAL C 610 -31.40 37.65 42.99
N PRO C 611 -30.84 36.51 43.39
CA PRO C 611 -31.68 35.32 43.55
C PRO C 611 -32.68 35.43 44.69
N PHE C 612 -32.47 36.35 45.64
CA PHE C 612 -33.33 36.49 46.81
C PHE C 612 -33.31 35.21 47.65
N ASN C 613 -32.09 34.73 47.93
CA ASN C 613 -31.91 33.57 48.79
C ASN C 613 -32.57 33.76 50.15
N SER C 614 -32.45 34.97 50.73
CA SER C 614 -32.88 35.14 52.10
C SER C 614 -34.39 35.07 52.27
N ILE C 615 -35.17 35.07 51.19
CA ILE C 615 -36.58 34.74 51.32
C ILE C 615 -36.76 33.30 51.76
N PHE C 616 -35.76 32.44 51.52
CA PHE C 616 -35.93 31.00 51.66
C PHE C 616 -35.03 30.42 52.75
N GLY C 617 -34.70 31.22 53.76
CA GLY C 617 -33.83 30.76 54.83
C GLY C 617 -34.58 30.21 56.01
N LEU C 618 -35.74 29.61 55.76
CA LEU C 618 -36.56 29.00 56.82
C LEU C 618 -36.91 29.99 57.92
N THR C 619 -37.21 31.24 57.52
CA THR C 619 -37.64 32.27 58.44
C THR C 619 -38.99 32.90 58.10
N SER C 620 -39.51 32.72 56.89
CA SER C 620 -40.68 33.45 56.41
C SER C 620 -41.80 32.45 56.15
N SER C 621 -42.93 32.66 56.79
CA SER C 621 -44.06 31.75 56.77
C SER C 621 -45.00 32.07 55.62
N LEU C 622 -45.84 31.09 55.28
CA LEU C 622 -46.75 31.20 54.13
C LEU C 622 -48.12 31.69 54.57
N THR C 623 -48.66 32.65 53.84
CA THR C 623 -49.98 33.21 54.09
C THR C 623 -50.78 33.30 52.80
N PHE C 624 -52.08 33.01 52.88
CA PHE C 624 -52.99 33.18 51.78
C PHE C 624 -53.92 34.36 52.04
N PHE C 625 -54.09 35.21 51.02
CA PHE C 625 -55.03 36.34 50.99
C PHE C 625 -54.55 37.53 51.79
N SER C 626 -53.29 37.51 52.23
CA SER C 626 -52.67 38.60 52.97
C SER C 626 -51.25 38.17 53.28
N ASP C 627 -50.53 38.90 54.11
CA ASP C 627 -49.26 38.40 54.64
C ASP C 627 -49.43 38.00 56.10
N SER C 628 -48.30 37.62 56.71
CA SER C 628 -48.33 37.04 58.05
C SER C 628 -48.57 38.07 59.15
N ASN C 629 -48.47 39.35 58.84
CA ASN C 629 -48.59 40.39 59.86
C ASN C 629 -50.00 40.97 59.91
N ALA C 630 -50.39 41.41 61.11
CA ALA C 630 -51.74 41.95 61.32
C ALA C 630 -52.02 43.18 60.46
N GLY C 631 -50.99 43.93 60.07
CA GLY C 631 -51.19 45.12 59.27
C GLY C 631 -51.20 44.94 57.77
N GLY C 632 -51.14 43.71 57.26
CA GLY C 632 -51.05 43.51 55.83
C GLY C 632 -52.35 43.76 55.10
N ASP C 633 -52.24 44.17 53.84
CA ASP C 633 -53.40 44.21 52.97
C ASP C 633 -53.98 42.81 52.83
N ALA C 634 -55.27 42.76 52.50
CA ALA C 634 -55.96 41.49 52.29
C ALA C 634 -56.61 41.46 50.92
N CYS C 635 -57.78 40.81 50.81
CA CYS C 635 -58.46 40.66 49.54
C CYS C 635 -59.94 40.99 49.68
N SER C 636 -60.58 41.15 48.52
CA SER C 636 -62.03 41.30 48.40
C SER C 636 -62.55 40.21 47.47
N GLY C 637 -63.47 39.39 47.98
CA GLY C 637 -64.03 38.32 47.19
C GLY C 637 -64.17 37.05 47.99
N VAL C 638 -63.85 35.92 47.38
CA VAL C 638 -64.00 34.61 48.00
C VAL C 638 -62.77 33.77 47.69
N GLY C 639 -62.37 32.95 48.65
CA GLY C 639 -61.23 32.05 48.47
C GLY C 639 -61.68 30.60 48.60
N ALA C 640 -60.97 29.71 47.91
CA ALA C 640 -61.31 28.30 47.95
C ALA C 640 -60.10 27.50 47.48
N LYS C 641 -60.10 26.22 47.85
CA LYS C 641 -59.15 25.25 47.30
C LYS C 641 -57.72 25.78 47.40
N VAL C 642 -57.34 26.08 48.64
CA VAL C 642 -55.99 26.54 48.94
C VAL C 642 -55.03 25.35 48.89
N TYR C 643 -53.92 25.51 48.18
CA TYR C 643 -52.95 24.45 47.98
C TYR C 643 -51.56 24.94 48.34
N VAL C 644 -50.84 24.15 49.13
CA VAL C 644 -49.42 24.35 49.38
C VAL C 644 -48.72 23.07 48.97
N GLY C 645 -47.70 23.20 48.12
CA GLY C 645 -46.85 22.08 47.77
C GLY C 645 -45.40 22.52 47.69
N MET C 646 -44.52 21.54 47.62
CA MET C 646 -43.13 21.84 47.30
C MET C 646 -43.04 22.32 45.85
N PHE C 647 -41.85 22.82 45.49
CA PHE C 647 -41.72 23.59 44.26
C PHE C 647 -42.12 22.80 43.02
N SER C 648 -42.97 23.41 42.19
CA SER C 648 -43.27 22.91 40.86
C SER C 648 -42.91 23.94 39.82
N SER C 649 -42.32 23.50 38.71
CA SER C 649 -42.12 24.38 37.58
C SER C 649 -43.47 24.80 37.01
N GLU C 650 -43.47 25.92 36.27
CA GLU C 650 -44.67 26.28 35.54
C GLU C 650 -45.04 25.18 34.54
N ASN C 651 -44.02 24.49 34.03
CA ASN C 651 -44.23 23.32 33.18
C ASN C 651 -45.19 22.33 33.83
N ASP C 652 -44.85 21.84 35.03
CA ASP C 652 -45.71 20.88 35.72
C ASP C 652 -47.04 21.51 36.12
N TYR C 653 -47.03 22.78 36.53
CA TYR C 653 -48.31 23.41 36.86
C TYR C 653 -49.25 23.35 35.67
N VAL C 654 -48.78 23.81 34.52
CA VAL C 654 -49.60 23.79 33.32
C VAL C 654 -50.02 22.36 32.98
N ALA C 655 -49.06 21.44 33.04
CA ALA C 655 -49.37 20.05 32.73
C ALA C 655 -50.51 19.53 33.60
N SER C 656 -50.47 19.82 34.90
CA SER C 656 -51.49 19.30 35.79
C SER C 656 -52.86 19.95 35.53
N ARG C 657 -52.87 21.17 34.97
CA ARG C 657 -54.14 21.80 34.64
C ARG C 657 -54.90 21.04 33.55
N TYR C 658 -54.22 20.25 32.74
CA TYR C 658 -54.94 19.44 31.76
C TYR C 658 -55.79 18.36 32.42
N TYR C 659 -55.46 17.97 33.65
CA TYR C 659 -56.33 17.09 34.40
C TYR C 659 -57.59 17.82 34.86
N ASN C 660 -57.42 19.05 35.33
CA ASN C 660 -58.47 19.79 36.00
C ASN C 660 -57.96 21.18 36.33
N LEU C 661 -58.77 22.21 36.16
CA LEU C 661 -58.25 23.57 36.29
C LEU C 661 -58.00 24.02 37.72
N ILE C 662 -58.58 23.39 38.74
CA ILE C 662 -58.52 23.93 40.09
C ILE C 662 -57.98 22.94 41.11
N ASN C 663 -57.62 21.71 40.71
CA ASN C 663 -57.19 20.71 41.68
C ASN C 663 -55.75 20.93 42.10
N PRO C 664 -55.29 20.21 43.13
CA PRO C 664 -53.88 20.32 43.55
C PRO C 664 -52.93 20.06 42.38
N VAL C 665 -51.75 20.66 42.47
CA VAL C 665 -50.80 20.60 41.37
C VAL C 665 -50.16 19.21 41.27
N ASP C 666 -49.57 18.74 42.36
CA ASP C 666 -48.73 17.55 42.34
C ASP C 666 -48.92 16.78 43.63
N PRO C 667 -49.70 15.69 43.62
CA PRO C 667 -49.92 14.91 44.83
C PRO C 667 -48.63 14.51 45.55
N THR C 668 -47.53 14.26 44.84
CA THR C 668 -46.31 13.85 45.52
C THR C 668 -45.60 15.00 46.23
N LYS C 669 -45.98 16.25 45.92
CA LYS C 669 -45.38 17.42 46.55
C LYS C 669 -46.37 18.14 47.47
N LEU C 670 -47.57 17.60 47.63
CA LEU C 670 -48.63 18.28 48.35
C LEU C 670 -48.32 18.37 49.85
N ILE C 671 -48.41 19.58 50.40
CA ILE C 671 -48.23 19.80 51.82
C ILE C 671 -49.55 20.14 52.51
N SER C 672 -50.42 20.87 51.81
CA SER C 672 -51.71 21.24 52.33
C SER C 672 -52.70 21.40 51.19
N TYR C 673 -53.94 21.04 51.44
CA TYR C 673 -55.02 21.26 50.48
C TYR C 673 -56.30 21.45 51.29
N ARG C 674 -56.85 22.67 51.30
CA ARG C 674 -58.01 23.00 52.10
C ARG C 674 -59.12 23.49 51.17
N ILE C 675 -60.26 22.79 51.19
CA ILE C 675 -61.36 23.15 50.30
C ILE C 675 -61.96 24.50 50.70
N LEU C 676 -62.13 24.72 52.01
CA LEU C 676 -62.71 25.96 52.54
C LEU C 676 -64.21 26.05 52.27
N ASP C 677 -64.88 24.91 52.14
CA ASP C 677 -66.34 24.88 52.00
C ASP C 677 -66.96 24.78 53.40
N SER C 678 -67.03 25.94 54.06
CA SER C 678 -67.58 26.06 55.41
C SER C 678 -66.71 25.34 56.44
N SER C 679 -65.43 25.20 56.18
CA SER C 679 -64.48 24.76 57.19
C SER C 679 -63.09 25.22 56.77
N ILE C 680 -62.16 25.14 57.72
CA ILE C 680 -60.80 25.59 57.48
C ILE C 680 -59.88 24.37 57.41
N SER D 4 18.80 -9.33 63.06
CA SER D 4 18.43 -8.18 62.24
C SER D 4 19.67 -7.41 61.81
N ASP D 5 20.42 -6.93 62.80
CA ASP D 5 21.73 -6.36 62.51
C ASP D 5 22.54 -7.32 61.65
N SER D 6 22.42 -8.62 61.91
CA SER D 6 23.15 -9.61 61.11
C SER D 6 22.59 -9.67 59.68
N PHE D 7 21.27 -9.55 59.53
CA PHE D 7 20.67 -9.43 58.21
C PHE D 7 21.19 -8.20 57.48
N ILE D 8 21.14 -7.04 58.14
CA ILE D 8 21.52 -5.79 57.49
C ILE D 8 23.01 -5.79 57.18
N ASN D 9 23.81 -6.50 57.98
CA ASN D 9 25.24 -6.56 57.70
C ASN D 9 25.49 -7.31 56.39
N VAL D 10 24.75 -8.39 56.16
CA VAL D 10 24.89 -9.13 54.92
C VAL D 10 24.49 -8.29 53.71
N ILE D 11 23.31 -7.66 53.77
CA ILE D 11 22.85 -6.85 52.64
C ILE D 11 23.83 -5.71 52.34
N ASN D 12 24.38 -5.08 53.39
CA ASN D 12 25.36 -4.02 53.15
C ASN D 12 26.61 -4.56 52.47
N THR D 13 27.06 -5.76 52.84
CA THR D 13 28.25 -6.32 52.22
C THR D 13 27.99 -6.64 50.75
N LEU D 14 26.87 -7.34 50.48
CA LEU D 14 26.49 -7.72 49.13
C LEU D 14 26.19 -6.51 48.24
N GLY D 15 25.76 -5.39 48.82
CA GLY D 15 25.40 -4.24 48.00
C GLY D 15 26.55 -3.34 47.57
N ARG D 16 27.77 -3.57 48.07
CA ARG D 16 28.89 -2.75 47.66
C ARG D 16 29.29 -3.04 46.20
N ASN D 17 30.13 -2.16 45.67
CA ASN D 17 30.52 -2.24 44.26
C ASN D 17 31.11 -3.61 43.90
N ASP D 18 31.81 -4.24 44.83
CA ASP D 18 32.42 -5.54 44.60
C ASP D 18 31.51 -6.70 45.00
N GLY D 19 30.20 -6.45 45.15
CA GLY D 19 29.31 -7.45 45.70
C GLY D 19 29.26 -8.75 44.90
N ALA D 20 29.53 -8.69 43.61
CA ALA D 20 29.49 -9.90 42.79
C ALA D 20 30.49 -10.94 43.25
N LYS D 21 31.56 -10.53 43.93
CA LYS D 21 32.61 -11.46 44.31
C LYS D 21 32.12 -12.53 45.29
N TYR D 22 30.98 -12.32 45.95
CA TYR D 22 30.52 -13.28 46.96
C TYR D 22 29.72 -14.43 46.36
N ILE D 23 29.39 -14.38 45.07
CA ILE D 23 28.69 -15.47 44.41
C ILE D 23 29.69 -16.46 43.86
N GLY D 24 29.63 -17.70 44.35
CA GLY D 24 30.57 -18.71 43.93
C GLY D 24 30.42 -19.08 42.46
N GLU D 25 31.36 -19.88 41.97
CA GLU D 25 31.43 -20.25 40.57
C GLU D 25 32.26 -21.53 40.46
N CYS D 26 32.05 -22.26 39.35
CA CYS D 26 32.93 -23.38 39.03
C CYS D 26 34.23 -22.84 38.44
N HIS D 27 35.35 -23.39 38.90
CA HIS D 27 36.66 -22.95 38.46
C HIS D 27 37.19 -23.71 37.24
N SER D 28 36.42 -24.66 36.70
CA SER D 28 36.82 -25.42 35.52
C SER D 28 35.63 -26.26 35.08
N VAL D 29 35.68 -26.73 33.83
CA VAL D 29 34.63 -27.65 33.38
C VAL D 29 34.69 -28.96 34.15
N ALA D 30 35.87 -29.33 34.64
CA ALA D 30 35.97 -30.54 35.45
C ALA D 30 35.15 -30.41 36.73
N ASP D 31 35.22 -29.26 37.39
CA ASP D 31 34.33 -29.03 38.54
C ASP D 31 32.88 -29.10 38.12
N LEU D 32 32.56 -28.52 36.95
CA LEU D 32 31.19 -28.50 36.47
C LEU D 32 30.63 -29.91 36.36
N ARG D 33 31.46 -30.86 35.92
CA ARG D 33 31.03 -32.26 35.83
C ARG D 33 30.77 -32.88 37.19
N ASN D 34 31.28 -32.27 38.26
CA ASN D 34 31.04 -32.75 39.62
C ASN D 34 30.02 -31.90 40.39
N THR D 35 29.32 -30.99 39.70
CA THR D 35 28.31 -30.15 40.32
C THR D 35 26.95 -30.61 39.83
N GLU D 36 26.16 -31.23 40.72
CA GLU D 36 24.85 -31.66 40.25
C GLU D 36 23.82 -30.57 40.46
N PRO D 37 23.11 -30.15 39.42
CA PRO D 37 22.05 -29.15 39.60
C PRO D 37 20.89 -29.74 40.39
N THR D 38 20.19 -28.90 41.13
CA THR D 38 19.03 -29.32 41.90
C THR D 38 17.72 -28.81 41.33
N MET D 39 17.74 -28.19 40.14
CA MET D 39 16.53 -27.61 39.55
C MET D 39 16.79 -27.34 38.07
N ASP D 40 15.73 -27.44 37.26
CA ASP D 40 15.90 -27.22 35.82
C ASP D 40 16.08 -25.74 35.51
N GLY D 41 16.90 -25.47 34.52
CA GLY D 41 17.28 -24.12 34.16
C GLY D 41 18.14 -23.43 35.18
N GLN D 42 18.70 -24.17 36.12
CA GLN D 42 19.53 -23.59 37.16
C GLN D 42 20.73 -22.88 36.56
N ARG D 43 20.97 -21.66 37.00
CA ARG D 43 22.10 -20.88 36.53
C ARG D 43 23.36 -21.18 37.34
N ILE D 44 24.49 -21.30 36.64
CA ILE D 44 25.78 -21.48 37.27
C ILE D 44 26.81 -20.67 36.48
N ILE D 45 27.78 -20.12 37.19
CA ILE D 45 28.84 -19.34 36.58
C ILE D 45 30.08 -20.22 36.43
N LEU D 46 30.65 -20.24 35.23
CA LEU D 46 31.91 -20.92 34.99
C LEU D 46 33.00 -19.86 34.88
N LYS D 47 34.00 -19.95 35.77
CA LYS D 47 35.06 -18.94 35.77
C LYS D 47 35.96 -19.09 34.54
N GLN D 48 36.26 -20.31 34.15
CA GLN D 48 37.20 -20.60 33.07
C GLN D 48 37.03 -22.06 32.67
N HIS D 49 37.48 -22.39 31.47
CA HIS D 49 37.40 -23.77 31.02
C HIS D 49 38.40 -24.64 31.77
N THR D 50 39.67 -24.23 31.76
CA THR D 50 40.76 -24.98 32.34
C THR D 50 41.38 -24.17 33.46
N ALA D 51 41.67 -24.84 34.58
CA ALA D 51 42.19 -24.17 35.77
C ALA D 51 43.40 -23.31 35.45
N GLY D 52 43.38 -22.07 35.96
CA GLY D 52 44.54 -21.19 35.90
C GLY D 52 44.69 -20.39 34.62
N THR D 53 43.63 -20.25 33.83
CA THR D 53 43.72 -19.53 32.56
C THR D 53 42.88 -18.26 32.50
N LEU D 54 41.73 -18.20 33.19
CA LEU D 54 40.75 -17.13 33.02
C LEU D 54 40.20 -17.06 31.61
N LEU D 55 40.29 -18.15 30.85
CA LEU D 55 39.77 -18.19 29.49
C LEU D 55 38.67 -19.24 29.38
N GLY D 56 37.70 -18.96 28.53
CA GLY D 56 36.63 -19.90 28.22
C GLY D 56 35.51 -19.94 29.23
N GLY D 57 35.51 -19.06 30.23
CA GLY D 57 34.42 -19.00 31.19
C GLY D 57 33.12 -18.48 30.59
N GLY D 58 32.08 -18.51 31.40
CA GLY D 58 30.78 -18.09 30.95
C GLY D 58 29.69 -18.55 31.92
N VAL D 59 28.45 -18.50 31.44
CA VAL D 59 27.28 -18.90 32.19
C VAL D 59 26.68 -20.15 31.58
N PHE D 60 26.27 -21.09 32.43
CA PHE D 60 25.64 -22.34 32.00
C PHE D 60 24.29 -22.48 32.67
N ARG D 61 23.39 -23.22 32.02
CA ARG D 61 22.08 -23.54 32.59
C ARG D 61 21.86 -25.05 32.50
N ALA D 62 21.20 -25.59 33.51
CA ALA D 62 21.14 -27.03 33.71
C ALA D 62 19.88 -27.66 33.12
N LEU D 63 20.05 -28.87 32.60
CA LEU D 63 18.95 -29.80 32.35
C LEU D 63 19.17 -31.01 33.27
N ILE D 64 18.23 -31.22 34.20
CA ILE D 64 18.38 -32.35 35.13
C ILE D 64 18.44 -33.66 34.36
N ASP D 65 17.59 -33.82 33.36
CA ASP D 65 17.59 -35.00 32.51
C ASP D 65 18.47 -34.72 31.30
N GLY D 66 19.70 -35.21 31.33
CA GLY D 66 20.65 -34.97 30.27
C GLY D 66 20.71 -36.03 29.19
N THR D 67 19.84 -37.04 29.23
CA THR D 67 19.79 -38.00 28.14
C THR D 67 19.53 -37.28 26.82
N GLY D 68 20.22 -37.72 25.77
CA GLY D 68 20.14 -37.07 24.48
C GLY D 68 21.11 -35.93 24.29
N LYS D 69 21.76 -35.48 25.34
CA LYS D 69 22.85 -34.51 25.24
C LYS D 69 24.17 -35.24 25.40
N THR D 70 25.17 -34.82 24.62
CA THR D 70 26.49 -35.43 24.65
C THR D 70 27.52 -34.40 25.07
N ASP D 71 28.38 -34.80 26.01
CA ASP D 71 29.44 -33.92 26.49
C ASP D 71 30.42 -33.63 25.36
N ASN D 72 30.63 -32.34 25.06
CA ASN D 72 31.55 -31.92 24.00
C ASN D 72 32.70 -31.07 24.52
N ASN D 73 32.84 -30.93 25.84
CA ASN D 73 33.98 -30.27 26.47
C ASN D 73 33.99 -28.76 26.24
N GLY D 74 32.86 -28.16 25.92
CA GLY D 74 32.81 -26.72 25.70
C GLY D 74 31.47 -26.03 25.91
N THR D 75 30.40 -26.58 25.33
CA THR D 75 29.09 -25.98 25.45
C THR D 75 28.04 -26.93 26.01
N VAL D 76 28.32 -28.23 26.04
CA VAL D 76 27.47 -29.23 26.67
C VAL D 76 28.36 -30.02 27.61
N ILE D 77 28.13 -29.90 28.90
CA ILE D 77 28.94 -30.56 29.92
C ILE D 77 28.03 -31.48 30.72
N LYS D 78 28.34 -32.76 30.75
CA LYS D 78 27.52 -33.78 31.39
C LYS D 78 28.08 -34.10 32.77
N THR D 79 27.19 -34.19 33.76
CA THR D 79 27.63 -34.53 35.11
C THR D 79 27.65 -36.05 35.28
N VAL D 80 28.33 -36.49 36.35
CA VAL D 80 28.31 -37.91 36.70
C VAL D 80 26.88 -38.37 36.95
N GLY D 81 26.05 -37.49 37.51
CA GLY D 81 24.66 -37.84 37.73
C GLY D 81 23.79 -37.81 36.48
N GLY D 82 24.35 -37.46 35.33
CA GLY D 82 23.61 -37.49 34.09
C GLY D 82 22.92 -36.19 33.71
N ALA D 83 23.12 -35.11 34.47
CA ALA D 83 22.60 -33.82 34.08
C ALA D 83 23.45 -33.20 32.98
N ALA D 84 22.89 -32.18 32.32
CA ALA D 84 23.58 -31.48 31.25
C ALA D 84 23.62 -29.98 31.56
N TRP D 85 24.82 -29.41 31.60
CA TRP D 85 25.00 -27.97 31.68
C TRP D 85 25.17 -27.41 30.27
N LEU D 86 24.32 -26.44 29.91
CA LEU D 86 24.32 -25.88 28.56
C LEU D 86 24.85 -24.45 28.63
N ARG D 87 25.91 -24.17 27.89
CA ARG D 87 26.48 -22.83 27.90
C ARG D 87 25.46 -21.86 27.33
N VAL D 88 25.26 -20.74 28.02
CA VAL D 88 24.44 -19.67 27.47
C VAL D 88 25.24 -19.00 26.35
N ASN D 89 24.83 -19.26 25.11
CA ASN D 89 25.53 -18.81 23.92
C ASN D 89 24.62 -18.99 22.72
N ALA D 90 24.00 -17.90 22.26
CA ALA D 90 23.01 -18.01 21.20
C ALA D 90 23.66 -18.28 19.84
N ASP D 91 24.80 -17.65 19.56
CA ASP D 91 25.35 -17.68 18.19
C ASP D 91 26.61 -18.53 18.07
N ARG D 92 27.73 -17.92 17.70
CA ARG D 92 28.90 -18.68 17.32
C ARG D 92 29.71 -19.14 18.52
N VAL D 93 30.45 -20.22 18.34
CA VAL D 93 31.38 -20.74 19.32
C VAL D 93 32.77 -20.20 18.97
N ASN D 94 33.65 -20.17 19.96
CA ASN D 94 35.06 -19.88 19.70
C ASN D 94 35.93 -20.88 20.44
N PRO D 95 37.17 -21.05 20.00
CA PRO D 95 38.02 -22.13 20.55
C PRO D 95 38.24 -22.04 22.05
N PHE D 96 38.23 -20.83 22.63
CA PHE D 96 38.45 -20.72 24.08
C PHE D 96 37.34 -21.40 24.88
N MET D 97 36.12 -21.47 24.33
CA MET D 97 35.04 -22.15 25.04
C MET D 97 35.33 -23.63 25.21
N PHE D 98 36.20 -24.20 24.38
CA PHE D 98 36.52 -25.62 24.43
C PHE D 98 37.91 -25.88 24.98
N GLY D 99 38.54 -24.89 25.61
CA GLY D 99 39.85 -25.06 26.21
C GLY D 99 41.03 -24.50 25.43
N ALA D 100 40.81 -23.75 24.36
CA ALA D 100 41.94 -23.14 23.66
C ALA D 100 42.70 -22.21 24.60
N LEU D 101 44.01 -22.16 24.43
CA LEU D 101 44.85 -21.28 25.23
C LEU D 101 45.53 -20.18 24.43
N GLY D 102 45.56 -20.30 23.11
CA GLY D 102 46.26 -19.29 22.35
C GLY D 102 47.76 -19.35 22.60
N GLY D 103 48.43 -18.25 22.24
CA GLY D 103 49.88 -18.22 22.39
C GLY D 103 50.50 -19.34 21.59
N SER D 104 51.41 -20.08 22.22
CA SER D 104 52.11 -21.17 21.55
C SER D 104 51.46 -22.52 21.81
N ASN D 105 50.28 -22.54 22.43
CA ASN D 105 49.63 -23.80 22.74
C ASN D 105 49.08 -24.45 21.46
N ASP D 106 49.13 -25.78 21.43
CA ASP D 106 48.49 -26.54 20.35
C ASP D 106 46.99 -26.57 20.63
N ASP D 107 46.24 -25.75 19.90
CA ASP D 107 44.80 -25.65 20.09
C ASP D 107 44.01 -26.49 19.10
N THR D 108 44.64 -27.54 18.54
CA THR D 108 43.98 -28.37 17.53
C THR D 108 42.64 -28.90 18.01
N ILE D 109 42.60 -29.52 19.18
CA ILE D 109 41.39 -30.21 19.64
C ILE D 109 40.29 -29.19 19.94
N PRO D 110 40.56 -28.09 20.65
CA PRO D 110 39.52 -27.06 20.80
C PRO D 110 38.96 -26.57 19.49
N VAL D 111 39.81 -26.33 18.49
CA VAL D 111 39.34 -25.84 17.20
C VAL D 111 38.53 -26.91 16.49
N GLN D 112 39.01 -28.16 16.50
CA GLN D 112 38.22 -29.23 15.88
C GLN D 112 36.85 -29.34 16.53
N SER D 113 36.79 -29.17 17.87
CA SER D 113 35.51 -29.21 18.58
C SER D 113 34.58 -28.11 18.12
N CYS D 114 35.11 -26.93 17.84
CA CYS D 114 34.27 -25.83 17.34
C CYS D 114 33.62 -26.19 16.01
N VAL D 115 34.41 -26.62 15.03
CA VAL D 115 33.84 -26.88 13.71
C VAL D 115 32.97 -28.14 13.72
N ASP D 116 33.11 -28.98 14.75
CA ASP D 116 32.21 -30.11 14.91
C ASP D 116 31.03 -29.82 15.83
N SER D 117 30.88 -28.57 16.29
CA SER D 117 29.95 -28.29 17.38
C SER D 117 28.49 -28.28 16.95
N GLY D 118 28.21 -28.01 15.68
CA GLY D 118 26.86 -27.73 15.23
C GLY D 118 26.55 -26.26 15.08
N LYS D 119 27.52 -25.38 15.32
CA LYS D 119 27.38 -23.95 15.13
C LYS D 119 28.59 -23.42 14.39
N ALA D 120 28.46 -22.23 13.81
CA ALA D 120 29.59 -21.59 13.17
C ALA D 120 30.64 -21.21 14.22
N THR D 121 31.89 -21.12 13.78
CA THR D 121 33.03 -20.80 14.63
C THR D 121 33.52 -19.39 14.38
N GLN D 122 33.80 -18.67 15.46
CA GLN D 122 34.43 -17.37 15.43
C GLN D 122 35.88 -17.51 15.89
N LEU D 123 36.82 -17.09 15.06
CA LEU D 123 38.20 -16.94 15.48
C LEU D 123 38.38 -15.54 16.04
N THR D 124 38.75 -15.45 17.32
CA THR D 124 38.96 -14.17 17.99
C THR D 124 40.44 -13.84 18.15
N ASP D 125 41.32 -14.70 17.65
CA ASP D 125 42.72 -14.69 18.03
C ASP D 125 43.47 -15.59 17.05
N ALA D 126 44.78 -15.75 17.29
CA ALA D 126 45.59 -16.71 16.53
C ALA D 126 45.67 -18.03 17.29
N HIS D 127 45.43 -19.14 16.58
CA HIS D 127 45.46 -20.47 17.19
C HIS D 127 46.33 -21.41 16.38
N TYR D 128 47.32 -22.02 17.04
CA TYR D 128 48.09 -23.09 16.43
C TYR D 128 47.27 -24.37 16.33
N VAL D 129 47.38 -25.05 15.19
CA VAL D 129 46.75 -26.35 14.99
C VAL D 129 47.69 -27.23 14.18
N SER D 130 47.42 -28.53 14.21
CA SER D 130 48.12 -29.46 13.32
C SER D 130 47.29 -29.66 12.06
N ASN D 131 46.11 -30.25 12.19
CA ASN D 131 45.23 -30.48 11.04
C ASN D 131 43.77 -30.40 11.50
N ILE D 132 42.95 -29.71 10.71
CA ILE D 132 41.54 -29.50 11.00
C ILE D 132 40.71 -30.03 9.83
N GLN D 133 39.57 -30.65 10.14
CA GLN D 133 38.64 -31.17 9.15
CA GLN D 133 38.63 -31.19 9.17
C GLN D 133 37.30 -30.45 9.29
N LEU D 134 36.81 -29.93 8.18
CA LEU D 134 35.47 -29.33 8.11
C LEU D 134 34.53 -30.38 7.53
N LYS D 135 33.54 -30.80 8.33
CA LYS D 135 32.69 -31.95 7.98
C LYS D 135 31.23 -31.62 7.73
N TYR D 136 30.72 -30.49 8.24
CA TYR D 136 29.27 -30.29 8.31
C TYR D 136 28.87 -28.97 7.68
N ASN D 137 27.56 -28.84 7.40
CA ASN D 137 27.04 -27.58 6.90
C ASN D 137 27.01 -26.51 7.98
N THR D 138 27.38 -26.84 9.21
CA THR D 138 27.56 -25.86 10.26
C THR D 138 29.02 -25.44 10.40
N SER D 139 29.94 -26.06 9.65
CA SER D 139 31.36 -25.85 9.89
C SER D 139 31.90 -24.54 9.30
N SER D 140 31.11 -23.47 9.34
CA SER D 140 31.60 -22.17 8.92
C SER D 140 32.63 -21.65 9.91
N ILE D 141 33.51 -20.77 9.42
CA ILE D 141 34.53 -20.11 10.24
C ILE D 141 34.56 -18.63 9.89
N TYR D 142 34.48 -17.78 10.90
CA TYR D 142 34.55 -16.33 10.71
C TYR D 142 35.66 -15.76 11.57
N GLY D 143 36.41 -14.81 11.00
CA GLY D 143 37.34 -14.03 11.78
C GLY D 143 36.97 -12.55 11.72
N SER D 144 37.96 -11.66 11.90
CA SER D 144 37.73 -10.23 11.82
C SER D 144 38.85 -9.52 11.08
N GLY D 145 39.58 -10.23 10.23
CA GLY D 145 40.72 -9.67 9.54
C GLY D 145 41.53 -10.76 8.87
N LEU D 146 42.37 -10.38 7.90
CA LEU D 146 43.13 -11.35 7.15
C LEU D 146 44.38 -11.81 7.88
N HIS D 147 44.62 -11.34 9.10
CA HIS D 147 45.86 -11.65 9.78
C HIS D 147 45.67 -12.04 11.24
N TYR D 148 45.08 -11.14 12.05
CA TYR D 148 45.19 -11.32 13.49
C TYR D 148 44.30 -12.45 14.01
N SER D 149 43.17 -12.69 13.36
CA SER D 149 42.35 -13.88 13.62
C SER D 149 42.71 -14.94 12.59
N ARG D 150 43.25 -16.06 13.04
CA ARG D 150 43.81 -17.00 12.07
C ARG D 150 44.04 -18.36 12.70
N LEU D 151 44.17 -19.36 11.84
CA LEU D 151 44.77 -20.63 12.18
C LEU D 151 46.24 -20.62 11.74
N HIS D 152 47.10 -21.25 12.53
CA HIS D 152 48.53 -21.29 12.25
C HIS D 152 49.00 -22.73 12.41
N GLN D 153 49.50 -23.32 11.35
CA GLN D 153 49.94 -24.70 11.41
C GLN D 153 51.24 -24.83 12.19
N LEU D 154 51.27 -25.79 13.11
CA LEU D 154 52.45 -26.01 13.94
C LEU D 154 53.65 -26.42 13.09
N PRO D 155 54.85 -26.00 13.48
CA PRO D 155 56.05 -26.37 12.70
C PRO D 155 56.23 -27.86 12.54
N SER D 156 55.78 -28.67 13.51
CA SER D 156 55.99 -30.11 13.44
C SER D 156 54.93 -30.83 12.62
N ALA D 157 53.87 -30.15 12.22
CA ALA D 157 52.78 -30.82 11.51
C ALA D 157 53.09 -30.85 10.03
N THR D 158 52.64 -31.91 9.37
CA THR D 158 52.68 -31.99 7.92
C THR D 158 51.24 -32.22 7.43
N GLY D 159 51.08 -32.26 6.12
CA GLY D 159 49.77 -32.45 5.55
C GLY D 159 48.96 -31.16 5.51
N ASN D 160 47.64 -31.32 5.43
CA ASN D 160 46.74 -30.20 5.21
C ASN D 160 46.41 -29.51 6.52
N CYS D 161 46.61 -28.19 6.57
CA CYS D 161 46.14 -27.42 7.71
C CYS D 161 44.62 -27.54 7.86
N ILE D 162 43.88 -27.27 6.78
CA ILE D 162 42.42 -27.46 6.76
C ILE D 162 42.08 -28.40 5.61
N THR D 163 41.22 -29.39 5.90
CA THR D 163 40.67 -30.27 4.89
C THR D 163 39.16 -30.09 4.87
N ILE D 164 38.60 -29.78 3.70
CA ILE D 164 37.16 -29.72 3.55
C ILE D 164 36.69 -31.07 3.04
N LYS D 165 35.98 -31.82 3.88
CA LYS D 165 35.51 -33.17 3.57
C LYS D 165 34.32 -33.12 2.63
N ASP D 166 34.09 -34.22 1.94
CA ASP D 166 33.03 -34.26 0.94
C ASP D 166 31.63 -34.37 1.55
N THR D 167 31.52 -34.34 2.87
CA THR D 167 30.23 -34.21 3.55
C THR D 167 29.85 -32.76 3.86
N CYS D 168 30.77 -31.82 3.64
CA CYS D 168 30.63 -30.44 4.11
C CYS D 168 30.23 -29.52 2.95
N SER D 169 29.04 -28.92 3.06
CA SER D 169 28.56 -28.02 2.03
C SER D 169 27.95 -26.79 2.68
N LEU D 170 27.84 -25.72 1.87
CA LEU D 170 27.01 -24.56 2.19
C LEU D 170 27.53 -23.79 3.41
N ILE D 171 28.83 -23.87 3.67
CA ILE D 171 29.45 -23.13 4.75
C ILE D 171 30.05 -21.83 4.20
N VAL D 172 30.43 -20.94 5.12
CA VAL D 172 31.15 -19.73 4.78
C VAL D 172 32.47 -19.73 5.54
N LEU D 173 33.56 -19.43 4.84
CA LEU D 173 34.86 -19.14 5.42
C LEU D 173 35.18 -17.68 5.10
N ASP D 174 35.23 -16.84 6.13
CA ASP D 174 35.28 -15.40 5.90
C ASP D 174 36.24 -14.70 6.86
N ALA D 175 37.17 -13.94 6.29
CA ALA D 175 37.96 -12.94 7.02
C ALA D 175 38.75 -13.58 8.16
N PHE D 176 39.61 -14.54 7.81
CA PHE D 176 40.58 -15.05 8.76
C PHE D 176 41.80 -15.52 7.97
N GLY D 177 42.87 -15.81 8.71
CA GLY D 177 44.13 -16.26 8.12
C GLY D 177 44.34 -17.75 8.30
N VAL D 178 45.07 -18.34 7.37
CA VAL D 178 45.52 -19.72 7.47
C VAL D 178 47.02 -19.66 7.18
N TYR D 179 47.84 -19.76 8.22
CA TYR D 179 49.28 -19.55 8.11
C TYR D 179 50.05 -20.84 8.33
N GLY D 180 51.13 -21.01 7.58
CA GLY D 180 52.07 -22.08 7.80
C GLY D 180 53.44 -21.58 8.24
N THR D 181 54.39 -22.51 8.25
CA THR D 181 55.74 -22.22 8.76
C THR D 181 56.41 -21.06 8.04
N GLY D 182 56.16 -20.89 6.75
CA GLY D 182 56.83 -19.85 5.99
C GLY D 182 56.03 -18.58 5.77
N ALA D 183 55.09 -18.27 6.68
CA ALA D 183 54.15 -17.18 6.42
C ALA D 183 54.84 -15.84 6.35
N GLN D 184 55.82 -15.60 7.22
CA GLN D 184 56.56 -14.33 7.16
C GLN D 184 57.49 -14.33 5.95
N GLN D 185 57.59 -13.19 5.28
CA GLN D 185 58.36 -13.16 4.05
C GLN D 185 59.81 -13.53 4.34
N GLY D 186 60.41 -14.26 3.41
CA GLY D 186 61.80 -14.67 3.52
C GLY D 186 62.09 -15.80 4.49
N THR D 187 61.09 -16.48 5.02
CA THR D 187 61.34 -17.58 5.95
C THR D 187 61.16 -18.93 5.27
N SER D 188 61.59 -19.97 5.98
CA SER D 188 61.59 -21.33 5.46
C SER D 188 60.25 -22.00 5.78
N PHE D 189 60.06 -23.17 5.18
CA PHE D 189 58.80 -23.89 5.19
C PHE D 189 58.95 -25.24 5.91
N THR D 190 57.82 -25.87 6.20
CA THR D 190 57.80 -27.27 6.61
C THR D 190 57.39 -28.08 5.39
N ALA D 191 58.23 -29.03 5.00
CA ALA D 191 57.99 -29.77 3.77
C ALA D 191 56.68 -30.56 3.84
N GLY D 192 55.95 -30.59 2.72
CA GLY D 192 54.79 -31.45 2.63
C GLY D 192 53.50 -30.87 3.17
N THR D 193 53.40 -29.55 3.29
CA THR D 193 52.23 -28.91 3.88
C THR D 193 51.35 -28.27 2.81
N THR D 194 50.07 -28.17 3.12
CA THR D 194 49.07 -27.52 2.28
C THR D 194 48.19 -26.68 3.18
N GLY D 195 47.77 -25.51 2.69
CA GLY D 195 46.91 -24.64 3.47
C GLY D 195 45.50 -25.16 3.62
N ILE D 196 44.75 -25.17 2.51
CA ILE D 196 43.37 -25.66 2.46
C ILE D 196 43.26 -26.68 1.33
N TYR D 197 42.78 -27.87 1.66
CA TYR D 197 42.59 -28.94 0.69
C TYR D 197 41.10 -29.32 0.64
N VAL D 198 40.53 -29.36 -0.55
CA VAL D 198 39.16 -29.81 -0.75
C VAL D 198 39.22 -31.18 -1.40
N GLU D 199 38.88 -32.21 -0.63
CA GLU D 199 39.09 -33.58 -1.06
C GLU D 199 38.11 -33.96 -2.16
N THR D 200 38.47 -34.99 -2.92
CA THR D 200 37.63 -35.47 -4.01
C THR D 200 36.44 -36.24 -3.44
N PRO D 201 35.21 -35.92 -3.86
CA PRO D 201 34.03 -36.64 -3.33
C PRO D 201 34.04 -38.11 -3.71
N SER D 202 33.57 -38.94 -2.78
CA SER D 202 33.47 -40.38 -2.99
C SER D 202 32.07 -40.84 -3.33
N GLY D 203 31.11 -39.92 -3.41
CA GLY D 203 29.75 -40.31 -3.73
C GLY D 203 28.89 -39.10 -4.01
N LEU D 204 27.61 -39.39 -4.27
CA LEU D 204 26.61 -38.39 -4.62
C LEU D 204 25.38 -38.65 -3.77
N SER D 205 24.88 -37.61 -3.10
CA SER D 205 23.69 -37.76 -2.28
C SER D 205 22.46 -37.30 -3.04
N ALA D 206 21.31 -37.75 -2.57
CA ALA D 206 20.02 -37.44 -3.19
C ALA D 206 19.13 -36.57 -2.30
N ASP D 207 19.64 -36.08 -1.16
CA ASP D 207 18.82 -35.26 -0.28
C ASP D 207 19.49 -33.92 0.01
N TYR D 208 20.30 -33.43 -0.92
CA TYR D 208 20.79 -32.07 -0.85
C TYR D 208 19.62 -31.10 -0.68
N PRO D 209 19.77 -30.02 0.12
CA PRO D 209 20.96 -29.61 0.87
C PRO D 209 21.05 -30.18 2.28
N PHE D 210 20.18 -31.14 2.62
CA PHE D 210 20.18 -31.76 3.93
C PHE D 210 21.04 -33.02 3.99
N HIS D 211 21.97 -33.18 3.06
CA HIS D 211 22.75 -34.41 2.98
C HIS D 211 23.72 -34.55 4.16
N THR D 212 23.95 -35.80 4.56
CA THR D 212 24.94 -36.13 5.57
C THR D 212 26.01 -37.08 5.04
N THR D 213 25.98 -37.38 3.75
CA THR D 213 26.94 -38.28 3.12
C THR D 213 27.67 -37.53 2.01
N ALA D 214 28.62 -38.21 1.37
CA ALA D 214 29.47 -37.56 0.38
C ALA D 214 28.64 -36.99 -0.77
N ASP D 215 29.01 -35.79 -1.22
CA ASP D 215 28.33 -35.12 -2.31
C ASP D 215 29.29 -34.16 -2.99
N PRO D 216 29.18 -33.98 -4.32
CA PRO D 216 30.09 -33.07 -5.02
C PRO D 216 29.71 -31.59 -4.91
N ARG D 217 28.53 -31.27 -4.40
CA ARG D 217 28.08 -29.87 -4.36
C ARG D 217 28.62 -29.19 -3.11
N ARG D 218 29.85 -28.68 -3.21
CA ARG D 218 30.43 -27.94 -2.09
C ARG D 218 29.60 -26.70 -1.77
N ASP D 219 29.22 -25.93 -2.80
CA ASP D 219 28.36 -24.77 -2.65
C ASP D 219 28.75 -23.92 -1.44
N LEU D 220 30.02 -23.56 -1.37
CA LEU D 220 30.55 -22.84 -0.21
C LEU D 220 31.37 -21.65 -0.68
N CYS D 221 31.59 -20.71 0.24
CA CYS D 221 32.25 -19.45 -0.07
C CYS D 221 33.50 -19.28 0.77
N ILE D 222 34.64 -19.13 0.11
CA ILE D 222 35.88 -18.74 0.75
C ILE D 222 36.05 -17.26 0.45
N SER D 223 35.97 -16.43 1.49
CA SER D 223 35.78 -15.00 1.33
C SER D 223 36.75 -14.23 2.22
N LYS D 224 37.56 -13.36 1.62
CA LYS D 224 38.54 -12.56 2.36
C LYS D 224 39.38 -13.44 3.28
N VAL D 225 39.82 -14.56 2.76
CA VAL D 225 40.68 -15.48 3.49
C VAL D 225 42.12 -15.32 3.01
N HIS D 226 43.05 -15.28 3.95
CA HIS D 226 44.46 -15.06 3.65
C HIS D 226 45.23 -16.35 3.97
N ILE D 227 45.77 -16.98 2.93
CA ILE D 227 46.55 -18.21 3.07
C ILE D 227 48.01 -17.87 2.83
N ALA D 228 48.88 -18.28 3.75
CA ALA D 228 50.28 -17.91 3.63
C ALA D 228 51.18 -18.93 4.29
N GLY D 229 52.27 -19.27 3.61
CA GLY D 229 53.39 -19.96 4.25
C GLY D 229 53.40 -21.47 4.17
N PHE D 230 52.73 -22.08 3.19
CA PHE D 230 52.71 -23.52 3.07
C PHE D 230 53.64 -23.98 1.95
N ASP D 231 54.01 -25.26 2.01
CA ASP D 231 55.03 -25.81 1.10
C ASP D 231 54.45 -26.12 -0.27
N GLU D 232 53.56 -27.11 -0.33
CA GLU D 232 53.13 -27.64 -1.63
C GLU D 232 52.01 -26.81 -2.25
N TYR D 233 51.00 -26.44 -1.48
CA TYR D 233 49.86 -25.70 -1.99
C TYR D 233 49.35 -24.75 -0.94
N GLY D 234 48.98 -23.54 -1.37
CA GLY D 234 48.20 -22.68 -0.52
C GLY D 234 46.78 -23.21 -0.44
N LEU D 235 46.12 -23.20 -1.60
CA LEU D 235 44.78 -23.77 -1.76
C LEU D 235 44.82 -24.81 -2.86
N ASN D 236 44.23 -25.99 -2.60
CA ASN D 236 44.20 -27.08 -3.58
C ASN D 236 42.79 -27.66 -3.61
N ILE D 237 42.04 -27.34 -4.66
CA ILE D 237 40.67 -27.81 -4.85
C ILE D 237 40.71 -29.01 -5.80
N ASP D 238 40.49 -30.22 -5.26
CA ASP D 238 40.69 -31.40 -6.08
C ASP D 238 39.47 -31.72 -6.94
N SER D 239 39.65 -32.73 -7.80
CA SER D 239 38.64 -33.08 -8.80
C SER D 239 37.32 -33.46 -8.16
N GLY D 240 36.24 -33.17 -8.89
CA GLY D 240 34.91 -33.60 -8.50
C GLY D 240 34.13 -32.64 -7.62
N ASN D 241 34.68 -31.49 -7.27
CA ASN D 241 34.00 -30.54 -6.41
C ASN D 241 33.36 -29.43 -7.23
N PHE D 242 32.10 -29.15 -6.97
CA PHE D 242 31.37 -28.10 -7.69
C PHE D 242 31.15 -26.90 -6.77
N SER D 243 31.27 -25.71 -7.35
CA SER D 243 30.81 -24.45 -6.72
C SER D 243 31.60 -24.09 -5.47
N VAL D 244 32.91 -24.34 -5.47
CA VAL D 244 33.77 -23.72 -4.46
C VAL D 244 34.02 -22.30 -4.95
N THR D 245 33.28 -21.35 -4.39
CA THR D 245 33.45 -19.94 -4.67
C THR D 245 34.57 -19.35 -3.83
N THR D 246 35.41 -18.53 -4.45
CA THR D 246 36.33 -17.68 -3.71
C THR D 246 36.07 -16.22 -4.07
N ASP D 247 36.24 -15.35 -3.09
CA ASP D 247 36.01 -13.93 -3.28
C ASP D 247 37.01 -13.17 -2.42
N SER D 248 37.89 -12.41 -3.08
CA SER D 248 38.94 -11.68 -2.39
C SER D 248 39.86 -12.61 -1.63
N LEU D 249 40.12 -13.79 -2.21
CA LEU D 249 41.13 -14.67 -1.67
C LEU D 249 42.52 -14.08 -1.90
N LEU D 250 43.37 -14.17 -0.87
CA LEU D 250 44.73 -13.66 -0.91
C LEU D 250 45.66 -14.80 -0.52
N VAL D 251 46.59 -15.15 -1.40
CA VAL D 251 47.58 -16.21 -1.15
C VAL D 251 48.97 -15.61 -1.30
N ASN D 252 49.82 -15.85 -0.29
CA ASN D 252 51.15 -15.28 -0.16
C ASN D 252 52.15 -16.37 0.22
N HIS D 253 53.37 -16.23 -0.29
CA HIS D 253 54.53 -16.95 0.25
C HIS D 253 54.26 -18.46 0.31
N ILE D 254 54.14 -19.05 -0.87
CA ILE D 254 53.97 -20.49 -1.00
C ILE D 254 55.23 -21.05 -1.63
N ASN D 255 55.81 -22.07 -1.01
CA ASN D 255 57.09 -22.57 -1.51
C ASN D 255 56.93 -23.13 -2.92
N GLN D 256 55.75 -23.65 -3.26
CA GLN D 256 55.54 -24.27 -4.56
C GLN D 256 54.36 -23.61 -5.24
N VAL D 257 53.18 -24.23 -5.22
CA VAL D 257 52.06 -23.78 -6.04
C VAL D 257 51.07 -23.01 -5.18
N GLY D 258 50.82 -21.75 -5.54
CA GLY D 258 49.90 -20.94 -4.79
C GLY D 258 48.50 -21.53 -4.71
N VAL D 259 47.88 -21.74 -5.87
CA VAL D 259 46.53 -22.27 -5.95
C VAL D 259 46.47 -23.33 -7.04
N ARG D 260 45.92 -24.50 -6.71
CA ARG D 260 45.63 -25.52 -7.69
C ARG D 260 44.14 -25.79 -7.69
N CYS D 261 43.56 -25.88 -8.89
CA CYS D 261 42.19 -26.29 -9.08
C CYS D 261 42.17 -27.36 -10.15
N ALA D 262 41.36 -28.39 -9.96
CA ALA D 262 41.30 -29.53 -10.86
C ALA D 262 39.86 -30.01 -11.04
N THR D 263 38.91 -29.08 -11.07
CA THR D 263 37.50 -29.43 -11.10
C THR D 263 36.76 -28.42 -11.97
N THR D 264 35.44 -28.63 -12.06
CA THR D 264 34.58 -27.89 -12.98
C THR D 264 33.52 -27.12 -12.21
N ASP D 265 32.90 -26.16 -12.90
CA ASP D 265 31.69 -25.51 -12.40
C ASP D 265 31.92 -24.68 -11.15
N TRP D 266 32.67 -23.60 -11.28
CA TRP D 266 32.95 -22.72 -10.16
C TRP D 266 33.21 -21.30 -10.67
N THR D 267 33.15 -20.35 -9.73
CA THR D 267 33.47 -18.95 -10.00
C THR D 267 34.35 -18.39 -8.90
N TRP D 268 35.41 -17.68 -9.29
CA TRP D 268 36.27 -16.91 -8.40
C TRP D 268 36.26 -15.45 -8.81
N THR D 269 36.23 -14.55 -7.85
CA THR D 269 36.36 -13.13 -8.17
C THR D 269 37.41 -12.49 -7.29
N ASN D 270 38.20 -11.59 -7.87
CA ASN D 270 39.24 -10.83 -7.17
C ASN D 270 40.14 -11.75 -6.33
N ILE D 271 40.87 -12.57 -7.05
CA ILE D 271 41.86 -13.44 -6.45
C ILE D 271 43.23 -12.81 -6.61
N GLN D 272 44.07 -12.88 -5.57
CA GLN D 272 45.45 -12.44 -5.66
C GLN D 272 46.36 -13.54 -5.11
N VAL D 273 47.34 -13.93 -5.92
CA VAL D 273 48.36 -14.90 -5.51
C VAL D 273 49.74 -14.28 -5.73
N ASN D 274 50.57 -14.28 -4.70
CA ASN D 274 51.80 -13.49 -4.69
C ASN D 274 52.96 -14.30 -4.11
N THR D 275 54.04 -14.43 -4.90
CA THR D 275 55.30 -14.99 -4.44
C THR D 275 55.21 -16.49 -4.16
N CYS D 276 55.37 -17.30 -5.21
CA CYS D 276 55.33 -18.74 -5.12
C CYS D 276 56.58 -19.32 -5.76
N GLY D 277 57.09 -20.41 -5.19
CA GLY D 277 58.28 -21.03 -5.75
C GLY D 277 58.05 -21.62 -7.12
N LYS D 278 56.84 -22.08 -7.39
CA LYS D 278 56.45 -22.57 -8.70
C LYS D 278 55.34 -21.68 -9.22
N GLN D 279 54.27 -22.27 -9.74
CA GLN D 279 53.18 -21.49 -10.30
C GLN D 279 52.44 -20.73 -9.21
N CYS D 280 51.90 -19.57 -9.58
CA CYS D 280 50.85 -18.96 -8.76
C CYS D 280 49.55 -19.75 -8.87
N LEU D 281 49.23 -20.24 -10.06
CA LEU D 281 47.96 -20.90 -10.31
C LEU D 281 48.15 -22.09 -11.24
N VAL D 282 47.58 -23.23 -10.85
CA VAL D 282 47.55 -24.42 -11.69
C VAL D 282 46.09 -24.78 -11.94
N LEU D 283 45.66 -24.67 -13.19
CA LEU D 283 44.39 -25.23 -13.64
C LEU D 283 44.70 -26.53 -14.38
N ASP D 284 44.33 -27.65 -13.79
CA ASP D 284 44.70 -28.96 -14.33
C ASP D 284 43.40 -29.74 -14.49
N GLY D 285 42.94 -29.87 -15.74
CA GLY D 285 41.67 -30.52 -15.99
C GLY D 285 40.46 -29.74 -15.55
N CYS D 286 40.53 -28.42 -15.54
CA CYS D 286 39.39 -27.60 -15.20
C CYS D 286 38.50 -27.37 -16.43
N GLY D 287 37.24 -27.06 -16.16
CA GLY D 287 36.30 -26.78 -17.23
C GLY D 287 35.11 -26.02 -16.71
N ASN D 288 34.48 -25.25 -17.59
CA ASN D 288 33.23 -24.56 -17.26
C ASN D 288 33.35 -23.78 -15.96
N GLY D 289 34.41 -22.97 -15.88
CA GLY D 289 34.63 -22.13 -14.73
C GLY D 289 34.90 -20.70 -15.15
N ARG D 290 34.92 -19.81 -14.16
CA ARG D 290 35.11 -18.39 -14.38
C ARG D 290 36.09 -17.85 -13.35
N ILE D 291 37.06 -17.07 -13.81
CA ILE D 291 37.92 -16.27 -12.95
C ILE D 291 37.71 -14.81 -13.39
N ILE D 292 37.25 -13.98 -12.46
CA ILE D 292 36.91 -12.60 -12.78
C ILE D 292 37.63 -11.70 -11.79
N GLY D 293 38.68 -11.02 -12.27
CA GLY D 293 39.51 -10.22 -11.41
C GLY D 293 40.61 -11.05 -10.77
N GLY D 294 41.83 -10.91 -11.25
CA GLY D 294 42.92 -11.73 -10.77
C GLY D 294 44.26 -11.06 -10.93
N LYS D 295 45.14 -11.30 -9.95
CA LYS D 295 46.49 -10.75 -9.92
C LYS D 295 47.41 -11.88 -9.48
N PHE D 296 48.29 -12.31 -10.37
CA PHE D 296 49.18 -13.44 -10.12
C PHE D 296 50.61 -12.96 -10.35
N ILE D 297 51.38 -12.81 -9.26
CA ILE D 297 52.64 -12.09 -9.33
C ILE D 297 53.75 -12.84 -8.59
N TRP D 298 54.98 -12.63 -9.08
CA TRP D 298 56.18 -13.17 -8.45
C TRP D 298 56.14 -14.70 -8.34
N ALA D 299 55.63 -15.36 -9.37
CA ALA D 299 55.75 -16.81 -9.50
C ALA D 299 57.19 -17.22 -9.81
N ASN D 300 57.46 -18.52 -9.65
CA ASN D 300 58.81 -19.05 -9.89
C ASN D 300 59.85 -18.23 -9.13
N TRP D 301 59.51 -17.91 -7.88
CA TRP D 301 60.29 -17.00 -7.04
C TRP D 301 61.64 -17.60 -6.72
N GLN D 302 62.70 -17.04 -7.31
CA GLN D 302 64.03 -17.63 -7.27
C GLN D 302 64.51 -17.96 -5.86
N PRO D 303 64.37 -17.09 -4.86
CA PRO D 303 64.86 -17.43 -3.51
C PRO D 303 64.19 -18.65 -2.88
N TYR D 304 63.01 -19.07 -3.34
CA TYR D 304 62.45 -20.31 -2.80
C TYR D 304 63.14 -21.54 -3.34
N GLY D 305 64.12 -21.36 -4.24
CA GLY D 305 65.08 -22.39 -4.56
C GLY D 305 64.62 -23.50 -5.45
N THR D 306 63.48 -23.36 -6.13
CA THR D 306 63.09 -24.39 -7.08
C THR D 306 64.00 -24.29 -8.30
N VAL D 307 64.56 -25.42 -8.70
CA VAL D 307 65.33 -25.50 -9.93
C VAL D 307 64.37 -25.90 -11.04
N GLY D 308 64.38 -25.14 -12.12
CA GLY D 308 63.51 -25.33 -13.25
C GLY D 308 62.51 -24.19 -13.39
N GLN D 309 61.95 -24.11 -14.59
CA GLN D 309 60.99 -23.06 -14.94
C GLN D 309 59.57 -23.52 -14.62
N PHE D 310 58.77 -22.58 -14.12
CA PHE D 310 57.38 -22.80 -13.85
C PHE D 310 56.69 -21.49 -14.21
N PRO D 311 55.58 -21.53 -14.94
CA PRO D 311 54.91 -20.30 -15.36
C PRO D 311 54.16 -19.70 -14.20
N GLY D 312 53.77 -18.43 -14.38
CA GLY D 312 52.84 -17.83 -13.44
C GLY D 312 51.55 -18.62 -13.33
N ILE D 313 50.99 -19.03 -14.47
CA ILE D 313 49.76 -19.80 -14.52
C ILE D 313 49.97 -20.99 -15.45
N THR D 314 49.60 -22.17 -14.98
CA THR D 314 49.45 -23.35 -15.82
C THR D 314 47.98 -23.57 -16.10
N ILE D 315 47.61 -23.59 -17.37
CA ILE D 315 46.30 -24.05 -17.82
C ILE D 315 46.56 -25.30 -18.63
N ASN D 316 46.19 -26.45 -18.10
CA ASN D 316 46.49 -27.72 -18.72
C ASN D 316 45.23 -28.58 -18.82
N ASN D 317 45.00 -29.16 -19.98
CA ASN D 317 43.90 -30.11 -20.17
C ASN D 317 42.57 -29.54 -19.68
N SER D 318 42.33 -28.26 -19.95
CA SER D 318 41.12 -27.57 -19.51
C SER D 318 40.26 -27.19 -20.71
N GLN D 319 39.04 -26.75 -20.43
CA GLN D 319 38.11 -26.42 -21.51
C GLN D 319 37.02 -25.51 -20.98
N ASN D 320 36.49 -24.66 -21.88
CA ASN D 320 35.36 -23.81 -21.54
C ASN D 320 35.66 -22.94 -20.32
N MET D 321 36.82 -22.29 -20.33
CA MET D 321 37.20 -21.39 -19.25
C MET D 321 37.01 -19.96 -19.71
N VAL D 322 36.37 -19.15 -18.86
CA VAL D 322 36.27 -17.70 -19.07
C VAL D 322 37.08 -17.04 -17.96
N ILE D 323 38.14 -16.34 -18.38
CA ILE D 323 39.11 -15.74 -17.46
C ILE D 323 39.19 -14.27 -17.85
N ASN D 324 38.57 -13.39 -17.06
CA ASN D 324 38.43 -11.98 -17.38
C ASN D 324 39.18 -11.12 -16.35
N GLY D 325 39.85 -10.09 -16.83
CA GLY D 325 40.46 -9.11 -15.95
C GLY D 325 41.52 -9.68 -15.03
N ILE D 326 42.46 -10.44 -15.56
CA ILE D 326 43.54 -10.96 -14.75
C ILE D 326 44.84 -10.34 -15.23
N GLU D 327 45.84 -10.39 -14.36
CA GLU D 327 47.17 -9.91 -14.65
C GLU D 327 48.18 -10.96 -14.20
N VAL D 328 49.22 -11.16 -15.00
CA VAL D 328 50.35 -11.99 -14.64
C VAL D 328 51.61 -11.15 -14.84
N GLN D 329 52.37 -10.97 -13.77
CA GLN D 329 53.42 -9.97 -13.76
C GLN D 329 54.52 -10.38 -12.79
N ASP D 330 55.76 -10.01 -13.13
CA ASP D 330 56.92 -10.20 -12.28
C ASP D 330 57.23 -11.66 -11.98
N CYS D 331 56.80 -12.58 -12.84
CA CYS D 331 57.09 -14.00 -12.65
C CYS D 331 58.46 -14.38 -13.21
N GLY D 332 59.05 -15.43 -12.64
CA GLY D 332 60.42 -15.77 -12.97
C GLY D 332 60.58 -16.42 -14.32
N GLY D 333 59.56 -17.12 -14.80
CA GLY D 333 59.61 -17.77 -16.09
C GLY D 333 58.52 -17.26 -17.00
N ASN D 334 57.88 -18.17 -17.74
CA ASN D 334 56.79 -17.76 -18.61
C ASN D 334 55.62 -17.25 -17.78
N GLY D 335 54.79 -16.44 -18.42
CA GLY D 335 53.61 -15.93 -17.75
C GLY D 335 52.53 -16.98 -17.64
N ILE D 336 51.96 -17.37 -18.78
CA ILE D 336 50.86 -18.33 -18.85
C ILE D 336 51.25 -19.40 -19.85
N GLU D 337 51.14 -20.66 -19.44
CA GLU D 337 51.31 -21.79 -20.34
C GLU D 337 49.97 -22.51 -20.51
N ILE D 338 49.45 -22.48 -21.73
CA ILE D 338 48.20 -23.14 -22.08
C ILE D 338 48.55 -24.40 -22.87
N SER D 339 48.20 -25.56 -22.34
CA SER D 339 48.58 -26.84 -22.91
C SER D 339 47.37 -27.74 -23.03
N GLU D 340 47.21 -28.37 -24.21
CA GLU D 340 46.19 -29.40 -24.43
C GLU D 340 44.82 -28.96 -23.91
N SER D 341 44.45 -27.72 -24.20
CA SER D 341 43.24 -27.12 -23.67
C SER D 341 42.37 -26.59 -24.81
N TYR D 342 41.05 -26.76 -24.66
CA TYR D 342 40.07 -26.25 -25.59
C TYR D 342 39.48 -24.93 -25.08
N SER D 343 39.03 -24.12 -26.03
CA SER D 343 38.09 -23.03 -25.79
C SER D 343 38.40 -22.28 -24.49
N ILE D 344 39.59 -21.71 -24.44
CA ILE D 344 39.98 -20.81 -23.37
C ILE D 344 39.67 -19.39 -23.81
N SER D 345 38.76 -18.74 -23.09
CA SER D 345 38.28 -17.41 -23.42
C SER D 345 38.77 -16.41 -22.38
N MET D 346 39.42 -15.33 -22.82
CA MET D 346 40.01 -14.35 -21.92
C MET D 346 39.66 -12.96 -22.41
N ASN D 347 39.08 -12.13 -21.54
CA ASN D 347 38.57 -10.82 -21.94
C ASN D 347 39.09 -9.74 -20.99
N GLY D 348 40.08 -8.99 -21.45
CA GLY D 348 40.82 -8.09 -20.60
C GLY D 348 41.92 -8.86 -19.90
N LEU D 349 43.12 -8.86 -20.48
CA LEU D 349 44.23 -9.68 -20.00
C LEU D 349 45.51 -8.86 -20.03
N ASN D 350 46.21 -8.82 -18.91
CA ASN D 350 47.43 -8.04 -18.73
C ASN D 350 48.58 -8.98 -18.37
N THR D 351 49.57 -9.11 -19.27
CA THR D 351 50.78 -9.85 -18.98
C THR D 351 51.96 -8.95 -19.29
N ASN D 352 52.80 -8.67 -18.29
CA ASN D 352 53.95 -7.82 -18.52
C ASN D 352 55.07 -8.21 -17.57
N ARG D 353 56.30 -8.03 -18.07
CA ARG D 353 57.51 -8.11 -17.26
C ARG D 353 57.58 -9.40 -16.44
N ASN D 354 57.44 -10.52 -17.14
CA ASN D 354 57.68 -11.82 -16.55
C ASN D 354 59.09 -12.30 -16.97
N GLY D 355 59.34 -13.59 -16.87
CA GLY D 355 60.66 -14.10 -17.23
C GLY D 355 61.78 -13.40 -16.50
N ILE D 356 61.58 -13.05 -15.22
CA ILE D 356 62.56 -12.21 -14.54
C ILE D 356 63.76 -13.00 -14.02
N ASN D 357 63.75 -14.32 -14.15
CA ASN D 357 64.89 -15.12 -13.71
C ASN D 357 65.99 -15.24 -14.77
N ALA D 358 65.71 -14.91 -16.03
CA ALA D 358 66.73 -14.91 -17.08
C ALA D 358 66.26 -13.97 -18.17
N ASN D 359 67.04 -12.93 -18.43
CA ASN D 359 66.60 -11.87 -19.35
C ASN D 359 66.38 -12.42 -20.75
N ASN D 360 65.35 -11.89 -21.41
CA ASN D 360 65.16 -12.11 -22.85
C ASN D 360 65.04 -13.60 -23.17
N THR D 361 64.38 -14.35 -22.29
CA THR D 361 64.35 -15.80 -22.39
C THR D 361 62.95 -16.38 -22.40
N PHE D 362 62.01 -15.78 -21.67
CA PHE D 362 60.69 -16.36 -21.49
C PHE D 362 59.64 -15.49 -22.15
N TYR D 363 58.43 -16.05 -22.26
CA TYR D 363 57.36 -15.39 -22.99
C TYR D 363 56.12 -15.32 -22.12
N ASN D 364 55.30 -14.31 -22.37
CA ASN D 364 54.18 -14.05 -21.47
C ASN D 364 53.08 -15.08 -21.60
N ILE D 365 52.80 -15.56 -22.83
CA ILE D 365 51.83 -16.62 -23.05
C ILE D 365 52.44 -17.66 -23.97
N VAL D 366 52.45 -18.93 -23.53
CA VAL D 366 53.01 -20.03 -24.29
C VAL D 366 51.86 -20.97 -24.67
N PHE D 367 51.61 -21.12 -25.97
CA PHE D 367 50.54 -21.96 -26.45
C PHE D 367 51.11 -23.29 -26.91
N ASN D 368 50.53 -24.40 -26.42
CA ASN D 368 50.95 -25.73 -26.83
C ASN D 368 49.70 -26.58 -26.99
N LYS D 369 49.41 -26.98 -28.23
CA LYS D 369 48.23 -27.78 -28.59
C LYS D 369 46.97 -27.29 -27.87
N SER D 370 46.68 -26.01 -28.06
CA SER D 370 45.56 -25.39 -27.37
C SER D 370 44.85 -24.41 -28.29
N ASP D 371 43.59 -24.12 -27.95
CA ASP D 371 42.79 -23.12 -28.63
C ASP D 371 42.42 -22.02 -27.65
N ALA D 372 42.41 -20.78 -28.11
CA ALA D 372 42.12 -19.68 -27.22
C ALA D 372 41.58 -18.50 -28.02
N VAL D 373 40.68 -17.75 -27.39
CA VAL D 373 40.24 -16.45 -27.89
C VAL D 373 40.55 -15.43 -26.81
N ILE D 374 41.40 -14.48 -27.12
CA ILE D 374 41.92 -13.52 -26.14
C ILE D 374 41.60 -12.12 -26.64
N ASN D 375 40.82 -11.37 -25.86
CA ASN D 375 40.48 -9.99 -26.18
C ASN D 375 40.98 -9.03 -25.11
N GLY D 376 41.12 -7.77 -25.51
CA GLY D 376 41.56 -6.73 -24.59
C GLY D 376 42.92 -6.98 -23.99
N PHE D 377 43.85 -7.51 -24.78
CA PHE D 377 45.18 -7.78 -24.27
C PHE D 377 45.97 -6.49 -24.08
N VAL D 378 46.69 -6.41 -22.95
CA VAL D 378 47.63 -5.34 -22.67
C VAL D 378 48.83 -5.96 -21.97
N GLY D 379 49.96 -5.25 -22.01
CA GLY D 379 51.18 -5.78 -21.42
C GLY D 379 52.36 -4.83 -21.45
N LEU D 380 52.16 -3.58 -21.03
CA LEU D 380 53.26 -2.63 -20.99
C LEU D 380 54.41 -3.15 -20.13
N ASN D 381 55.55 -3.46 -20.76
CA ASN D 381 56.73 -3.94 -20.05
C ASN D 381 57.39 -2.76 -19.35
N TYR D 382 57.14 -2.61 -18.05
CA TYR D 382 57.58 -1.40 -17.36
C TYR D 382 59.09 -1.35 -17.19
N ALA D 383 59.78 -2.50 -17.25
CA ALA D 383 61.23 -2.48 -17.20
C ALA D 383 61.82 -1.92 -18.49
N ALA D 384 61.27 -2.32 -19.64
CA ALA D 384 61.72 -1.78 -20.91
C ALA D 384 61.39 -0.29 -21.00
N ASN D 385 60.26 0.12 -20.44
CA ASN D 385 59.83 1.50 -20.53
C ASN D 385 60.72 2.41 -19.69
N SER D 386 61.09 1.98 -18.48
CA SER D 386 61.95 2.80 -17.64
C SER D 386 63.42 2.66 -18.01
N GLY D 387 63.78 1.64 -18.78
CA GLY D 387 65.18 1.42 -19.13
C GLY D 387 66.04 0.91 -18.00
N SER D 388 65.44 0.26 -17.00
CA SER D 388 66.19 -0.19 -15.82
C SER D 388 67.15 -1.33 -16.15
N GLY D 389 66.95 -2.04 -17.25
CA GLY D 389 67.77 -3.20 -17.55
C GLY D 389 67.44 -4.46 -16.79
N ALA D 390 66.39 -4.47 -15.99
CA ALA D 390 66.02 -5.67 -15.25
C ALA D 390 65.54 -6.77 -16.20
N ASN D 391 65.78 -8.02 -15.82
CA ASN D 391 65.33 -9.15 -16.61
C ASN D 391 63.85 -9.01 -16.92
N SER D 392 63.47 -9.32 -18.16
CA SER D 392 62.05 -9.34 -18.50
C SER D 392 61.84 -10.27 -19.69
N SER D 393 60.57 -10.48 -20.02
CA SER D 393 60.19 -11.42 -21.07
C SER D 393 60.81 -11.05 -22.40
N ALA D 394 61.22 -12.07 -23.17
CA ALA D 394 61.64 -11.87 -24.55
C ALA D 394 60.50 -11.27 -25.39
N GLY D 395 59.27 -11.70 -25.15
CA GLY D 395 58.14 -11.19 -25.91
C GLY D 395 56.82 -11.71 -25.36
N ASN D 396 55.75 -11.33 -26.04
CA ASN D 396 54.41 -11.65 -25.54
C ASN D 396 53.98 -13.08 -25.83
N PHE D 397 54.22 -13.60 -27.02
CA PHE D 397 53.59 -14.87 -27.41
C PHE D 397 54.61 -15.85 -27.96
N GLN D 398 54.44 -17.12 -27.61
CA GLN D 398 55.24 -18.22 -28.13
C GLN D 398 54.31 -19.39 -28.42
N PHE D 399 54.48 -20.02 -29.57
CA PHE D 399 53.68 -21.16 -29.97
C PHE D 399 54.60 -22.37 -30.07
N LEU D 400 54.37 -23.38 -29.24
CA LEU D 400 55.20 -24.58 -29.26
C LEU D 400 54.73 -25.61 -30.27
N SER D 401 53.54 -25.44 -30.83
CA SER D 401 53.04 -26.32 -31.88
C SER D 401 52.37 -25.48 -32.96
N ASN D 402 52.09 -26.11 -34.10
CA ASN D 402 51.40 -25.44 -35.19
C ASN D 402 49.97 -25.94 -35.36
N ASP D 403 49.43 -26.66 -34.37
CA ASP D 403 48.06 -27.15 -34.41
C ASP D 403 47.16 -26.37 -33.47
N CYS D 404 47.60 -25.19 -33.06
CA CYS D 404 46.79 -24.31 -32.23
C CYS D 404 45.86 -23.48 -33.10
N SER D 405 44.71 -23.14 -32.54
CA SER D 405 43.74 -22.25 -33.16
C SER D 405 43.49 -21.11 -32.18
N VAL D 406 44.06 -19.94 -32.47
CA VAL D 406 44.17 -18.87 -31.48
C VAL D 406 43.84 -17.53 -32.10
N THR D 407 43.02 -16.74 -31.40
CA THR D 407 42.77 -15.36 -31.75
C THR D 407 43.21 -14.48 -30.58
N ILE D 408 43.98 -13.43 -30.88
CA ILE D 408 44.44 -12.47 -29.88
C ILE D 408 44.17 -11.07 -30.41
N ASN D 409 43.55 -10.23 -29.60
CA ASN D 409 43.34 -8.83 -29.95
C ASN D 409 43.70 -7.96 -28.77
N GLY D 410 44.38 -6.85 -29.06
CA GLY D 410 44.68 -5.86 -28.05
C GLY D 410 45.93 -5.09 -28.42
N VAL D 411 46.60 -4.58 -27.39
CA VAL D 411 47.77 -3.73 -27.57
C VAL D 411 48.99 -4.65 -27.47
N VAL D 412 49.35 -5.24 -28.61
CA VAL D 412 50.43 -6.23 -28.62
C VAL D 412 51.78 -5.57 -28.40
N GLU D 413 51.96 -4.33 -28.87
CA GLU D 413 53.15 -3.54 -28.58
C GLU D 413 52.67 -2.17 -28.11
N THR D 414 53.09 -1.78 -26.90
CA THR D 414 52.44 -0.66 -26.23
C THR D 414 52.72 0.66 -26.92
N GLY D 415 53.96 0.87 -27.36
CA GLY D 415 54.31 2.10 -28.03
C GLY D 415 54.88 3.18 -27.15
N TYR D 416 55.64 2.82 -26.12
CA TYR D 416 56.42 3.81 -25.40
C TYR D 416 57.75 4.03 -26.15
N MET D 417 58.56 4.97 -25.70
CA MET D 417 59.65 5.46 -26.53
C MET D 417 60.69 4.37 -26.81
N GLY D 418 61.13 3.65 -25.78
CA GLY D 418 62.23 2.72 -25.94
C GLY D 418 63.60 3.28 -25.61
N ILE D 419 63.77 3.76 -24.37
CA ILE D 419 65.05 4.34 -23.96
C ILE D 419 66.20 3.38 -24.24
N ASN D 420 65.98 2.08 -24.06
CA ASN D 420 67.02 1.08 -24.29
C ASN D 420 66.85 0.35 -25.62
N PHE D 421 66.11 0.92 -26.56
CA PHE D 421 65.94 0.37 -27.90
C PHE D 421 65.12 -0.92 -27.93
N ILE D 422 64.44 -1.25 -26.84
CA ILE D 422 63.64 -2.46 -26.74
C ILE D 422 62.23 -2.08 -26.29
N GLY D 423 61.35 -3.07 -26.25
CA GLY D 423 59.95 -2.84 -25.92
C GLY D 423 59.33 -4.07 -25.32
N ASP D 424 58.07 -4.35 -25.69
CA ASP D 424 57.37 -5.52 -25.19
C ASP D 424 57.79 -6.77 -25.96
N ASN D 425 57.99 -6.65 -27.27
CA ASN D 425 58.27 -7.79 -28.14
C ASN D 425 59.69 -7.63 -28.70
N ASN D 426 60.65 -8.26 -28.03
CA ASN D 426 62.05 -8.11 -28.38
C ASN D 426 62.63 -9.33 -29.08
N ILE D 427 61.96 -10.47 -29.00
CA ILE D 427 62.23 -11.64 -29.84
C ILE D 427 60.90 -12.12 -30.35
N ILE D 428 60.75 -12.18 -31.67
CA ILE D 428 59.49 -12.59 -32.28
C ILE D 428 59.73 -13.90 -33.02
N ASN D 429 58.98 -14.93 -32.64
CA ASN D 429 59.05 -16.23 -33.28
C ASN D 429 57.75 -16.47 -34.04
N PRO D 430 57.75 -16.39 -35.37
CA PRO D 430 56.51 -16.58 -36.11
C PRO D 430 56.02 -18.01 -36.05
N THR D 431 54.74 -18.20 -36.35
CA THR D 431 54.13 -19.52 -36.26
C THR D 431 53.31 -19.79 -37.53
N ASN D 432 53.17 -21.07 -37.84
CA ASN D 432 52.28 -21.56 -38.89
C ASN D 432 50.95 -22.05 -38.31
N SER D 433 50.69 -21.78 -37.04
CA SER D 433 49.43 -22.11 -36.41
C SER D 433 48.28 -21.40 -37.10
N ASP D 434 47.07 -21.84 -36.78
CA ASP D 434 45.84 -21.15 -37.20
C ASP D 434 45.67 -19.94 -36.28
N LEU D 435 46.41 -18.89 -36.59
CA LEU D 435 46.50 -17.70 -35.75
C LEU D 435 45.86 -16.50 -36.42
N SER D 436 45.11 -15.73 -35.63
CA SER D 436 44.61 -14.42 -36.04
C SER D 436 44.88 -13.44 -34.92
N ILE D 437 45.61 -12.37 -35.22
CA ILE D 437 45.97 -11.38 -34.21
C ILE D 437 45.56 -10.00 -34.70
N ASN D 438 44.81 -9.25 -33.86
CA ASN D 438 44.41 -7.88 -34.14
C ASN D 438 43.59 -7.76 -35.42
N GLY D 439 42.91 -8.83 -35.81
CA GLY D 439 42.11 -8.81 -37.03
C GLY D 439 42.91 -8.64 -38.30
N LEU D 440 44.21 -8.86 -38.25
CA LEU D 440 45.08 -8.69 -39.41
C LEU D 440 45.04 -9.92 -40.31
N VAL D 441 44.81 -9.70 -41.61
CA VAL D 441 44.89 -10.78 -42.58
C VAL D 441 46.34 -11.22 -42.72
N ASN D 442 46.58 -12.52 -42.67
CA ASN D 442 47.92 -13.07 -42.87
C ASN D 442 48.23 -13.10 -44.36
N TYR D 443 49.31 -12.41 -44.77
CA TYR D 443 49.57 -12.24 -46.20
C TYR D 443 49.75 -13.58 -46.91
N SER D 444 50.40 -14.55 -46.25
CA SER D 444 50.58 -15.85 -46.87
C SER D 444 49.28 -16.62 -47.01
N LYS D 445 48.18 -16.14 -46.43
CA LYS D 445 46.91 -16.85 -46.47
C LYS D 445 45.82 -16.11 -47.24
N THR D 446 46.15 -15.06 -47.98
CA THR D 446 45.14 -14.26 -48.64
C THR D 446 45.22 -14.34 -50.16
N GLY D 447 44.06 -14.27 -50.80
CA GLY D 447 43.98 -14.10 -52.23
C GLY D 447 43.45 -12.75 -52.61
N LEU D 448 43.46 -11.81 -51.67
CA LEU D 448 42.91 -10.48 -51.93
C LEU D 448 43.76 -9.74 -52.95
N GLN D 449 43.10 -9.10 -53.91
CA GLN D 449 43.74 -8.27 -54.90
C GLN D 449 43.87 -6.85 -54.37
N THR D 450 45.07 -6.28 -54.49
CA THR D 450 45.35 -4.94 -54.01
C THR D 450 46.05 -4.13 -55.09
N MET D 451 46.18 -2.83 -54.84
CA MET D 451 47.13 -2.05 -55.60
C MET D 451 48.51 -2.67 -55.43
N ASN D 452 49.37 -2.43 -56.40
CA ASN D 452 50.78 -2.77 -56.22
C ASN D 452 51.54 -1.79 -57.11
N GLU D 453 51.78 -0.60 -56.57
CA GLU D 453 52.43 0.45 -57.33
C GLU D 453 53.86 0.05 -57.68
N THR D 454 54.28 0.46 -58.88
CA THR D 454 55.58 0.10 -59.41
C THR D 454 56.56 1.22 -59.15
N PRO D 455 57.63 1.00 -58.38
CA PRO D 455 58.65 2.04 -58.23
C PRO D 455 59.59 2.02 -59.43
N THR D 456 60.34 3.10 -59.58
CA THR D 456 61.33 3.19 -60.64
C THR D 456 62.72 3.04 -60.02
N PHE D 457 63.55 2.22 -60.65
CA PHE D 457 64.93 2.04 -60.22
C PHE D 457 65.77 3.22 -60.68
N ASP D 458 66.57 3.76 -59.77
CA ASP D 458 67.50 4.81 -60.14
C ASP D 458 68.89 4.50 -59.60
N GLY D 459 69.87 5.04 -60.30
CA GLY D 459 71.27 4.92 -59.94
C GLY D 459 72.05 5.65 -61.02
N VAL D 460 73.34 5.84 -60.75
CA VAL D 460 74.19 6.51 -61.74
C VAL D 460 74.07 5.79 -63.08
N SER D 461 74.23 4.47 -63.05
CA SER D 461 73.73 3.61 -64.12
C SER D 461 72.34 3.16 -63.75
N THR D 462 71.39 3.26 -64.69
CA THR D 462 70.00 2.98 -64.41
C THR D 462 69.60 1.54 -64.75
N THR D 463 70.58 0.66 -64.92
CA THR D 463 70.28 -0.76 -65.06
C THR D 463 70.39 -1.43 -63.69
N PRO D 464 69.31 -2.00 -63.16
CA PRO D 464 69.41 -2.65 -61.86
C PRO D 464 70.39 -3.82 -61.91
N VAL D 465 71.08 -4.02 -60.79
CA VAL D 465 71.98 -5.16 -60.63
C VAL D 465 71.45 -5.99 -59.46
N TYR D 466 71.47 -7.30 -59.62
CA TYR D 466 70.93 -8.22 -58.62
C TYR D 466 72.06 -9.12 -58.14
N VAL D 467 72.07 -9.37 -56.83
CA VAL D 467 73.03 -10.26 -56.21
C VAL D 467 72.29 -11.17 -55.24
N SER D 468 72.98 -12.22 -54.81
CA SER D 468 72.36 -13.23 -53.97
C SER D 468 72.06 -12.67 -52.57
N VAL D 469 71.02 -13.22 -51.95
CA VAL D 469 70.68 -12.95 -50.56
C VAL D 469 70.72 -14.28 -49.82
N PRO D 470 70.89 -14.25 -48.49
CA PRO D 470 70.79 -15.49 -47.71
C PRO D 470 69.42 -16.14 -47.90
N SER D 471 69.41 -17.46 -47.85
CA SER D 471 68.18 -18.21 -48.13
C SER D 471 67.08 -17.89 -47.13
N SER D 472 67.42 -17.35 -45.97
CA SER D 472 66.39 -16.96 -45.00
C SER D 472 65.52 -15.82 -45.51
N VAL D 473 65.95 -15.12 -46.55
CA VAL D 473 65.14 -14.07 -47.18
C VAL D 473 64.05 -14.65 -48.06
N GLY D 474 64.11 -15.95 -48.34
CA GLY D 474 63.05 -16.59 -49.10
C GLY D 474 63.05 -16.27 -50.58
N GLN D 475 64.20 -15.91 -51.15
CA GLN D 475 64.33 -15.66 -52.58
C GLN D 475 65.79 -15.82 -52.94
N VAL D 476 66.06 -15.92 -54.24
CA VAL D 476 67.41 -16.21 -54.71
C VAL D 476 68.28 -14.98 -54.66
N ASN D 477 67.80 -13.86 -55.19
CA ASN D 477 68.57 -12.63 -55.31
C ASN D 477 67.77 -11.46 -54.78
N GLY D 478 68.47 -10.35 -54.53
CA GLY D 478 67.85 -9.08 -54.21
C GLY D 478 68.55 -7.94 -54.96
N LEU D 479 68.09 -6.72 -54.70
CA LEU D 479 68.62 -5.56 -55.40
C LEU D 479 69.96 -5.15 -54.79
N ARG D 480 70.99 -5.08 -55.63
CA ARG D 480 72.33 -4.69 -55.21
C ARG D 480 72.35 -3.22 -54.83
N LEU D 481 72.71 -2.93 -53.59
CA LEU D 481 72.75 -1.57 -53.07
C LEU D 481 74.21 -1.11 -52.96
N SER D 482 74.52 0.03 -53.56
CA SER D 482 75.87 0.56 -53.52
C SER D 482 75.85 2.06 -53.32
N GLN D 483 76.89 2.57 -52.67
CA GLN D 483 77.08 4.01 -52.60
C GLN D 483 77.59 4.57 -53.92
N ALA D 484 78.37 3.78 -54.67
CA ALA D 484 78.94 4.27 -55.92
C ALA D 484 77.86 4.50 -56.98
N ASN D 485 76.92 3.56 -57.13
CA ASN D 485 75.86 3.72 -58.11
C ASN D 485 74.61 4.36 -57.54
N LYS D 486 74.53 4.55 -56.22
CA LYS D 486 73.36 5.17 -55.59
C LYS D 486 72.07 4.44 -55.95
N ASP D 487 72.11 3.12 -55.85
CA ASP D 487 70.94 2.32 -56.20
C ASP D 487 69.78 2.65 -55.26
N LYS D 488 68.61 2.90 -55.83
CA LYS D 488 67.44 3.30 -55.06
C LYS D 488 66.16 2.93 -55.78
N LEU D 489 65.06 2.93 -55.04
CA LEU D 489 63.72 2.72 -55.58
C LEU D 489 62.86 3.94 -55.29
N LEU D 490 62.40 4.60 -56.34
CA LEU D 490 61.60 5.81 -56.24
C LEU D 490 60.12 5.49 -56.48
N TYR D 491 59.26 5.96 -55.57
CA TYR D 491 57.82 5.98 -55.79
C TYR D 491 57.40 7.41 -56.05
N SER D 492 56.46 7.62 -56.96
CA SER D 492 55.92 8.96 -57.12
C SER D 492 54.91 9.31 -56.03
N ARG D 493 54.34 8.29 -55.38
CA ARG D 493 53.40 8.55 -54.30
C ARG D 493 54.03 9.46 -53.25
N THR D 494 53.25 10.44 -52.79
CA THR D 494 53.66 11.35 -51.73
C THR D 494 52.94 10.99 -50.44
N ALA D 495 53.58 11.30 -49.32
CA ALA D 495 52.97 11.01 -48.02
C ALA D 495 51.85 12.00 -47.73
N GLY D 496 50.73 11.48 -47.23
CA GLY D 496 49.58 12.28 -46.87
C GLY D 496 49.32 12.27 -45.37
N PRO D 497 48.34 13.04 -44.91
CA PRO D 497 48.13 13.20 -43.46
C PRO D 497 47.72 11.91 -42.77
N GLU D 498 47.25 10.91 -43.51
CA GLU D 498 46.94 9.62 -42.91
C GLU D 498 48.21 8.84 -42.56
N GLY D 499 49.33 9.20 -43.16
CA GLY D 499 50.59 8.54 -42.84
C GLY D 499 50.89 7.40 -43.80
N ILE D 500 52.01 6.76 -43.52
CA ILE D 500 52.54 5.74 -44.40
C ILE D 500 53.30 4.73 -43.54
N THR D 501 53.35 3.49 -44.02
CA THR D 501 54.24 2.47 -43.48
C THR D 501 55.15 2.02 -44.62
N MET D 502 56.46 2.00 -44.36
CA MET D 502 57.43 1.52 -45.33
C MET D 502 58.32 0.50 -44.66
N ALA D 503 58.61 -0.59 -45.36
CA ALA D 503 59.43 -1.65 -44.80
C ALA D 503 60.15 -2.37 -45.92
N ALA D 504 61.28 -2.97 -45.58
CA ALA D 504 62.05 -3.74 -46.55
C ALA D 504 63.01 -4.64 -45.80
N VAL D 505 63.39 -5.73 -46.44
CA VAL D 505 64.53 -6.52 -45.98
C VAL D 505 65.79 -5.86 -46.52
N ILE D 506 66.70 -5.52 -45.61
CA ILE D 506 67.99 -4.95 -45.99
C ILE D 506 69.07 -5.81 -45.38
N VAL D 507 70.01 -6.25 -46.21
CA VAL D 507 71.18 -7.02 -45.80
C VAL D 507 72.37 -6.07 -45.92
N PRO D 508 72.72 -5.36 -44.84
CA PRO D 508 73.78 -4.33 -44.95
C PRO D 508 75.16 -4.93 -44.98
N THR D 509 76.00 -4.39 -45.86
CA THR D 509 77.44 -4.64 -45.81
C THR D 509 78.03 -3.53 -44.97
N ILE D 510 78.57 -3.88 -43.81
CA ILE D 510 79.01 -2.92 -42.80
C ILE D 510 80.53 -2.90 -42.83
N SER D 511 81.12 -1.73 -43.13
CA SER D 511 82.57 -1.63 -43.13
C SER D 511 83.05 -0.43 -42.34
N GLY D 512 83.52 0.60 -43.02
CA GLY D 512 84.03 1.79 -42.38
C GLY D 512 82.95 2.81 -42.09
N ALA D 513 83.37 4.07 -41.96
CA ALA D 513 82.41 5.14 -41.78
C ALA D 513 81.53 5.25 -43.03
N GLU D 514 80.23 5.42 -42.80
CA GLU D 514 79.26 5.38 -43.89
C GLU D 514 77.93 5.87 -43.36
N VAL D 515 77.11 6.42 -44.25
CA VAL D 515 75.74 6.80 -43.96
C VAL D 515 74.81 5.93 -44.80
N PHE D 516 74.00 5.11 -44.14
CA PHE D 516 72.97 4.32 -44.80
C PHE D 516 71.65 5.09 -44.77
N ASN D 517 71.08 5.34 -45.95
CA ASN D 517 69.75 5.94 -46.05
C ASN D 517 68.78 4.79 -46.31
N PHE D 518 68.21 4.25 -45.24
CA PHE D 518 67.33 3.09 -45.39
C PHE D 518 66.08 3.43 -46.20
N MET D 519 65.45 4.56 -45.90
CA MET D 519 64.25 4.97 -46.63
C MET D 519 63.99 6.43 -46.31
N ALA D 520 63.23 7.09 -47.17
CA ALA D 520 63.03 8.52 -46.98
C ALA D 520 61.68 8.95 -47.51
N ILE D 521 61.23 10.10 -47.00
CA ILE D 521 60.09 10.83 -47.55
C ILE D 521 60.65 12.17 -48.01
N GLY D 522 60.48 12.47 -49.30
CA GLY D 522 61.06 13.70 -49.81
C GLY D 522 62.59 13.62 -49.94
N SER D 523 63.21 14.80 -49.93
CA SER D 523 64.66 14.93 -50.03
C SER D 523 65.10 16.17 -49.28
N GLY D 524 66.41 16.26 -49.01
CA GLY D 524 66.95 17.38 -48.27
C GLY D 524 66.65 17.29 -46.79
N PHE D 525 67.20 18.26 -46.04
CA PHE D 525 67.03 18.30 -44.58
C PHE D 525 67.19 19.75 -44.15
N SER D 526 66.07 20.42 -43.90
CA SER D 526 66.07 21.82 -43.50
C SER D 526 64.72 22.17 -42.91
N ASP D 527 64.59 23.42 -42.49
CA ASP D 527 63.34 23.88 -41.88
C ASP D 527 62.16 23.75 -42.85
N THR D 528 62.44 23.68 -44.16
CA THR D 528 61.40 23.60 -45.17
C THR D 528 61.54 22.38 -46.08
N SER D 529 62.37 21.40 -45.71
CA SER D 529 62.56 20.24 -46.58
C SER D 529 61.35 19.32 -46.61
N ASN D 530 60.48 19.37 -45.60
CA ASN D 530 59.31 18.51 -45.54
C ASN D 530 59.69 17.06 -45.76
N SER D 531 60.67 16.58 -44.99
CA SER D 531 61.35 15.33 -45.31
C SER D 531 61.56 14.49 -44.05
N LEU D 532 61.73 13.18 -44.29
CA LEU D 532 62.10 12.22 -43.27
C LEU D 532 63.21 11.34 -43.79
N HIS D 533 64.17 11.03 -42.92
CA HIS D 533 65.20 10.03 -43.20
C HIS D 533 65.30 9.05 -42.03
N LEU D 534 65.35 7.77 -42.35
CA LEU D 534 65.76 6.75 -41.40
C LEU D 534 67.16 6.30 -41.80
N GLN D 535 68.14 6.55 -40.94
CA GLN D 535 69.53 6.31 -41.30
C GLN D 535 70.21 5.42 -40.26
N LEU D 536 71.15 4.63 -40.74
CA LEU D 536 72.18 4.01 -39.92
C LEU D 536 73.48 4.75 -40.20
N VAL D 537 74.02 5.42 -39.18
CA VAL D 537 75.24 6.20 -39.33
C VAL D 537 76.35 5.46 -38.60
N ILE D 538 77.44 5.22 -39.29
CA ILE D 538 78.58 4.51 -38.74
C ILE D 538 79.79 5.43 -38.79
N ASP D 539 80.48 5.59 -37.66
CA ASP D 539 81.65 6.44 -37.63
C ASP D 539 82.92 5.60 -37.83
N ALA D 540 84.07 6.28 -37.78
CA ALA D 540 85.33 5.62 -38.11
C ALA D 540 85.69 4.52 -37.12
N SER D 541 85.23 4.64 -35.87
CA SER D 541 85.52 3.67 -34.82
C SER D 541 84.57 2.48 -34.83
N GLY D 542 83.57 2.47 -35.70
CA GLY D 542 82.61 1.40 -35.75
C GLY D 542 81.34 1.63 -34.95
N LYS D 543 81.20 2.79 -34.31
CA LYS D 543 79.98 3.07 -33.55
C LYS D 543 78.80 3.23 -34.49
N GLN D 544 77.67 2.65 -34.12
CA GLN D 544 76.46 2.68 -34.93
C GLN D 544 75.41 3.56 -34.25
N THR D 545 74.81 4.45 -35.05
CA THR D 545 73.74 5.34 -34.60
C THR D 545 72.56 5.13 -35.52
N ILE D 546 71.39 4.90 -34.96
CA ILE D 546 70.15 4.88 -35.73
C ILE D 546 69.50 6.25 -35.57
N ALA D 547 69.32 6.95 -36.69
CA ALA D 547 68.88 8.33 -36.68
C ALA D 547 67.64 8.49 -37.53
N LEU D 548 66.64 9.17 -36.97
CA LEU D 548 65.47 9.62 -37.71
C LEU D 548 65.58 11.13 -37.87
N LEU D 549 65.65 11.60 -39.12
CA LEU D 549 65.76 13.02 -39.43
C LEU D 549 64.42 13.54 -39.95
N LEU D 550 63.92 14.60 -39.31
CA LEU D 550 62.63 15.20 -39.67
C LEU D 550 62.85 16.68 -39.97
N GLY D 551 62.38 17.11 -41.14
CA GLY D 551 62.46 18.51 -41.51
C GLY D 551 61.12 19.05 -41.99
N GLY D 552 60.66 20.13 -41.39
CA GLY D 552 59.37 20.69 -41.71
C GLY D 552 58.81 21.45 -40.52
N ASP D 553 57.61 21.99 -40.72
CA ASP D 553 56.95 22.81 -39.71
C ASP D 553 57.89 23.91 -39.21
N GLY D 554 58.69 24.44 -40.13
CA GLY D 554 59.60 25.52 -39.82
C GLY D 554 60.80 25.16 -38.98
N THR D 555 61.11 23.88 -38.81
CA THR D 555 62.20 23.50 -37.92
C THR D 555 62.79 22.18 -38.36
N THR D 556 63.78 21.72 -37.60
CA THR D 556 64.45 20.45 -37.84
C THR D 556 64.60 19.70 -36.54
N GLN D 557 64.65 18.38 -36.63
CA GLN D 557 64.91 17.55 -35.46
C GLN D 557 65.61 16.27 -35.89
N ILE D 558 66.62 15.88 -35.12
CA ILE D 558 67.32 14.62 -35.31
C ILE D 558 67.04 13.78 -34.06
N LEU D 559 66.38 12.65 -34.24
CA LEU D 559 66.15 11.70 -33.16
C LEU D 559 67.10 10.54 -33.38
N SER D 560 68.20 10.53 -32.64
CA SER D 560 69.25 9.55 -32.84
C SER D 560 69.58 8.86 -31.52
N GLY D 561 70.15 7.66 -31.64
CA GLY D 561 70.62 6.92 -30.50
C GLY D 561 71.78 6.04 -30.89
N ASP D 562 72.82 6.01 -30.05
CA ASP D 562 73.95 5.13 -30.28
C ASP D 562 73.61 3.74 -29.79
N LEU D 563 73.82 2.74 -30.64
CA LEU D 563 73.48 1.38 -30.24
C LEU D 563 74.57 0.79 -29.34
N PRO D 564 74.20 0.16 -28.23
CA PRO D 564 75.19 -0.62 -27.47
C PRO D 564 75.78 -1.72 -28.35
N ASN D 565 77.00 -2.14 -28.00
CA ASN D 565 77.72 -3.08 -28.86
C ASN D 565 76.91 -4.34 -29.13
N ASP D 566 76.19 -4.84 -28.13
CA ASP D 566 75.45 -6.08 -28.31
C ASP D 566 74.19 -5.92 -29.15
N LEU D 567 73.81 -4.69 -29.51
CA LEU D 567 72.65 -4.45 -30.35
C LEU D 567 73.01 -3.98 -31.75
N LYS D 568 74.30 -3.93 -32.07
CA LYS D 568 74.74 -3.45 -33.37
C LYS D 568 74.27 -4.39 -34.48
N LEU D 569 73.97 -3.80 -35.65
CA LEU D 569 73.71 -4.60 -36.84
C LEU D 569 75.01 -5.23 -37.33
N GLN D 570 74.90 -6.42 -37.91
CA GLN D 570 76.06 -7.18 -38.36
C GLN D 570 76.10 -7.28 -39.88
N SER D 571 77.30 -7.19 -40.43
CA SER D 571 77.47 -7.23 -41.87
C SER D 571 76.95 -8.55 -42.43
N GLY D 572 76.21 -8.47 -43.54
CA GLY D 572 75.70 -9.64 -44.21
C GLY D 572 74.51 -10.31 -43.58
N VAL D 573 73.93 -9.75 -42.52
CA VAL D 573 72.79 -10.34 -41.84
C VAL D 573 71.51 -9.67 -42.36
N PRO D 574 70.47 -10.43 -42.70
CA PRO D 574 69.22 -9.80 -43.18
C PRO D 574 68.41 -9.23 -42.01
N TYR D 575 67.99 -7.98 -42.16
CA TYR D 575 67.12 -7.32 -41.19
C TYR D 575 65.87 -6.83 -41.87
N HIS D 576 64.72 -6.99 -41.20
CA HIS D 576 63.51 -6.31 -41.62
C HIS D 576 63.49 -4.94 -40.96
N ILE D 577 63.45 -3.90 -41.78
CA ILE D 577 63.52 -2.52 -41.31
C ILE D 577 62.22 -1.86 -41.70
N ALA D 578 61.50 -1.33 -40.71
CA ALA D 578 60.18 -0.77 -40.93
C ALA D 578 60.06 0.55 -40.20
N ILE D 579 59.26 1.45 -40.76
CA ILE D 579 58.88 2.69 -40.11
C ILE D 579 57.40 2.93 -40.32
N GLY D 580 56.77 3.52 -39.30
CA GLY D 580 55.46 4.12 -39.49
C GLY D 580 55.61 5.60 -39.26
N ALA D 581 55.07 6.41 -40.16
CA ALA D 581 55.26 7.85 -40.06
C ALA D 581 53.96 8.56 -40.42
N LYS D 582 53.57 9.47 -39.55
CA LYS D 582 52.40 10.32 -39.74
C LYS D 582 52.58 11.54 -38.85
N PRO D 583 51.79 12.58 -39.05
CA PRO D 583 51.90 13.75 -38.17
C PRO D 583 51.86 13.32 -36.71
N GLY D 584 52.85 13.78 -35.94
CA GLY D 584 52.91 13.54 -34.50
C GLY D 584 53.16 12.13 -34.06
N TYR D 585 53.65 11.24 -34.94
CA TYR D 585 53.69 9.82 -34.58
C TYR D 585 54.66 9.10 -35.54
N PHE D 586 55.87 8.83 -35.05
CA PHE D 586 56.91 8.16 -35.82
C PHE D 586 57.50 7.01 -35.02
N TRP D 587 57.62 5.83 -35.64
CA TRP D 587 58.27 4.70 -35.01
C TRP D 587 59.13 3.97 -36.03
N TRP D 588 60.21 3.35 -35.56
CA TRP D 588 61.05 2.53 -36.43
C TRP D 588 61.39 1.25 -35.70
N SER D 589 61.68 0.21 -36.49
CA SER D 589 61.93 -1.12 -35.99
C SER D 589 62.93 -1.80 -36.92
N ILE D 590 63.87 -2.53 -36.32
CA ILE D 590 64.91 -3.27 -37.05
C ILE D 590 64.95 -4.68 -36.47
N LEU D 591 64.68 -5.67 -37.32
CA LEU D 591 64.42 -7.03 -36.85
C LEU D 591 65.36 -8.00 -37.54
N ASN D 592 66.18 -8.69 -36.75
CA ASN D 592 67.05 -9.74 -37.27
C ASN D 592 66.17 -10.92 -37.64
N ILE D 593 66.05 -11.19 -38.95
CA ILE D 593 65.09 -12.20 -39.39
C ILE D 593 65.57 -13.61 -39.15
N GLN D 594 66.83 -13.79 -38.77
CA GLN D 594 67.32 -15.13 -38.47
C GLN D 594 67.20 -15.48 -36.99
N THR D 595 67.31 -14.50 -36.09
CA THR D 595 67.14 -14.73 -34.66
C THR D 595 65.83 -14.23 -34.10
N GLY D 596 65.13 -13.36 -34.82
CA GLY D 596 63.95 -12.73 -34.28
C GLY D 596 64.21 -11.57 -33.34
N LYS D 597 65.47 -11.21 -33.11
CA LYS D 597 65.77 -10.14 -32.17
C LYS D 597 65.52 -8.78 -32.78
N ARG D 598 64.90 -7.91 -32.01
CA ARG D 598 64.35 -6.66 -32.51
C ARG D 598 64.85 -5.50 -31.65
N ILE D 599 65.10 -4.36 -32.30
CA ILE D 599 65.32 -3.09 -31.63
C ILE D 599 64.38 -2.09 -32.28
N ARG D 600 64.05 -1.04 -31.53
CA ARG D 600 62.94 -0.19 -31.94
C ARG D 600 62.91 1.06 -31.09
N ARG D 601 62.30 2.11 -31.65
CA ARG D 601 62.00 3.34 -30.93
C ARG D 601 60.74 3.96 -31.51
N SER D 602 60.02 4.69 -30.66
CA SER D 602 58.76 5.30 -31.07
C SER D 602 58.69 6.71 -30.49
N PHE D 603 58.20 7.65 -31.30
CA PHE D 603 58.23 9.07 -30.94
C PHE D 603 56.85 9.69 -31.08
N ARG D 604 56.26 10.06 -29.94
CA ARG D 604 55.01 10.79 -29.89
C ARG D 604 55.13 11.82 -28.76
N GLY D 605 54.24 12.81 -28.79
CA GLY D 605 54.14 13.71 -27.64
C GLY D 605 55.41 14.52 -27.42
N ALA D 606 55.86 14.56 -26.16
CA ALA D 606 56.95 15.46 -25.78
C ALA D 606 58.26 15.14 -26.51
N TYR D 607 58.41 13.95 -27.06
CA TYR D 607 59.63 13.63 -27.79
C TYR D 607 59.72 14.34 -29.13
N LEU D 608 58.61 14.88 -29.64
CA LEU D 608 58.61 15.58 -30.91
C LEU D 608 58.62 17.08 -30.65
N ALA D 609 59.52 17.80 -31.34
CA ALA D 609 59.51 19.25 -31.22
C ALA D 609 58.24 19.83 -31.82
N VAL D 610 57.80 19.27 -32.94
CA VAL D 610 56.55 19.62 -33.60
C VAL D 610 55.97 18.33 -34.15
N PRO D 611 54.68 18.35 -34.54
CA PRO D 611 54.13 17.14 -35.16
C PRO D 611 54.73 16.86 -36.53
N PHE D 612 55.33 17.86 -37.19
CA PHE D 612 55.87 17.73 -38.54
C PHE D 612 54.77 17.43 -39.55
N ASN D 613 53.70 18.23 -39.48
CA ASN D 613 52.60 18.12 -40.43
C ASN D 613 53.07 18.25 -41.87
N SER D 614 53.96 19.20 -42.14
CA SER D 614 54.30 19.51 -43.53
C SER D 614 55.06 18.40 -44.23
N ILE D 615 55.53 17.39 -43.50
CA ILE D 615 56.05 16.21 -44.19
C ILE D 615 54.95 15.49 -44.96
N PHE D 616 53.70 15.67 -44.55
CA PHE D 616 52.58 14.84 -45.02
C PHE D 616 51.56 15.65 -45.80
N GLY D 617 52.00 16.73 -46.46
CA GLY D 617 51.11 17.57 -47.22
C GLY D 617 51.01 17.23 -48.68
N LEU D 618 51.18 15.95 -49.03
CA LEU D 618 51.10 15.49 -50.41
C LEU D 618 52.12 16.19 -51.31
N THR D 619 53.32 16.42 -50.77
CA THR D 619 54.41 17.03 -51.54
C THR D 619 55.67 16.21 -51.60
N SER D 620 55.86 15.23 -50.73
CA SER D 620 57.14 14.54 -50.56
C SER D 620 56.99 13.05 -50.87
N SER D 621 57.81 12.56 -51.80
CA SER D 621 57.67 11.22 -52.34
C SER D 621 58.47 10.21 -51.50
N LEU D 622 58.12 8.94 -51.66
CA LEU D 622 58.69 7.85 -50.89
C LEU D 622 59.84 7.23 -51.67
N THR D 623 60.96 7.00 -51.00
CA THR D 623 62.12 6.36 -51.62
C THR D 623 62.68 5.28 -50.72
N PHE D 624 63.12 4.18 -51.32
CA PHE D 624 63.81 3.12 -50.60
C PHE D 624 65.30 3.15 -50.95
N PHE D 625 66.14 3.08 -49.91
CA PHE D 625 67.59 2.94 -50.00
C PHE D 625 68.28 4.26 -50.35
N SER D 626 67.56 5.38 -50.29
CA SER D 626 68.11 6.70 -50.56
C SER D 626 66.98 7.70 -50.38
N ASP D 627 67.19 8.96 -50.75
CA ASP D 627 66.06 9.87 -50.92
C ASP D 627 65.82 10.10 -52.41
N SER D 628 64.86 10.98 -52.72
CA SER D 628 64.38 11.15 -54.08
C SER D 628 65.34 11.92 -54.97
N ASN D 629 66.39 12.52 -54.42
CA ASN D 629 67.31 13.36 -55.18
C ASN D 629 68.56 12.59 -55.59
N ALA D 630 69.11 12.96 -56.74
CA ALA D 630 70.33 12.30 -57.26
C ALA D 630 71.51 12.45 -56.30
N GLY D 631 71.52 13.49 -55.48
CA GLY D 631 72.61 13.71 -54.53
C GLY D 631 72.47 13.06 -53.16
N GLY D 632 71.42 12.27 -52.93
CA GLY D 632 71.22 11.67 -51.63
C GLY D 632 72.16 10.51 -51.38
N ASP D 633 72.50 10.30 -50.11
CA ASP D 633 73.19 9.08 -49.71
C ASP D 633 72.33 7.85 -50.03
N ALA D 634 72.99 6.71 -50.19
CA ALA D 634 72.30 5.45 -50.46
C ALA D 634 72.71 4.39 -49.44
N CYS D 635 72.82 3.14 -49.88
CA CYS D 635 73.11 2.04 -48.98
C CYS D 635 74.22 1.16 -49.56
N SER D 636 74.75 0.30 -48.69
CA SER D 636 75.68 -0.75 -49.05
C SER D 636 75.09 -2.08 -48.59
N GLY D 637 74.89 -3.00 -49.53
CA GLY D 637 74.32 -4.29 -49.21
C GLY D 637 73.31 -4.74 -50.24
N VAL D 638 72.21 -5.34 -49.79
CA VAL D 638 71.20 -5.91 -50.68
C VAL D 638 69.82 -5.56 -50.14
N GLY D 639 68.88 -5.36 -51.06
CA GLY D 639 67.50 -5.06 -50.70
C GLY D 639 66.55 -6.10 -51.25
N ALA D 640 65.43 -6.29 -50.54
CA ALA D 640 64.42 -7.25 -50.95
C ALA D 640 63.11 -6.93 -50.25
N LYS D 641 62.01 -7.42 -50.83
CA LYS D 641 60.69 -7.40 -50.20
C LYS D 641 60.34 -6.00 -49.69
N VAL D 642 60.35 -5.04 -50.63
CA VAL D 642 59.98 -3.66 -50.33
C VAL D 642 58.46 -3.57 -50.19
N TYR D 643 58.01 -2.94 -49.11
CA TYR D 643 56.60 -2.81 -48.79
C TYR D 643 56.25 -1.35 -48.53
N VAL D 644 55.18 -0.88 -49.18
CA VAL D 644 54.58 0.41 -48.89
C VAL D 644 53.13 0.14 -48.51
N GLY D 645 52.71 0.68 -47.36
CA GLY D 645 51.31 0.61 -46.98
C GLY D 645 50.86 1.93 -46.36
N MET D 646 49.55 2.03 -46.17
CA MET D 646 49.03 3.10 -45.34
C MET D 646 49.42 2.87 -43.88
N PHE D 647 49.21 3.87 -43.04
CA PHE D 647 49.83 3.86 -41.71
C PHE D 647 49.38 2.65 -40.88
N SER D 648 50.36 1.96 -40.30
CA SER D 648 50.14 0.93 -39.30
C SER D 648 50.85 1.33 -38.00
N SER D 649 50.18 1.11 -36.87
CA SER D 649 50.86 1.25 -35.59
C SER D 649 51.95 0.19 -35.46
N GLU D 650 52.91 0.45 -34.56
CA GLU D 650 53.88 -0.58 -34.25
C GLU D 650 53.19 -1.80 -33.65
N ASN D 651 52.08 -1.57 -32.95
CA ASN D 651 51.23 -2.65 -32.46
C ASN D 651 50.89 -3.63 -33.59
N ASP D 652 50.31 -3.10 -34.68
CA ASP D 652 49.96 -3.96 -35.82
C ASP D 652 51.19 -4.52 -36.52
N TYR D 653 52.26 -3.73 -36.64
CA TYR D 653 53.47 -4.26 -37.25
C TYR D 653 53.97 -5.48 -36.47
N VAL D 654 54.12 -5.33 -35.16
CA VAL D 654 54.59 -6.44 -34.33
C VAL D 654 53.64 -7.62 -34.44
N ALA D 655 52.34 -7.37 -34.32
CA ALA D 655 51.38 -8.45 -34.43
C ALA D 655 51.55 -9.20 -35.75
N SER D 656 51.74 -8.47 -36.85
CA SER D 656 51.86 -9.13 -38.15
C SER D 656 53.15 -9.96 -38.24
N ARG D 657 54.18 -9.59 -37.46
CA ARG D 657 55.42 -10.36 -37.47
C ARG D 657 55.24 -11.78 -36.92
N TYR D 658 54.21 -12.01 -36.09
CA TYR D 658 53.94 -13.37 -35.62
C TYR D 658 53.46 -14.28 -36.74
N TYR D 659 52.95 -13.73 -37.83
CA TYR D 659 52.66 -14.55 -39.01
C TYR D 659 53.95 -14.94 -39.73
N ASN D 660 54.86 -13.98 -39.87
CA ASN D 660 56.04 -14.11 -40.72
C ASN D 660 56.88 -12.86 -40.56
N LEU D 661 58.20 -13.01 -40.46
CA LEU D 661 59.03 -11.86 -40.08
C LEU D 661 59.25 -10.86 -41.21
N ILE D 662 59.06 -11.23 -42.48
CA ILE D 662 59.47 -10.38 -43.59
C ILE D 662 58.35 -10.09 -44.58
N ASN D 663 57.14 -10.61 -44.36
CA ASN D 663 56.04 -10.43 -45.30
C ASN D 663 55.40 -9.05 -45.12
N PRO D 664 54.51 -8.66 -46.03
CA PRO D 664 53.80 -7.38 -45.91
C PRO D 664 53.10 -7.24 -44.56
N VAL D 665 52.96 -5.99 -44.11
CA VAL D 665 52.43 -5.73 -42.76
C VAL D 665 50.92 -5.98 -42.70
N ASP D 666 50.16 -5.37 -43.60
CA ASP D 666 48.69 -5.36 -43.53
C ASP D 666 48.11 -5.41 -44.95
N PRO D 667 47.63 -6.59 -45.38
CA PRO D 667 47.05 -6.69 -46.72
C PRO D 667 45.99 -5.66 -47.02
N THR D 668 45.19 -5.21 -46.05
CA THR D 668 44.16 -4.21 -46.34
C THR D 668 44.74 -2.81 -46.54
N LYS D 669 45.99 -2.59 -46.14
CA LYS D 669 46.64 -1.29 -46.32
C LYS D 669 47.75 -1.34 -47.36
N LEU D 670 47.95 -2.48 -48.02
CA LEU D 670 49.08 -2.66 -48.91
C LEU D 670 48.95 -1.77 -50.14
N ILE D 671 49.99 -0.99 -50.42
CA ILE D 671 50.05 -0.12 -51.58
C ILE D 671 51.05 -0.66 -52.62
N SER D 672 52.16 -1.21 -52.16
CA SER D 672 53.18 -1.75 -53.05
C SER D 672 53.88 -2.89 -52.32
N TYR D 673 54.23 -3.93 -53.08
CA TYR D 673 55.03 -5.02 -52.53
C TYR D 673 55.86 -5.58 -53.67
N ARG D 674 57.17 -5.35 -53.61
CA ARG D 674 58.10 -5.75 -54.66
C ARG D 674 59.13 -6.71 -54.06
N ILE D 675 59.18 -7.92 -54.60
CA ILE D 675 60.11 -8.92 -54.08
C ILE D 675 61.56 -8.52 -54.37
N LEU D 676 61.82 -8.06 -55.60
CA LEU D 676 63.16 -7.70 -56.07
C LEU D 676 64.04 -8.92 -56.33
N ASP D 677 63.44 -10.06 -56.67
CA ASP D 677 64.22 -11.24 -57.06
C ASP D 677 64.46 -11.19 -58.56
N SER D 678 65.44 -10.37 -58.95
CA SER D 678 65.81 -10.16 -60.35
C SER D 678 64.72 -9.46 -61.15
N SER D 679 63.88 -8.68 -60.48
CA SER D 679 62.94 -7.79 -61.16
C SER D 679 62.57 -6.66 -60.22
N ILE D 680 61.94 -5.63 -60.77
CA ILE D 680 61.56 -4.44 -60.02
C ILE D 680 60.04 -4.42 -59.84
N ASP E 5 15.90 -17.61 60.95
CA ASP E 5 16.74 -16.59 61.55
C ASP E 5 17.36 -15.66 60.49
N SER E 6 18.56 -15.17 60.76
CA SER E 6 19.22 -14.24 59.85
C SER E 6 19.65 -14.91 58.54
N PHE E 7 20.11 -16.17 58.62
CA PHE E 7 20.46 -16.92 57.43
C PHE E 7 19.28 -17.06 56.47
N ILE E 8 18.13 -17.47 57.00
CA ILE E 8 16.97 -17.76 56.15
C ILE E 8 16.44 -16.50 55.48
N ASN E 9 16.52 -15.35 56.14
CA ASN E 9 16.05 -14.12 55.52
C ASN E 9 16.94 -13.72 54.36
N VAL E 10 18.25 -13.88 54.50
CA VAL E 10 19.17 -13.54 53.41
C VAL E 10 18.88 -14.43 52.20
N ILE E 11 18.81 -15.74 52.41
CA ILE E 11 18.60 -16.65 51.29
C ILE E 11 17.27 -16.37 50.62
N ASN E 12 16.23 -16.12 51.42
CA ASN E 12 14.90 -15.85 50.89
C ASN E 12 14.87 -14.53 50.13
N THR E 13 15.59 -13.52 50.61
CA THR E 13 15.60 -12.22 49.95
C THR E 13 16.30 -12.31 48.58
N LEU E 14 17.48 -12.93 48.54
CA LEU E 14 18.20 -13.08 47.29
C LEU E 14 17.48 -13.98 46.29
N GLY E 15 16.61 -14.88 46.76
CA GLY E 15 15.90 -15.81 45.91
C GLY E 15 14.68 -15.24 45.21
N ARG E 16 14.34 -14.00 45.47
CA ARG E 16 13.20 -13.34 44.83
C ARG E 16 13.47 -13.12 43.34
N ASN E 17 12.39 -12.95 42.56
CA ASN E 17 12.58 -12.80 41.12
C ASN E 17 13.44 -11.59 40.78
N ASP E 18 13.35 -10.51 41.58
CA ASP E 18 14.21 -9.35 41.37
C ASP E 18 15.46 -9.40 42.23
N GLY E 19 15.83 -10.58 42.74
CA GLY E 19 16.91 -10.73 43.69
C GLY E 19 18.26 -10.25 43.21
N ALA E 20 18.48 -10.17 41.89
CA ALA E 20 19.77 -9.71 41.39
C ALA E 20 20.12 -8.30 41.88
N LYS E 21 19.11 -7.48 42.23
CA LYS E 21 19.38 -6.12 42.66
C LYS E 21 20.15 -6.05 43.98
N TYR E 22 20.24 -7.15 44.72
CA TYR E 22 20.97 -7.09 45.98
C TYR E 22 22.47 -7.30 45.80
N ILE E 23 22.92 -7.71 44.63
CA ILE E 23 24.34 -7.84 44.35
C ILE E 23 24.82 -6.50 43.77
N GLY E 24 25.73 -5.84 44.49
CA GLY E 24 26.20 -4.53 44.08
C GLY E 24 27.02 -4.56 42.80
N GLU E 25 27.35 -3.36 42.32
CA GLU E 25 28.05 -3.20 41.06
C GLU E 25 28.77 -1.85 41.06
N CYS E 26 29.80 -1.74 40.23
CA CYS E 26 30.45 -0.44 40.00
C CYS E 26 29.60 0.44 39.11
N HIS E 27 29.44 1.71 39.49
CA HIS E 27 28.62 2.60 38.68
C HIS E 27 29.42 3.35 37.60
N SER E 28 30.73 3.12 37.51
CA SER E 28 31.53 3.80 36.49
C SER E 28 32.92 3.18 36.47
N VAL E 29 33.65 3.44 35.38
CA VAL E 29 35.04 2.98 35.34
C VAL E 29 35.87 3.71 36.39
N ALA E 30 35.48 4.94 36.75
CA ALA E 30 36.19 5.64 37.81
C ALA E 30 36.06 4.89 39.14
N ASP E 31 34.87 4.40 39.47
CA ASP E 31 34.70 3.56 40.63
C ASP E 31 35.51 2.28 40.50
N LEU E 32 35.51 1.68 39.31
CA LEU E 32 36.25 0.43 39.10
C LEU E 32 37.72 0.62 39.44
N ARG E 33 38.29 1.78 39.10
CA ARG E 33 39.69 2.06 39.43
C ARG E 33 39.92 2.19 40.92
N ASN E 34 38.86 2.41 41.70
CA ASN E 34 38.95 2.56 43.15
C ASN E 34 38.51 1.30 43.89
N THR E 35 38.31 0.20 43.19
CA THR E 35 37.90 -1.06 43.80
C THR E 35 39.07 -2.04 43.72
N GLU E 36 39.66 -2.37 44.86
CA GLU E 36 40.76 -3.32 44.81
C GLU E 36 40.23 -4.73 44.95
N PRO E 37 40.57 -5.64 44.05
CA PRO E 37 40.12 -7.03 44.22
C PRO E 37 40.80 -7.64 45.42
N THR E 38 40.10 -8.54 46.09
CA THR E 38 40.62 -9.25 47.26
C THR E 38 40.90 -10.70 46.95
N MET E 39 40.81 -11.10 45.69
CA MET E 39 41.00 -12.48 45.27
C MET E 39 41.32 -12.46 43.79
N ASP E 40 42.18 -13.38 43.38
CA ASP E 40 42.66 -13.37 42.01
C ASP E 40 41.55 -13.92 41.11
N GLY E 41 41.43 -13.34 39.91
CA GLY E 41 40.32 -13.71 39.05
C GLY E 41 38.95 -13.28 39.53
N GLN E 42 38.90 -12.35 40.47
CA GLN E 42 37.63 -11.89 41.03
C GLN E 42 36.70 -11.35 39.95
N ARG E 43 35.42 -11.74 40.04
CA ARG E 43 34.38 -11.24 39.14
C ARG E 43 33.75 -9.98 39.72
N ILE E 44 33.51 -8.99 38.86
CA ILE E 44 32.82 -7.77 39.25
C ILE E 44 31.91 -7.31 38.12
N ILE E 45 30.79 -6.68 38.49
CA ILE E 45 29.82 -6.16 37.54
C ILE E 45 30.00 -4.66 37.39
N LEU E 46 30.10 -4.20 36.14
CA LEU E 46 30.16 -2.77 35.82
C LEU E 46 28.80 -2.33 35.27
N LYS E 47 28.19 -1.37 35.96
CA LYS E 47 26.87 -0.90 35.55
C LYS E 47 26.94 -0.14 34.23
N GLN E 48 27.99 0.65 34.04
CA GLN E 48 28.11 1.52 32.88
C GLN E 48 29.52 2.09 32.85
N HIS E 49 29.92 2.61 31.68
CA HIS E 49 31.24 3.21 31.61
C HIS E 49 31.28 4.54 32.35
N THR E 50 30.36 5.44 32.02
CA THR E 50 30.32 6.78 32.58
C THR E 50 29.03 6.96 33.37
N ALA E 51 29.14 7.60 34.53
CA ALA E 51 28.00 7.74 35.44
C ALA E 51 26.78 8.31 34.72
N GLY E 52 25.65 7.64 34.89
CA GLY E 52 24.36 8.16 34.44
C GLY E 52 24.00 7.89 33.00
N THR E 53 24.62 6.92 32.34
CA THR E 53 24.35 6.66 30.92
C THR E 53 23.73 5.30 30.66
N LEU E 54 24.00 4.29 31.49
CA LEU E 54 23.58 2.91 31.24
C LEU E 54 24.21 2.33 29.96
N LEU E 55 25.32 2.88 29.50
CA LEU E 55 26.00 2.37 28.32
C LEU E 55 27.38 1.86 28.70
N GLY E 56 27.83 0.81 28.01
CA GLY E 56 29.17 0.32 28.16
C GLY E 56 29.43 -0.54 29.38
N GLY E 57 28.40 -0.90 30.13
CA GLY E 57 28.57 -1.78 31.27
C GLY E 57 28.97 -3.18 30.83
N GLY E 58 29.19 -4.05 31.81
CA GLY E 58 29.60 -5.41 31.53
C GLY E 58 30.17 -6.09 32.76
N VAL E 59 30.85 -7.21 32.52
CA VAL E 59 31.49 -7.99 33.58
C VAL E 59 33.00 -7.88 33.41
N PHE E 60 33.71 -7.74 34.52
CA PHE E 60 35.16 -7.69 34.53
C PHE E 60 35.72 -8.80 35.43
N ARG E 61 36.95 -9.20 35.15
CA ARG E 61 37.68 -10.18 35.92
C ARG E 61 39.02 -9.58 36.32
N ALA E 62 39.48 -9.87 37.53
CA ALA E 62 40.64 -9.18 38.07
C ALA E 62 41.90 -10.00 37.84
N LEU E 63 42.99 -9.31 37.53
CA LEU E 63 44.34 -9.84 37.68
C LEU E 63 44.98 -9.05 38.79
N ILE E 64 45.30 -9.72 39.90
CA ILE E 64 45.93 -9.01 41.01
C ILE E 64 47.22 -8.37 40.53
N ASP E 65 47.98 -9.10 39.73
CA ASP E 65 49.22 -8.57 39.15
C ASP E 65 48.89 -8.00 37.78
N GLY E 66 48.74 -6.68 37.72
CA GLY E 66 48.41 -5.96 36.50
C GLY E 66 49.63 -5.43 35.79
N THR E 67 50.83 -5.78 36.27
CA THR E 67 52.05 -5.38 35.59
C THR E 67 52.02 -5.83 34.13
N GLY E 68 52.46 -4.96 33.24
CA GLY E 68 52.42 -5.25 31.82
C GLY E 68 51.11 -4.91 31.14
N LYS E 69 50.08 -4.60 31.92
CA LYS E 69 48.80 -4.14 31.39
C LYS E 69 48.72 -2.62 31.51
N THR E 70 48.10 -2.01 30.51
CA THR E 70 47.94 -0.56 30.48
C THR E 70 46.45 -0.22 30.49
N ASP E 71 46.07 0.76 31.31
CA ASP E 71 44.69 1.21 31.35
C ASP E 71 44.32 1.82 30.00
N ASN E 72 43.26 1.31 29.39
CA ASN E 72 42.83 1.83 28.09
C ASN E 72 41.45 2.45 28.13
N ASN E 73 40.86 2.60 29.32
CA ASN E 73 39.59 3.30 29.51
C ASN E 73 38.40 2.56 28.91
N GLY E 74 38.54 1.26 28.65
CA GLY E 74 37.44 0.51 28.09
C GLY E 74 37.41 -0.98 28.39
N THR E 75 38.52 -1.67 28.17
CA THR E 75 38.58 -3.10 28.42
C THR E 75 39.66 -3.51 29.40
N VAL E 76 40.60 -2.61 29.70
CA VAL E 76 41.62 -2.82 30.71
C VAL E 76 41.58 -1.61 31.64
N ILE E 77 41.14 -1.82 32.88
CA ILE E 77 41.00 -0.76 33.87
C ILE E 77 41.90 -1.12 35.04
N LYS E 78 42.84 -0.23 35.36
CA LYS E 78 43.88 -0.47 36.36
C LYS E 78 43.51 0.22 37.67
N THR E 79 43.76 -0.44 38.78
CA THR E 79 43.50 0.11 40.11
C THR E 79 44.70 0.89 40.63
N VAL E 80 44.47 1.66 41.70
CA VAL E 80 45.55 2.37 42.38
C VAL E 80 46.60 1.38 42.87
N GLY E 81 46.17 0.23 43.36
CA GLY E 81 47.09 -0.80 43.80
C GLY E 81 47.77 -1.61 42.71
N GLY E 82 47.51 -1.33 41.44
CA GLY E 82 48.18 -2.01 40.36
C GLY E 82 47.47 -3.23 39.82
N ALA E 83 46.26 -3.52 40.28
CA ALA E 83 45.50 -4.62 39.71
C ALA E 83 44.93 -4.19 38.35
N ALA E 84 44.52 -5.18 37.56
CA ALA E 84 43.94 -4.92 36.25
C ALA E 84 42.58 -5.60 36.16
N TRP E 85 41.54 -4.81 35.92
CA TRP E 85 40.21 -5.35 35.64
C TRP E 85 40.07 -5.52 34.13
N LEU E 86 39.78 -6.74 33.69
CA LEU E 86 39.72 -7.09 32.28
C LEU E 86 38.27 -7.35 31.89
N ARG E 87 37.77 -6.60 30.92
CA ARG E 87 36.40 -6.82 30.51
C ARG E 87 36.26 -8.24 29.96
N VAL E 88 35.23 -8.95 30.41
CA VAL E 88 34.93 -10.23 29.82
C VAL E 88 34.35 -9.97 28.43
N ASN E 89 35.15 -10.25 27.40
CA ASN E 89 34.77 -9.92 26.02
C ASN E 89 35.72 -10.64 25.08
N ALA E 90 35.26 -11.75 24.48
CA ALA E 90 36.14 -12.59 23.68
C ALA E 90 36.46 -11.95 22.34
N ASP E 91 35.50 -11.31 21.69
CA ASP E 91 35.68 -10.91 20.30
C ASP E 91 35.82 -9.40 20.13
N ARG E 92 34.89 -8.77 19.41
CA ARG E 92 35.09 -7.39 18.99
C ARG E 92 34.72 -6.41 20.10
N VAL E 93 35.34 -5.24 20.02
CA VAL E 93 35.00 -4.12 20.90
C VAL E 93 34.07 -3.19 20.14
N ASN E 94 33.33 -2.38 20.88
CA ASN E 94 32.54 -1.31 20.29
C ASN E 94 32.74 -0.04 21.09
N PRO E 95 32.44 1.12 20.50
CA PRO E 95 32.79 2.39 21.15
C PRO E 95 32.15 2.62 22.50
N PHE E 96 30.98 2.05 22.78
CA PHE E 96 30.37 2.31 24.10
C PHE E 96 31.22 1.75 25.24
N MET E 97 31.98 0.68 24.98
CA MET E 97 32.83 0.14 26.02
C MET E 97 33.88 1.14 26.48
N PHE E 98 34.19 2.13 25.64
CA PHE E 98 35.21 3.12 25.93
C PHE E 98 34.63 4.49 26.25
N GLY E 99 33.33 4.56 26.52
CA GLY E 99 32.70 5.79 26.93
C GLY E 99 31.95 6.53 25.84
N ALA E 100 31.80 5.96 24.66
CA ALA E 100 31.01 6.60 23.62
C ALA E 100 29.59 6.80 24.13
N LEU E 101 28.97 7.91 23.71
CA LEU E 101 27.61 8.22 24.14
C LEU E 101 26.60 8.20 23.01
N GLY E 102 27.04 8.25 21.75
CA GLY E 102 26.09 8.33 20.64
C GLY E 102 25.39 9.67 20.58
N GLY E 103 24.27 9.69 19.85
CA GLY E 103 23.53 10.93 19.67
C GLY E 103 24.39 11.99 19.03
N SER E 104 24.39 13.18 19.62
CA SER E 104 25.16 14.31 19.11
C SER E 104 26.53 14.42 19.78
N ASN E 105 26.92 13.45 20.60
CA ASN E 105 28.18 13.50 21.30
C ASN E 105 29.37 13.26 20.38
N ASP E 106 30.48 13.95 20.68
CA ASP E 106 31.75 13.70 19.99
C ASP E 106 32.37 12.43 20.58
N ASP E 107 32.27 11.33 19.81
CA ASP E 107 32.80 10.04 20.23
C ASP E 107 34.16 9.73 19.59
N THR E 108 34.89 10.76 19.16
CA THR E 108 36.17 10.55 18.49
C THR E 108 37.10 9.65 19.32
N ILE E 109 37.30 9.99 20.59
CA ILE E 109 38.27 9.30 21.44
C ILE E 109 37.81 7.86 21.68
N PRO E 110 36.55 7.62 22.06
CA PRO E 110 36.09 6.22 22.15
C PRO E 110 36.31 5.42 20.87
N VAL E 111 36.05 6.00 19.70
CA VAL E 111 36.25 5.26 18.45
C VAL E 111 37.73 5.01 18.21
N GLN E 112 38.57 6.04 18.39
CA GLN E 112 40.00 5.84 18.22
C GLN E 112 40.52 4.75 19.14
N SER E 113 40.03 4.72 20.38
CA SER E 113 40.44 3.70 21.33
C SER E 113 40.06 2.31 20.84
N CYS E 114 38.89 2.18 20.20
CA CYS E 114 38.49 0.89 19.65
C CYS E 114 39.48 0.40 18.60
N VAL E 115 39.78 1.23 17.60
CA VAL E 115 40.64 0.77 16.51
C VAL E 115 42.08 0.61 16.96
N ASP E 116 42.48 1.18 18.11
CA ASP E 116 43.79 0.99 18.68
C ASP E 116 43.84 -0.14 19.71
N SER E 117 42.73 -0.84 19.94
CA SER E 117 42.61 -1.72 21.10
C SER E 117 43.41 -3.01 20.96
N GLY E 118 43.68 -3.45 19.74
CA GLY E 118 44.19 -4.78 19.50
C GLY E 118 43.14 -5.76 19.04
N LYS E 119 41.89 -5.31 18.86
CA LYS E 119 40.82 -6.13 18.36
C LYS E 119 40.04 -5.38 17.29
N ALA E 120 39.26 -6.14 16.51
CA ALA E 120 38.36 -5.53 15.55
C ALA E 120 37.29 -4.71 16.27
N THR E 121 36.76 -3.72 15.56
CA THR E 121 35.73 -2.84 16.09
C THR E 121 34.38 -3.16 15.46
N GLN E 122 33.34 -3.23 16.29
CA GLN E 122 31.96 -3.33 15.82
C GLN E 122 31.27 -1.99 16.04
N LEU E 123 30.75 -1.41 14.97
CA LEU E 123 29.87 -0.24 15.07
C LEU E 123 28.44 -0.72 15.21
N THR E 124 27.81 -0.38 16.34
CA THR E 124 26.45 -0.77 16.64
C THR E 124 25.47 0.37 16.44
N ASP E 125 25.95 1.53 16.00
CA ASP E 125 25.18 2.76 16.10
C ASP E 125 25.88 3.79 15.22
N ALA E 126 25.35 5.01 15.20
CA ALA E 126 26.00 6.13 14.57
C ALA E 126 26.81 6.89 15.62
N HIS E 127 28.07 7.20 15.29
CA HIS E 127 28.98 7.90 16.19
C HIS E 127 29.60 9.09 15.47
N TYR E 128 29.47 10.28 16.08
CA TYR E 128 30.21 11.42 15.58
C TYR E 128 31.70 11.29 15.91
N VAL E 129 32.54 11.66 14.95
CA VAL E 129 33.98 11.73 15.13
C VAL E 129 34.50 12.95 14.40
N SER E 130 35.72 13.37 14.75
CA SER E 130 36.43 14.39 13.99
C SER E 130 37.37 13.76 12.96
N ASN E 131 38.38 13.02 13.43
CA ASN E 131 39.32 12.32 12.58
C ASN E 131 39.74 11.05 13.27
N ILE E 132 39.80 9.95 12.51
CA ILE E 132 40.16 8.63 13.01
C ILE E 132 41.35 8.11 12.21
N GLN E 133 42.27 7.43 12.88
CA GLN E 133 43.40 6.80 12.23
C GLN E 133 43.37 5.30 12.45
N LEU E 134 43.54 4.52 11.38
CA LEU E 134 43.66 3.08 11.44
C LEU E 134 45.13 2.72 11.29
N LYS E 135 45.71 2.11 12.33
CA LYS E 135 47.15 1.95 12.40
C LYS E 135 47.65 0.51 12.36
N TYR E 136 46.81 -0.46 12.68
CA TYR E 136 47.29 -1.81 12.98
C TYR E 136 46.53 -2.84 12.13
N ASN E 137 47.11 -4.04 12.06
CA ASN E 137 46.41 -5.13 11.38
C ASN E 137 45.20 -5.63 12.17
N THR E 138 44.98 -5.12 13.38
CA THR E 138 43.77 -5.39 14.14
C THR E 138 42.71 -4.29 13.99
N SER E 139 43.00 -3.23 13.23
CA SER E 139 42.12 -2.06 13.15
C SER E 139 40.95 -2.25 12.18
N SER E 140 40.37 -3.43 12.10
CA SER E 140 39.17 -3.66 11.29
C SER E 140 37.96 -2.97 11.92
N ILE E 141 36.97 -2.68 11.08
CA ILE E 141 35.70 -2.11 11.52
C ILE E 141 34.57 -2.86 10.83
N TYR E 142 33.58 -3.29 11.62
CA TYR E 142 32.40 -3.96 11.11
C TYR E 142 31.15 -3.23 11.57
N GLY E 143 30.21 -3.07 10.66
CA GLY E 143 28.90 -2.58 11.05
C GLY E 143 27.85 -3.63 10.72
N SER E 144 26.61 -3.19 10.53
CA SER E 144 25.52 -4.09 10.19
C SER E 144 24.61 -3.48 9.12
N GLY E 145 25.13 -2.57 8.32
CA GLY E 145 24.34 -1.88 7.32
C GLY E 145 25.08 -0.68 6.75
N LEU E 146 24.67 -0.21 5.58
CA LEU E 146 25.34 0.90 4.92
C LEU E 146 24.94 2.26 5.48
N HIS E 147 24.06 2.30 6.48
CA HIS E 147 23.54 3.58 6.95
C HIS E 147 23.54 3.67 8.47
N TYR E 148 22.82 2.76 9.14
CA TYR E 148 22.53 3.02 10.56
C TYR E 148 23.77 2.80 11.43
N SER E 149 24.65 1.88 11.05
CA SER E 149 25.95 1.75 11.72
C SER E 149 26.97 2.55 10.91
N ARG E 150 27.52 3.59 11.52
CA ARG E 150 28.35 4.52 10.76
C ARG E 150 29.20 5.38 11.68
N LEU E 151 30.25 5.94 11.09
CA LEU E 151 30.94 7.11 11.62
C LEU E 151 30.45 8.33 10.87
N HIS E 152 30.36 9.45 11.58
CA HIS E 152 29.82 10.69 11.03
C HIS E 152 30.75 11.83 11.40
N GLN E 153 31.34 12.49 10.40
CA GLN E 153 32.29 13.56 10.68
C GLN E 153 31.55 14.78 11.19
N LEU E 154 32.06 15.35 12.29
CA LEU E 154 31.45 16.52 12.90
C LEU E 154 31.50 17.73 11.98
N PRO E 155 30.49 18.61 12.05
CA PRO E 155 30.48 19.79 11.17
C PRO E 155 31.70 20.67 11.34
N SER E 156 32.32 20.70 12.51
CA SER E 156 33.48 21.55 12.78
C SER E 156 34.81 20.92 12.36
N ALA E 157 34.82 19.64 12.01
CA ALA E 157 36.07 18.96 11.65
C ALA E 157 36.38 19.14 10.18
N THR E 158 37.66 19.18 9.85
CA THR E 158 38.11 19.15 8.47
C THR E 158 39.10 17.99 8.29
N GLY E 159 39.59 17.83 7.06
CA GLY E 159 40.54 16.77 6.79
C GLY E 159 39.85 15.43 6.59
N ASN E 160 40.61 14.37 6.81
CA ASN E 160 40.14 13.01 6.55
C ASN E 160 39.34 12.49 7.73
N CYS E 161 38.09 12.07 7.47
CA CYS E 161 37.32 11.39 8.50
C CYS E 161 38.05 10.14 8.96
N ILE E 162 38.46 9.30 8.02
CA ILE E 162 39.28 8.12 8.30
C ILE E 162 40.54 8.21 7.46
N THR E 163 41.68 7.96 8.11
CA THR E 163 42.97 7.82 7.44
C THR E 163 43.47 6.41 7.69
N ILE E 164 43.81 5.70 6.61
CA ILE E 164 44.49 4.41 6.74
C ILE E 164 45.99 4.66 6.70
N LYS E 165 46.66 4.43 7.82
CA LYS E 165 48.08 4.69 7.94
C LYS E 165 48.87 3.59 7.23
N ASP E 166 50.11 3.92 6.87
CA ASP E 166 50.90 2.97 6.09
C ASP E 166 51.50 1.86 6.94
N THR E 167 51.17 1.82 8.24
CA THR E 167 51.47 0.67 9.08
C THR E 167 50.32 -0.33 9.12
N CYS E 168 49.17 0.01 8.55
CA CYS E 168 47.93 -0.74 8.72
C CYS E 168 47.69 -1.60 7.48
N SER E 169 47.72 -2.92 7.65
CA SER E 169 47.51 -3.85 6.55
C SER E 169 46.59 -4.97 7.01
N LEU E 170 45.98 -5.63 6.03
CA LEU E 170 45.32 -6.90 6.26
C LEU E 170 44.08 -6.77 7.13
N ILE E 171 43.46 -5.59 7.13
CA ILE E 171 42.24 -5.35 7.87
C ILE E 171 41.04 -5.52 6.94
N VAL E 172 39.85 -5.56 7.53
CA VAL E 172 38.58 -5.54 6.79
C VAL E 172 37.76 -4.35 7.26
N LEU E 173 37.23 -3.59 6.32
CA LEU E 173 36.20 -2.59 6.58
C LEU E 173 34.92 -3.07 5.88
N ASP E 174 33.90 -3.41 6.67
CA ASP E 174 32.75 -4.13 6.14
C ASP E 174 31.44 -3.57 6.67
N ALA E 175 30.54 -3.18 5.75
CA ALA E 175 29.13 -2.94 6.04
C ALA E 175 28.93 -1.85 7.11
N PHE E 176 29.45 -0.66 6.81
CA PHE E 176 29.11 0.50 7.63
C PHE E 176 29.19 1.76 6.76
N GLY E 177 28.72 2.86 7.31
CA GLY E 177 28.72 4.14 6.62
C GLY E 177 29.80 5.07 7.12
N VAL E 178 30.24 5.95 6.23
CA VAL E 178 31.18 7.04 6.56
C VAL E 178 30.55 8.31 5.99
N TYR E 179 29.99 9.15 6.85
CA TYR E 179 29.18 10.28 6.44
C TYR E 179 29.84 11.61 6.79
N GLY E 180 29.66 12.59 5.90
CA GLY E 180 30.08 13.96 6.16
C GLY E 180 28.92 14.92 6.24
N THR E 181 29.23 16.21 6.27
CA THR E 181 28.22 17.25 6.45
C THR E 181 27.16 17.22 5.35
N GLY E 182 27.53 16.87 4.12
CA GLY E 182 26.58 16.90 3.02
C GLY E 182 25.98 15.54 2.70
N ALA E 183 25.89 14.66 3.72
CA ALA E 183 25.48 13.28 3.45
C ALA E 183 24.05 13.22 2.93
N GLN E 184 23.15 14.01 3.50
CA GLN E 184 21.79 14.06 3.01
C GLN E 184 21.74 14.82 1.68
N GLN E 185 20.94 14.32 0.74
CA GLN E 185 20.93 14.90 -0.59
C GLN E 185 20.53 16.37 -0.53
N GLY E 186 21.16 17.19 -1.37
CA GLY E 186 20.85 18.60 -1.45
C GLY E 186 21.34 19.46 -0.32
N THR E 187 22.19 18.93 0.56
CA THR E 187 22.72 19.71 1.67
C THR E 187 24.16 20.15 1.38
N SER E 188 24.64 21.08 2.19
CA SER E 188 25.95 21.68 1.98
C SER E 188 27.04 20.88 2.70
N PHE E 189 28.29 21.24 2.41
CA PHE E 189 29.46 20.49 2.84
C PHE E 189 30.30 21.31 3.81
N THR E 190 31.26 20.64 4.45
CA THR E 190 32.30 21.33 5.20
C THR E 190 33.58 21.33 4.36
N ALA E 191 34.14 22.51 4.14
CA ALA E 191 35.27 22.65 3.24
C ALA E 191 36.46 21.81 3.68
N GLY E 192 37.10 21.16 2.71
CA GLY E 192 38.36 20.48 2.95
C GLY E 192 38.26 19.09 3.52
N THR E 193 37.11 18.42 3.40
CA THR E 193 36.92 17.13 4.04
C THR E 193 37.07 15.98 3.06
N THR E 194 37.51 14.84 3.57
CA THR E 194 37.65 13.61 2.82
C THR E 194 37.11 12.46 3.66
N GLY E 195 36.41 11.52 3.02
CA GLY E 195 35.87 10.39 3.74
C GLY E 195 36.92 9.40 4.21
N ILE E 196 37.56 8.70 3.28
CA ILE E 196 38.62 7.75 3.58
C ILE E 196 39.84 8.11 2.75
N TYR E 197 40.97 8.31 3.41
CA TYR E 197 42.24 8.62 2.77
C TYR E 197 43.22 7.51 3.10
N VAL E 198 43.89 6.98 2.07
CA VAL E 198 44.95 6.00 2.26
C VAL E 198 46.27 6.69 1.94
N GLU E 199 47.09 6.94 2.96
CA GLU E 199 48.27 7.78 2.81
C GLU E 199 49.38 7.05 2.03
N THR E 200 50.29 7.85 1.48
CA THR E 200 51.42 7.30 0.72
C THR E 200 52.41 6.65 1.69
N PRO E 201 52.80 5.40 1.45
CA PRO E 201 53.75 4.76 2.37
C PRO E 201 55.11 5.46 2.34
N SER E 202 55.75 5.52 3.50
CA SER E 202 57.06 6.14 3.64
C SER E 202 58.20 5.14 3.68
N GLY E 203 57.91 3.84 3.57
CA GLY E 203 58.97 2.86 3.62
C GLY E 203 58.45 1.48 3.26
N LEU E 204 59.33 0.50 3.36
CA LEU E 204 59.06 -0.88 3.02
C LEU E 204 59.58 -1.75 4.15
N SER E 205 58.75 -2.65 4.68
CA SER E 205 59.19 -3.54 5.73
C SER E 205 59.60 -4.86 5.14
N ALA E 206 60.36 -5.64 5.92
CA ALA E 206 60.88 -6.92 5.47
C ALA E 206 60.29 -8.10 6.23
N ASP E 207 59.32 -7.87 7.11
CA ASP E 207 58.71 -8.93 7.89
C ASP E 207 57.19 -8.99 7.72
N TYR E 208 56.70 -8.55 6.56
CA TYR E 208 55.29 -8.74 6.23
C TYR E 208 54.91 -10.21 6.39
N PRO E 209 53.71 -10.53 6.91
CA PRO E 209 52.63 -9.63 7.33
C PRO E 209 52.69 -9.22 8.80
N PHE E 210 53.79 -9.52 9.47
CA PHE E 210 53.94 -9.19 10.88
C PHE E 210 54.56 -7.81 11.08
N HIS E 211 54.53 -6.97 10.06
CA HIS E 211 55.21 -5.68 10.12
C HIS E 211 54.53 -4.73 11.09
N THR E 212 55.34 -3.88 11.72
CA THR E 212 54.85 -2.79 12.55
C THR E 212 55.30 -1.43 12.03
N THR E 213 55.96 -1.38 10.88
CA THR E 213 56.45 -0.14 10.29
C THR E 213 55.81 0.06 8.92
N ALA E 214 56.20 1.16 8.28
CA ALA E 214 55.61 1.53 7.00
C ALA E 214 55.81 0.43 5.97
N ASP E 215 54.77 0.17 5.19
CA ASP E 215 54.85 -0.84 4.15
C ASP E 215 53.84 -0.50 3.08
N PRO E 216 54.12 -0.75 1.80
CA PRO E 216 53.15 -0.43 0.75
C PRO E 216 52.04 -1.46 0.57
N ARG E 217 52.15 -2.63 1.20
CA ARG E 217 51.17 -3.70 1.00
C ARG E 217 49.98 -3.51 1.93
N ARG E 218 49.00 -2.72 1.48
CA ARG E 218 47.78 -2.55 2.26
C ARG E 218 47.05 -3.88 2.44
N ASP E 219 46.89 -4.63 1.34
CA ASP E 219 46.27 -5.95 1.36
C ASP E 219 45.04 -5.97 2.26
N LEU E 220 44.13 -5.04 2.00
CA LEU E 220 42.94 -4.88 2.83
C LEU E 220 41.71 -4.78 1.95
N CYS E 221 40.55 -5.00 2.56
CA CYS E 221 39.27 -5.07 1.86
C CYS E 221 38.33 -4.01 2.43
N ILE E 222 37.85 -3.13 1.56
CA ILE E 222 36.76 -2.22 1.88
C ILE E 222 35.52 -2.81 1.20
N SER E 223 34.56 -3.25 2.00
CA SER E 223 33.48 -4.11 1.55
C SER E 223 32.15 -3.59 2.06
N LYS E 224 31.22 -3.30 1.15
CA LYS E 224 29.88 -2.80 1.49
C LYS E 224 29.96 -1.59 2.42
N VAL E 225 30.84 -0.64 2.09
CA VAL E 225 30.99 0.61 2.83
C VAL E 225 30.33 1.73 2.05
N HIS E 226 29.61 2.61 2.74
CA HIS E 226 28.90 3.73 2.13
C HIS E 226 29.54 5.04 2.57
N ILE E 227 30.15 5.75 1.63
CA ILE E 227 30.80 7.04 1.86
C ILE E 227 29.93 8.13 1.24
N ALA E 228 29.60 9.15 2.01
CA ALA E 228 28.70 10.18 1.52
C ALA E 228 28.94 11.49 2.24
N GLY E 229 28.89 12.59 1.49
CA GLY E 229 28.78 13.90 2.09
C GLY E 229 30.08 14.64 2.36
N PHE E 230 31.16 14.29 1.66
CA PHE E 230 32.43 14.97 1.86
C PHE E 230 32.72 15.93 0.71
N ASP E 231 33.60 16.88 0.98
CA ASP E 231 33.86 17.97 0.05
C ASP E 231 34.82 17.55 -1.07
N GLU E 232 36.08 17.28 -0.70
CA GLU E 232 37.12 17.10 -1.71
C GLU E 232 37.14 15.68 -2.27
N TYR E 233 37.03 14.67 -1.42
CA TYR E 233 37.07 13.29 -1.89
C TYR E 233 36.19 12.42 -1.01
N GLY E 234 35.48 11.49 -1.62
CA GLY E 234 34.89 10.40 -0.88
C GLY E 234 35.94 9.41 -0.45
N LEU E 235 36.58 8.76 -1.42
CA LEU E 235 37.68 7.84 -1.17
C LEU E 235 38.88 8.32 -1.97
N ASN E 236 40.05 8.36 -1.32
CA ASN E 236 41.26 8.86 -1.96
C ASN E 236 42.39 7.91 -1.62
N ILE E 237 42.77 7.08 -2.59
CA ILE E 237 43.84 6.10 -2.43
C ILE E 237 45.10 6.69 -3.07
N ASP E 238 46.06 7.07 -2.25
CA ASP E 238 47.22 7.80 -2.76
C ASP E 238 48.29 6.86 -3.30
N SER E 239 49.33 7.47 -3.88
CA SER E 239 50.38 6.73 -4.56
C SER E 239 51.10 5.78 -3.62
N GLY E 240 51.58 4.67 -4.17
CA GLY E 240 52.41 3.74 -3.44
C GLY E 240 51.68 2.65 -2.68
N ASN E 241 50.35 2.61 -2.73
CA ASN E 241 49.57 1.62 -1.99
C ASN E 241 49.14 0.48 -2.91
N PHE E 242 49.42 -0.74 -2.48
CA PHE E 242 49.09 -1.94 -3.25
C PHE E 242 47.93 -2.68 -2.61
N SER E 243 47.07 -3.25 -3.46
CA SER E 243 46.08 -4.24 -3.04
C SER E 243 45.06 -3.67 -2.06
N VAL E 244 44.66 -2.42 -2.27
CA VAL E 244 43.46 -1.90 -1.62
C VAL E 244 42.27 -2.42 -2.43
N THR E 245 41.63 -3.47 -1.93
CA THR E 245 40.43 -4.02 -2.56
C THR E 245 39.19 -3.25 -2.13
N THR E 246 38.32 -2.95 -3.09
CA THR E 246 36.97 -2.51 -2.78
C THR E 246 35.98 -3.48 -3.41
N ASP E 247 34.88 -3.72 -2.70
CA ASP E 247 33.87 -4.67 -3.14
C ASP E 247 32.54 -4.12 -2.64
N SER E 248 31.66 -3.76 -3.58
CA SER E 248 30.36 -3.15 -3.25
C SER E 248 30.53 -1.84 -2.49
N LEU E 249 31.53 -1.06 -2.86
CA LEU E 249 31.66 0.30 -2.33
C LEU E 249 30.56 1.19 -2.93
N LEU E 250 29.97 2.03 -2.08
CA LEU E 250 28.93 2.97 -2.51
C LEU E 250 29.36 4.36 -2.08
N VAL E 251 29.48 5.27 -3.04
CA VAL E 251 29.86 6.65 -2.76
C VAL E 251 28.77 7.56 -3.29
N ASN E 252 28.27 8.46 -2.44
CA ASN E 252 27.17 9.35 -2.75
C ASN E 252 27.51 10.76 -2.32
N HIS E 253 27.02 11.75 -3.07
CA HIS E 253 26.96 13.14 -2.60
C HIS E 253 28.33 13.64 -2.15
N ILE E 254 29.22 13.79 -3.14
CA ILE E 254 30.55 14.34 -2.93
C ILE E 254 30.63 15.67 -3.66
N ASN E 255 31.04 16.73 -2.95
CA ASN E 255 31.05 18.06 -3.56
C ASN E 255 32.00 18.13 -4.73
N GLN E 256 33.09 17.36 -4.71
CA GLN E 256 34.09 17.41 -5.77
C GLN E 256 34.25 16.01 -6.34
N VAL E 257 35.30 15.28 -5.95
CA VAL E 257 35.66 14.03 -6.59
C VAL E 257 35.18 12.84 -5.77
N GLY E 258 34.35 12.00 -6.37
CA GLY E 258 33.86 10.82 -5.67
C GLY E 258 34.96 9.89 -5.22
N VAL E 259 35.75 9.37 -6.16
CA VAL E 259 36.84 8.45 -5.83
C VAL E 259 38.07 8.85 -6.63
N ARG E 260 39.21 8.97 -5.95
CA ARG E 260 40.50 9.17 -6.59
C ARG E 260 41.40 7.99 -6.28
N CYS E 261 42.09 7.49 -7.29
CA CYS E 261 43.13 6.49 -7.09
C CYS E 261 44.35 6.94 -7.88
N ALA E 262 45.53 6.77 -7.28
CA ALA E 262 46.78 7.24 -7.87
C ALA E 262 47.89 6.22 -7.64
N THR E 263 47.55 4.93 -7.71
CA THR E 263 48.49 3.86 -7.37
C THR E 263 48.25 2.67 -8.29
N THR E 264 49.00 1.59 -8.04
CA THR E 264 49.04 0.42 -8.90
C THR E 264 48.61 -0.84 -8.16
N ASP E 265 48.29 -1.88 -8.93
CA ASP E 265 48.18 -3.26 -8.43
C ASP E 265 47.04 -3.39 -7.43
N TRP E 266 45.83 -3.23 -7.93
CA TRP E 266 44.64 -3.33 -7.11
C TRP E 266 43.47 -3.82 -7.95
N THR E 267 42.42 -4.29 -7.26
CA THR E 267 41.20 -4.74 -7.92
C THR E 267 39.98 -4.21 -7.17
N TRP E 268 39.03 -3.63 -7.91
CA TRP E 268 37.74 -3.23 -7.38
C TRP E 268 36.65 -3.98 -8.12
N THR E 269 35.65 -4.45 -7.39
CA THR E 269 34.49 -5.08 -8.00
C THR E 269 33.23 -4.41 -7.48
N ASN E 270 32.29 -4.18 -8.40
CA ASN E 270 30.98 -3.59 -8.12
C ASN E 270 31.09 -2.30 -7.29
N ILE E 271 31.66 -1.30 -7.91
CA ILE E 271 31.72 0.04 -7.33
C ILE E 271 30.60 0.89 -7.91
N GLN E 272 29.97 1.71 -7.07
CA GLN E 272 29.01 2.71 -7.52
C GLN E 272 29.36 4.07 -6.92
N VAL E 273 29.48 5.07 -7.79
CA VAL E 273 29.72 6.45 -7.39
C VAL E 273 28.62 7.31 -8.01
N ASN E 274 27.96 8.11 -7.18
CA ASN E 274 26.74 8.80 -7.59
C ASN E 274 26.69 10.23 -7.06
N THR E 275 26.53 11.19 -7.96
CA THR E 275 26.28 12.59 -7.64
C THR E 275 27.52 13.26 -7.03
N CYS E 276 28.42 13.71 -7.90
CA CYS E 276 29.64 14.39 -7.50
C CYS E 276 29.72 15.73 -8.23
N GLY E 277 30.22 16.76 -7.54
CA GLY E 277 30.34 18.07 -8.15
C GLY E 277 31.35 18.11 -9.27
N LYS E 278 32.39 17.28 -9.18
CA LYS E 278 33.36 17.14 -10.26
C LYS E 278 33.33 15.70 -10.76
N GLN E 279 34.48 15.06 -10.89
CA GLN E 279 34.50 13.69 -11.38
C GLN E 279 33.88 12.73 -10.37
N CYS E 280 33.26 11.66 -10.89
CA CYS E 280 32.97 10.50 -10.06
C CYS E 280 34.23 9.72 -9.75
N LEU E 281 35.14 9.60 -10.73
CA LEU E 281 36.34 8.79 -10.57
C LEU E 281 37.52 9.48 -11.22
N VAL E 282 38.62 9.59 -10.49
CA VAL E 282 39.88 10.06 -11.05
C VAL E 282 40.91 8.94 -10.91
N LEU E 283 41.40 8.44 -12.03
CA LEU E 283 42.56 7.55 -12.06
C LEU E 283 43.72 8.41 -12.55
N ASP E 284 44.67 8.68 -11.66
CA ASP E 284 45.76 9.62 -11.92
C ASP E 284 47.08 8.89 -11.70
N GLY E 285 47.75 8.54 -12.80
CA GLY E 285 48.97 7.76 -12.68
C GLY E 285 48.76 6.33 -12.21
N CYS E 286 47.60 5.76 -12.47
CA CYS E 286 47.32 4.38 -12.08
C CYS E 286 47.88 3.41 -13.12
N GLY E 287 48.13 2.18 -12.67
CA GLY E 287 48.62 1.16 -13.58
C GLY E 287 48.38 -0.21 -13.01
N ASN E 288 48.23 -1.18 -13.91
CA ASN E 288 48.13 -2.59 -13.53
C ASN E 288 47.05 -2.79 -12.47
N GLY E 289 45.86 -2.25 -12.77
CA GLY E 289 44.71 -2.42 -11.92
C GLY E 289 43.52 -2.93 -12.73
N ARG E 290 42.48 -3.30 -12.00
CA ARG E 290 41.26 -3.84 -12.58
C ARG E 290 40.06 -3.18 -11.92
N ILE E 291 39.12 -2.73 -12.72
CA ILE E 291 37.79 -2.34 -12.26
C ILE E 291 36.80 -3.25 -12.98
N ILE E 292 36.03 -4.00 -12.21
CA ILE E 292 35.13 -5.02 -12.74
C ILE E 292 33.76 -4.76 -12.14
N GLY E 293 32.84 -4.20 -12.93
CA GLY E 293 31.55 -3.81 -12.43
C GLY E 293 31.58 -2.42 -11.83
N GLY E 294 31.00 -1.44 -12.52
CA GLY E 294 31.09 -0.06 -12.08
C GLY E 294 29.93 0.75 -12.60
N LYS E 295 29.49 1.71 -11.78
CA LYS E 295 28.38 2.60 -12.11
C LYS E 295 28.79 3.99 -11.64
N PHE E 296 28.98 4.90 -12.59
CA PHE E 296 29.45 6.26 -12.32
C PHE E 296 28.45 7.24 -12.92
N ILE E 297 27.68 7.91 -12.07
CA ILE E 297 26.53 8.64 -12.55
C ILE E 297 26.45 10.01 -11.90
N TRP E 298 25.85 10.96 -12.62
CA TRP E 298 25.59 12.31 -12.12
C TRP E 298 26.89 13.01 -11.66
N ALA E 299 27.98 12.82 -12.41
CA ALA E 299 29.17 13.63 -12.20
C ALA E 299 28.92 15.07 -12.67
N ASN E 300 29.81 15.97 -12.26
CA ASN E 300 29.68 17.38 -12.63
C ASN E 300 28.28 17.89 -12.31
N TRP E 301 27.76 17.47 -11.15
CA TRP E 301 26.39 17.74 -10.73
C TRP E 301 26.18 19.23 -10.51
N GLN E 302 25.40 19.84 -11.40
CA GLN E 302 25.30 21.31 -11.46
C GLN E 302 24.95 21.96 -10.12
N PRO E 303 23.99 21.47 -9.34
CA PRO E 303 23.63 22.16 -8.09
C PRO E 303 24.77 22.27 -7.10
N TYR E 304 25.79 21.41 -7.19
CA TYR E 304 26.93 21.58 -6.30
C TYR E 304 27.81 22.76 -6.69
N GLY E 305 27.47 23.45 -7.77
CA GLY E 305 27.95 24.80 -8.04
C GLY E 305 29.38 24.92 -8.49
N THR E 306 30.01 23.82 -8.90
CA THR E 306 31.38 23.85 -9.37
C THR E 306 31.48 24.53 -10.74
N VAL E 307 32.48 25.39 -10.88
CA VAL E 307 32.75 26.09 -12.13
C VAL E 307 33.70 25.27 -12.99
N GLY E 308 33.29 25.01 -14.23
CA GLY E 308 34.12 24.27 -15.16
C GLY E 308 33.58 22.88 -15.44
N GLN E 309 34.09 22.29 -16.52
CA GLN E 309 33.69 20.96 -16.93
C GLN E 309 34.59 19.94 -16.25
N PHE E 310 33.99 18.83 -15.82
CA PHE E 310 34.72 17.71 -15.26
C PHE E 310 33.97 16.47 -15.75
N PRO E 311 34.66 15.48 -16.29
CA PRO E 311 33.99 14.30 -16.83
C PRO E 311 33.54 13.35 -15.72
N GLY E 312 32.71 12.39 -16.12
CA GLY E 312 32.37 11.30 -15.21
C GLY E 312 33.60 10.60 -14.67
N ILE E 313 34.54 10.27 -15.56
CA ILE E 313 35.78 9.58 -15.20
C ILE E 313 36.96 10.27 -15.87
N THR E 314 37.98 10.57 -15.09
CA THR E 314 39.28 11.00 -15.59
C THR E 314 40.25 9.82 -15.52
N ILE E 315 40.80 9.44 -16.67
CA ILE E 315 41.90 8.49 -16.74
C ILE E 315 43.11 9.26 -17.27
N ASN E 316 44.07 9.53 -16.39
CA ASN E 316 45.19 10.39 -16.76
C ASN E 316 46.50 9.71 -16.40
N ASN E 317 47.46 9.77 -17.33
CA ASN E 317 48.82 9.33 -17.06
C ASN E 317 48.83 7.91 -16.48
N SER E 318 47.95 7.07 -17.01
CA SER E 318 47.76 5.70 -16.51
C SER E 318 48.16 4.69 -17.58
N GLN E 319 48.22 3.42 -17.18
CA GLN E 319 48.67 2.37 -18.09
C GLN E 319 48.21 1.01 -17.58
N ASN E 320 48.02 0.07 -18.52
CA ASN E 320 47.75 -1.33 -18.18
C ASN E 320 46.53 -1.45 -17.26
N MET E 321 45.46 -0.77 -17.63
CA MET E 321 44.22 -0.82 -16.87
C MET E 321 43.22 -1.72 -17.59
N VAL E 322 42.60 -2.64 -16.85
CA VAL E 322 41.50 -3.43 -17.37
C VAL E 322 40.24 -3.00 -16.63
N ILE E 323 39.29 -2.45 -17.38
CA ILE E 323 38.09 -1.84 -16.83
C ILE E 323 36.92 -2.52 -17.55
N ASN E 324 36.25 -3.44 -16.87
CA ASN E 324 35.22 -4.28 -17.47
C ASN E 324 33.88 -4.01 -16.80
N GLY E 325 32.84 -3.97 -17.63
CA GLY E 325 31.48 -3.89 -17.14
C GLY E 325 31.16 -2.65 -16.35
N ILE E 326 31.53 -1.47 -16.85
CA ILE E 326 31.19 -0.24 -16.16
C ILE E 326 30.24 0.59 -17.03
N GLU E 327 29.56 1.52 -16.37
CA GLU E 327 28.65 2.45 -17.01
C GLU E 327 28.93 3.85 -16.52
N VAL E 328 28.87 4.81 -17.44
CA VAL E 328 28.95 6.24 -17.13
C VAL E 328 27.73 6.90 -17.73
N GLN E 329 26.94 7.55 -16.89
CA GLN E 329 25.61 7.97 -17.31
C GLN E 329 25.18 9.21 -16.54
N ASP E 330 24.40 10.07 -17.21
CA ASP E 330 23.76 11.23 -16.59
C ASP E 330 24.78 12.22 -16.00
N CYS E 331 26.00 12.23 -16.55
CA CYS E 331 27.00 13.19 -16.09
C CYS E 331 26.84 14.52 -16.80
N GLY E 332 27.25 15.59 -16.12
CA GLY E 332 27.00 16.94 -16.62
C GLY E 332 27.88 17.31 -17.80
N GLY E 333 29.07 16.73 -17.90
CA GLY E 333 29.96 17.03 -19.00
C GLY E 333 30.33 15.78 -19.76
N ASN E 334 31.59 15.65 -20.15
CA ASN E 334 32.02 14.48 -20.87
C ASN E 334 31.89 13.24 -19.99
N GLY E 335 31.77 12.08 -20.62
CA GLY E 335 31.70 10.85 -19.88
C GLY E 335 33.04 10.43 -19.33
N ILE E 336 33.96 10.08 -20.21
CA ILE E 336 35.29 9.61 -19.85
C ILE E 336 36.30 10.41 -20.66
N GLU E 337 37.29 10.99 -19.98
CA GLU E 337 38.41 11.64 -20.66
C GLU E 337 39.67 10.80 -20.40
N ILE E 338 40.22 10.24 -21.46
CA ILE E 338 41.45 9.46 -21.38
C ILE E 338 42.57 10.32 -21.94
N SER E 339 43.56 10.64 -21.10
CA SER E 339 44.64 11.56 -21.44
C SER E 339 45.98 10.93 -21.12
N GLU E 340 46.92 11.03 -22.07
CA GLU E 340 48.31 10.64 -21.87
C GLU E 340 48.43 9.29 -21.18
N SER E 341 47.63 8.32 -21.65
CA SER E 341 47.55 7.00 -21.04
C SER E 341 47.84 5.92 -22.07
N TYR E 342 48.53 4.89 -21.61
CA TYR E 342 48.83 3.70 -22.41
C TYR E 342 47.84 2.59 -22.11
N SER E 343 47.64 1.73 -23.11
CA SER E 343 47.08 0.38 -22.93
C SER E 343 45.93 0.34 -21.92
N ILE E 344 44.89 1.10 -22.22
CA ILE E 344 43.64 1.06 -21.48
C ILE E 344 42.72 0.05 -22.16
N SER E 345 42.36 -1.01 -21.45
CA SER E 345 41.54 -2.10 -21.99
C SER E 345 40.17 -2.11 -21.30
N MET E 346 39.12 -2.09 -22.10
CA MET E 346 37.75 -1.99 -21.61
C MET E 346 36.89 -3.02 -22.32
N ASN E 347 36.22 -3.88 -21.57
CA ASN E 347 35.46 -4.99 -22.14
C ASN E 347 34.06 -5.03 -21.52
N GLY E 348 33.09 -4.56 -22.29
CA GLY E 348 31.76 -4.28 -21.79
C GLY E 348 31.72 -2.90 -21.20
N LEU E 349 31.32 -1.91 -21.99
CA LEU E 349 31.36 -0.51 -21.58
C LEU E 349 30.09 0.19 -22.04
N ASN E 350 29.42 0.86 -21.10
CA ASN E 350 28.15 1.55 -21.34
C ASN E 350 28.33 3.02 -20.99
N THR E 351 28.25 3.89 -21.98
CA THR E 351 28.23 5.33 -21.78
C THR E 351 27.03 5.90 -22.51
N ASN E 352 26.12 6.54 -21.77
CA ASN E 352 24.95 7.12 -22.43
C ASN E 352 24.45 8.32 -21.65
N ARG E 353 23.87 9.27 -22.39
CA ARG E 353 23.12 10.40 -21.86
C ARG E 353 23.94 11.16 -20.81
N ASN E 354 25.16 11.51 -21.19
CA ASN E 354 26.00 12.42 -20.43
C ASN E 354 25.89 13.83 -21.03
N GLY E 355 26.84 14.68 -20.73
CA GLY E 355 26.78 16.06 -21.22
C GLY E 355 25.49 16.75 -20.87
N ILE E 356 24.95 16.49 -19.67
CA ILE E 356 23.61 16.98 -19.36
C ILE E 356 23.57 18.43 -18.91
N ASN E 357 24.72 19.09 -18.72
CA ASN E 357 24.68 20.49 -18.35
C ASN E 357 24.54 21.43 -19.54
N ALA E 358 24.80 20.94 -20.75
CA ALA E 358 24.62 21.76 -21.95
C ALA E 358 24.38 20.82 -23.12
N ASN E 359 23.22 20.96 -23.76
CA ASN E 359 22.82 20.03 -24.80
C ASN E 359 23.80 20.03 -25.97
N ASN E 360 24.02 18.85 -26.53
CA ASN E 360 24.68 18.70 -27.82
C ASN E 360 26.08 19.31 -27.81
N THR E 361 26.79 19.15 -26.70
CA THR E 361 28.05 19.84 -26.50
C THR E 361 29.20 18.91 -26.12
N PHE E 362 28.91 17.85 -25.38
CA PHE E 362 29.94 16.99 -24.80
C PHE E 362 29.89 15.61 -25.43
N TYR E 363 30.93 14.84 -25.14
CA TYR E 363 31.10 13.54 -25.76
C TYR E 363 31.35 12.48 -24.69
N ASN E 364 30.92 11.25 -25.00
CA ASN E 364 30.93 10.19 -23.99
C ASN E 364 32.33 9.68 -23.70
N ILE E 365 33.20 9.64 -24.71
CA ILE E 365 34.59 9.26 -24.51
C ILE E 365 35.46 10.24 -25.27
N VAL E 366 36.39 10.88 -24.58
CA VAL E 366 37.28 11.87 -25.15
C VAL E 366 38.70 11.32 -25.06
N PHE E 367 39.33 11.14 -26.21
CA PHE E 367 40.69 10.61 -26.27
C PHE E 367 41.66 11.75 -26.52
N ASN E 368 42.72 11.83 -25.70
CA ASN E 368 43.75 12.84 -25.87
C ASN E 368 45.10 12.19 -25.60
N LYS E 369 45.90 12.07 -26.66
CA LYS E 369 47.22 11.41 -26.62
C LYS E 369 47.18 10.11 -25.80
N SER E 370 46.28 9.21 -26.20
CA SER E 370 46.08 7.97 -25.46
C SER E 370 45.85 6.80 -26.40
N ASP E 371 46.09 5.59 -25.88
CA ASP E 371 45.81 4.36 -26.59
C ASP E 371 44.78 3.55 -25.81
N ALA E 372 43.86 2.89 -26.53
CA ALA E 372 42.82 2.11 -25.86
C ALA E 372 42.27 1.04 -26.79
N VAL E 373 41.88 -0.08 -26.20
CA VAL E 373 41.11 -1.12 -26.87
C VAL E 373 39.80 -1.27 -26.12
N ILE E 374 38.69 -0.98 -26.80
CA ILE E 374 37.38 -0.93 -26.19
C ILE E 374 36.48 -1.93 -26.93
N ASN E 375 35.99 -2.93 -26.20
CA ASN E 375 35.10 -3.95 -26.76
C ASN E 375 33.76 -3.95 -26.03
N GLY E 376 32.77 -4.53 -26.70
CA GLY E 376 31.44 -4.62 -26.12
C GLY E 376 30.84 -3.29 -25.76
N PHE E 377 31.07 -2.27 -26.59
CA PHE E 377 30.57 -0.93 -26.31
C PHE E 377 29.07 -0.86 -26.57
N VAL E 378 28.36 -0.18 -25.66
CA VAL E 378 26.95 0.12 -25.81
C VAL E 378 26.70 1.53 -25.28
N GLY E 379 25.59 2.13 -25.71
CA GLY E 379 25.30 3.48 -25.29
C GLY E 379 23.96 4.04 -25.72
N LEU E 380 22.88 3.29 -25.52
CA LEU E 380 21.55 3.78 -25.85
C LEU E 380 21.29 5.09 -25.12
N ASN E 381 21.20 6.19 -25.87
CA ASN E 381 20.88 7.51 -25.32
C ASN E 381 19.39 7.56 -25.02
N TYR E 382 19.03 7.34 -23.75
CA TYR E 382 17.62 7.18 -23.44
C TYR E 382 16.83 8.48 -23.58
N ALA E 383 17.51 9.63 -23.53
CA ALA E 383 16.82 10.89 -23.79
C ALA E 383 16.47 11.03 -25.27
N ALA E 384 17.38 10.63 -26.16
CA ALA E 384 17.05 10.68 -27.59
C ALA E 384 15.93 9.71 -27.93
N ASN E 385 15.94 8.52 -27.33
CA ASN E 385 14.93 7.52 -27.65
C ASN E 385 13.56 7.91 -27.13
N SER E 386 13.50 8.50 -25.93
CA SER E 386 12.22 8.90 -25.36
C SER E 386 11.70 10.22 -25.93
N GLY E 387 12.54 10.98 -26.63
CA GLY E 387 12.12 12.25 -27.21
C GLY E 387 11.85 13.34 -26.20
N SER E 388 12.42 13.23 -25.00
CA SER E 388 12.17 14.19 -23.93
C SER E 388 12.78 15.56 -24.20
N GLY E 389 13.77 15.65 -25.09
CA GLY E 389 14.47 16.91 -25.28
C GLY E 389 15.48 17.28 -24.21
N ALA E 390 15.75 16.39 -23.27
CA ALA E 390 16.72 16.69 -22.22
C ALA E 390 18.14 16.79 -22.80
N ASN E 391 18.96 17.63 -22.18
CA ASN E 391 20.36 17.77 -22.60
C ASN E 391 21.04 16.41 -22.64
N SER E 392 21.82 16.16 -23.70
CA SER E 392 22.60 14.93 -23.73
C SER E 392 23.81 15.10 -24.64
N SER E 393 24.68 14.08 -24.61
CA SER E 393 25.94 14.13 -25.34
C SER E 393 25.70 14.38 -26.83
N ALA E 394 26.59 15.18 -27.42
CA ALA E 394 26.58 15.36 -28.87
C ALA E 394 26.82 14.04 -29.59
N GLY E 395 27.70 13.19 -29.05
CA GLY E 395 28.01 11.93 -29.68
C GLY E 395 28.89 11.09 -28.79
N ASN E 396 29.27 9.92 -29.30
CA ASN E 396 29.97 8.95 -28.47
C ASN E 396 31.46 9.28 -28.30
N PHE E 397 32.16 9.65 -29.37
CA PHE E 397 33.61 9.73 -29.32
C PHE E 397 34.14 11.06 -29.82
N GLN E 398 35.15 11.58 -29.15
CA GLN E 398 35.84 12.79 -29.58
C GLN E 398 37.34 12.59 -29.42
N PHE E 399 38.09 12.99 -30.44
CA PHE E 399 39.53 12.83 -30.46
C PHE E 399 40.16 14.22 -30.44
N LEU E 400 40.91 14.52 -29.38
CA LEU E 400 41.56 15.81 -29.26
C LEU E 400 42.95 15.86 -29.88
N SER E 401 43.52 14.72 -30.25
CA SER E 401 44.80 14.67 -30.95
C SER E 401 44.69 13.62 -32.04
N ASN E 402 45.65 13.62 -32.96
CA ASN E 402 45.68 12.61 -34.02
C ASN E 402 46.80 11.59 -33.81
N ASP E 403 47.38 11.54 -32.61
CA ASP E 403 48.40 10.55 -32.30
C ASP E 403 47.87 9.48 -31.36
N CYS E 404 46.55 9.32 -31.30
CA CYS E 404 45.97 8.24 -30.53
C CYS E 404 45.95 6.96 -31.34
N SER E 405 46.03 5.83 -30.64
CA SER E 405 45.94 4.51 -31.25
C SER E 405 44.80 3.81 -30.53
N VAL E 406 43.64 3.70 -31.18
CA VAL E 406 42.42 3.33 -30.50
C VAL E 406 41.64 2.34 -31.36
N THR E 407 41.16 1.27 -30.74
CA THR E 407 40.23 0.33 -31.35
C THR E 407 38.94 0.33 -30.54
N ILE E 408 37.81 0.44 -31.23
CA ILE E 408 36.49 0.43 -30.61
C ILE E 408 35.60 -0.54 -31.37
N ASN E 409 34.94 -1.44 -30.65
CA ASN E 409 33.97 -2.36 -31.25
C ASN E 409 32.71 -2.40 -30.40
N GLY E 410 31.57 -2.38 -31.04
CA GLY E 410 30.32 -2.54 -30.33
C GLY E 410 29.18 -1.86 -31.07
N VAL E 411 28.17 -1.45 -30.30
CA VAL E 411 26.98 -0.84 -30.86
C VAL E 411 27.12 0.67 -30.79
N VAL E 412 27.80 1.25 -31.79
CA VAL E 412 28.12 2.67 -31.79
C VAL E 412 26.88 3.52 -31.99
N GLU E 413 25.91 3.04 -32.76
CA GLU E 413 24.60 3.67 -32.89
C GLU E 413 23.55 2.59 -32.66
N THR E 414 22.67 2.82 -31.67
CA THR E 414 21.86 1.73 -31.14
C THR E 414 20.83 1.24 -32.15
N GLY E 415 20.18 2.15 -32.87
CA GLY E 415 19.17 1.78 -33.84
C GLY E 415 17.73 1.79 -33.37
N TYR E 416 17.37 2.70 -32.46
CA TYR E 416 15.96 2.95 -32.16
C TYR E 416 15.41 3.94 -33.19
N MET E 417 14.10 4.22 -33.12
CA MET E 417 13.43 4.88 -34.23
C MET E 417 13.96 6.29 -34.49
N GLY E 418 14.13 7.08 -33.43
CA GLY E 418 14.50 8.48 -33.62
C GLY E 418 13.28 9.40 -33.66
N ILE E 419 12.48 9.38 -32.59
CA ILE E 419 11.26 10.18 -32.51
C ILE E 419 11.57 11.66 -32.79
N ASN E 420 12.73 12.15 -32.33
CA ASN E 420 13.12 13.55 -32.50
C ASN E 420 14.21 13.72 -33.56
N PHE E 421 14.37 12.76 -34.46
CA PHE E 421 15.30 12.82 -35.58
C PHE E 421 16.75 12.75 -35.16
N ILE E 422 17.02 12.43 -33.90
CA ILE E 422 18.37 12.33 -33.36
C ILE E 422 18.55 10.95 -32.74
N GLY E 423 19.78 10.66 -32.33
CA GLY E 423 20.13 9.34 -31.79
C GLY E 423 21.31 9.45 -30.85
N ASP E 424 22.21 8.46 -30.93
CA ASP E 424 23.39 8.49 -30.06
C ASP E 424 24.46 9.43 -30.61
N ASN E 425 24.64 9.48 -31.93
CA ASN E 425 25.70 10.27 -32.55
C ASN E 425 25.08 11.37 -33.41
N ASN E 426 24.95 12.56 -32.83
CA ASN E 426 24.28 13.67 -33.47
C ASN E 426 25.22 14.76 -33.95
N ILE E 427 26.48 14.75 -33.51
CA ILE E 427 27.57 15.50 -34.10
C ILE E 427 28.73 14.53 -34.23
N ILE E 428 29.24 14.37 -35.44
CA ILE E 428 30.37 13.46 -35.68
C ILE E 428 31.55 14.29 -36.13
N ASN E 429 32.65 14.18 -35.40
CA ASN E 429 33.89 14.87 -35.74
C ASN E 429 34.90 13.81 -36.17
N PRO E 430 35.23 13.68 -37.46
CA PRO E 430 36.18 12.65 -37.87
C PRO E 430 37.58 12.96 -37.39
N THR E 431 38.43 11.93 -37.36
CA THR E 431 39.78 12.03 -36.85
C THR E 431 40.76 11.39 -37.82
N ASN E 432 42.00 11.88 -37.79
CA ASN E 432 43.10 11.25 -38.51
C ASN E 432 43.93 10.34 -37.61
N SER E 433 43.50 10.09 -36.38
CA SER E 433 44.20 9.17 -35.51
C SER E 433 44.25 7.78 -36.14
N ASP E 434 45.12 6.94 -35.56
CA ASP E 434 45.18 5.52 -35.88
C ASP E 434 44.00 4.83 -35.22
N LEU E 435 42.84 4.95 -35.85
CA LEU E 435 41.56 4.52 -35.30
C LEU E 435 41.00 3.34 -36.08
N SER E 436 40.47 2.36 -35.36
CA SER E 436 39.74 1.25 -35.97
C SER E 436 38.45 1.03 -35.19
N ILE E 437 37.31 1.08 -35.88
CA ILE E 437 35.99 0.93 -35.26
C ILE E 437 35.24 -0.20 -35.94
N ASN E 438 34.72 -1.13 -35.14
CA ASN E 438 33.84 -2.19 -35.62
C ASN E 438 34.51 -3.03 -36.71
N GLY E 439 35.85 -3.10 -36.68
CA GLY E 439 36.57 -3.88 -37.67
C GLY E 439 36.43 -3.35 -39.07
N LEU E 440 35.97 -2.12 -39.23
CA LEU E 440 35.74 -1.53 -40.55
C LEU E 440 37.03 -0.97 -41.12
N VAL E 441 37.33 -1.36 -42.37
CA VAL E 441 38.46 -0.79 -43.09
C VAL E 441 38.17 0.68 -43.40
N ASN E 442 39.13 1.55 -43.09
CA ASN E 442 39.02 2.96 -43.41
C ASN E 442 39.34 3.15 -44.88
N TYR E 443 38.39 3.70 -45.65
CA TYR E 443 38.58 3.79 -47.09
C TYR E 443 39.82 4.60 -47.43
N SER E 444 40.15 5.61 -46.63
CA SER E 444 41.34 6.41 -46.90
C SER E 444 42.63 5.62 -46.73
N LYS E 445 42.57 4.44 -46.11
CA LYS E 445 43.79 3.69 -45.81
C LYS E 445 43.89 2.35 -46.53
N THR E 446 43.05 2.10 -47.53
CA THR E 446 43.04 0.77 -48.13
C THR E 446 43.50 0.84 -49.58
N GLY E 447 44.19 -0.22 -50.01
CA GLY E 447 44.49 -0.43 -51.42
C GLY E 447 43.71 -1.60 -52.00
N LEU E 448 42.64 -2.02 -51.31
CA LEU E 448 41.89 -3.19 -51.74
C LEU E 448 41.17 -2.93 -53.06
N GLN E 449 41.24 -3.91 -53.96
CA GLN E 449 40.53 -3.84 -55.23
C GLN E 449 39.12 -4.40 -55.04
N THR E 450 38.13 -3.63 -55.48
CA THR E 450 36.72 -4.01 -55.34
C THR E 450 36.01 -3.84 -56.67
N MET E 451 34.78 -4.35 -56.72
CA MET E 451 33.89 -3.96 -57.81
C MET E 451 33.73 -2.45 -57.79
N ASN E 452 33.41 -1.89 -58.96
CA ASN E 452 32.99 -0.50 -58.99
C ASN E 452 32.08 -0.35 -60.21
N GLU E 453 30.82 -0.69 -60.02
CA GLU E 453 29.87 -0.68 -61.12
C GLU E 453 29.70 0.74 -61.64
N THR E 454 29.58 0.86 -62.96
CA THR E 454 29.46 2.15 -63.60
C THR E 454 27.99 2.44 -63.83
N PRO E 455 27.43 3.48 -63.23
CA PRO E 455 26.05 3.86 -63.51
C PRO E 455 25.96 4.58 -64.85
N THR E 456 24.73 4.72 -65.32
CA THR E 456 24.45 5.41 -66.57
C THR E 456 23.87 6.78 -66.26
N PHE E 457 24.39 7.81 -66.90
CA PHE E 457 23.76 9.11 -66.74
C PHE E 457 22.51 9.17 -67.59
N ASP E 458 21.44 9.70 -67.00
CA ASP E 458 20.22 9.93 -67.73
C ASP E 458 19.72 11.34 -67.47
N GLY E 459 18.98 11.85 -68.45
CA GLY E 459 18.35 13.15 -68.38
C GLY E 459 17.67 13.38 -69.70
N VAL E 460 16.79 14.39 -69.74
CA VAL E 460 16.12 14.73 -70.99
C VAL E 460 17.17 14.98 -72.07
N SER E 461 18.18 15.79 -71.75
CA SER E 461 19.44 15.79 -72.49
C SER E 461 20.39 14.82 -71.80
N THR E 462 21.00 13.93 -72.58
CA THR E 462 21.78 12.82 -72.03
C THR E 462 23.28 13.13 -71.92
N THR E 463 23.69 14.39 -72.05
CA THR E 463 25.06 14.76 -71.76
C THR E 463 25.16 15.30 -70.34
N PRO E 464 25.95 14.69 -69.46
CA PRO E 464 26.06 15.22 -68.10
C PRO E 464 26.61 16.64 -68.07
N VAL E 465 26.13 17.42 -67.10
CA VAL E 465 26.60 18.78 -66.84
C VAL E 465 27.17 18.84 -65.43
N TYR E 466 28.29 19.52 -65.29
CA TYR E 466 29.02 19.62 -64.03
C TYR E 466 29.13 21.06 -63.58
N VAL E 467 28.96 21.28 -62.27
CA VAL E 467 29.11 22.60 -61.67
C VAL E 467 29.89 22.45 -60.36
N SER E 468 30.35 23.59 -59.84
CA SER E 468 31.20 23.56 -58.68
C SER E 468 30.44 23.11 -57.44
N VAL E 469 31.18 22.52 -56.51
CA VAL E 469 30.68 22.16 -55.18
C VAL E 469 31.51 22.93 -54.17
N PRO E 470 30.99 23.12 -52.95
CA PRO E 470 31.83 23.71 -51.90
C PRO E 470 33.06 22.85 -51.68
N SER E 471 34.17 23.51 -51.34
CA SER E 471 35.45 22.83 -51.23
C SER E 471 35.44 21.75 -50.13
N SER E 472 34.48 21.80 -49.20
CA SER E 472 34.39 20.77 -48.19
C SER E 472 34.04 19.41 -48.78
N VAL E 473 33.56 19.37 -50.03
CA VAL E 473 33.27 18.10 -50.68
C VAL E 473 34.52 17.40 -51.17
N GLY E 474 35.68 18.08 -51.16
CA GLY E 474 36.92 17.44 -51.55
C GLY E 474 37.09 17.24 -53.04
N GLN E 475 36.43 18.06 -53.85
CA GLN E 475 36.56 17.99 -55.30
C GLN E 475 36.16 19.34 -55.87
N VAL E 476 36.48 19.54 -57.16
CA VAL E 476 36.22 20.82 -57.79
C VAL E 476 34.75 20.95 -58.22
N ASN E 477 34.23 19.92 -58.89
CA ASN E 477 32.87 19.96 -59.43
C ASN E 477 32.10 18.71 -59.03
N GLY E 478 30.78 18.79 -59.18
CA GLY E 478 29.92 17.63 -59.03
C GLY E 478 28.88 17.61 -60.13
N LEU E 479 27.98 16.63 -60.05
CA LEU E 479 26.96 16.47 -61.08
C LEU E 479 25.84 17.48 -60.86
N ARG E 480 25.57 18.30 -61.87
CA ARG E 480 24.50 19.29 -61.80
C ARG E 480 23.16 18.58 -61.76
N LEU E 481 22.39 18.80 -60.71
CA LEU E 481 21.08 18.18 -60.54
C LEU E 481 20.01 19.23 -60.80
N SER E 482 19.09 18.94 -61.72
CA SER E 482 18.01 19.84 -62.04
C SER E 482 16.72 19.05 -62.21
N GLN E 483 15.59 19.70 -61.91
CA GLN E 483 14.31 19.09 -62.19
C GLN E 483 13.99 19.14 -63.67
N ALA E 484 14.43 20.20 -64.35
CA ALA E 484 14.09 20.37 -65.76
C ALA E 484 14.75 19.30 -66.62
N ASN E 485 16.04 19.02 -66.39
CA ASN E 485 16.70 17.99 -67.15
C ASN E 485 16.59 16.62 -66.50
N LYS E 486 16.11 16.55 -65.26
CA LYS E 486 15.88 15.29 -64.56
C LYS E 486 17.16 14.44 -64.54
N ASP E 487 18.26 15.10 -64.18
CA ASP E 487 19.55 14.44 -64.11
C ASP E 487 19.53 13.32 -63.06
N LYS E 488 20.03 12.15 -63.45
CA LYS E 488 19.97 10.99 -62.57
C LYS E 488 21.09 10.02 -62.93
N LEU E 489 21.35 9.10 -62.00
CA LEU E 489 22.31 8.02 -62.19
C LEU E 489 21.59 6.69 -62.03
N LEU E 490 21.59 5.88 -63.09
CA LEU E 490 20.91 4.60 -63.12
C LEU E 490 21.91 3.46 -62.95
N TYR E 491 21.62 2.53 -62.05
CA TYR E 491 22.30 1.25 -61.98
C TYR E 491 21.35 0.17 -62.48
N SER E 492 21.88 -0.80 -63.23
CA SER E 492 21.05 -1.94 -63.60
C SER E 492 20.92 -2.94 -62.46
N ARG E 493 21.83 -2.90 -61.50
CA ARG E 493 21.75 -3.76 -60.32
C ARG E 493 20.40 -3.61 -59.62
N THR E 494 19.81 -4.74 -59.25
CA THR E 494 18.56 -4.76 -58.50
C THR E 494 18.83 -5.11 -57.04
N ALA E 495 17.95 -4.64 -56.17
CA ALA E 495 18.09 -4.92 -54.75
C ALA E 495 17.73 -6.36 -54.45
N GLY E 496 18.55 -7.00 -53.60
CA GLY E 496 18.31 -8.37 -53.20
C GLY E 496 17.97 -8.52 -51.73
N PRO E 497 17.67 -9.74 -51.31
CA PRO E 497 17.18 -9.95 -49.94
C PRO E 497 18.22 -9.66 -48.87
N GLU E 498 19.51 -9.63 -49.20
CA GLU E 498 20.50 -9.23 -48.20
C GLU E 498 20.47 -7.73 -47.95
N GLY E 499 19.88 -6.95 -48.85
CA GLY E 499 19.76 -5.52 -48.69
C GLY E 499 20.85 -4.72 -49.40
N ILE E 500 20.78 -3.41 -49.22
CA ILE E 500 21.62 -2.48 -49.94
C ILE E 500 21.86 -1.25 -49.08
N THR E 501 23.01 -0.62 -49.28
CA THR E 501 23.31 0.70 -48.70
C THR E 501 23.60 1.65 -49.84
N MET E 502 22.96 2.82 -49.82
CA MET E 502 23.18 3.85 -50.82
C MET E 502 23.43 5.17 -50.11
N ALA E 503 24.43 5.91 -50.58
CA ALA E 503 24.80 7.17 -49.95
C ALA E 503 25.37 8.09 -51.03
N ALA E 504 25.31 9.39 -50.75
CA ALA E 504 25.86 10.37 -51.67
C ALA E 504 26.00 11.71 -50.96
N VAL E 505 26.89 12.54 -51.48
CA VAL E 505 26.89 13.96 -51.16
C VAL E 505 25.88 14.66 -52.06
N ILE E 506 24.93 15.37 -51.46
CA ILE E 506 23.97 16.17 -52.19
C ILE E 506 24.03 17.59 -51.64
N VAL E 507 24.21 18.56 -52.53
CA VAL E 507 24.21 19.97 -52.17
C VAL E 507 22.88 20.53 -52.67
N PRO E 508 21.82 20.53 -51.86
CA PRO E 508 20.50 20.92 -52.36
C PRO E 508 20.38 22.42 -52.55
N THR E 509 19.74 22.81 -53.64
CA THR E 509 19.26 24.17 -53.84
C THR E 509 17.80 24.22 -53.39
N ILE E 510 17.53 24.98 -52.34
CA ILE E 510 16.22 24.99 -51.69
C ILE E 510 15.52 26.28 -52.09
N SER E 511 14.37 26.17 -52.74
CA SER E 511 13.62 27.37 -53.08
C SER E 511 12.16 27.24 -52.65
N GLY E 512 11.26 27.01 -53.60
CA GLY E 512 9.85 26.88 -53.32
C GLY E 512 9.44 25.45 -53.02
N ALA E 513 8.15 25.19 -53.21
CA ALA E 513 7.64 23.83 -53.05
C ALA E 513 8.29 22.92 -54.08
N GLU E 514 8.67 21.73 -53.65
CA GLU E 514 9.44 20.86 -54.52
C GLU E 514 9.54 19.50 -53.85
N VAL E 515 9.68 18.46 -54.67
CA VAL E 515 9.95 17.11 -54.18
C VAL E 515 11.36 16.75 -54.64
N PHE E 516 12.26 16.56 -53.68
CA PHE E 516 13.60 16.07 -53.96
C PHE E 516 13.60 14.56 -53.83
N ASN E 517 13.98 13.87 -54.91
CA ASN E 517 14.14 12.42 -54.88
C ASN E 517 15.63 12.10 -54.75
N PHE E 518 16.08 11.91 -53.51
CA PHE E 518 17.50 11.69 -53.27
C PHE E 518 17.98 10.39 -53.90
N MET E 519 17.21 9.31 -53.74
CA MET E 519 17.59 8.02 -54.28
C MET E 519 16.38 7.09 -54.26
N ALA E 520 16.43 6.05 -55.06
CA ALA E 520 15.28 5.16 -55.15
C ALA E 520 15.72 3.75 -55.46
N ILE E 521 14.83 2.81 -55.14
CA ILE E 521 14.89 1.43 -55.59
C ILE E 521 13.65 1.18 -56.43
N GLY E 522 13.84 0.76 -57.68
CA GLY E 522 12.70 0.56 -58.55
C GLY E 522 12.10 1.87 -59.01
N SER E 523 10.82 1.80 -59.38
CA SER E 523 10.08 2.97 -59.83
C SER E 523 8.61 2.78 -59.47
N GLY E 524 7.86 3.88 -59.51
CA GLY E 524 6.47 3.84 -59.14
C GLY E 524 6.24 3.74 -57.64
N PHE E 525 4.98 3.81 -57.22
CA PHE E 525 4.63 3.73 -55.81
C PHE E 525 3.21 3.19 -55.70
N SER E 526 3.08 1.90 -55.45
CA SER E 526 1.77 1.26 -55.36
C SER E 526 1.93 -0.10 -54.70
N ASP E 527 0.80 -0.79 -54.53
CA ASP E 527 0.80 -2.10 -53.88
C ASP E 527 1.72 -3.10 -54.56
N THR E 528 2.06 -2.88 -55.84
CA THR E 528 2.93 -3.79 -56.56
C THR E 528 4.16 -3.11 -57.15
N SER E 529 4.47 -1.88 -56.74
CA SER E 529 5.61 -1.18 -57.33
C SER E 529 6.94 -1.77 -56.91
N ASN E 530 7.00 -2.48 -55.77
CA ASN E 530 8.24 -3.06 -55.27
C ASN E 530 9.37 -2.03 -55.26
N SER E 531 9.10 -0.89 -54.63
CA SER E 531 9.96 0.28 -54.78
C SER E 531 10.19 0.98 -53.46
N LEU E 532 11.29 1.73 -53.40
CA LEU E 532 11.65 2.58 -52.28
C LEU E 532 12.02 3.97 -52.80
N HIS E 533 11.57 5.01 -52.09
CA HIS E 533 11.99 6.38 -52.33
C HIS E 533 12.42 7.02 -51.02
N LEU E 534 13.54 7.73 -51.04
CA LEU E 534 13.90 8.66 -49.99
C LEU E 534 13.75 10.07 -50.54
N GLN E 535 12.82 10.85 -49.99
CA GLN E 535 12.47 12.14 -50.54
C GLN E 535 12.56 13.23 -49.47
N LEU E 536 12.92 14.43 -49.93
CA LEU E 536 12.75 15.66 -49.18
C LEU E 536 11.64 16.45 -49.84
N VAL E 537 10.53 16.66 -49.12
CA VAL E 537 9.38 17.35 -49.66
C VAL E 537 9.28 18.72 -49.00
N ILE E 538 9.16 19.76 -49.82
CA ILE E 538 9.05 21.13 -49.35
C ILE E 538 7.73 21.70 -49.85
N ASP E 539 6.91 22.21 -48.93
CA ASP E 539 5.63 22.77 -49.30
C ASP E 539 5.74 24.29 -49.45
N ALA E 540 4.60 24.94 -49.72
CA ALA E 540 4.60 26.34 -50.09
C ALA E 540 5.10 27.23 -48.95
N SER E 541 4.91 26.82 -47.70
CA SER E 541 5.34 27.63 -46.57
C SER E 541 6.81 27.43 -46.21
N GLY E 542 7.50 26.50 -46.88
CA GLY E 542 8.88 26.22 -46.60
C GLY E 542 9.12 25.08 -45.63
N LYS E 543 8.05 24.43 -45.16
CA LYS E 543 8.21 23.31 -44.25
C LYS E 543 8.82 22.11 -44.98
N GLN E 544 9.77 21.46 -44.33
CA GLN E 544 10.50 20.34 -44.91
C GLN E 544 10.07 19.04 -44.26
N THR E 545 9.80 18.04 -45.10
CA THR E 545 9.38 16.72 -44.67
C THR E 545 10.32 15.71 -45.30
N ILE E 546 10.90 14.83 -44.48
CA ILE E 546 11.65 13.69 -44.97
C ILE E 546 10.73 12.48 -45.02
N ALA E 547 10.55 11.92 -46.20
CA ALA E 547 9.59 10.85 -46.42
C ALA E 547 10.31 9.63 -47.00
N LEU E 548 10.05 8.47 -46.41
CA LEU E 548 10.47 7.19 -46.96
C LEU E 548 9.24 6.49 -47.54
N LEU E 549 9.24 6.26 -48.85
CA LEU E 549 8.12 5.64 -49.54
C LEU E 549 8.45 4.19 -49.85
N LEU E 550 7.59 3.29 -49.40
CA LEU E 550 7.76 1.85 -49.58
C LEU E 550 6.51 1.28 -50.22
N GLY E 551 6.68 0.55 -51.32
CA GLY E 551 5.58 -0.11 -51.98
C GLY E 551 5.87 -1.57 -52.26
N GLY E 552 4.99 -2.46 -51.83
CA GLY E 552 5.20 -3.88 -52.01
C GLY E 552 4.46 -4.67 -50.94
N ASP E 553 4.60 -5.99 -51.03
CA ASP E 553 3.94 -6.90 -50.09
C ASP E 553 2.45 -6.59 -49.99
N GLY E 554 1.85 -6.25 -51.13
CA GLY E 554 0.43 -5.98 -51.24
C GLY E 554 -0.05 -4.69 -50.64
N THR E 555 0.85 -3.75 -50.31
CA THR E 555 0.44 -2.52 -49.66
C THR E 555 1.47 -1.43 -49.94
N THR E 556 1.22 -0.24 -49.38
CA THR E 556 2.16 0.87 -49.44
C THR E 556 2.23 1.51 -48.07
N GLN E 557 3.35 2.18 -47.81
CA GLN E 557 3.52 2.92 -46.56
C GLN E 557 4.43 4.11 -46.82
N ILE E 558 4.09 5.26 -46.24
CA ILE E 558 4.96 6.43 -46.22
C ILE E 558 5.33 6.69 -44.77
N LEU E 559 6.62 6.61 -44.47
CA LEU E 559 7.16 6.95 -43.16
C LEU E 559 7.81 8.33 -43.29
N SER E 560 7.10 9.36 -42.85
CA SER E 560 7.53 10.74 -43.02
C SER E 560 7.57 11.46 -41.68
N GLY E 561 8.32 12.55 -41.65
CA GLY E 561 8.37 13.42 -40.49
C GLY E 561 8.64 14.85 -40.86
N ASP E 562 7.94 15.79 -40.23
CA ASP E 562 8.20 17.21 -40.44
C ASP E 562 9.41 17.63 -39.62
N LEU E 563 10.37 18.28 -40.27
CA LEU E 563 11.58 18.71 -39.57
C LEU E 563 11.32 20.00 -38.81
N PRO E 564 11.70 20.08 -37.53
CA PRO E 564 11.68 21.38 -36.85
C PRO E 564 12.62 22.37 -37.56
N ASN E 565 12.33 23.66 -37.38
CA ASN E 565 13.05 24.70 -38.12
C ASN E 565 14.56 24.59 -37.91
N ASP E 566 14.99 24.30 -36.69
CA ASP E 566 16.42 24.28 -36.42
C ASP E 566 17.13 23.07 -37.03
N LEU E 567 16.39 22.12 -37.59
CA LEU E 567 17.00 20.95 -38.23
C LEU E 567 16.84 20.96 -39.75
N LYS E 568 16.27 22.01 -40.32
CA LYS E 568 16.03 22.05 -41.77
C LYS E 568 17.33 22.02 -42.56
N LEU E 569 17.30 21.38 -43.71
CA LEU E 569 18.42 21.47 -44.63
C LEU E 569 18.48 22.87 -45.21
N GLN E 570 19.69 23.34 -45.45
CA GLN E 570 19.93 24.71 -45.89
C GLN E 570 20.47 24.70 -47.31
N SER E 571 20.00 25.65 -48.12
CA SER E 571 20.40 25.70 -49.51
C SER E 571 21.90 25.91 -49.65
N GLY E 572 22.52 25.15 -50.56
CA GLY E 572 23.94 25.28 -50.84
C GLY E 572 24.86 24.64 -49.83
N VAL E 573 24.35 23.93 -48.85
CA VAL E 573 25.17 23.24 -47.86
C VAL E 573 25.30 21.78 -48.25
N PRO E 574 26.50 21.19 -48.24
CA PRO E 574 26.65 19.78 -48.59
C PRO E 574 26.23 18.87 -47.45
N TYR E 575 25.45 17.85 -47.76
CA TYR E 575 25.02 16.83 -46.82
C TYR E 575 25.43 15.46 -47.32
N HIS E 576 25.88 14.61 -46.43
CA HIS E 576 25.97 13.19 -46.75
C HIS E 576 24.62 12.54 -46.44
N ILE E 577 23.99 11.97 -47.46
CA ILE E 577 22.67 11.40 -47.34
C ILE E 577 22.79 9.91 -47.59
N ALA E 578 22.39 9.11 -46.60
CA ALA E 578 22.61 7.67 -46.64
C ALA E 578 21.34 6.94 -46.22
N ILE E 579 21.13 5.77 -46.81
CA ILE E 579 20.05 4.87 -46.44
C ILE E 579 20.61 3.46 -46.38
N GLY E 580 20.12 2.66 -45.45
CA GLY E 580 20.27 1.23 -45.49
C GLY E 580 18.90 0.61 -45.61
N ALA E 581 18.73 -0.33 -46.55
CA ALA E 581 17.42 -0.91 -46.79
C ALA E 581 17.54 -2.40 -47.02
N LYS E 582 16.71 -3.15 -46.31
CA LYS E 582 16.60 -4.60 -46.45
C LYS E 582 15.23 -4.99 -45.93
N PRO E 583 14.78 -6.20 -46.21
CA PRO E 583 13.48 -6.62 -45.66
C PRO E 583 13.43 -6.39 -44.15
N GLY E 584 12.39 -5.67 -43.71
CA GLY E 584 12.14 -5.40 -42.31
C GLY E 584 13.07 -4.42 -41.62
N TYR E 585 13.83 -3.61 -42.36
CA TYR E 585 14.90 -2.84 -41.74
C TYR E 585 15.32 -1.69 -42.66
N PHE E 586 14.85 -0.48 -42.36
CA PHE E 586 15.15 0.70 -43.17
C PHE E 586 15.61 1.83 -42.25
N TRP E 587 16.73 2.46 -42.61
CA TRP E 587 17.22 3.63 -41.88
C TRP E 587 17.72 4.66 -42.88
N TRP E 588 17.62 5.93 -42.50
CA TRP E 588 18.15 7.01 -43.32
C TRP E 588 18.88 8.00 -42.41
N SER E 589 19.82 8.73 -43.00
CA SER E 589 20.66 9.66 -42.25
C SER E 589 21.05 10.82 -43.16
N ILE E 590 21.04 12.02 -42.61
CA ILE E 590 21.41 13.24 -43.34
C ILE E 590 22.41 14.00 -42.50
N LEU E 591 23.62 14.19 -43.02
CA LEU E 591 24.75 14.66 -42.24
C LEU E 591 25.36 15.90 -42.87
N ASN E 592 25.34 17.02 -42.14
CA ASN E 592 25.99 18.25 -42.57
C ASN E 592 27.50 18.09 -42.46
N ILE E 593 28.19 18.04 -43.61
CA ILE E 593 29.63 17.74 -43.60
C ILE E 593 30.47 18.93 -43.19
N GLN E 594 29.88 20.10 -43.04
CA GLN E 594 30.63 21.26 -42.56
C GLN E 594 30.52 21.45 -41.05
N THR E 595 29.38 21.09 -40.45
CA THR E 595 29.22 21.17 -38.99
C THR E 595 29.27 19.81 -38.30
N GLY E 596 29.13 18.72 -39.04
CA GLY E 596 29.03 17.40 -38.45
C GLY E 596 27.67 17.04 -37.87
N LYS E 597 26.68 17.94 -37.94
CA LYS E 597 25.38 17.68 -37.34
C LYS E 597 24.55 16.74 -38.21
N ARG E 598 23.89 15.79 -37.56
CA ARG E 598 23.23 14.68 -38.22
C ARG E 598 21.79 14.59 -37.75
N ILE E 599 20.90 14.19 -38.67
CA ILE E 599 19.54 13.79 -38.34
C ILE E 599 19.29 12.43 -38.97
N ARG E 600 18.35 11.68 -38.40
CA ARG E 600 18.26 10.26 -38.74
C ARG E 600 16.97 9.66 -38.19
N ARG E 601 16.55 8.57 -38.83
CA ARG E 601 15.45 7.74 -38.36
C ARG E 601 15.68 6.32 -38.84
N SER E 602 15.17 5.36 -38.07
CA SER E 602 15.34 3.94 -38.36
C SER E 602 14.01 3.23 -38.10
N PHE E 603 13.65 2.29 -38.97
CA PHE E 603 12.35 1.65 -38.95
C PHE E 603 12.50 0.14 -38.95
N ARG E 604 12.12 -0.49 -37.85
CA ARG E 604 12.10 -1.94 -37.74
C ARG E 604 10.86 -2.33 -36.97
N GLY E 605 10.48 -3.60 -37.08
CA GLY E 605 9.43 -4.12 -36.23
C GLY E 605 8.10 -3.42 -36.44
N ALA E 606 7.45 -3.04 -35.32
CA ALA E 606 6.09 -2.53 -35.37
C ALA E 606 5.95 -1.24 -36.17
N TYR E 607 7.03 -0.50 -36.43
CA TYR E 607 6.92 0.70 -37.24
C TYR E 607 6.63 0.40 -38.70
N LEU E 608 6.85 -0.83 -39.13
CA LEU E 608 6.62 -1.25 -40.51
C LEU E 608 5.31 -2.00 -40.61
N ALA E 609 4.49 -1.66 -41.60
CA ALA E 609 3.25 -2.39 -41.82
C ALA E 609 3.54 -3.83 -42.26
N VAL E 610 4.54 -4.00 -43.11
CA VAL E 610 5.00 -5.30 -43.59
C VAL E 610 6.51 -5.20 -43.71
N PRO E 611 7.23 -6.32 -43.85
CA PRO E 611 8.69 -6.22 -44.08
C PRO E 611 9.03 -5.64 -45.44
N PHE E 612 8.10 -5.67 -46.40
CA PHE E 612 8.35 -5.26 -47.79
C PHE E 612 9.40 -6.16 -48.43
N ASN E 613 9.18 -7.48 -48.31
CA ASN E 613 10.05 -8.46 -48.94
C ASN E 613 10.16 -8.23 -50.44
N SER E 614 9.04 -7.91 -51.10
CA SER E 614 9.05 -7.86 -52.57
C SER E 614 9.85 -6.70 -53.14
N ILE E 615 10.24 -5.71 -52.33
CA ILE E 615 11.18 -4.72 -52.84
C ILE E 615 12.52 -5.34 -53.19
N PHE E 616 12.83 -6.50 -52.61
CA PHE E 616 14.17 -7.09 -52.65
C PHE E 616 14.21 -8.42 -53.39
N GLY E 617 13.32 -8.61 -54.36
CA GLY E 617 13.28 -9.85 -55.12
C GLY E 617 14.06 -9.81 -56.43
N LEU E 618 15.15 -9.04 -56.46
CA LEU E 618 16.00 -8.93 -57.66
C LEU E 618 15.19 -8.43 -58.86
N THR E 619 14.27 -7.48 -58.60
CA THR E 619 13.46 -6.90 -59.65
C THR E 619 13.56 -5.38 -59.78
N SER E 620 14.08 -4.68 -58.77
CA SER E 620 14.01 -3.23 -58.74
C SER E 620 15.42 -2.66 -58.72
N SER E 621 15.72 -1.79 -59.68
CA SER E 621 17.07 -1.30 -59.87
C SER E 621 17.31 -0.03 -59.04
N LEU E 622 18.58 0.29 -58.83
CA LEU E 622 18.98 1.40 -57.96
C LEU E 622 19.21 2.67 -58.78
N THR E 623 18.67 3.77 -58.29
CA THR E 623 18.85 5.07 -58.95
C THR E 623 19.21 6.14 -57.93
N PHE E 624 20.11 7.03 -58.32
CA PHE E 624 20.45 8.19 -57.52
C PHE E 624 19.86 9.44 -58.15
N PHE E 625 19.21 10.27 -57.32
CA PHE E 625 18.67 11.58 -57.67
C PHE E 625 17.34 11.50 -58.42
N SER E 626 16.73 10.31 -58.48
CA SER E 626 15.43 10.09 -59.12
C SER E 626 15.08 8.61 -58.99
N ASP E 627 14.02 8.17 -59.65
CA ASP E 627 13.82 6.73 -59.79
C ASP E 627 14.15 6.31 -61.21
N SER E 628 13.99 5.02 -61.48
CA SER E 628 14.49 4.44 -62.73
C SER E 628 13.65 4.83 -63.94
N ASN E 629 12.48 5.41 -63.74
CA ASN E 629 11.58 5.73 -64.83
C ASN E 629 11.76 7.18 -65.28
N ALA E 630 11.51 7.42 -66.57
CA ALA E 630 11.65 8.76 -67.13
C ALA E 630 10.72 9.78 -66.48
N GLY E 631 9.60 9.35 -65.92
CA GLY E 631 8.68 10.28 -65.29
C GLY E 631 8.96 10.59 -63.83
N GLY E 632 10.05 10.09 -63.27
CA GLY E 632 10.29 10.27 -61.85
C GLY E 632 10.73 11.69 -61.52
N ASP E 633 10.40 12.09 -60.29
CA ASP E 633 10.91 13.33 -59.72
C ASP E 633 12.44 13.29 -59.64
N ALA E 634 13.05 14.48 -59.63
CA ALA E 634 14.50 14.57 -59.51
C ALA E 634 14.92 15.47 -58.37
N CYS E 635 16.05 16.16 -58.53
CA CYS E 635 16.61 17.01 -57.49
C CYS E 635 17.03 18.35 -58.08
N SER E 636 17.30 19.29 -57.18
CA SER E 636 17.89 20.59 -57.52
C SER E 636 19.15 20.75 -56.68
N GLY E 637 20.28 20.96 -57.35
CA GLY E 637 21.54 21.12 -56.67
C GLY E 637 22.69 20.40 -57.34
N VAL E 638 23.56 19.79 -56.54
CA VAL E 638 24.76 19.13 -57.05
C VAL E 638 24.93 17.80 -56.32
N GLY E 639 25.41 16.80 -57.04
CA GLY E 639 25.65 15.49 -56.46
C GLY E 639 27.12 15.12 -56.58
N ALA E 640 27.59 14.33 -55.62
CA ALA E 640 28.98 13.90 -55.61
C ALA E 640 29.11 12.65 -54.76
N LYS E 641 30.18 11.90 -55.03
CA LYS E 641 30.58 10.77 -54.19
C LYS E 641 29.41 9.81 -53.96
N VAL E 642 28.88 9.30 -55.08
CA VAL E 642 27.81 8.32 -55.02
C VAL E 642 28.39 6.98 -54.58
N TYR E 643 27.76 6.35 -53.58
CA TYR E 643 28.22 5.09 -53.03
C TYR E 643 27.09 4.07 -53.01
N VAL E 644 27.38 2.88 -53.53
CA VAL E 644 26.50 1.72 -53.42
C VAL E 644 27.28 0.62 -52.74
N GLY E 645 26.71 0.04 -51.69
CA GLY E 645 27.29 -1.13 -51.05
C GLY E 645 26.21 -2.12 -50.67
N MET E 646 26.66 -3.31 -50.28
CA MET E 646 25.76 -4.24 -49.62
C MET E 646 25.40 -3.68 -48.24
N PHE E 647 24.41 -4.31 -47.60
CA PHE E 647 23.76 -3.70 -46.43
C PHE E 647 24.72 -3.43 -45.29
N SER E 648 24.69 -2.20 -44.79
CA SER E 648 25.36 -1.79 -43.56
C SER E 648 24.32 -1.30 -42.55
N SER E 649 24.48 -1.70 -41.29
CA SER E 649 23.67 -1.11 -40.23
C SER E 649 24.00 0.36 -40.09
N GLU E 650 23.09 1.11 -39.47
CA GLU E 650 23.42 2.49 -39.11
C GLU E 650 24.59 2.53 -38.15
N ASN E 651 24.73 1.49 -37.31
CA ASN E 651 25.90 1.34 -36.46
C ASN E 651 27.19 1.46 -37.27
N ASP E 652 27.35 0.61 -38.29
CA ASP E 652 28.55 0.64 -39.10
C ASP E 652 28.65 1.95 -39.89
N TYR E 653 27.51 2.46 -40.38
CA TYR E 653 27.56 3.75 -41.08
C TYR E 653 28.12 4.84 -40.17
N VAL E 654 27.56 4.98 -38.98
CA VAL E 654 28.04 6.00 -38.04
C VAL E 654 29.51 5.75 -37.69
N ALA E 655 29.88 4.50 -37.41
CA ALA E 655 31.27 4.21 -37.09
C ALA E 655 32.19 4.69 -38.21
N SER E 656 31.81 4.45 -39.47
CA SER E 656 32.66 4.84 -40.59
C SER E 656 32.76 6.36 -40.74
N ARG E 657 31.74 7.11 -40.31
CA ARG E 657 31.84 8.57 -40.38
C ARG E 657 32.95 9.09 -39.48
N TYR E 658 33.35 8.36 -38.45
CA TYR E 658 34.47 8.79 -37.63
C TYR E 658 35.78 8.75 -38.41
N TYR E 659 35.88 7.94 -39.47
CA TYR E 659 37.04 8.02 -40.34
C TYR E 659 36.99 9.29 -41.19
N ASN E 660 35.83 9.62 -41.73
CA ASN E 660 35.67 10.66 -42.72
C ASN E 660 34.18 10.81 -43.05
N LEU E 661 33.70 12.04 -43.19
CA LEU E 661 32.25 12.24 -43.27
C LEU E 661 31.64 11.83 -44.60
N ILE E 662 32.42 11.74 -45.68
CA ILE E 662 31.86 11.57 -47.01
C ILE E 662 32.40 10.38 -47.77
N ASN E 663 33.32 9.60 -47.21
CA ASN E 663 33.90 8.48 -47.92
C ASN E 663 32.96 7.28 -47.93
N PRO E 664 33.27 6.25 -48.72
CA PRO E 664 32.46 5.02 -48.71
C PRO E 664 32.31 4.44 -47.31
N VAL E 665 31.20 3.71 -47.11
CA VAL E 665 30.87 3.20 -45.78
C VAL E 665 31.77 2.02 -45.40
N ASP E 666 31.84 1.01 -46.27
CA ASP E 666 32.50 -0.26 -45.93
C ASP E 666 33.20 -0.81 -47.16
N PRO E 667 34.52 -0.64 -47.27
CA PRO E 667 35.23 -1.17 -48.43
C PRO E 667 34.95 -2.63 -48.73
N THR E 668 34.71 -3.46 -47.72
CA THR E 668 34.45 -4.87 -48.00
C THR E 668 33.07 -5.10 -48.60
N LYS E 669 32.17 -4.11 -48.51
CA LYS E 669 30.84 -4.21 -49.08
C LYS E 669 30.63 -3.29 -50.27
N LEU E 670 31.67 -2.56 -50.68
CA LEU E 670 31.55 -1.54 -51.71
C LEU E 670 31.21 -2.19 -53.05
N ILE E 671 30.15 -1.69 -53.69
CA ILE E 671 29.74 -2.14 -55.01
C ILE E 671 30.06 -1.10 -56.07
N SER E 672 29.92 0.18 -55.74
CA SER E 672 30.22 1.28 -56.65
C SER E 672 30.59 2.51 -55.84
N TYR E 673 31.53 3.29 -56.37
CA TYR E 673 31.88 4.58 -55.78
C TYR E 673 32.32 5.50 -56.92
N ARG E 674 31.51 6.53 -57.19
CA ARG E 674 31.76 7.45 -58.29
C ARG E 674 31.91 8.85 -57.73
N ILE E 675 33.07 9.46 -57.95
CA ILE E 675 33.34 10.80 -57.43
C ILE E 675 32.43 11.83 -58.10
N LEU E 676 32.28 11.74 -59.41
CA LEU E 676 31.48 12.66 -60.21
C LEU E 676 32.13 14.04 -60.36
N ASP E 677 33.46 14.09 -60.33
CA ASP E 677 34.19 15.32 -60.60
C ASP E 677 34.48 15.39 -62.10
N SER E 678 33.46 15.80 -62.86
CA SER E 678 33.54 15.91 -64.31
C SER E 678 33.70 14.54 -64.97
N SER E 679 33.22 13.49 -64.33
CA SER E 679 33.13 12.18 -64.95
C SER E 679 32.03 11.41 -64.23
N ILE E 680 31.61 10.31 -64.83
CA ILE E 680 30.54 9.49 -64.26
C ILE E 680 31.11 8.19 -63.77
N SER F 2 30.09 -10.46 66.54
CA SER F 2 28.87 -11.10 67.00
C SER F 2 27.87 -11.24 65.83
N GLY F 3 27.14 -12.35 65.83
CA GLY F 3 26.45 -12.75 64.62
C GLY F 3 27.39 -13.14 63.50
N SER F 4 28.70 -13.21 63.78
CA SER F 4 29.68 -13.53 62.75
C SER F 4 29.70 -15.01 62.40
N ASP F 5 29.12 -15.89 63.22
CA ASP F 5 29.01 -17.28 62.81
C ASP F 5 28.00 -17.43 61.68
N SER F 6 26.83 -16.79 61.79
CA SER F 6 25.84 -16.86 60.72
C SER F 6 26.28 -16.05 59.50
N PHE F 7 27.00 -14.94 59.71
CA PHE F 7 27.56 -14.21 58.57
C PHE F 7 28.44 -15.12 57.73
N ILE F 8 29.34 -15.86 58.36
CA ILE F 8 30.23 -16.74 57.61
C ILE F 8 29.43 -17.87 56.98
N ASN F 9 28.32 -18.29 57.59
CA ASN F 9 27.50 -19.33 56.96
C ASN F 9 26.86 -18.82 55.68
N VAL F 10 26.40 -17.56 55.68
CA VAL F 10 25.86 -16.99 54.43
C VAL F 10 26.96 -16.92 53.38
N ILE F 11 28.12 -16.37 53.74
CA ILE F 11 29.23 -16.27 52.80
C ILE F 11 29.68 -17.64 52.31
N ASN F 12 29.71 -18.63 53.21
CA ASN F 12 30.09 -19.97 52.75
C ASN F 12 29.08 -20.50 51.74
N THR F 13 27.79 -20.25 51.98
CA THR F 13 26.74 -20.78 51.11
C THR F 13 26.73 -20.10 49.75
N LEU F 14 26.72 -18.76 49.73
CA LEU F 14 26.73 -18.05 48.45
C LEU F 14 28.01 -18.35 47.68
N GLY F 15 29.07 -18.70 48.39
CA GLY F 15 30.39 -19.00 47.87
C GLY F 15 30.58 -20.40 47.34
N ARG F 16 29.58 -21.28 47.42
CA ARG F 16 29.78 -22.60 46.84
C ARG F 16 29.87 -22.50 45.32
N ASN F 17 30.40 -23.55 44.71
CA ASN F 17 30.57 -23.54 43.26
C ASN F 17 29.27 -23.26 42.53
N ASP F 18 28.15 -23.75 43.06
CA ASP F 18 26.84 -23.55 42.45
C ASP F 18 26.09 -22.35 43.03
N GLY F 19 26.81 -21.46 43.72
CA GLY F 19 26.19 -20.37 44.46
C GLY F 19 25.33 -19.44 43.63
N ALA F 20 25.57 -19.37 42.32
CA ALA F 20 24.76 -18.51 41.48
C ALA F 20 23.27 -18.87 41.55
N LYS F 21 22.95 -20.11 41.91
CA LYS F 21 21.55 -20.53 41.98
C LYS F 21 20.77 -19.78 43.05
N TYR F 22 21.45 -19.10 43.98
CA TYR F 22 20.74 -18.41 45.05
C TYR F 22 20.22 -17.04 44.64
N ILE F 23 20.61 -16.52 43.47
CA ILE F 23 20.08 -15.25 42.98
C ILE F 23 18.83 -15.53 42.16
N GLY F 24 17.70 -14.98 42.61
CA GLY F 24 16.44 -15.20 41.92
C GLY F 24 16.40 -14.55 40.55
N GLU F 25 15.35 -14.86 39.80
CA GLU F 25 15.21 -14.39 38.43
C GLU F 25 13.75 -14.42 38.01
N CYS F 26 13.41 -13.59 37.02
CA CYS F 26 12.10 -13.69 36.40
C CYS F 26 12.07 -14.90 35.48
N HIS F 27 11.01 -15.70 35.57
CA HIS F 27 10.96 -16.87 34.70
C HIS F 27 10.25 -16.59 33.38
N SER F 28 9.82 -15.36 33.13
CA SER F 28 9.18 -15.04 31.86
C SER F 28 9.08 -13.53 31.72
N VAL F 29 8.86 -13.11 30.46
CA VAL F 29 8.63 -11.71 30.13
C VAL F 29 7.32 -11.22 30.75
N ALA F 30 6.36 -12.12 30.98
CA ALA F 30 5.12 -11.73 31.62
C ALA F 30 5.35 -11.26 33.06
N ASP F 31 6.16 -12.01 33.82
CA ASP F 31 6.50 -11.57 35.17
C ASP F 31 7.20 -10.22 35.15
N LEU F 32 8.08 -10.03 34.16
CA LEU F 32 8.84 -8.78 34.08
C LEU F 32 7.92 -7.58 34.04
N ARG F 33 6.79 -7.69 33.33
CA ARG F 33 5.84 -6.60 33.28
C ARG F 33 5.17 -6.35 34.62
N ASN F 34 5.19 -7.33 35.53
CA ASN F 34 4.61 -7.19 36.84
C ASN F 34 5.67 -7.04 37.94
N THR F 35 6.94 -6.87 37.57
CA THR F 35 8.03 -6.66 38.52
C THR F 35 8.48 -5.22 38.39
N GLU F 36 8.20 -4.40 39.40
CA GLU F 36 8.52 -2.98 39.39
C GLU F 36 9.90 -2.75 39.99
N PRO F 37 10.80 -2.08 39.28
CA PRO F 37 12.11 -1.76 39.86
C PRO F 37 11.99 -0.75 40.99
N THR F 38 12.88 -0.88 41.98
CA THR F 38 12.94 0.04 43.11
C THR F 38 14.15 0.96 43.05
N MET F 39 14.89 0.94 41.94
CA MET F 39 16.09 1.76 41.79
C MET F 39 16.40 1.87 40.30
N ASP F 40 16.90 3.03 39.89
CA ASP F 40 17.14 3.26 38.47
C ASP F 40 18.38 2.52 38.03
N GLY F 41 18.34 2.00 36.80
CA GLY F 41 19.41 1.15 36.31
C GLY F 41 19.47 -0.21 36.98
N GLN F 42 18.42 -0.60 37.68
CA GLN F 42 18.40 -1.87 38.39
C GLN F 42 18.63 -3.04 37.44
N ARG F 43 19.52 -3.95 37.84
CA ARG F 43 19.79 -5.17 37.09
C ARG F 43 18.82 -6.27 37.53
N ILE F 44 18.30 -7.01 36.55
CA ILE F 44 17.45 -8.16 36.80
C ILE F 44 17.79 -9.24 35.80
N ILE F 45 17.66 -10.50 36.23
CA ILE F 45 17.94 -11.65 35.37
C ILE F 45 16.61 -12.18 34.84
N LEU F 46 16.52 -12.36 33.53
CA LEU F 46 15.37 -13.00 32.93
C LEU F 46 15.77 -14.41 32.54
N LYS F 47 15.08 -15.40 33.11
CA LYS F 47 15.42 -16.79 32.87
C LYS F 47 15.12 -17.19 31.42
N GLN F 48 14.02 -16.70 30.87
CA GLN F 48 13.58 -17.08 29.54
C GLN F 48 12.48 -16.09 29.12
N HIS F 49 12.24 -16.04 27.81
CA HIS F 49 11.18 -15.18 27.30
C HIS F 49 9.80 -15.70 27.65
N THR F 50 9.53 -16.97 27.31
CA THR F 50 8.21 -17.56 27.48
C THR F 50 8.30 -18.72 28.46
N ALA F 51 7.31 -18.81 29.35
CA ALA F 51 7.33 -19.82 30.41
C ALA F 51 7.55 -21.22 29.82
N GLY F 52 8.51 -21.94 30.39
CA GLY F 52 8.72 -23.33 30.05
C GLY F 52 9.57 -23.59 28.82
N THR F 53 10.37 -22.61 28.38
CA THR F 53 11.15 -22.75 27.16
C THR F 53 12.65 -22.77 27.35
N LEU F 54 13.18 -22.09 28.37
CA LEU F 54 14.62 -21.93 28.59
C LEU F 54 15.30 -21.22 27.41
N LEU F 55 14.53 -20.47 26.62
CA LEU F 55 15.06 -19.68 25.51
C LEU F 55 14.77 -18.20 25.71
N GLY F 56 15.67 -17.37 25.20
CA GLY F 56 15.42 -15.94 25.20
C GLY F 56 15.68 -15.23 26.49
N GLY F 57 16.25 -15.89 27.50
CA GLY F 57 16.63 -15.24 28.73
C GLY F 57 17.75 -14.24 28.50
N GLY F 58 18.11 -13.55 29.57
CA GLY F 58 19.15 -12.53 29.49
C GLY F 58 19.10 -11.64 30.71
N VAL F 59 19.80 -10.50 30.60
CA VAL F 59 19.86 -9.50 31.66
C VAL F 59 19.18 -8.24 31.16
N PHE F 60 18.39 -7.61 32.03
CA PHE F 60 17.72 -6.35 31.75
C PHE F 60 18.10 -5.31 32.79
N ARG F 61 18.01 -4.04 32.41
CA ARG F 61 18.23 -2.92 33.32
C ARG F 61 17.04 -1.97 33.22
N ALA F 62 16.70 -1.36 34.36
CA ALA F 62 15.46 -0.63 34.51
C ALA F 62 15.64 0.86 34.26
N LEU F 63 14.60 1.46 33.68
CA LEU F 63 14.37 2.90 33.75
C LEU F 63 13.08 3.12 34.52
N ILE F 64 13.17 3.75 35.69
CA ILE F 64 11.95 3.99 36.47
C ILE F 64 10.94 4.78 35.64
N ASP F 65 11.42 5.77 34.90
CA ASP F 65 10.58 6.56 34.01
C ASP F 65 10.67 5.95 32.61
N GLY F 66 9.61 5.25 32.20
CA GLY F 66 9.53 4.59 30.91
C GLY F 66 8.90 5.40 29.80
N THR F 67 8.62 6.68 30.02
CA THR F 67 8.08 7.54 28.98
C THR F 67 8.99 7.55 27.75
N GLY F 68 8.36 7.49 26.57
CA GLY F 68 9.10 7.49 25.32
C GLY F 68 9.59 6.14 24.85
N LYS F 69 9.50 5.11 25.69
CA LYS F 69 9.84 3.74 25.32
C LYS F 69 8.57 2.96 25.04
N THR F 70 8.63 2.08 24.04
CA THR F 70 7.49 1.26 23.66
C THR F 70 7.82 -0.21 23.85
N ASP F 71 6.90 -0.95 24.48
CA ASP F 71 7.05 -2.38 24.68
C ASP F 71 7.06 -3.11 23.34
N ASN F 72 8.12 -3.88 23.09
CA ASN F 72 8.25 -4.63 21.84
C ASN F 72 8.33 -6.15 22.04
N ASN F 73 8.13 -6.63 23.27
CA ASN F 73 8.05 -8.06 23.57
C ASN F 73 9.38 -8.79 23.44
N GLY F 74 10.51 -8.08 23.42
CA GLY F 74 11.79 -8.74 23.30
C GLY F 74 12.97 -8.02 23.94
N THR F 75 13.11 -6.71 23.65
CA THR F 75 14.22 -5.94 24.19
C THR F 75 13.78 -4.72 25.00
N VAL F 76 12.51 -4.32 24.90
CA VAL F 76 11.94 -3.27 25.73
C VAL F 76 10.66 -3.84 26.32
N ILE F 77 10.65 -4.04 27.64
CA ILE F 77 9.52 -4.64 28.35
C ILE F 77 9.00 -3.64 29.36
N LYS F 78 7.71 -3.34 29.27
CA LYS F 78 7.08 -2.29 30.05
C LYS F 78 6.36 -2.86 31.26
N THR F 79 6.50 -2.19 32.41
CA THR F 79 5.77 -2.56 33.61
C THR F 79 4.43 -1.83 33.62
N VAL F 80 3.51 -2.34 34.44
CA VAL F 80 2.23 -1.65 34.61
C VAL F 80 2.42 -0.25 35.17
N GLY F 81 3.42 -0.06 36.02
CA GLY F 81 3.73 1.24 36.59
C GLY F 81 4.46 2.21 35.67
N GLY F 82 4.72 1.83 34.42
CA GLY F 82 5.35 2.72 33.48
C GLY F 82 6.85 2.64 33.41
N ALA F 83 7.47 1.72 34.13
CA ALA F 83 8.90 1.49 34.00
C ALA F 83 9.19 0.69 32.73
N ALA F 84 10.45 0.73 32.30
CA ALA F 84 10.89 0.00 31.12
C ALA F 84 12.09 -0.86 31.49
N TRP F 85 11.97 -2.17 31.27
CA TRP F 85 13.11 -3.08 31.38
C TRP F 85 13.79 -3.17 30.02
N LEU F 86 15.07 -2.84 29.96
CA LEU F 86 15.82 -2.78 28.71
C LEU F 86 16.80 -3.94 28.66
N ARG F 87 16.71 -4.77 27.62
CA ARG F 87 17.62 -5.89 27.49
C ARG F 87 19.04 -5.38 27.31
N VAL F 88 19.97 -5.94 28.07
CA VAL F 88 21.38 -5.63 27.87
C VAL F 88 21.80 -6.32 26.56
N ASN F 89 21.97 -5.52 25.51
CA ASN F 89 22.27 -6.05 24.19
C ASN F 89 22.72 -4.93 23.26
N ALA F 90 24.05 -4.79 23.11
CA ALA F 90 24.60 -3.65 22.36
C ALA F 90 24.36 -3.78 20.85
N ASP F 91 24.48 -5.00 20.31
CA ASP F 91 24.51 -5.17 18.85
C ASP F 91 23.24 -5.80 18.31
N ARG F 92 23.34 -6.97 17.68
CA ARG F 92 22.22 -7.50 16.91
C ARG F 92 21.21 -8.22 17.81
N VAL F 93 19.98 -8.27 17.33
CA VAL F 93 18.91 -9.02 17.96
C VAL F 93 18.79 -10.37 17.25
N ASN F 94 18.22 -11.35 17.94
CA ASN F 94 17.90 -12.61 17.30
C ASN F 94 16.50 -13.04 17.70
N PRO F 95 15.86 -13.93 16.93
CA PRO F 95 14.44 -14.22 17.16
C PRO F 95 14.12 -14.77 18.53
N PHE F 96 15.05 -15.50 19.17
CA PHE F 96 14.75 -16.07 20.48
C PHE F 96 14.50 -14.99 21.52
N MET F 97 15.07 -13.80 21.35
CA MET F 97 14.80 -12.70 22.27
C MET F 97 13.34 -12.29 22.26
N PHE F 98 12.62 -12.57 21.18
CA PHE F 98 11.22 -12.18 21.06
C PHE F 98 10.27 -13.36 21.19
N GLY F 99 10.75 -14.50 21.66
CA GLY F 99 9.90 -15.65 21.89
C GLY F 99 9.97 -16.74 20.85
N ALA F 100 10.87 -16.65 19.88
CA ALA F 100 11.03 -17.73 18.91
C ALA F 100 11.37 -19.02 19.62
N LEU F 101 10.88 -20.14 19.07
CA LEU F 101 11.15 -21.44 19.64
C LEU F 101 11.99 -22.35 18.76
N GLY F 102 12.14 -22.04 17.47
CA GLY F 102 12.83 -22.95 16.59
C GLY F 102 12.02 -24.22 16.40
N GLY F 103 12.70 -25.26 15.96
CA GLY F 103 12.01 -26.52 15.70
C GLY F 103 10.92 -26.31 14.66
N SER F 104 9.74 -26.84 14.95
CA SER F 104 8.60 -26.75 14.04
C SER F 104 7.67 -25.58 14.37
N ASN F 105 8.05 -24.74 15.34
CA ASN F 105 7.17 -23.64 15.72
C ASN F 105 7.15 -22.54 14.66
N ASP F 106 5.99 -21.92 14.53
CA ASP F 106 5.80 -20.74 13.70
C ASP F 106 6.41 -19.54 14.41
N ASP F 107 7.59 -19.11 13.96
CA ASP F 107 8.31 -17.99 14.56
C ASP F 107 8.14 -16.69 13.79
N THR F 108 7.06 -16.55 13.02
CA THR F 108 6.84 -15.37 12.18
C THR F 108 6.95 -14.08 12.97
N ILE F 109 6.21 -13.97 14.07
CA ILE F 109 6.08 -12.72 14.82
C ILE F 109 7.41 -12.38 15.49
N PRO F 110 8.10 -13.34 16.13
CA PRO F 110 9.46 -13.06 16.62
C PRO F 110 10.42 -12.56 15.56
N VAL F 111 10.41 -13.15 14.37
CA VAL F 111 11.32 -12.70 13.31
C VAL F 111 10.93 -11.31 12.84
N GLN F 112 9.62 -11.10 12.60
CA GLN F 112 9.15 -9.78 12.20
C GLN F 112 9.54 -8.75 13.24
N SER F 113 9.43 -9.08 14.52
CA SER F 113 9.81 -8.16 15.58
C SER F 113 11.28 -7.77 15.48
N CYS F 114 12.14 -8.72 15.12
CA CYS F 114 13.57 -8.44 14.97
C CYS F 114 13.82 -7.40 13.88
N VAL F 115 13.29 -7.63 12.68
CA VAL F 115 13.58 -6.74 11.56
C VAL F 115 12.90 -5.37 11.71
N ASP F 116 11.94 -5.27 12.63
CA ASP F 116 11.34 -3.98 12.98
C ASP F 116 11.98 -3.35 14.21
N SER F 117 13.00 -3.98 14.79
CA SER F 117 13.44 -3.59 16.12
C SER F 117 14.21 -2.28 16.14
N GLY F 118 14.80 -1.87 15.02
CA GLY F 118 15.74 -0.77 15.02
C GLY F 118 17.19 -1.22 15.01
N LYS F 119 17.45 -2.52 14.94
CA LYS F 119 18.78 -3.07 14.84
C LYS F 119 18.80 -4.21 13.82
N ALA F 120 20.00 -4.57 13.37
CA ALA F 120 20.14 -5.73 12.51
C ALA F 120 19.77 -7.01 13.25
N THR F 121 19.37 -8.02 12.48
CA THR F 121 18.97 -9.31 13.00
C THR F 121 20.05 -10.35 12.74
N GLN F 122 20.32 -11.19 13.74
CA GLN F 122 21.18 -12.35 13.57
C GLN F 122 20.32 -13.62 13.56
N LEU F 123 20.42 -14.41 12.48
CA LEU F 123 19.84 -15.75 12.47
C LEU F 123 20.87 -16.74 13.00
N THR F 124 20.56 -17.36 14.13
CA THR F 124 21.44 -18.33 14.77
C THR F 124 20.98 -19.76 14.56
N ASP F 125 19.92 -19.96 13.80
CA ASP F 125 19.19 -21.23 13.80
C ASP F 125 18.28 -21.20 12.58
N ALA F 126 17.50 -22.27 12.40
CA ALA F 126 16.45 -22.30 11.38
C ALA F 126 15.13 -21.87 12.00
N HIS F 127 14.42 -20.96 11.32
CA HIS F 127 13.17 -20.44 11.82
C HIS F 127 12.07 -20.55 10.77
N TYR F 128 10.97 -21.22 11.12
CA TYR F 128 9.78 -21.20 10.28
C TYR F 128 9.08 -19.85 10.35
N VAL F 129 8.67 -19.37 9.17
CA VAL F 129 7.91 -18.14 9.05
C VAL F 129 6.86 -18.33 7.96
N SER F 130 5.88 -17.44 7.94
CA SER F 130 4.92 -17.37 6.85
C SER F 130 5.32 -16.30 5.83
N ASN F 131 5.32 -15.04 6.25
CA ASN F 131 5.72 -13.91 5.40
C ASN F 131 6.36 -12.86 6.29
N ILE F 132 7.48 -12.30 5.84
CA ILE F 132 8.25 -11.31 6.59
C ILE F 132 8.42 -10.06 5.74
N GLN F 133 8.48 -8.90 6.38
CA GLN F 133 8.64 -7.63 5.68
C GLN F 133 9.84 -6.86 6.20
N LEU F 134 10.69 -6.41 5.28
CA LEU F 134 11.82 -5.55 5.60
C LEU F 134 11.47 -4.12 5.25
N LYS F 135 11.42 -3.24 6.25
CA LYS F 135 10.89 -1.90 6.07
C LYS F 135 11.89 -0.76 6.28
N TYR F 136 13.00 -0.99 6.99
CA TYR F 136 13.81 0.10 7.49
C TYR F 136 15.27 -0.09 7.07
N ASN F 137 16.04 1.00 7.18
CA ASN F 137 17.47 0.89 6.93
C ASN F 137 18.20 0.14 8.05
N THR F 138 17.49 -0.24 9.11
CA THR F 138 18.05 -1.11 10.13
C THR F 138 17.70 -2.57 9.91
N SER F 139 16.90 -2.88 8.88
CA SER F 139 16.36 -4.22 8.68
C SER F 139 17.35 -5.20 8.05
N SER F 140 18.63 -5.10 8.37
CA SER F 140 19.60 -6.07 7.88
C SER F 140 19.38 -7.43 8.56
N ILE F 141 19.83 -8.48 7.87
CA ILE F 141 19.75 -9.83 8.41
C ILE F 141 21.07 -10.53 8.15
N TYR F 142 21.64 -11.14 9.19
CA TYR F 142 22.89 -11.87 9.11
C TYR F 142 22.73 -13.29 9.63
N GLY F 143 23.30 -14.25 8.93
CA GLY F 143 23.41 -15.60 9.43
C GLY F 143 24.86 -16.02 9.55
N SER F 144 25.11 -17.33 9.48
CA SER F 144 26.48 -17.83 9.52
C SER F 144 26.69 -18.94 8.51
N GLY F 145 25.88 -19.01 7.47
CA GLY F 145 25.96 -20.08 6.51
C GLY F 145 24.77 -20.09 5.57
N LEU F 146 24.92 -20.75 4.42
CA LEU F 146 23.87 -20.77 3.41
C LEU F 146 22.77 -21.78 3.74
N HIS F 147 22.87 -22.49 4.86
CA HIS F 147 21.91 -23.56 5.14
C HIS F 147 21.41 -23.55 6.58
N TYR F 148 22.32 -23.66 7.56
CA TYR F 148 21.87 -23.98 8.90
C TYR F 148 21.23 -22.80 9.60
N SER F 149 21.63 -21.58 9.30
CA SER F 149 20.94 -20.38 9.74
C SER F 149 20.04 -19.90 8.60
N ARG F 150 18.72 -19.91 8.82
CA ARG F 150 17.85 -19.66 7.68
C ARG F 150 16.45 -19.32 8.15
N LEU F 151 15.70 -18.69 7.25
CA LEU F 151 14.25 -18.64 7.33
C LEU F 151 13.68 -19.74 6.45
N HIS F 152 12.57 -20.34 6.89
CA HIS F 152 11.94 -21.45 6.18
C HIS F 152 10.44 -21.20 6.14
N GLN F 153 9.88 -21.08 4.94
CA GLN F 153 8.46 -20.77 4.79
C GLN F 153 7.61 -21.99 5.15
N LEU F 154 6.57 -21.76 5.95
CA LEU F 154 5.68 -22.84 6.38
C LEU F 154 4.95 -23.48 5.20
N PRO F 155 4.69 -24.78 5.26
CA PRO F 155 3.96 -25.44 4.16
C PRO F 155 2.60 -24.82 3.90
N SER F 156 1.98 -24.21 4.92
CA SER F 156 0.66 -23.61 4.83
C SER F 156 0.67 -22.16 4.32
N ALA F 157 1.83 -21.53 4.21
CA ALA F 157 1.90 -20.15 3.77
C ALA F 157 2.03 -20.06 2.25
N THR F 158 1.48 -18.99 1.68
CA THR F 158 1.71 -18.66 0.28
C THR F 158 2.31 -17.25 0.18
N GLY F 159 2.60 -16.82 -1.05
CA GLY F 159 3.14 -15.49 -1.25
C GLY F 159 4.63 -15.39 -0.98
N ASN F 160 5.06 -14.17 -0.68
CA ASN F 160 6.49 -13.85 -0.55
C ASN F 160 6.97 -14.20 0.85
N CYS F 161 8.00 -15.06 0.93
CA CYS F 161 8.63 -15.35 2.21
C CYS F 161 9.22 -14.08 2.81
N ILE F 162 10.03 -13.37 2.02
CA ILE F 162 10.56 -12.06 2.39
C ILE F 162 10.16 -11.05 1.33
N THR F 163 9.64 -9.91 1.77
CA THR F 163 9.36 -8.78 0.89
C THR F 163 10.21 -7.60 1.35
N ILE F 164 10.97 -7.03 0.42
CA ILE F 164 11.70 -5.80 0.70
C ILE F 164 10.83 -4.62 0.27
N LYS F 165 10.36 -3.85 1.25
CA LYS F 165 9.47 -2.73 1.00
C LYS F 165 10.26 -1.53 0.47
N ASP F 166 9.55 -0.63 -0.19
CA ASP F 166 10.20 0.50 -0.84
C ASP F 166 10.59 1.61 0.13
N THR F 167 10.40 1.40 1.43
CA THR F 167 10.97 2.26 2.45
C THR F 167 12.32 1.77 2.94
N CYS F 168 12.74 0.57 2.52
CA CYS F 168 13.89 -0.11 3.08
C CYS F 168 15.09 0.05 2.14
N SER F 169 16.13 0.72 2.62
CA SER F 169 17.35 0.91 1.83
C SER F 169 18.57 0.68 2.69
N LEU F 170 19.68 0.39 2.01
CA LEU F 170 21.00 0.43 2.61
C LEU F 170 21.20 -0.66 3.66
N ILE F 171 20.47 -1.76 3.53
CA ILE F 171 20.60 -2.88 4.42
C ILE F 171 21.55 -3.91 3.80
N VAL F 172 21.96 -4.89 4.60
CA VAL F 172 22.74 -6.03 4.14
C VAL F 172 21.96 -7.29 4.47
N LEU F 173 21.87 -8.21 3.51
CA LEU F 173 21.40 -9.56 3.75
C LEU F 173 22.58 -10.49 3.47
N ASP F 174 23.09 -11.15 4.51
CA ASP F 174 24.36 -11.85 4.37
C ASP F 174 24.35 -13.22 5.03
N ALA F 175 24.69 -14.24 4.26
CA ALA F 175 25.05 -15.56 4.79
C ALA F 175 23.92 -16.19 5.58
N PHE F 176 22.77 -16.34 4.93
CA PHE F 176 21.69 -17.15 5.48
C PHE F 176 20.90 -17.76 4.34
N GLY F 177 20.06 -18.71 4.68
CA GLY F 177 19.23 -19.39 3.70
C GLY F 177 17.79 -18.91 3.76
N VAL F 178 17.10 -19.02 2.63
CA VAL F 178 15.67 -18.75 2.54
C VAL F 178 15.06 -19.95 1.83
N TYR F 179 14.37 -20.80 2.59
CA TYR F 179 13.90 -22.09 2.10
C TYR F 179 12.38 -22.14 2.04
N GLY F 180 11.86 -22.78 0.98
CA GLY F 180 10.45 -23.06 0.85
C GLY F 180 10.15 -24.55 0.89
N THR F 181 8.89 -24.88 0.59
CA THR F 181 8.45 -26.27 0.74
C THR F 181 9.31 -27.23 -0.07
N GLY F 182 9.78 -26.81 -1.25
CA GLY F 182 10.53 -27.71 -2.10
C GLY F 182 12.04 -27.59 -2.02
N ALA F 183 12.57 -27.14 -0.89
CA ALA F 183 13.99 -26.84 -0.81
C ALA F 183 14.84 -28.10 -1.01
N GLN F 184 14.42 -29.22 -0.44
CA GLN F 184 15.15 -30.47 -0.65
C GLN F 184 14.93 -30.97 -2.08
N GLN F 185 16.00 -31.47 -2.69
CA GLN F 185 15.92 -31.86 -4.09
C GLN F 185 14.87 -32.95 -4.27
N GLY F 186 14.13 -32.87 -5.38
CA GLY F 186 13.14 -33.88 -5.69
C GLY F 186 11.85 -33.81 -4.90
N THR F 187 11.63 -32.74 -4.13
CA THR F 187 10.41 -32.60 -3.33
C THR F 187 9.46 -31.61 -3.99
N SER F 188 8.22 -31.59 -3.51
CA SER F 188 7.16 -30.79 -4.08
C SER F 188 7.09 -29.41 -3.43
N PHE F 189 6.28 -28.54 -4.04
CA PHE F 189 6.24 -27.12 -3.72
C PHE F 189 4.88 -26.74 -3.15
N THR F 190 4.81 -25.53 -2.58
CA THR F 190 3.55 -24.90 -2.23
C THR F 190 3.24 -23.84 -3.28
N ALA F 191 2.05 -23.92 -3.87
CA ALA F 191 1.70 -23.05 -4.98
C ALA F 191 1.70 -21.57 -4.56
N GLY F 192 2.20 -20.71 -5.44
CA GLY F 192 2.10 -19.28 -5.25
C GLY F 192 3.17 -18.65 -4.39
N THR F 193 4.29 -19.32 -4.15
CA THR F 193 5.28 -18.81 -3.23
C THR F 193 6.47 -18.21 -3.97
N THR F 194 7.10 -17.23 -3.32
CA THR F 194 8.29 -16.54 -3.77
C THR F 194 9.24 -16.40 -2.58
N GLY F 195 10.53 -16.56 -2.84
CA GLY F 195 11.52 -16.43 -1.79
C GLY F 195 11.68 -15.02 -1.31
N ILE F 196 12.22 -14.16 -2.18
CA ILE F 196 12.44 -12.74 -1.88
C ILE F 196 11.82 -11.91 -3.00
N TYR F 197 10.96 -10.96 -2.62
CA TYR F 197 10.33 -10.04 -3.54
C TYR F 197 10.74 -8.62 -3.19
N VAL F 198 11.21 -7.87 -4.19
CA VAL F 198 11.52 -6.45 -4.01
C VAL F 198 10.41 -5.68 -4.73
N GLU F 199 9.53 -5.05 -3.95
CA GLU F 199 8.32 -4.47 -4.51
C GLU F 199 8.64 -3.21 -5.31
N THR F 200 7.70 -2.84 -6.17
CA THR F 200 7.86 -1.64 -6.99
C THR F 200 7.66 -0.37 -6.14
N PRO F 201 8.59 0.58 -6.17
CA PRO F 201 8.43 1.79 -5.36
C PRO F 201 7.22 2.61 -5.79
N SER F 202 6.57 3.23 -4.82
CA SER F 202 5.40 4.05 -5.06
C SER F 202 5.69 5.55 -5.02
N GLY F 203 6.94 5.95 -4.82
CA GLY F 203 7.25 7.36 -4.76
C GLY F 203 8.74 7.59 -4.75
N LEU F 204 9.11 8.85 -4.60
CA LEU F 204 10.51 9.28 -4.56
C LEU F 204 10.68 10.24 -3.39
N SER F 205 11.65 9.99 -2.53
CA SER F 205 11.90 10.89 -1.41
C SER F 205 13.02 11.86 -1.77
N ALA F 206 13.07 12.96 -1.03
CA ALA F 206 14.02 14.03 -1.27
C ALA F 206 15.05 14.18 -0.15
N ASP F 207 15.06 13.27 0.83
CA ASP F 207 15.99 13.34 1.94
C ASP F 207 16.77 12.04 2.10
N TYR F 208 16.98 11.30 1.01
CA TYR F 208 17.89 10.18 1.03
C TYR F 208 19.24 10.62 1.59
N PRO F 209 19.94 9.80 2.39
CA PRO F 209 19.60 8.43 2.80
C PRO F 209 18.80 8.34 4.08
N PHE F 210 18.31 9.46 4.59
CA PHE F 210 17.53 9.50 5.82
C PHE F 210 16.04 9.39 5.57
N HIS F 211 15.64 8.86 4.41
CA HIS F 211 14.23 8.83 4.06
C HIS F 211 13.46 7.84 4.93
N THR F 212 12.20 8.18 5.20
CA THR F 212 11.27 7.29 5.87
C THR F 212 10.06 6.95 5.01
N THR F 213 10.05 7.39 3.76
CA THR F 213 8.96 7.15 2.83
C THR F 213 9.50 6.43 1.59
N ALA F 214 8.60 6.11 0.66
CA ALA F 214 8.99 5.32 -0.50
C ALA F 214 10.09 6.00 -1.30
N ASP F 215 11.05 5.20 -1.77
CA ASP F 215 12.14 5.68 -2.60
C ASP F 215 12.61 4.54 -3.48
N PRO F 216 13.04 4.84 -4.71
CA PRO F 216 13.51 3.78 -5.61
C PRO F 216 14.93 3.32 -5.36
N ARG F 217 15.70 4.02 -4.52
CA ARG F 217 17.10 3.70 -4.27
C ARG F 217 17.19 2.62 -3.17
N ARG F 218 17.09 1.36 -3.59
CA ARG F 218 17.27 0.26 -2.65
C ARG F 218 18.68 0.27 -2.05
N ASP F 219 19.69 0.43 -2.89
CA ASP F 219 21.09 0.54 -2.46
C ASP F 219 21.42 -0.48 -1.36
N LEU F 220 21.15 -1.76 -1.63
CA LEU F 220 21.34 -2.79 -0.64
C LEU F 220 22.09 -3.97 -1.25
N CYS F 221 22.61 -4.82 -0.37
CA CYS F 221 23.46 -5.94 -0.76
C CYS F 221 22.84 -7.24 -0.28
N ILE F 222 22.58 -8.14 -1.21
CA ILE F 222 22.23 -9.53 -0.90
C ILE F 222 23.49 -10.34 -1.15
N SER F 223 24.06 -10.91 -0.09
CA SER F 223 25.41 -11.43 -0.09
C SER F 223 25.42 -12.84 0.48
N LYS F 224 25.91 -13.80 -0.30
CA LYS F 224 26.00 -15.19 0.17
C LYS F 224 24.66 -15.66 0.73
N VAL F 225 23.58 -15.34 0.03
CA VAL F 225 22.25 -15.78 0.42
C VAL F 225 21.86 -16.95 -0.47
N HIS F 226 21.23 -17.95 0.13
CA HIS F 226 20.83 -19.18 -0.53
C HIS F 226 19.31 -19.28 -0.53
N ILE F 227 18.70 -19.19 -1.72
CA ILE F 227 17.24 -19.27 -1.88
C ILE F 227 16.91 -20.59 -2.55
N ALA F 228 16.00 -21.35 -1.96
CA ALA F 228 15.70 -22.68 -2.46
C ALA F 228 14.28 -23.10 -2.10
N GLY F 229 13.61 -23.73 -3.07
CA GLY F 229 12.39 -24.47 -2.79
C GLY F 229 11.09 -23.72 -2.95
N PHE F 230 11.06 -22.64 -3.73
CA PHE F 230 9.86 -21.86 -3.93
C PHE F 230 9.24 -22.13 -5.29
N ASP F 231 7.96 -21.77 -5.41
CA ASP F 231 7.18 -22.13 -6.60
C ASP F 231 7.42 -21.16 -7.77
N GLU F 232 6.99 -19.91 -7.62
CA GLU F 232 6.95 -19.01 -8.77
C GLU F 232 8.31 -18.35 -9.03
N TYR F 233 8.96 -17.85 -7.97
CA TYR F 233 10.23 -17.15 -8.11
C TYR F 233 11.07 -17.42 -6.89
N GLY F 234 12.37 -17.61 -7.10
CA GLY F 234 13.31 -17.56 -6.00
C GLY F 234 13.52 -16.13 -5.55
N LEU F 235 14.06 -15.31 -6.45
CA LEU F 235 14.23 -13.88 -6.25
C LEU F 235 13.51 -13.14 -7.37
N ASN F 236 12.75 -12.11 -7.00
CA ASN F 236 11.97 -11.33 -7.95
C ASN F 236 12.15 -9.85 -7.60
N ILE F 237 12.97 -9.15 -8.38
CA ILE F 237 13.25 -7.72 -8.19
C ILE F 237 12.37 -6.95 -9.17
N ASP F 238 11.37 -6.26 -8.65
CA ASP F 238 10.37 -5.65 -9.52
C ASP F 238 10.84 -4.29 -10.05
N SER F 239 10.02 -3.74 -10.95
CA SER F 239 10.36 -2.53 -11.67
C SER F 239 10.52 -1.34 -10.72
N GLY F 240 11.41 -0.42 -11.10
CA GLY F 240 11.59 0.83 -10.41
C GLY F 240 12.60 0.81 -9.29
N ASN F 241 13.24 -0.34 -9.04
CA ASN F 241 14.21 -0.47 -7.95
C ASN F 241 15.63 -0.34 -8.50
N PHE F 242 16.41 0.54 -7.90
CA PHE F 242 17.79 0.79 -8.30
C PHE F 242 18.77 0.19 -7.30
N SER F 243 19.89 -0.33 -7.81
CA SER F 243 21.04 -0.66 -6.98
C SER F 243 20.76 -1.80 -6.02
N VAL F 244 19.99 -2.79 -6.44
CA VAL F 244 19.92 -4.05 -5.71
C VAL F 244 21.14 -4.87 -6.12
N THR F 245 22.17 -4.85 -5.29
CA THR F 245 23.37 -5.64 -5.51
C THR F 245 23.17 -7.06 -5.00
N THR F 246 23.61 -8.03 -5.78
CA THR F 246 23.77 -9.39 -5.28
C THR F 246 25.20 -9.84 -5.49
N ASP F 247 25.69 -10.65 -4.56
CA ASP F 247 27.06 -11.13 -4.60
C ASP F 247 27.06 -12.55 -4.05
N SER F 248 27.40 -13.51 -4.89
CA SER F 248 27.42 -14.92 -4.49
C SER F 248 26.04 -15.39 -4.02
N LEU F 249 25.01 -14.92 -4.71
CA LEU F 249 23.67 -15.47 -4.51
C LEU F 249 23.60 -16.89 -5.07
N LEU F 250 22.96 -17.78 -4.33
CA LEU F 250 22.78 -19.16 -4.73
C LEU F 250 21.30 -19.48 -4.70
N VAL F 251 20.75 -19.88 -5.84
CA VAL F 251 19.34 -20.22 -5.99
C VAL F 251 19.22 -21.65 -6.50
N ASN F 252 18.44 -22.46 -5.79
CA ASN F 252 18.29 -23.89 -6.06
C ASN F 252 16.81 -24.25 -6.04
N HIS F 253 16.43 -25.22 -6.87
CA HIS F 253 15.15 -25.93 -6.72
C HIS F 253 13.96 -24.97 -6.67
N ILE F 254 13.71 -24.35 -7.82
CA ILE F 254 12.60 -23.44 -8.01
C ILE F 254 11.66 -24.07 -9.02
N ASN F 255 10.38 -24.16 -8.68
CA ASN F 255 9.43 -24.84 -9.55
C ASN F 255 9.28 -24.11 -10.89
N GLN F 256 9.43 -22.78 -10.90
CA GLN F 256 9.25 -22.01 -12.11
C GLN F 256 10.52 -21.21 -12.38
N VAL F 257 10.53 -19.91 -12.09
CA VAL F 257 11.62 -19.03 -12.52
C VAL F 257 12.57 -18.78 -11.35
N GLY F 258 13.84 -19.13 -11.54
CA GLY F 258 14.84 -18.94 -10.51
C GLY F 258 14.96 -17.49 -10.06
N VAL F 259 15.29 -16.60 -10.99
CA VAL F 259 15.46 -15.18 -10.67
C VAL F 259 14.77 -14.36 -11.76
N ARG F 260 13.95 -13.40 -11.34
CA ARG F 260 13.40 -12.40 -12.24
C ARG F 260 13.87 -11.02 -11.82
N CYS F 261 14.28 -10.23 -12.80
CA CYS F 261 14.59 -8.82 -12.60
C CYS F 261 13.89 -8.03 -13.70
N ALA F 262 13.34 -6.88 -13.33
CA ALA F 262 12.56 -6.08 -14.27
C ALA F 262 12.88 -4.60 -14.11
N THR F 263 14.14 -4.27 -13.81
CA THR F 263 14.50 -2.91 -13.44
C THR F 263 15.88 -2.57 -13.99
N THR F 264 16.35 -1.37 -13.66
CA THR F 264 17.56 -0.78 -14.21
C THR F 264 18.55 -0.43 -13.11
N ASP F 265 19.80 -0.20 -13.53
CA ASP F 265 20.83 0.44 -12.70
C ASP F 265 21.20 -0.45 -11.51
N TRP F 266 21.80 -1.60 -11.82
CA TRP F 266 22.18 -2.56 -10.80
C TRP F 266 23.37 -3.39 -11.29
N THR F 267 24.03 -4.04 -10.34
CA THR F 267 25.15 -4.93 -10.61
C THR F 267 25.02 -6.21 -9.79
N TRP F 268 25.22 -7.36 -10.43
CA TRP F 268 25.30 -8.65 -9.78
C TRP F 268 26.66 -9.27 -10.07
N THR F 269 27.25 -9.93 -9.07
CA THR F 269 28.48 -10.67 -9.30
C THR F 269 28.35 -12.08 -8.75
N ASN F 270 28.86 -13.05 -9.48
CA ASN F 270 28.89 -14.45 -9.07
C ASN F 270 27.50 -14.94 -8.60
N ILE F 271 26.58 -14.99 -9.54
CA ILE F 271 25.26 -15.55 -9.28
C ILE F 271 25.25 -16.99 -9.78
N GLN F 272 24.62 -17.90 -9.03
CA GLN F 272 24.37 -19.24 -9.51
C GLN F 272 22.91 -19.61 -9.32
N VAL F 273 22.26 -20.04 -10.39
CA VAL F 273 20.88 -20.49 -10.38
C VAL F 273 20.84 -21.91 -10.94
N ASN F 274 20.24 -22.83 -10.19
CA ASN F 274 20.35 -24.25 -10.48
C ASN F 274 19.02 -24.96 -10.29
N THR F 275 18.56 -25.64 -11.36
CA THR F 275 17.40 -26.52 -11.33
C THR F 275 16.09 -25.76 -11.13
N CYS F 276 15.55 -25.24 -12.23
CA CYS F 276 14.29 -24.52 -12.25
C CYS F 276 13.37 -25.15 -13.29
N GLY F 277 12.07 -25.18 -12.97
CA GLY F 277 11.11 -25.75 -13.90
C GLY F 277 10.94 -24.92 -15.15
N LYS F 278 11.12 -23.60 -15.05
CA LYS F 278 11.11 -22.72 -16.21
C LYS F 278 12.48 -22.08 -16.36
N GLN F 279 12.53 -20.76 -16.56
CA GLN F 279 13.81 -20.11 -16.72
C GLN F 279 14.59 -20.12 -15.40
N CYS F 280 15.91 -20.19 -15.52
CA CYS F 280 16.75 -19.82 -14.38
C CYS F 280 16.72 -18.32 -14.15
N LEU F 281 16.69 -17.55 -15.23
CA LEU F 281 16.77 -16.10 -15.16
C LEU F 281 15.84 -15.47 -16.18
N VAL F 282 15.05 -14.50 -15.73
CA VAL F 282 14.23 -13.67 -16.61
C VAL F 282 14.65 -12.22 -16.41
N LEU F 283 15.18 -11.61 -17.46
CA LEU F 283 15.38 -10.17 -17.53
C LEU F 283 14.26 -9.59 -18.41
N ASP F 284 13.36 -8.84 -17.80
CA ASP F 284 12.12 -8.37 -18.43
C ASP F 284 12.09 -6.85 -18.34
N GLY F 285 12.40 -6.17 -19.42
CA GLY F 285 12.48 -4.72 -19.39
C GLY F 285 13.65 -4.16 -18.58
N CYS F 286 14.76 -4.89 -18.52
CA CYS F 286 15.94 -4.40 -17.80
C CYS F 286 16.79 -3.49 -18.69
N GLY F 287 17.55 -2.62 -18.04
CA GLY F 287 18.44 -1.74 -18.77
C GLY F 287 19.54 -1.21 -17.88
N ASN F 288 20.68 -0.91 -18.49
CA ASN F 288 21.80 -0.27 -17.80
C ASN F 288 22.14 -1.04 -16.53
N GLY F 289 22.30 -2.37 -16.69
CA GLY F 289 22.70 -3.23 -15.60
C GLY F 289 23.89 -4.08 -16.00
N ARG F 290 24.46 -4.77 -15.01
CA ARG F 290 25.64 -5.58 -15.21
C ARG F 290 25.49 -6.92 -14.50
N ILE F 291 25.82 -8.00 -15.22
CA ILE F 291 26.00 -9.32 -14.61
C ILE F 291 27.42 -9.76 -14.87
N ILE F 292 28.17 -10.02 -13.80
CA ILE F 292 29.58 -10.37 -13.90
C ILE F 292 29.80 -11.66 -13.12
N GLY F 293 29.98 -12.76 -13.84
CA GLY F 293 30.10 -14.06 -13.21
C GLY F 293 28.73 -14.69 -12.96
N GLY F 294 28.38 -15.68 -13.75
CA GLY F 294 27.05 -16.27 -13.66
C GLY F 294 27.07 -17.71 -14.11
N LYS F 295 26.23 -18.53 -13.45
CA LYS F 295 26.10 -19.95 -13.75
C LYS F 295 24.61 -20.25 -13.70
N PHE F 296 24.01 -20.61 -14.85
CA PHE F 296 22.57 -20.85 -14.95
C PHE F 296 22.37 -22.24 -15.55
N ILE F 297 21.96 -23.21 -14.74
CA ILE F 297 22.04 -24.60 -15.14
C ILE F 297 20.74 -25.33 -14.80
N TRP F 298 20.44 -26.35 -15.63
CA TRP F 298 19.29 -27.23 -15.42
C TRP F 298 17.98 -26.44 -15.36
N ALA F 299 17.85 -25.45 -16.24
CA ALA F 299 16.57 -24.80 -16.43
C ALA F 299 15.60 -25.76 -17.11
N ASN F 300 14.31 -25.39 -17.09
CA ASN F 300 13.28 -26.23 -17.70
C ASN F 300 13.42 -27.67 -17.23
N TRP F 301 13.65 -27.84 -15.92
CA TRP F 301 13.93 -29.14 -15.33
C TRP F 301 12.72 -30.06 -15.47
N GLN F 302 12.86 -31.10 -16.30
CA GLN F 302 11.71 -31.93 -16.66
C GLN F 302 10.95 -32.48 -15.47
N PRO F 303 11.60 -33.02 -14.43
CA PRO F 303 10.83 -33.59 -13.31
C PRO F 303 9.92 -32.59 -12.60
N TYR F 304 10.17 -31.29 -12.70
CA TYR F 304 9.25 -30.32 -12.12
C TYR F 304 7.98 -30.14 -12.95
N GLY F 305 7.88 -30.83 -14.08
CA GLY F 305 6.60 -31.06 -14.74
C GLY F 305 5.99 -29.90 -15.47
N THR F 306 6.74 -28.83 -15.74
CA THR F 306 6.17 -27.74 -16.52
C THR F 306 6.01 -28.17 -17.96
N VAL F 307 4.85 -27.89 -18.54
CA VAL F 307 4.58 -28.18 -19.94
C VAL F 307 4.99 -26.96 -20.76
N GLY F 308 5.80 -27.19 -21.78
CA GLY F 308 6.29 -26.15 -22.65
C GLY F 308 7.78 -25.92 -22.46
N GLN F 309 8.36 -25.24 -23.45
CA GLN F 309 9.78 -24.92 -23.45
C GLN F 309 10.00 -23.58 -22.77
N PHE F 310 11.08 -23.50 -21.98
CA PHE F 310 11.50 -22.27 -21.35
C PHE F 310 13.01 -22.27 -21.40
N PRO F 311 13.63 -21.16 -21.79
CA PRO F 311 15.09 -21.11 -21.90
C PRO F 311 15.74 -21.00 -20.53
N GLY F 312 17.06 -21.24 -20.52
CA GLY F 312 17.83 -20.96 -19.32
C GLY F 312 17.70 -19.51 -18.90
N ILE F 313 17.81 -18.59 -19.86
CA ILE F 313 17.71 -17.16 -19.63
C ILE F 313 16.79 -16.56 -20.68
N THR F 314 15.84 -15.75 -20.23
CA THR F 314 15.06 -14.88 -21.09
C THR F 314 15.58 -13.45 -20.95
N ILE F 315 15.97 -12.83 -22.06
CA ILE F 315 16.25 -11.40 -22.11
C ILE F 315 15.25 -10.79 -23.07
N ASN F 316 14.28 -10.06 -22.55
CA ASN F 316 13.21 -9.51 -23.37
C ASN F 316 13.03 -8.03 -23.06
N ASN F 317 12.82 -7.25 -24.13
CA ASN F 317 12.52 -5.81 -24.02
C ASN F 317 13.55 -5.10 -23.14
N SER F 318 14.81 -5.50 -23.27
CA SER F 318 15.88 -4.97 -22.43
C SER F 318 16.87 -4.18 -23.30
N GLN F 319 17.76 -3.44 -22.63
CA GLN F 319 18.69 -2.60 -23.36
C GLN F 319 19.90 -2.24 -22.49
N ASN F 320 21.03 -2.01 -23.15
CA ASN F 320 22.24 -1.53 -22.49
C ASN F 320 22.64 -2.44 -21.33
N MET F 321 22.66 -3.74 -21.60
CA MET F 321 23.04 -4.74 -20.61
C MET F 321 24.46 -5.21 -20.92
N VAL F 322 25.30 -5.26 -19.89
CA VAL F 322 26.63 -5.86 -19.99
C VAL F 322 26.62 -7.13 -19.16
N ILE F 323 26.81 -8.26 -19.82
CA ILE F 323 26.70 -9.57 -19.19
C ILE F 323 28.01 -10.29 -19.50
N ASN F 324 28.90 -10.38 -18.51
CA ASN F 324 30.25 -10.90 -18.69
C ASN F 324 30.44 -12.15 -17.84
N GLY F 325 31.12 -13.13 -18.43
CA GLY F 325 31.50 -14.34 -17.72
C GLY F 325 30.35 -15.17 -17.19
N ILE F 326 29.35 -15.46 -18.01
CA ILE F 326 28.26 -16.33 -17.58
C ILE F 326 28.28 -17.61 -18.40
N GLU F 327 27.64 -18.63 -17.84
CA GLU F 327 27.50 -19.93 -18.50
C GLU F 327 26.06 -20.39 -18.37
N VAL F 328 25.54 -20.97 -19.45
CA VAL F 328 24.22 -21.59 -19.48
C VAL F 328 24.41 -23.02 -20.00
N GLN F 329 24.03 -24.00 -19.18
CA GLN F 329 24.42 -25.38 -19.43
C GLN F 329 23.38 -26.31 -18.85
N ASP F 330 23.19 -27.44 -19.52
CA ASP F 330 22.33 -28.52 -19.05
C ASP F 330 20.86 -28.11 -18.90
N CYS F 331 20.43 -27.09 -19.64
CA CYS F 331 19.04 -26.67 -19.60
C CYS F 331 18.20 -27.53 -20.57
N GLY F 332 16.91 -27.64 -20.26
CA GLY F 332 16.06 -28.57 -20.99
C GLY F 332 15.69 -28.10 -22.38
N GLY F 333 15.65 -26.78 -22.59
CA GLY F 333 15.32 -26.21 -23.89
C GLY F 333 16.41 -25.31 -24.43
N ASN F 334 16.03 -24.16 -25.01
CA ASN F 334 17.04 -23.25 -25.53
C ASN F 334 17.90 -22.71 -24.38
N GLY F 335 19.10 -22.25 -24.74
CA GLY F 335 19.99 -21.69 -23.75
C GLY F 335 19.58 -20.30 -23.33
N ILE F 336 19.68 -19.35 -24.25
CA ILE F 336 19.36 -17.94 -24.01
C ILE F 336 18.45 -17.49 -25.14
N GLU F 337 17.33 -16.87 -24.80
CA GLU F 337 16.46 -16.26 -25.78
C GLU F 337 16.51 -14.74 -25.61
N ILE F 338 17.00 -14.05 -26.62
CA ILE F 338 17.04 -12.60 -26.62
C ILE F 338 15.95 -12.09 -27.55
N SER F 339 14.99 -11.36 -26.99
CA SER F 339 13.83 -10.90 -27.74
C SER F 339 13.64 -9.40 -27.59
N GLU F 340 13.45 -8.72 -28.72
CA GLU F 340 13.06 -7.31 -28.73
C GLU F 340 13.93 -6.45 -27.80
N SER F 341 15.26 -6.67 -27.89
CA SER F 341 16.20 -6.01 -26.99
C SER F 341 17.29 -5.28 -27.77
N TYR F 342 17.67 -4.11 -27.26
CA TYR F 342 18.77 -3.32 -27.81
C TYR F 342 20.06 -3.61 -27.05
N SER F 343 21.18 -3.43 -27.75
CA SER F 343 22.50 -3.24 -27.16
C SER F 343 22.74 -4.16 -25.95
N ILE F 344 22.70 -5.46 -26.23
CA ILE F 344 23.09 -6.49 -25.26
C ILE F 344 24.56 -6.81 -25.50
N SER F 345 25.40 -6.53 -24.50
CA SER F 345 26.85 -6.71 -24.62
C SER F 345 27.28 -7.86 -23.71
N MET F 346 27.96 -8.85 -24.30
CA MET F 346 28.34 -10.06 -23.58
C MET F 346 29.80 -10.37 -23.88
N ASN F 347 30.62 -10.49 -22.84
CA ASN F 347 32.07 -10.61 -22.98
C ASN F 347 32.59 -11.78 -22.15
N GLY F 348 32.88 -12.88 -22.84
CA GLY F 348 33.13 -14.15 -22.18
C GLY F 348 31.82 -14.82 -21.87
N LEU F 349 31.40 -15.72 -22.77
CA LEU F 349 30.09 -16.35 -22.68
C LEU F 349 30.22 -17.83 -23.03
N ASN F 350 29.72 -18.69 -22.14
CA ASN F 350 29.80 -20.14 -22.29
C ASN F 350 28.38 -20.69 -22.31
N THR F 351 27.96 -21.24 -23.45
CA THR F 351 26.70 -21.98 -23.54
C THR F 351 26.99 -23.33 -24.16
N ASN F 352 26.68 -24.40 -23.43
CA ASN F 352 26.95 -25.73 -23.96
C ASN F 352 25.93 -26.72 -23.39
N ARG F 353 25.63 -27.74 -24.19
CA ARG F 353 24.84 -28.90 -23.77
C ARG F 353 23.53 -28.49 -23.12
N ASN F 354 22.77 -27.67 -23.84
CA ASN F 354 21.41 -27.36 -23.44
C ASN F 354 20.43 -28.23 -24.25
N GLY F 355 19.17 -27.84 -24.30
CA GLY F 355 18.18 -28.61 -25.03
C GLY F 355 18.08 -30.07 -24.63
N ILE F 356 18.21 -30.36 -23.33
CA ILE F 356 18.31 -31.75 -22.90
C ILE F 356 16.96 -32.45 -22.81
N ASN F 357 15.85 -31.75 -23.04
CA ASN F 357 14.56 -32.42 -23.03
C ASN F 357 14.19 -33.05 -24.38
N ALA F 358 14.88 -32.69 -25.46
CA ALA F 358 14.62 -33.32 -26.76
C ALA F 358 15.87 -33.18 -27.60
N ASN F 359 16.44 -34.30 -28.02
CA ASN F 359 17.72 -34.25 -28.71
C ASN F 359 17.61 -33.46 -30.01
N ASN F 360 18.66 -32.72 -30.31
CA ASN F 360 18.85 -32.12 -31.64
C ASN F 360 17.68 -31.19 -31.98
N THR F 361 17.18 -30.46 -30.98
CA THR F 361 15.95 -29.71 -31.14
C THR F 361 16.08 -28.23 -30.80
N PHE F 362 16.90 -27.88 -29.82
CA PHE F 362 16.96 -26.53 -29.30
C PHE F 362 18.33 -25.90 -29.58
N TYR F 363 18.43 -24.58 -29.38
CA TYR F 363 19.64 -23.86 -29.72
C TYR F 363 20.10 -23.03 -28.52
N ASN F 364 21.43 -22.83 -28.45
CA ASN F 364 22.03 -22.23 -27.25
C ASN F 364 21.73 -20.75 -27.12
N ILE F 365 21.64 -20.02 -28.24
CA ILE F 365 21.23 -18.62 -28.24
C ILE F 365 20.22 -18.43 -29.36
N VAL F 366 19.03 -17.93 -29.02
CA VAL F 366 17.96 -17.70 -29.97
C VAL F 366 17.72 -16.19 -30.02
N PHE F 367 17.93 -15.60 -31.20
CA PHE F 367 17.77 -14.16 -31.40
C PHE F 367 16.42 -13.88 -32.07
N ASN F 368 15.67 -12.92 -31.52
CA ASN F 368 14.42 -12.49 -32.13
C ASN F 368 14.29 -10.99 -31.98
N LYS F 369 14.31 -10.27 -33.11
CA LYS F 369 14.25 -8.81 -33.15
C LYS F 369 15.13 -8.18 -32.07
N SER F 370 16.41 -8.55 -32.07
CA SER F 370 17.33 -8.09 -31.05
C SER F 370 18.69 -7.77 -31.67
N ASP F 371 19.43 -6.91 -30.97
CA ASP F 371 20.80 -6.56 -31.31
C ASP F 371 21.72 -6.99 -30.18
N ALA F 372 22.90 -7.48 -30.55
CA ALA F 372 23.82 -7.97 -29.54
C ALA F 372 25.25 -7.92 -30.09
N VAL F 373 26.20 -7.66 -29.20
CA VAL F 373 27.61 -7.82 -29.46
C VAL F 373 28.13 -8.83 -28.46
N ILE F 374 28.60 -9.97 -28.96
CA ILE F 374 28.99 -11.09 -28.13
C ILE F 374 30.45 -11.40 -28.42
N ASN F 375 31.30 -11.32 -27.39
CA ASN F 375 32.71 -11.61 -27.51
C ASN F 375 33.11 -12.76 -26.60
N GLY F 376 34.22 -13.40 -26.95
CA GLY F 376 34.73 -14.50 -26.14
C GLY F 376 33.74 -15.63 -26.00
N PHE F 377 33.01 -15.95 -27.07
CA PHE F 377 32.02 -17.02 -26.99
C PHE F 377 32.73 -18.36 -26.90
N VAL F 378 32.21 -19.24 -26.05
CA VAL F 378 32.71 -20.59 -25.90
C VAL F 378 31.54 -21.55 -25.71
N GLY F 379 31.78 -22.83 -26.02
CA GLY F 379 30.69 -23.79 -25.92
C GLY F 379 30.98 -25.25 -26.20
N LEU F 380 32.05 -25.81 -25.64
CA LEU F 380 32.33 -27.23 -25.85
C LEU F 380 31.18 -28.11 -25.35
N ASN F 381 30.48 -28.78 -26.27
CA ASN F 381 29.37 -29.69 -25.94
C ASN F 381 29.95 -30.99 -25.40
N TYR F 382 29.95 -31.13 -24.08
CA TYR F 382 30.64 -32.26 -23.46
C TYR F 382 29.96 -33.59 -23.74
N ALA F 383 28.67 -33.57 -24.08
CA ALA F 383 28.00 -34.82 -24.47
C ALA F 383 28.47 -35.28 -25.85
N ALA F 384 28.62 -34.36 -26.81
CA ALA F 384 29.14 -34.74 -28.12
C ALA F 384 30.58 -35.20 -28.01
N ASN F 385 31.36 -34.56 -27.12
CA ASN F 385 32.77 -34.89 -27.00
C ASN F 385 32.97 -36.27 -26.39
N SER F 386 32.18 -36.62 -25.38
CA SER F 386 32.31 -37.94 -24.77
C SER F 386 31.59 -39.02 -25.56
N GLY F 387 30.71 -38.65 -26.49
CA GLY F 387 29.95 -39.64 -27.23
C GLY F 387 28.88 -40.35 -26.43
N SER F 388 28.38 -39.73 -25.36
CA SER F 388 27.41 -40.39 -24.48
C SER F 388 26.06 -40.61 -25.15
N GLY F 389 25.75 -39.87 -26.21
CA GLY F 389 24.44 -39.92 -26.82
C GLY F 389 23.35 -39.17 -26.08
N ALA F 390 23.68 -38.46 -25.00
CA ALA F 390 22.67 -37.73 -24.25
C ALA F 390 22.12 -36.57 -25.08
N ASN F 391 20.84 -36.24 -24.85
CA ASN F 391 20.22 -35.10 -25.53
C ASN F 391 21.06 -33.85 -25.34
N SER F 392 21.24 -33.09 -26.42
CA SER F 392 21.93 -31.80 -26.32
C SER F 392 21.48 -30.92 -27.46
N SER F 393 21.90 -29.65 -27.38
CA SER F 393 21.46 -28.64 -28.32
C SER F 393 21.75 -29.04 -29.77
N ALA F 394 20.80 -28.71 -30.65
CA ALA F 394 21.04 -28.88 -32.09
C ALA F 394 22.21 -28.02 -32.57
N GLY F 395 22.33 -26.82 -32.04
CA GLY F 395 23.43 -25.95 -32.44
C GLY F 395 23.47 -24.71 -31.58
N ASN F 396 24.44 -23.83 -31.88
CA ASN F 396 24.69 -22.68 -31.03
C ASN F 396 23.71 -21.53 -31.26
N PHE F 397 23.42 -21.19 -32.51
CA PHE F 397 22.71 -19.95 -32.78
C PHE F 397 21.49 -20.20 -33.66
N GLN F 398 20.43 -19.48 -33.39
CA GLN F 398 19.22 -19.51 -34.20
C GLN F 398 18.66 -18.09 -34.30
N PHE F 399 18.27 -17.69 -35.50
CA PHE F 399 17.72 -16.37 -35.74
C PHE F 399 16.27 -16.52 -36.16
N LEU F 400 15.35 -16.01 -35.34
CA LEU F 400 13.93 -16.08 -35.63
C LEU F 400 13.42 -14.93 -36.50
N SER F 401 14.22 -13.88 -36.68
CA SER F 401 13.86 -12.79 -37.59
C SER F 401 15.11 -12.39 -38.37
N ASN F 402 14.93 -11.62 -39.44
CA ASN F 402 16.06 -11.16 -40.23
C ASN F 402 16.34 -9.67 -40.05
N ASP F 403 15.77 -9.05 -39.02
CA ASP F 403 16.04 -7.66 -38.69
C ASP F 403 16.94 -7.53 -37.45
N CYS F 404 17.67 -8.59 -37.11
CA CYS F 404 18.63 -8.53 -36.03
C CYS F 404 19.95 -7.95 -36.51
N SER F 405 20.65 -7.30 -35.59
CA SER F 405 21.98 -6.73 -35.83
C SER F 405 22.88 -7.32 -34.76
N VAL F 406 23.70 -8.31 -35.13
CA VAL F 406 24.38 -9.16 -34.17
C VAL F 406 25.82 -9.38 -34.61
N THR F 407 26.76 -9.27 -33.68
CA THR F 407 28.14 -9.64 -33.87
C THR F 407 28.49 -10.73 -32.86
N ILE F 408 29.10 -11.81 -33.34
CA ILE F 408 29.51 -12.93 -32.50
C ILE F 408 30.96 -13.28 -32.78
N ASN F 409 31.77 -13.36 -31.73
CA ASN F 409 33.16 -13.77 -31.86
C ASN F 409 33.52 -14.81 -30.81
N GLY F 410 34.23 -15.84 -31.22
CA GLY F 410 34.74 -16.81 -30.29
C GLY F 410 34.92 -18.17 -30.94
N VAL F 411 34.83 -19.21 -30.12
CA VAL F 411 35.05 -20.58 -30.58
C VAL F 411 33.68 -21.17 -30.89
N VAL F 412 33.20 -20.93 -32.10
CA VAL F 412 31.85 -21.31 -32.47
C VAL F 412 31.73 -22.81 -32.60
N GLU F 413 32.80 -23.49 -33.04
CA GLU F 413 32.87 -24.94 -33.07
C GLU F 413 34.19 -25.32 -32.41
N THR F 414 34.11 -26.13 -31.35
CA THR F 414 35.28 -26.28 -30.49
C THR F 414 36.41 -27.03 -31.18
N GLY F 415 36.09 -28.08 -31.93
CA GLY F 415 37.12 -28.86 -32.60
C GLY F 415 37.64 -30.06 -31.86
N TYR F 416 36.81 -30.77 -31.10
CA TYR F 416 37.18 -32.07 -30.58
C TYR F 416 36.88 -33.13 -31.65
N MET F 417 37.24 -34.39 -31.36
CA MET F 417 37.37 -35.38 -32.42
C MET F 417 36.03 -35.67 -33.11
N GLY F 418 34.98 -35.88 -32.33
CA GLY F 418 33.71 -36.31 -32.91
C GLY F 418 33.52 -37.81 -32.90
N ILE F 419 33.58 -38.42 -31.72
CA ILE F 419 33.42 -39.87 -31.60
C ILE F 419 32.13 -40.33 -32.27
N ASN F 420 31.05 -39.54 -32.15
CA ASN F 420 29.75 -39.86 -32.75
C ASN F 420 29.46 -39.05 -34.00
N PHE F 421 30.48 -38.49 -34.66
CA PHE F 421 30.34 -37.75 -35.91
C PHE F 421 29.59 -36.43 -35.73
N ILE F 422 29.42 -35.96 -34.50
CA ILE F 422 28.71 -34.71 -34.23
C ILE F 422 29.61 -33.81 -33.39
N GLY F 423 29.15 -32.58 -33.20
CA GLY F 423 29.92 -31.56 -32.51
C GLY F 423 29.03 -30.55 -31.85
N ASP F 424 29.42 -29.27 -31.89
CA ASP F 424 28.63 -28.23 -31.26
C ASP F 424 27.46 -27.78 -32.14
N ASN F 425 27.68 -27.70 -33.45
CA ASN F 425 26.69 -27.18 -34.39
C ASN F 425 26.30 -28.32 -35.31
N ASN F 426 25.21 -29.01 -34.97
CA ASN F 426 24.80 -30.18 -35.71
C ASN F 426 23.61 -29.92 -36.61
N ILE F 427 22.92 -28.80 -36.43
CA ILE F 427 21.97 -28.28 -37.40
C ILE F 427 22.26 -26.79 -37.55
N ILE F 428 22.55 -26.36 -38.77
CA ILE F 428 22.90 -24.96 -39.03
C ILE F 428 21.81 -24.35 -39.89
N ASN F 429 21.18 -23.31 -39.37
CA ASN F 429 20.13 -22.56 -40.05
C ASN F 429 20.66 -21.18 -40.42
N PRO F 430 20.95 -20.93 -41.69
CA PRO F 430 21.47 -19.61 -42.07
C PRO F 430 20.42 -18.51 -41.94
N THR F 431 20.89 -17.27 -41.89
CA THR F 431 20.04 -16.12 -41.69
C THR F 431 20.42 -15.01 -42.66
N ASN F 432 19.44 -14.18 -42.97
CA ASN F 432 19.64 -12.94 -43.71
C ASN F 432 19.73 -11.72 -42.79
N SER F 433 19.84 -11.94 -41.49
CA SER F 433 20.05 -10.86 -40.55
C SER F 433 21.35 -10.11 -40.84
N ASP F 434 21.48 -8.93 -40.25
CA ASP F 434 22.72 -8.16 -40.27
C ASP F 434 23.67 -8.80 -39.25
N LEU F 435 24.28 -9.90 -39.68
CA LEU F 435 25.09 -10.75 -38.81
C LEU F 435 26.55 -10.67 -39.22
N SER F 436 27.43 -10.58 -38.23
CA SER F 436 28.87 -10.68 -38.44
C SER F 436 29.39 -11.66 -37.42
N ILE F 437 30.06 -12.72 -37.88
CA ILE F 437 30.53 -13.76 -36.98
C ILE F 437 32.02 -13.98 -37.22
N ASN F 438 32.82 -13.89 -36.15
CA ASN F 438 34.25 -14.16 -36.19
C ASN F 438 35.01 -13.25 -37.16
N GLY F 439 34.49 -12.05 -37.40
CA GLY F 439 35.18 -11.16 -38.31
C GLY F 439 35.21 -11.65 -39.75
N LEU F 440 34.39 -12.63 -40.10
CA LEU F 440 34.37 -13.18 -41.46
C LEU F 440 33.52 -12.33 -42.37
N VAL F 441 34.08 -11.95 -43.52
CA VAL F 441 33.29 -11.28 -44.55
C VAL F 441 32.30 -12.28 -45.13
N ASN F 442 31.05 -11.86 -45.23
CA ASN F 442 30.01 -12.68 -45.83
C ASN F 442 30.12 -12.60 -47.35
N TYR F 443 30.33 -13.75 -48.00
CA TYR F 443 30.59 -13.73 -49.45
C TYR F 443 29.43 -13.07 -50.20
N SER F 444 28.20 -13.27 -49.74
CA SER F 444 27.04 -12.67 -50.39
C SER F 444 27.00 -11.16 -50.28
N LYS F 445 27.84 -10.56 -49.44
CA LYS F 445 27.79 -9.11 -49.21
C LYS F 445 29.06 -8.39 -49.63
N THR F 446 29.98 -9.03 -50.34
CA THR F 446 31.26 -8.41 -50.60
C THR F 446 31.46 -8.12 -52.09
N GLY F 447 32.17 -7.03 -52.36
CA GLY F 447 32.62 -6.73 -53.69
C GLY F 447 34.13 -6.88 -53.83
N LEU F 448 34.75 -7.54 -52.85
CA LEU F 448 36.20 -7.68 -52.86
C LEU F 448 36.65 -8.55 -54.03
N GLN F 449 37.69 -8.10 -54.74
CA GLN F 449 38.29 -8.86 -55.82
C GLN F 449 39.37 -9.79 -55.27
N THR F 450 39.32 -11.05 -55.67
CA THR F 450 40.25 -12.06 -55.18
C THR F 450 40.87 -12.80 -56.35
N MET F 451 41.90 -13.60 -56.06
CA MET F 451 42.31 -14.62 -57.01
C MET F 451 41.13 -15.54 -57.30
N ASN F 452 41.17 -16.20 -58.45
CA ASN F 452 40.19 -17.26 -58.70
C ASN F 452 40.85 -18.22 -59.68
N GLU F 453 41.67 -19.12 -59.15
CA GLU F 453 42.41 -20.02 -60.02
C GLU F 453 41.43 -20.92 -60.76
N THR F 454 41.75 -21.17 -62.03
CA THR F 454 40.87 -21.93 -62.91
C THR F 454 41.34 -23.37 -62.99
N PRO F 455 40.55 -24.34 -62.54
CA PRO F 455 40.95 -25.74 -62.69
C PRO F 455 40.71 -26.23 -64.10
N THR F 456 41.33 -27.36 -64.41
CA THR F 456 41.13 -28.00 -65.71
C THR F 456 40.28 -29.26 -65.51
N PHE F 457 39.32 -29.45 -66.40
CA PHE F 457 38.49 -30.65 -66.37
C PHE F 457 39.27 -31.81 -66.98
N ASP F 458 39.21 -32.96 -66.32
CA ASP F 458 39.79 -34.18 -66.86
C ASP F 458 38.80 -35.33 -66.76
N GLY F 459 38.96 -36.29 -67.66
CA GLY F 459 38.13 -37.47 -67.72
C GLY F 459 38.57 -38.27 -68.93
N VAL F 460 38.07 -39.51 -68.99
CA VAL F 460 38.40 -40.34 -70.15
C VAL F 460 38.05 -39.61 -71.43
N SER F 461 36.83 -39.10 -71.51
CA SER F 461 36.47 -38.05 -72.46
C SER F 461 36.68 -36.70 -71.77
N THR F 462 37.38 -35.79 -72.46
CA THR F 462 37.79 -34.53 -71.85
C THR F 462 36.79 -33.40 -72.11
N THR F 463 35.58 -33.70 -72.55
CA THR F 463 34.54 -32.70 -72.62
C THR F 463 33.66 -32.79 -71.38
N PRO F 464 33.54 -31.71 -70.60
CA PRO F 464 32.66 -31.75 -69.43
C PRO F 464 31.21 -32.00 -69.84
N VAL F 465 30.49 -32.70 -68.97
CA VAL F 465 29.06 -32.96 -69.11
C VAL F 465 28.34 -32.33 -67.93
N TYR F 466 27.23 -31.66 -68.21
CA TYR F 466 26.46 -30.95 -67.19
C TYR F 466 25.06 -31.54 -67.10
N VAL F 467 24.59 -31.73 -65.87
CA VAL F 467 23.26 -32.25 -65.58
C VAL F 467 22.65 -31.41 -64.46
N SER F 468 21.33 -31.57 -64.29
CA SER F 468 20.61 -30.73 -63.34
C SER F 468 20.96 -31.07 -61.89
N VAL F 469 20.85 -30.06 -61.04
CA VAL F 469 20.98 -30.22 -59.61
C VAL F 469 19.66 -29.79 -58.98
N PRO F 470 19.35 -30.27 -57.78
CA PRO F 470 18.17 -29.77 -57.08
C PRO F 470 18.23 -28.25 -56.90
N SER F 471 17.05 -27.63 -56.91
CA SER F 471 16.97 -26.17 -56.89
C SER F 471 17.61 -25.56 -55.64
N SER F 472 17.81 -26.33 -54.57
CA SER F 472 18.47 -25.78 -53.38
C SER F 472 19.95 -25.47 -53.61
N VAL F 473 20.56 -25.96 -54.69
CA VAL F 473 21.94 -25.61 -54.99
C VAL F 473 22.07 -24.21 -55.56
N GLY F 474 20.97 -23.57 -55.93
CA GLY F 474 21.01 -22.20 -56.41
C GLY F 474 21.55 -22.04 -57.81
N GLN F 475 21.46 -23.07 -58.65
CA GLN F 475 21.91 -23.01 -60.03
C GLN F 475 21.17 -24.07 -60.80
N VAL F 476 21.21 -23.98 -62.13
CA VAL F 476 20.42 -24.89 -62.96
C VAL F 476 21.10 -26.25 -63.09
N ASN F 477 22.39 -26.25 -63.41
CA ASN F 477 23.12 -27.49 -63.65
C ASN F 477 24.40 -27.49 -62.85
N GLY F 478 24.98 -28.70 -62.75
CA GLY F 478 26.31 -28.89 -62.21
C GLY F 478 27.07 -29.88 -63.07
N LEU F 479 28.28 -30.18 -62.64
CA LEU F 479 29.16 -31.07 -63.40
C LEU F 479 28.77 -32.53 -63.15
N ARG F 480 28.50 -33.25 -64.23
CA ARG F 480 28.15 -34.67 -64.15
C ARG F 480 29.38 -35.47 -63.69
N LEU F 481 29.24 -36.16 -62.57
CA LEU F 481 30.30 -36.99 -62.01
C LEU F 481 29.98 -38.47 -62.25
N SER F 482 30.93 -39.19 -62.82
CA SER F 482 30.75 -40.61 -63.10
C SER F 482 32.05 -41.37 -62.83
N GLN F 483 31.90 -42.64 -62.46
CA GLN F 483 33.07 -43.51 -62.36
C GLN F 483 33.58 -43.91 -63.74
N ALA F 484 32.68 -44.00 -64.73
CA ALA F 484 33.09 -44.47 -66.06
C ALA F 484 34.02 -43.48 -66.74
N ASN F 485 33.69 -42.19 -66.68
CA ASN F 485 34.52 -41.15 -67.29
C ASN F 485 35.54 -40.56 -66.33
N LYS F 486 35.47 -40.87 -65.04
CA LYS F 486 36.42 -40.35 -64.05
C LYS F 486 36.46 -38.82 -64.09
N ASP F 487 35.28 -38.21 -64.12
CA ASP F 487 35.19 -36.75 -64.17
C ASP F 487 35.82 -36.14 -62.93
N LYS F 488 36.68 -35.14 -63.13
CA LYS F 488 37.39 -34.54 -62.02
C LYS F 488 37.78 -33.11 -62.39
N LEU F 489 38.14 -32.34 -61.37
CA LEU F 489 38.69 -31.00 -61.55
C LEU F 489 40.08 -30.97 -60.94
N LEU F 490 41.09 -30.72 -61.77
CA LEU F 490 42.48 -30.72 -61.35
C LEU F 490 42.96 -29.29 -61.19
N TYR F 491 43.57 -29.00 -60.04
CA TYR F 491 44.31 -27.76 -59.84
C TYR F 491 45.79 -28.08 -59.87
N SER F 492 46.58 -27.18 -60.47
CA SER F 492 48.03 -27.35 -60.41
C SER F 492 48.59 -26.90 -59.08
N ARG F 493 47.87 -26.05 -58.34
CA ARG F 493 48.29 -25.61 -57.01
C ARG F 493 48.58 -26.79 -56.10
N THR F 494 49.68 -26.71 -55.38
CA THR F 494 50.07 -27.72 -54.40
C THR F 494 49.86 -27.21 -52.98
N ALA F 495 49.63 -28.13 -52.06
CA ALA F 495 49.43 -27.76 -50.67
C ALA F 495 50.75 -27.33 -50.03
N GLY F 496 50.71 -26.23 -49.28
CA GLY F 496 51.86 -25.74 -48.57
C GLY F 496 51.67 -25.82 -47.07
N PRO F 497 52.70 -25.48 -46.30
CA PRO F 497 52.64 -25.67 -44.84
C PRO F 497 51.59 -24.82 -44.15
N GLU F 498 51.09 -23.75 -44.78
CA GLU F 498 50.02 -22.99 -44.14
C GLU F 498 48.69 -23.74 -44.18
N GLY F 499 48.54 -24.73 -45.07
CA GLY F 499 47.36 -25.54 -45.15
C GLY F 499 46.36 -25.06 -46.19
N ILE F 500 45.26 -25.80 -46.30
CA ILE F 500 44.31 -25.58 -47.38
C ILE F 500 42.92 -25.93 -46.88
N THR F 501 41.92 -25.26 -47.45
CA THR F 501 40.51 -25.60 -47.27
C THR F 501 39.90 -25.90 -48.64
N MET F 502 39.18 -27.01 -48.75
CA MET F 502 38.51 -27.39 -49.98
C MET F 502 37.08 -27.74 -49.63
N ALA F 503 36.14 -27.27 -50.47
CA ALA F 503 34.73 -27.54 -50.24
C ALA F 503 34.00 -27.58 -51.57
N ALA F 504 32.88 -28.30 -51.59
CA ALA F 504 32.07 -28.37 -52.79
C ALA F 504 30.69 -28.87 -52.43
N VAL F 505 29.72 -28.51 -53.26
CA VAL F 505 28.43 -29.18 -53.22
C VAL F 505 28.54 -30.44 -54.05
N ILE F 506 28.26 -31.59 -53.45
CA ILE F 506 28.24 -32.87 -54.13
C ILE F 506 26.88 -33.50 -53.92
N VAL F 507 26.23 -33.90 -55.01
CA VAL F 507 24.97 -34.61 -54.96
C VAL F 507 25.24 -36.06 -55.35
N PRO F 508 25.50 -36.95 -54.39
CA PRO F 508 25.89 -38.32 -54.74
C PRO F 508 24.72 -39.18 -55.20
N THR F 509 24.99 -39.98 -56.22
CA THR F 509 24.11 -41.09 -56.58
C THR F 509 24.62 -42.32 -55.85
N ILE F 510 23.82 -42.83 -54.93
CA ILE F 510 24.25 -43.93 -54.06
C ILE F 510 23.50 -45.19 -54.49
N SER F 511 24.25 -46.20 -54.91
CA SER F 511 23.67 -47.48 -55.29
C SER F 511 24.41 -48.62 -54.60
N GLY F 512 25.25 -49.33 -55.33
CA GLY F 512 25.98 -50.47 -54.80
C GLY F 512 27.31 -50.10 -54.15
N ALA F 513 28.18 -51.10 -54.06
CA ALA F 513 29.52 -50.87 -53.53
C ALA F 513 30.29 -49.90 -54.43
N GLU F 514 30.99 -48.97 -53.81
CA GLU F 514 31.61 -47.90 -54.57
C GLU F 514 32.55 -47.12 -53.66
N VAL F 515 33.57 -46.54 -54.26
CA VAL F 515 34.47 -45.61 -53.57
C VAL F 515 34.28 -44.24 -54.18
N PHE F 516 33.79 -43.29 -53.39
CA PHE F 516 33.70 -41.89 -53.79
C PHE F 516 34.95 -41.16 -53.33
N ASN F 517 35.67 -40.55 -54.26
CA ASN F 517 36.80 -39.70 -53.92
C ASN F 517 36.29 -38.26 -53.98
N PHE F 518 35.84 -37.74 -52.84
CA PHE F 518 35.27 -36.39 -52.84
C PHE F 518 36.32 -35.35 -53.22
N MET F 519 37.52 -35.45 -52.66
CA MET F 519 38.58 -34.51 -52.98
C MET F 519 39.89 -35.09 -52.48
N ALA F 520 41.00 -34.63 -53.05
CA ALA F 520 42.27 -35.20 -52.68
C ALA F 520 43.37 -34.16 -52.79
N ILE F 521 44.47 -34.44 -52.11
CA ILE F 521 45.74 -33.74 -52.29
C ILE F 521 46.73 -34.77 -52.81
N GLY F 522 47.32 -34.51 -53.97
CA GLY F 522 48.23 -35.50 -54.51
C GLY F 522 47.50 -36.71 -55.06
N SER F 523 48.22 -37.83 -55.10
CA SER F 523 47.70 -39.08 -55.61
C SER F 523 48.39 -40.24 -54.91
N GLY F 524 47.79 -41.43 -55.05
CA GLY F 524 48.35 -42.62 -54.43
C GLY F 524 48.13 -42.66 -52.93
N PHE F 525 48.56 -43.77 -52.33
CA PHE F 525 48.41 -43.97 -50.89
C PHE F 525 49.53 -44.89 -50.42
N SER F 526 50.58 -44.31 -49.84
CA SER F 526 51.71 -45.10 -49.36
C SER F 526 52.55 -44.25 -48.41
N ASP F 527 53.61 -44.86 -47.87
CA ASP F 527 54.50 -44.17 -46.95
C ASP F 527 55.14 -42.92 -47.56
N THR F 528 55.21 -42.83 -48.89
CA THR F 528 55.81 -41.68 -49.55
C THR F 528 54.89 -41.02 -50.56
N SER F 529 53.59 -41.34 -50.57
CA SER F 529 52.70 -40.74 -51.55
C SER F 529 52.43 -39.27 -51.28
N ASN F 530 52.64 -38.81 -50.04
CA ASN F 530 52.41 -37.41 -49.66
C ASN F 530 51.00 -36.96 -50.08
N SER F 531 49.99 -37.72 -49.68
CA SER F 531 48.67 -37.55 -50.25
C SER F 531 47.59 -37.61 -49.19
N LEU F 532 46.45 -36.99 -49.51
CA LEU F 532 45.25 -37.02 -48.71
C LEU F 532 44.07 -37.35 -49.60
N HIS F 533 43.18 -38.22 -49.11
CA HIS F 533 41.91 -38.50 -49.76
C HIS F 533 40.81 -38.41 -48.72
N LEU F 534 39.71 -37.77 -49.10
CA LEU F 534 38.45 -37.84 -48.36
C LEU F 534 37.50 -38.72 -49.16
N GLN F 535 37.12 -39.85 -48.57
CA GLN F 535 36.33 -40.84 -49.29
C GLN F 535 35.07 -41.21 -48.53
N LEU F 536 34.03 -41.51 -49.31
CA LEU F 536 32.85 -42.23 -48.85
C LEU F 536 32.94 -43.62 -49.45
N VAL F 537 33.06 -44.63 -48.61
CA VAL F 537 33.18 -46.03 -49.04
C VAL F 537 31.89 -46.74 -48.68
N ILE F 538 31.29 -47.41 -49.67
CA ILE F 538 30.03 -48.11 -49.52
C ILE F 538 30.27 -49.57 -49.88
N ASP F 539 29.90 -50.49 -48.98
CA ASP F 539 30.07 -51.91 -49.26
C ASP F 539 28.77 -52.50 -49.79
N ALA F 540 28.80 -53.81 -50.05
CA ALA F 540 27.69 -54.45 -50.75
C ALA F 540 26.40 -54.40 -49.95
N SER F 541 26.48 -54.33 -48.62
CA SER F 541 25.28 -54.26 -47.80
C SER F 541 24.74 -52.84 -47.65
N GLY F 542 25.42 -51.83 -48.19
CA GLY F 542 24.97 -50.47 -48.04
C GLY F 542 25.58 -49.71 -46.88
N LYS F 543 26.51 -50.31 -46.15
CA LYS F 543 27.16 -49.60 -45.06
C LYS F 543 28.06 -48.49 -45.60
N GLN F 544 27.99 -47.33 -44.96
CA GLN F 544 28.75 -46.15 -45.39
C GLN F 544 29.86 -45.85 -44.39
N THR F 545 31.06 -45.59 -44.92
CA THR F 545 32.23 -45.24 -44.13
C THR F 545 32.82 -43.95 -44.69
N ILE F 546 33.08 -42.98 -43.82
CA ILE F 546 33.82 -41.78 -44.20
C ILE F 546 35.27 -41.97 -43.78
N ALA F 547 36.17 -41.93 -44.75
CA ALA F 547 37.57 -42.27 -44.54
C ALA F 547 38.45 -41.10 -44.96
N LEU F 548 39.35 -40.71 -44.09
CA LEU F 548 40.41 -39.76 -44.41
C LEU F 548 41.70 -40.55 -44.54
N LEU F 549 42.26 -40.57 -45.75
CA LEU F 549 43.48 -41.34 -46.01
C LEU F 549 44.66 -40.37 -46.10
N LEU F 550 45.67 -40.62 -45.26
CA LEU F 550 46.85 -39.78 -45.19
C LEU F 550 48.10 -40.62 -45.40
N GLY F 551 48.95 -40.18 -46.33
CA GLY F 551 50.21 -40.84 -46.61
C GLY F 551 51.37 -39.87 -46.63
N GLY F 552 52.41 -40.16 -45.86
CA GLY F 552 53.56 -39.29 -45.77
C GLY F 552 54.24 -39.47 -44.43
N ASP F 553 55.31 -38.70 -44.24
CA ASP F 553 56.11 -38.78 -43.02
C ASP F 553 56.48 -40.23 -42.73
N GLY F 554 56.78 -40.97 -43.80
CA GLY F 554 57.24 -42.34 -43.69
C GLY F 554 56.20 -43.36 -43.31
N THR F 555 54.91 -43.02 -43.34
CA THR F 555 53.90 -43.97 -42.92
C THR F 555 52.58 -43.61 -43.59
N THR F 556 51.53 -44.37 -43.24
CA THR F 556 50.18 -44.11 -43.69
C THR F 556 49.24 -44.28 -42.51
N GLN F 557 48.08 -43.63 -42.60
CA GLN F 557 47.05 -43.74 -41.58
C GLN F 557 45.69 -43.60 -42.24
N ILE F 558 44.75 -44.45 -41.82
CA ILE F 558 43.37 -44.38 -42.28
C ILE F 558 42.52 -43.99 -41.08
N LEU F 559 41.91 -42.82 -41.16
CA LEU F 559 40.98 -42.36 -40.12
C LEU F 559 39.57 -42.51 -40.70
N SER F 560 38.92 -43.61 -40.33
CA SER F 560 37.63 -43.97 -40.91
C SER F 560 36.61 -44.19 -39.80
N GLY F 561 35.34 -44.06 -40.17
CA GLY F 561 34.27 -44.35 -39.25
C GLY F 561 33.04 -44.83 -39.99
N ASP F 562 32.39 -45.86 -39.47
CA ASP F 562 31.16 -46.36 -40.05
C ASP F 562 30.01 -45.48 -39.60
N LEU F 563 29.22 -45.01 -40.55
CA LEU F 563 28.11 -44.13 -40.20
C LEU F 563 26.94 -44.95 -39.68
N PRO F 564 26.32 -44.55 -38.56
CA PRO F 564 25.05 -45.15 -38.16
C PRO F 564 24.01 -44.92 -39.24
N ASN F 565 23.00 -45.80 -39.26
CA ASN F 565 22.00 -45.75 -40.33
C ASN F 565 21.32 -44.37 -40.40
N ASP F 566 21.04 -43.76 -39.25
CA ASP F 566 20.32 -42.49 -39.28
C ASP F 566 21.21 -41.33 -39.75
N LEU F 567 22.51 -41.55 -39.93
CA LEU F 567 23.42 -40.52 -40.41
C LEU F 567 23.90 -40.74 -41.83
N LYS F 568 23.40 -41.76 -42.51
CA LYS F 568 23.85 -42.05 -43.87
C LYS F 568 23.51 -40.91 -44.82
N LEU F 569 24.38 -40.71 -45.81
CA LEU F 569 24.06 -39.83 -46.93
C LEU F 569 23.01 -40.48 -47.83
N GLN F 570 22.13 -39.64 -48.39
CA GLN F 570 21.01 -40.12 -49.19
C GLN F 570 21.21 -39.76 -50.65
N SER F 571 20.84 -40.70 -51.52
CA SER F 571 21.01 -40.53 -52.95
C SER F 571 20.18 -39.35 -53.43
N GLY F 572 20.78 -38.52 -54.29
CA GLY F 572 20.11 -37.37 -54.86
C GLY F 572 19.98 -36.16 -53.94
N VAL F 573 20.53 -36.18 -52.75
CA VAL F 573 20.44 -35.07 -51.81
C VAL F 573 21.73 -34.26 -51.91
N PRO F 574 21.66 -32.93 -52.00
CA PRO F 574 22.89 -32.12 -52.08
C PRO F 574 23.53 -31.96 -50.70
N TYR F 575 24.84 -32.18 -50.65
CA TYR F 575 25.64 -32.01 -49.44
C TYR F 575 26.77 -31.02 -49.71
N HIS F 576 27.02 -30.15 -48.75
CA HIS F 576 28.25 -29.37 -48.75
C HIS F 576 29.31 -30.16 -48.02
N ILE F 577 30.39 -30.50 -48.72
CA ILE F 577 31.45 -31.34 -48.20
C ILE F 577 32.72 -30.50 -48.16
N ALA F 578 33.31 -30.36 -46.97
CA ALA F 578 34.42 -29.46 -46.74
C ALA F 578 35.49 -30.15 -45.92
N ILE F 579 36.75 -29.78 -46.18
CA ILE F 579 37.88 -30.25 -45.38
C ILE F 579 38.80 -29.07 -45.13
N GLY F 580 39.43 -29.08 -43.96
CA GLY F 580 40.61 -28.28 -43.72
C GLY F 580 41.78 -29.20 -43.46
N ALA F 581 42.91 -28.96 -44.12
CA ALA F 581 44.06 -29.84 -44.00
C ALA F 581 45.33 -29.00 -43.93
N LYS F 582 46.14 -29.28 -42.91
CA LYS F 582 47.43 -28.64 -42.70
C LYS F 582 48.25 -29.56 -41.82
N PRO F 583 49.56 -29.37 -41.74
CA PRO F 583 50.36 -30.24 -40.87
C PRO F 583 49.73 -30.30 -39.48
N GLY F 584 49.46 -31.52 -39.02
CA GLY F 584 48.93 -31.77 -37.69
C GLY F 584 47.48 -31.37 -37.44
N TYR F 585 46.66 -31.17 -38.49
CA TYR F 585 45.33 -30.60 -38.25
C TYR F 585 44.45 -30.89 -39.47
N PHE F 586 43.58 -31.88 -39.34
CA PHE F 586 42.69 -32.29 -40.43
C PHE F 586 41.26 -32.39 -39.91
N TRP F 587 40.32 -31.77 -40.62
CA TRP F 587 38.91 -31.91 -40.29
C TRP F 587 38.11 -32.04 -41.57
N TRP F 588 36.99 -32.74 -41.47
CA TRP F 588 36.06 -32.88 -42.59
C TRP F 588 34.65 -32.66 -42.09
N SER F 589 33.78 -32.23 -42.99
CA SER F 589 32.42 -31.90 -42.62
C SER F 589 31.51 -32.19 -43.82
N ILE F 590 30.35 -32.76 -43.55
CA ILE F 590 29.36 -33.10 -44.57
C ILE F 590 28.03 -32.54 -44.11
N LEU F 591 27.45 -31.65 -44.91
CA LEU F 591 26.31 -30.85 -44.48
C LEU F 591 25.18 -31.03 -45.48
N ASN F 592 24.05 -31.54 -44.99
CA ASN F 592 22.83 -31.65 -45.78
C ASN F 592 22.25 -30.25 -45.97
N ILE F 593 22.32 -29.71 -47.19
CA ILE F 593 21.94 -28.31 -47.40
C ILE F 593 20.44 -28.10 -47.41
N GLN F 594 19.64 -29.17 -47.40
CA GLN F 594 18.20 -29.01 -47.34
C GLN F 594 17.65 -29.09 -45.92
N THR F 595 18.24 -29.90 -45.04
CA THR F 595 17.82 -29.96 -43.65
C THR F 595 18.75 -29.22 -42.71
N GLY F 596 19.97 -28.90 -43.17
CA GLY F 596 20.96 -28.28 -42.32
C GLY F 596 21.72 -29.24 -41.41
N LYS F 597 21.45 -30.54 -41.49
CA LYS F 597 22.09 -31.49 -40.59
C LYS F 597 23.52 -31.79 -41.03
N ARG F 598 24.42 -31.84 -40.06
CA ARG F 598 25.86 -31.90 -40.32
C ARG F 598 26.48 -33.07 -39.57
N ILE F 599 27.46 -33.72 -40.19
CA ILE F 599 28.34 -34.68 -39.53
C ILE F 599 29.77 -34.26 -39.82
N ARG F 600 30.68 -34.66 -38.94
CA ARG F 600 31.99 -34.03 -38.95
C ARG F 600 32.96 -34.81 -38.06
N ARG F 601 34.26 -34.66 -38.34
CA ARG F 601 35.30 -35.17 -37.47
C ARG F 601 36.54 -34.30 -37.61
N SER F 602 37.33 -34.23 -36.54
CA SER F 602 38.53 -33.41 -36.51
C SER F 602 39.64 -34.19 -35.84
N PHE F 603 40.86 -34.09 -36.37
CA PHE F 603 41.98 -34.92 -35.94
C PHE F 603 43.18 -34.05 -35.63
N ARG F 604 43.55 -34.00 -34.34
CA ARG F 604 44.74 -33.31 -33.87
C ARG F 604 45.38 -34.16 -32.77
N GLY F 605 46.65 -33.89 -32.51
CA GLY F 605 47.29 -34.49 -31.35
C GLY F 605 47.35 -36.01 -31.44
N ALA F 606 46.96 -36.66 -30.34
CA ALA F 606 47.17 -38.09 -30.23
C ALA F 606 46.42 -38.88 -31.30
N TYR F 607 45.42 -38.28 -31.94
CA TYR F 607 44.70 -38.98 -33.00
C TYR F 607 45.52 -39.16 -34.26
N LEU F 608 46.60 -38.39 -34.43
CA LEU F 608 47.44 -38.50 -35.61
C LEU F 608 48.68 -39.30 -35.27
N ALA F 609 49.01 -40.27 -36.13
CA ALA F 609 50.26 -41.01 -35.94
C ALA F 609 51.45 -40.08 -36.13
N VAL F 610 51.36 -39.17 -37.08
CA VAL F 610 52.39 -38.18 -37.37
C VAL F 610 51.71 -36.89 -37.79
N PRO F 611 52.42 -35.75 -37.87
CA PRO F 611 51.79 -34.55 -38.41
C PRO F 611 51.48 -34.65 -39.89
N PHE F 612 52.15 -35.55 -40.60
CA PHE F 612 52.04 -35.64 -42.05
C PHE F 612 52.50 -34.33 -42.70
N ASN F 613 53.65 -33.85 -42.24
CA ASN F 613 54.25 -32.65 -42.84
C ASN F 613 54.42 -32.80 -44.33
N SER F 614 54.88 -33.97 -44.79
CA SER F 614 55.27 -34.12 -46.18
C SER F 614 54.11 -34.04 -47.15
N ILE F 615 52.87 -34.06 -46.67
CA ILE F 615 51.74 -33.75 -47.54
C ILE F 615 51.78 -32.30 -48.01
N PHE F 616 52.45 -31.43 -47.28
CA PHE F 616 52.35 -29.99 -47.47
C PHE F 616 53.67 -29.35 -47.91
N GLY F 617 54.52 -30.11 -48.60
CA GLY F 617 55.80 -29.60 -49.06
C GLY F 617 55.81 -29.03 -50.46
N LEU F 618 54.69 -28.45 -50.90
CA LEU F 618 54.56 -27.86 -52.23
C LEU F 618 54.87 -28.86 -53.33
N THR F 619 54.41 -30.10 -53.15
CA THR F 619 54.57 -31.15 -54.14
C THR F 619 53.27 -31.81 -54.57
N SER F 620 52.18 -31.66 -53.83
CA SER F 620 50.95 -32.41 -54.07
C SER F 620 49.82 -31.46 -54.45
N SER F 621 49.23 -31.68 -55.60
CA SER F 621 48.24 -30.78 -56.17
C SER F 621 46.83 -31.14 -55.69
N LEU F 622 45.92 -30.17 -55.83
CA LEU F 622 44.56 -30.29 -55.32
C LEU F 622 43.65 -30.81 -56.42
N THR F 623 42.81 -31.80 -56.08
CA THR F 623 41.86 -32.37 -57.03
C THR F 623 40.49 -32.49 -56.37
N PHE F 624 39.46 -32.18 -57.14
CA PHE F 624 38.08 -32.38 -56.71
C PHE F 624 37.45 -33.55 -57.45
N PHE F 625 36.75 -34.41 -56.71
CA PHE F 625 35.95 -35.53 -57.23
C PHE F 625 36.83 -36.69 -57.64
N SER F 626 38.11 -36.67 -57.30
CA SER F 626 39.05 -37.73 -57.62
C SER F 626 40.40 -37.31 -57.05
N ASP F 627 41.47 -38.03 -57.38
CA ASP F 627 42.80 -37.50 -57.14
C ASP F 627 43.43 -37.10 -58.48
N SER F 628 44.70 -36.71 -58.44
CA SER F 628 45.34 -36.12 -59.61
C SER F 628 45.70 -37.12 -60.70
N ASN F 629 45.67 -38.43 -60.42
CA ASN F 629 46.13 -39.41 -61.37
C ASN F 629 44.96 -40.01 -62.16
N ALA F 630 45.24 -40.40 -63.41
CA ALA F 630 44.20 -40.96 -64.26
C ALA F 630 43.60 -42.24 -63.68
N GLY F 631 44.35 -42.97 -62.86
CA GLY F 631 43.82 -44.19 -62.29
C GLY F 631 43.05 -44.05 -60.99
N GLY F 632 42.81 -42.83 -60.52
CA GLY F 632 42.13 -42.66 -59.25
C GLY F 632 40.63 -42.91 -59.34
N ASP F 633 40.06 -43.38 -58.24
CA ASP F 633 38.60 -43.43 -58.11
C ASP F 633 38.01 -42.03 -58.27
N ALA F 634 36.73 -42.01 -58.65
CA ALA F 634 36.01 -40.75 -58.82
C ALA F 634 34.73 -40.75 -57.98
N CYS F 635 33.67 -40.15 -58.52
CA CYS F 635 32.39 -40.02 -57.82
C CYS F 635 31.25 -40.39 -58.73
N SER F 636 30.06 -40.55 -58.15
CA SER F 636 28.81 -40.73 -58.87
C SER F 636 27.82 -39.67 -58.43
N GLY F 637 27.35 -38.85 -59.37
CA GLY F 637 26.43 -37.79 -59.01
C GLY F 637 26.74 -36.48 -59.69
N VAL F 638 26.63 -35.36 -58.96
CA VAL F 638 26.82 -34.04 -59.55
C VAL F 638 27.64 -33.19 -58.59
N GLY F 639 28.48 -32.31 -59.16
CA GLY F 639 29.28 -31.39 -58.38
C GLY F 639 28.98 -29.95 -58.73
N ALA F 640 29.15 -29.06 -57.73
CA ALA F 640 28.88 -27.64 -57.91
C ALA F 640 29.61 -26.85 -56.85
N LYS F 641 29.83 -25.57 -57.14
CA LYS F 641 30.33 -24.60 -56.18
C LYS F 641 31.59 -25.12 -55.48
N VAL F 642 32.59 -25.40 -56.30
CA VAL F 642 33.90 -25.82 -55.80
C VAL F 642 34.65 -24.61 -55.26
N TYR F 643 35.18 -24.75 -54.04
CA TYR F 643 35.87 -23.68 -53.33
C TYR F 643 37.23 -24.17 -52.89
N VAL F 644 38.25 -23.38 -53.17
CA VAL F 644 39.59 -23.58 -52.63
C VAL F 644 39.96 -22.33 -51.87
N GLY F 645 40.38 -22.48 -50.61
CA GLY F 645 40.90 -21.37 -49.86
C GLY F 645 42.11 -21.81 -49.06
N MET F 646 42.81 -20.81 -48.51
CA MET F 646 43.81 -21.08 -47.50
C MET F 646 43.12 -21.57 -46.22
N PHE F 647 43.93 -22.05 -45.28
CA PHE F 647 43.40 -22.85 -44.19
C PHE F 647 42.36 -22.10 -43.36
N SER F 648 41.22 -22.74 -43.13
CA SER F 648 40.22 -22.30 -42.17
C SER F 648 40.02 -23.37 -41.11
N SER F 649 39.89 -22.94 -39.85
CA SER F 649 39.47 -23.83 -38.79
C SER F 649 38.03 -24.29 -39.04
N GLU F 650 37.67 -25.42 -38.41
CA GLU F 650 36.26 -25.79 -38.45
C GLU F 650 35.40 -24.72 -37.78
N ASN F 651 35.97 -24.05 -36.78
CA ASN F 651 35.34 -22.89 -36.16
C ASN F 651 34.86 -21.89 -37.20
N ASP F 652 35.78 -21.38 -38.02
CA ASP F 652 35.41 -20.40 -39.04
C ASP F 652 34.52 -21.02 -40.12
N TYR F 653 34.75 -22.28 -40.48
CA TYR F 653 33.87 -22.93 -41.45
C TYR F 653 32.43 -22.92 -40.97
N VAL F 654 32.19 -23.41 -39.75
CA VAL F 654 30.84 -23.44 -39.20
C VAL F 654 30.28 -22.02 -39.10
N ALA F 655 31.09 -21.09 -38.61
CA ALA F 655 30.64 -19.71 -38.50
C ALA F 655 30.14 -19.19 -39.85
N SER F 656 30.89 -19.45 -40.92
CA SER F 656 30.49 -18.95 -42.23
C SER F 656 29.22 -19.61 -42.73
N ARG F 657 28.91 -20.85 -42.28
CA ARG F 657 27.67 -21.48 -42.70
C ARG F 657 26.44 -20.73 -42.20
N TYR F 658 26.55 -19.96 -41.12
CA TYR F 658 25.41 -19.16 -40.66
C TYR F 658 25.06 -18.07 -41.66
N TYR F 659 26.00 -17.67 -42.53
CA TYR F 659 25.67 -16.78 -43.63
C TYR F 659 24.89 -17.51 -44.71
N ASN F 660 25.30 -18.72 -45.05
CA ASN F 660 24.80 -19.44 -46.20
C ASN F 660 25.43 -20.82 -46.18
N LEU F 661 24.68 -21.86 -46.52
CA LEU F 661 25.21 -23.21 -46.33
C LEU F 661 26.23 -23.61 -47.40
N ILE F 662 26.25 -22.96 -48.56
CA ILE F 662 27.04 -23.45 -49.69
C ILE F 662 28.01 -22.42 -50.25
N ASN F 663 28.08 -21.21 -49.72
CA ASN F 663 28.94 -20.18 -50.29
C ASN F 663 30.39 -20.37 -49.85
N PRO F 664 31.32 -19.62 -50.46
CA PRO F 664 32.73 -19.70 -50.03
C PRO F 664 32.88 -19.45 -48.54
N VAL F 665 33.92 -20.06 -47.97
CA VAL F 665 34.13 -20.02 -46.52
C VAL F 665 34.60 -18.64 -46.07
N ASP F 666 35.67 -18.13 -46.68
CA ASP F 666 36.33 -16.92 -46.19
C ASP F 666 36.83 -16.11 -47.38
N PRO F 667 36.10 -15.06 -47.77
CA PRO F 667 36.56 -14.26 -48.92
C PRO F 667 38.01 -13.81 -48.82
N THR F 668 38.53 -13.52 -47.61
CA THR F 668 39.92 -13.07 -47.53
C THR F 668 40.91 -14.20 -47.76
N LYS F 669 40.47 -15.45 -47.74
CA LYS F 669 41.32 -16.60 -48.00
C LYS F 669 41.01 -17.28 -49.32
N LEU F 670 40.06 -16.74 -50.09
CA LEU F 670 39.56 -17.42 -51.28
C LEU F 670 40.65 -17.47 -52.37
N ILE F 671 40.90 -18.67 -52.89
CA ILE F 671 41.83 -18.87 -53.97
C ILE F 671 41.10 -19.18 -55.27
N SER F 672 40.01 -19.93 -55.20
CA SER F 672 39.23 -20.30 -56.36
C SER F 672 37.78 -20.52 -55.93
N TYR F 673 36.85 -20.15 -56.82
CA TYR F 673 35.44 -20.43 -56.62
C TYR F 673 34.80 -20.62 -57.98
N ARG F 674 34.39 -21.85 -58.28
CA ARG F 674 33.82 -22.22 -59.58
C ARG F 674 32.40 -22.73 -59.36
N ILE F 675 31.43 -22.07 -60.00
CA ILE F 675 30.03 -22.44 -59.85
C ILE F 675 29.76 -23.79 -60.51
N LEU F 676 30.29 -23.99 -61.72
CA LEU F 676 30.09 -25.20 -62.54
C LEU F 676 28.68 -25.30 -63.11
N ASP F 677 28.00 -24.17 -63.33
CA ASP F 677 26.70 -24.17 -63.99
C ASP F 677 26.92 -24.07 -65.51
N SER F 678 27.23 -25.21 -66.11
CA SER F 678 27.49 -25.29 -67.54
C SER F 678 28.74 -24.53 -67.95
N SER F 679 29.67 -24.37 -67.02
CA SER F 679 31.00 -23.86 -67.34
C SER F 679 31.96 -24.34 -66.26
N ILE F 680 33.25 -24.19 -66.54
CA ILE F 680 34.27 -24.61 -65.60
C ILE F 680 35.03 -23.41 -65.07
ZN ZN G . -26.31 -7.60 -18.42
ZN ZN H . -83.47 -9.30 38.77
ZN ZN I . -77.92 -7.29 38.50
ZN ZN J . -4.59 -7.21 7.92
ZN ZN K . -29.22 9.61 4.43
ZN ZN L . -78.58 -8.12 52.57
ZN ZN M . -6.76 -6.14 -35.29
K K N . -34.46 9.07 16.73
C1 EDO O . -13.26 3.03 21.26
O1 EDO O . -13.00 2.11 22.33
C2 EDO O . -14.40 3.95 21.70
O2 EDO O . -15.62 3.19 21.86
H11 EDO O . -12.37 3.63 21.06
H12 EDO O . -13.53 2.49 20.36
HO1 EDO O . -12.28 1.52 22.07
H21 EDO O . -14.15 4.43 22.64
H22 EDO O . -14.56 4.73 20.95
HO2 EDO O . -16.33 3.78 22.14
ZN ZN P . -9.72 34.48 13.52
ZN ZN Q . -3.67 14.04 -8.05
ZN ZN R . -18.95 -25.67 51.58
ZN ZN S . -29.75 -7.92 73.32
ZN ZN T . -24.88 39.07 1.08
ZN ZN U . -22.35 -11.72 62.18
C1 EDO V . -36.35 3.26 37.23
O1 EDO V . -35.00 3.72 37.29
C2 EDO V . -37.16 3.80 38.41
O2 EDO V . -36.77 3.13 39.60
H11 EDO V . -36.81 3.58 36.29
H12 EDO V . -36.36 2.16 37.25
HO1 EDO V . -34.50 3.37 36.53
H21 EDO V . -36.98 4.88 38.51
H22 EDO V . -38.23 3.65 38.23
HO2 EDO V . -37.29 3.46 40.35
ZN ZN W . -32.52 24.78 -19.82
ZN ZN X . -51.28 -2.56 -11.82
ZN ZN Y . -47.26 42.65 53.52
ZN ZN Z . -31.21 15.16 -43.22
ZN ZN AA . -32.91 49.13 48.66
ZN ZN BA . -41.92 16.70 37.48
C1 EDO CA . -47.95 -5.50 7.55
O1 EDO CA . -46.98 -4.72 8.27
C2 EDO CA . -47.24 -6.43 6.56
O2 EDO CA . -47.16 -7.74 7.11
H11 EDO CA . -48.53 -6.10 8.25
H12 EDO CA . -48.64 -4.84 7.01
HO1 EDO CA . -47.44 -4.14 8.90
H21 EDO CA . -47.81 -6.45 5.62
H22 EDO CA . -46.24 -6.05 6.34
HO2 EDO CA . -46.72 -8.34 6.49
ZN ZN DA . 44.48 -35.28 -6.08
ZN ZN EA . 72.52 -5.13 -23.35
ZN ZN FA . 65.87 25.80 -37.30
ZN ZN GA . 52.47 -33.87 -0.94
ZN ZN HA . 32.28 -9.92 -3.64
ZN ZN IA . 34.81 -39.57 0.85
ZN ZN JA . 47.29 -14.43 20.37
ZN ZN KA . 68.58 13.07 -48.20
ZN ZN LA . 37.42 -25.51 41.92
ZN ZN MA . 44.36 -2.67 -36.99
K K NA . 34.53 -9.12 -16.75
C1 EDO OA . 29.30 -30.16 -15.51
O1 EDO OA . 30.09 -29.36 -16.40
C2 EDO OA . 28.82 -31.44 -16.20
O2 EDO OA . 27.44 -31.66 -15.88
H11 EDO OA . 29.89 -30.42 -14.63
H12 EDO OA . 28.43 -29.59 -15.17
HO1 EDO OA . 30.37 -28.55 -15.94
H21 EDO OA . 28.95 -31.35 -17.27
H22 EDO OA . 29.42 -32.29 -15.84
HO2 EDO OA . 27.13 -32.47 -16.32
C1 EDO PA . 54.98 -3.33 -9.24
O1 EDO PA . 56.12 -4.14 -9.58
C2 EDO PA . 54.52 -2.55 -10.47
O2 EDO PA . 53.26 -3.08 -10.95
H11 EDO PA . 55.24 -2.63 -8.44
H12 EDO PA . 54.17 -3.97 -8.88
HO1 EDO PA . 56.41 -4.63 -8.80
H21 EDO PA . 54.40 -1.50 -10.21
H22 EDO PA . 55.26 -2.62 -11.26
HO2 EDO PA . 52.98 -2.57 -11.72
ZN ZN QA . 22.23 6.84 17.47
ZN ZN RA . 54.58 7.11 6.98
ZN ZN SA . 9.22 7.41 -58.44
ZN ZN TA . 30.46 6.35 41.34
ZN ZN UA . 4.58 9.26 -61.76
C1 EDO VA . 17.98 6.36 -15.19
O1 EDO VA . 18.29 7.77 -15.11
C2 EDO VA . 18.98 5.72 -16.16
O2 EDO VA . 18.85 4.29 -16.22
H11 EDO VA . 18.06 5.89 -14.21
H12 EDO VA . 16.96 6.23 -15.57
HO1 EDO VA . 17.67 8.19 -14.50
H21 EDO VA . 18.83 6.14 -17.17
H22 EDO VA . 20.00 5.98 -15.85
HO2 EDO VA . 19.50 3.94 -16.84
ZN ZN WA . 4.75 1.72 -1.69
ZN ZN XA . 16.91 -25.79 14.73
ZN ZN YA . 5.07 -16.91 35.71
ZN ZN ZA . 43.42 -37.10 -68.54
ZN ZN AB . 43.88 -41.72 -55.34
ZN ZN BB . 5.27 -6.59 -10.94
#